data_3KGV
#
_entry.id   3KGV
#
_cell.length_a   168.60
_cell.length_b   132.99
_cell.length_c   297.00
_cell.angle_alpha   90.00
_cell.angle_beta   105.58
_cell.angle_gamma   90.00
#
_symmetry.space_group_name_H-M   'P 1 21 1'
#
_entity_poly.entity_id   1
_entity_poly.type   'polypeptide(L)'
_entity_poly.pdbx_seq_one_letter_code
;(UNK)(UNK)(UNK)(UNK)(UNK)(UNK)(UNK)(UNK)(UNK)(UNK)(UNK)(UNK)(UNK)(UNK)(UNK)(UNK)
(UNK)(UNK)(UNK)(UNK)(UNK)(UNK)(UNK)(UNK)(UNK)(UNK)(UNK)(UNK)(UNK)(UNK)(UNK)(UNK)
(UNK)(UNK)(UNK)(UNK)(UNK)(UNK)(UNK)(UNK)(UNK)(UNK)(UNK)(UNK)(UNK)(UNK)(UNK)(UNK)
(UNK)(UNK)(UNK)(UNK)(UNK)(UNK)(UNK)(UNK)(UNK)(UNK)(UNK)(UNK)(UNK)(UNK)(UNK)(UNK)
(UNK)(UNK)(UNK)(UNK)(UNK)(UNK)(UNK)(UNK)(UNK)(UNK)(UNK)(UNK)(UNK)(UNK)(UNK)(UNK)
(UNK)(UNK)(UNK)(UNK)(UNK)(UNK)(UNK)(UNK)(UNK)(UNK)(UNK)(UNK)(UNK)(UNK)(UNK)(UNK)
(UNK)(UNK)(UNK)(UNK)(UNK)(UNK)(UNK)(UNK)(UNK)(UNK)(UNK)(UNK)(UNK)(UNK)(UNK)(UNK)
(UNK)(UNK)(UNK)(UNK)(UNK)(UNK)(UNK)(UNK)(UNK)(UNK)(UNK)(UNK)(UNK)(UNK)(UNK)(UNK)
(UNK)(UNK)(UNK)(UNK)(UNK)(UNK)(UNK)(UNK)(UNK)(UNK)(UNK)(UNK)(UNK)(UNK)(UNK)(UNK)
(UNK)(UNK)(UNK)(UNK)(UNK)(UNK)(UNK)(UNK)(UNK)(UNK)(UNK)(UNK)(UNK)(UNK)(UNK)(UNK)
(UNK)(UNK)(UNK)(UNK)(UNK)(UNK)(UNK)(UNK)(UNK)(UNK)(UNK)(UNK)(UNK)(UNK)(UNK)(UNK)
(UNK)(UNK)(UNK)(UNK)(UNK)(UNK)(UNK)(UNK)(UNK)(UNK)(UNK)(UNK)(UNK)(UNK)(UNK)(UNK)
(UNK)(UNK)(UNK)(UNK)(UNK)(UNK)(UNK)(UNK)(UNK)(UNK)(UNK)(UNK)(UNK)(UNK)(UNK)(UNK)
(UNK)(UNK)(UNK)(UNK)(UNK)(UNK)(UNK)(UNK)(UNK)(UNK)(UNK)(UNK)(UNK)(UNK)(UNK)(UNK)
(UNK)(UNK)(UNK)(UNK)(UNK)(UNK)(UNK)(UNK)(UNK)(UNK)(UNK)(UNK)(UNK)(UNK)(UNK)(UNK)
(UNK)(UNK)(UNK)(UNK)(UNK)(UNK)(UNK)(UNK)(UNK)(UNK)(UNK)(UNK)(UNK)(UNK)(UNK)(UNK)
(UNK)(UNK)(UNK)(UNK)(UNK)(UNK)(UNK)(UNK)(UNK)(UNK)(UNK)(UNK)(UNK)(UNK)(UNK)(UNK)
(UNK)(UNK)(UNK)(UNK)(UNK)(UNK)(UNK)(UNK)(UNK)(UNK)(UNK)(UNK)(UNK)(UNK)(UNK)(UNK)
(UNK)(UNK)(UNK)(UNK)(UNK)(UNK)(UNK)(UNK)(UNK)(UNK)(UNK)(UNK)(UNK)(UNK)(UNK)(UNK)
(UNK)(UNK)(UNK)(UNK)(UNK)(UNK)(UNK)(UNK)(UNK)(UNK)(UNK)(UNK)(UNK)(UNK)(UNK)(UNK)
(UNK)(UNK)(UNK)(UNK)(UNK)(UNK)(UNK)(UNK)(UNK)(UNK)(UNK)(UNK)(UNK)(UNK)(UNK)(UNK)
(UNK)(UNK)(UNK)(UNK)(UNK)(UNK)(UNK)(UNK)(UNK)(UNK)(UNK)(UNK)(UNK)(UNK)(UNK)(UNK)
(UNK)(UNK)(UNK)(UNK)(UNK)(UNK)(UNK)(UNK)(UNK)(UNK)(UNK)(UNK)(UNK)(UNK)(UNK)(UNK)
(UNK)(UNK)(UNK)(UNK)(UNK)(UNK)(UNK)(UNK)(UNK)(UNK)(UNK)(UNK)(UNK)(UNK)(UNK)(UNK)
(UNK)(UNK)(UNK)(UNK)(UNK)(UNK)(UNK)(UNK)(UNK)(UNK)(UNK)(UNK)(UNK)(UNK)(UNK)(UNK)
(UNK)(UNK)(UNK)(UNK)(UNK)(UNK)(UNK)(UNK)(UNK)(UNK)(UNK)(UNK)(UNK)(UNK)(UNK)(UNK)
(UNK)(UNK)(UNK)(UNK)(UNK)(UNK)(UNK)(UNK)(UNK)(UNK)(UNK)(UNK)(UNK)(UNK)(UNK)(UNK)
(UNK)(UNK)(UNK)(UNK)(UNK)(UNK)(UNK)(UNK)(UNK)(UNK)(UNK)(UNK)(UNK)(UNK)(UNK)(UNK)
(UNK)(UNK)(UNK)(UNK)(UNK)(UNK)(UNK)(UNK)(UNK)(UNK)(UNK)(UNK)(UNK)(UNK)(UNK)(UNK)
(UNK)(UNK)(UNK)(UNK)(UNK)(UNK)(UNK)(UNK)(UNK)(UNK)(UNK)(UNK)(UNK)(UNK)(UNK)(UNK)
(UNK)(UNK)(UNK)(UNK)(UNK)(UNK)(UNK)(UNK)(UNK)(UNK)(UNK)(UNK)(UNK)(UNK)(UNK)(UNK)
(UNK)(UNK)(UNK)(UNK)(UNK)(UNK)(UNK)(UNK)(UNK)(UNK)(UNK)(UNK)(UNK)(UNK)(UNK)(UNK)
(UNK)(UNK)(UNK)(UNK)(UNK)(UNK)(UNK)(UNK)(UNK)(UNK)(UNK)(UNK)(UNK)(UNK)(UNK)(UNK)
(UNK)(UNK)(UNK)(UNK)(UNK)(UNK)(UNK)(UNK)(UNK)(UNK)(UNK)(UNK)(UNK)(UNK)(UNK)(UNK)
(UNK)(UNK)(UNK)(UNK)(UNK)(UNK)(UNK)(UNK)(UNK)(UNK)(UNK)(UNK)(UNK)(UNK)(UNK)(UNK)
(UNK)(UNK)(UNK)(UNK)(UNK)(UNK)(UNK)(UNK)(UNK)(UNK)(UNK)(UNK)(UNK)(UNK)(UNK)(UNK)
(UNK)(UNK)(UNK)(UNK)(UNK)(UNK)(UNK)(UNK)(UNK)(UNK)(UNK)(UNK)(UNK)(UNK)(UNK)(UNK)
(UNK)(UNK)(UNK)(UNK)(UNK)(UNK)(UNK)(UNK)(UNK)(UNK)(UNK)(UNK)(UNK)(UNK)(UNK)(UNK)
(UNK)(UNK)(UNK)(UNK)(UNK)(UNK)(UNK)(UNK)(UNK)(UNK)(UNK)(UNK)(UNK)(UNK)(UNK)(UNK)
(UNK)(UNK)(UNK)(UNK)(UNK)(UNK)(UNK)(UNK)(UNK)(UNK)(UNK)(UNK)(UNK)(UNK)(UNK)(UNK)
(UNK)(UNK)(UNK)(UNK)(UNK)(UNK)(UNK)(UNK)(UNK)(UNK)(UNK)(UNK)(UNK)(UNK)(UNK)(UNK)
(UNK)(UNK)(UNK)(UNK)(UNK)(UNK)(UNK)(UNK)(UNK)(UNK)(UNK)(UNK)(UNK)(UNK)(UNK)(UNK)
(UNK)(UNK)(UNK)(UNK)(UNK)(UNK)(UNK)(UNK)(UNK)(UNK)(UNK)(UNK)(UNK)(UNK)(UNK)(UNK)
(UNK)(UNK)(UNK)(UNK)(UNK)(UNK)(UNK)(UNK)(UNK)(UNK)(UNK)(UNK)(UNK)(UNK)(UNK)(UNK)
(UNK)(UNK)(UNK)(UNK)(UNK)(UNK)(UNK)(UNK)(UNK)(UNK)(UNK)(UNK)(UNK)(UNK)(UNK)(UNK)
(UNK)(UNK)(UNK)(UNK)(UNK)(UNK)(UNK)(UNK)(UNK)(UNK)(UNK)(UNK)(UNK)(UNK)(UNK)(UNK)
(UNK)(UNK)(UNK)(UNK)(UNK)(UNK)(UNK)(UNK)(UNK)(UNK)(UNK)(UNK)(UNK)(UNK)(UNK)(UNK)
(UNK)(UNK)(UNK)(UNK)(UNK)(UNK)(UNK)(UNK)(UNK)(UNK)(UNK)(UNK)(UNK)(UNK)(UNK)(UNK)
(UNK)(UNK)(UNK)(UNK)(UNK)(UNK)(UNK)(UNK)(UNK)(UNK)(UNK)(UNK)(UNK)(UNK)(UNK)(UNK)
(UNK)(UNK)(UNK)(UNK)(UNK)(UNK)(UNK)(UNK)(UNK)(UNK)(UNK)(UNK)(UNK)(UNK)(UNK)(UNK)
(UNK)(UNK)(UNK)(UNK)(UNK)(UNK)(UNK)(UNK)(UNK)(UNK)(UNK)(UNK)(UNK)(UNK)(UNK)(UNK)
(UNK)(UNK)(UNK)(UNK)(UNK)(UNK)(UNK)(UNK)(UNK)(UNK)(UNK)(UNK)(UNK)(UNK)(UNK)(UNK)
(UNK)(UNK)(UNK)(UNK)(UNK)(UNK)(UNK)(UNK)(UNK)(UNK)(UNK)(UNK)(UNK)(UNK)(UNK)(UNK)
(UNK)(UNK)(UNK)(UNK)(UNK)(UNK)(UNK)(UNK)(UNK)(UNK)(UNK)(UNK)(UNK)(UNK)(UNK)(UNK)
(UNK)(UNK)(UNK)(UNK)(UNK)(UNK)(UNK)(UNK)(UNK)(UNK)(UNK)(UNK)(UNK)(UNK)(UNK)(UNK)
(UNK)(UNK)(UNK)(UNK)(UNK)(UNK)(UNK)(UNK)(UNK)(UNK)(UNK)(UNK)(UNK)(UNK)(UNK)(UNK)
(UNK)(UNK)(UNK)(UNK)(UNK)(UNK)(UNK)(UNK)(UNK)(UNK)(UNK)(UNK)(UNK)(UNK)(UNK)(UNK)
(UNK)(UNK)(UNK)(UNK)(UNK)(UNK)(UNK)(UNK)(UNK)(UNK)(UNK)(UNK)(UNK)(UNK)(UNK)(UNK)
(UNK)(UNK)(UNK)(UNK)(UNK)(UNK)(UNK)(UNK)(UNK)(UNK)(UNK)(UNK)(UNK)(UNK)(UNK)(UNK)
(UNK)(UNK)(UNK)(UNK)(UNK)(UNK)(UNK)(UNK)(UNK)(UNK)(UNK)(UNK)(UNK)(UNK)(UNK)(UNK)
(UNK)(UNK)(UNK)(UNK)(UNK)(UNK)(UNK)(UNK)(UNK)(UNK)(UNK)(UNK)(UNK)(UNK)(UNK)(UNK)
(UNK)(UNK)(UNK)(UNK)(UNK)(UNK)(UNK)(UNK)(UNK)(UNK)(UNK)(UNK)(UNK)(UNK)(UNK)(UNK)
(UNK)(UNK)(UNK)(UNK)(UNK)(UNK)(UNK)(UNK)(UNK)(UNK)(UNK)(UNK)(UNK)(UNK)(UNK)(UNK)
(UNK)(UNK)(UNK)(UNK)(UNK)(UNK)(UNK)(UNK)(UNK)(UNK)(UNK)(UNK)(UNK)(UNK)(UNK)(UNK)
(UNK)(UNK)(UNK)(UNK)(UNK)(UNK)(UNK)(UNK)(UNK)(UNK)(UNK)(UNK)(UNK)(UNK)(UNK)(UNK)
(UNK)(UNK)(UNK)(UNK)(UNK)(UNK)(UNK)(UNK)(UNK)(UNK)(UNK)(UNK)(UNK)(UNK)(UNK)(UNK)
(UNK)(UNK)(UNK)(UNK)(UNK)(UNK)(UNK)(UNK)(UNK)(UNK)(UNK)(UNK)(UNK)(UNK)(UNK)(UNK)
(UNK)(UNK)(UNK)(UNK)(UNK)(UNK)(UNK)(UNK)(UNK)(UNK)(UNK)(UNK)(UNK)(UNK)(UNK)(UNK)
(UNK)(UNK)(UNK)(UNK)(UNK)(UNK)(UNK)(UNK)(UNK)(UNK)(UNK)(UNK)(UNK)(UNK)(UNK)(UNK)
(UNK)(UNK)(UNK)(UNK)(UNK)(UNK)(UNK)(UNK)(UNK)(UNK)(UNK)(UNK)(UNK)(UNK)(UNK)(UNK)
(UNK)(UNK)(UNK)(UNK)(UNK)(UNK)(UNK)(UNK)(UNK)(UNK)(UNK)(UNK)(UNK)(UNK)(UNK)(UNK)
(UNK)(UNK)(UNK)(UNK)(UNK)(UNK)(UNK)(UNK)(UNK)(UNK)(UNK)(UNK)(UNK)(UNK)(UNK)(UNK)
(UNK)(UNK)(UNK)(UNK)(UNK)(UNK)(UNK)(UNK)(UNK)(UNK)(UNK)(UNK)(UNK)(UNK)(UNK)(UNK)
(UNK)(UNK)(UNK)(UNK)(UNK)(UNK)(UNK)(UNK)(UNK)(UNK)(UNK)(UNK)(UNK)(UNK)(UNK)(UNK)
(UNK)(UNK)(UNK)(UNK)(UNK)(UNK)(UNK)(UNK)(UNK)(UNK)(UNK)(UNK)(UNK)(UNK)(UNK)(UNK)
(UNK)(UNK)(UNK)(UNK)(UNK)(UNK)(UNK)(UNK)(UNK)(UNK)(UNK)(UNK)(UNK)(UNK)(UNK)(UNK)
(UNK)(UNK)(UNK)(UNK)(UNK)(UNK)(UNK)(UNK)(UNK)(UNK)(UNK)(UNK)(UNK)(UNK)(UNK)(UNK)
(UNK)(UNK)(UNK)(UNK)(UNK)(UNK)(UNK)(UNK)(UNK)(UNK)(UNK)(UNK)(UNK)(UNK)(UNK)(UNK)
(UNK)(UNK)(UNK)(UNK)(UNK)(UNK)(UNK)(UNK)(UNK)(UNK)(UNK)(UNK)(UNK)(UNK)(UNK)(UNK)
(UNK)(UNK)(UNK)(UNK)(UNK)(UNK)(UNK)(UNK)(UNK)(UNK)(UNK)(UNK)(UNK)(UNK)(UNK)(UNK)
(UNK)(UNK)(UNK)(UNK)(UNK)(UNK)(UNK)(UNK)(UNK)(UNK)(UNK)(UNK)(UNK)(UNK)(UNK)(UNK)
(UNK)(UNK)(UNK)(UNK)(UNK)(UNK)(UNK)(UNK)(UNK)(UNK)(UNK)(UNK)(UNK)(UNK)(UNK)(UNK)
(UNK)(UNK)(UNK)(UNK)(UNK)(UNK)(UNK)(UNK)(UNK)(UNK)(UNK)(UNK)(UNK)(UNK)(UNK)(UNK)
(UNK)(UNK)(UNK)(UNK)(UNK)(UNK)(UNK)(UNK)(UNK)(UNK)(UNK)(UNK)(UNK)(UNK)(UNK)(UNK)
(UNK)(UNK)(UNK)(UNK)(UNK)(UNK)(UNK)(UNK)(UNK)(UNK)(UNK)(UNK)(UNK)(UNK)(UNK)(UNK)
(UNK)(UNK)(UNK)(UNK)(UNK)(UNK)(UNK)(UNK)(UNK)(UNK)(UNK)(UNK)(UNK)(UNK)(UNK)(UNK)
(UNK)(UNK)(UNK)(UNK)(UNK)(UNK)(UNK)(UNK)(UNK)(UNK)(UNK)(UNK)(UNK)(UNK)(UNK)(UNK)
(UNK)(UNK)(UNK)(UNK)(UNK)(UNK)(UNK)(UNK)(UNK)(UNK)(UNK)(UNK)(UNK)(UNK)(UNK)(UNK)
(UNK)(UNK)(UNK)(UNK)(UNK)(UNK)(UNK)(UNK)(UNK)(UNK)(UNK)(UNK)(UNK)(UNK)(UNK)(UNK)
(UNK)(UNK)(UNK)(UNK)(UNK)(UNK)(UNK)(UNK)(UNK)(UNK)(UNK)(UNK)(UNK)(UNK)(UNK)(UNK)
(UNK)(UNK)(UNK)(UNK)(UNK)(UNK)(UNK)(UNK)(UNK)(UNK)(UNK)(UNK)(UNK)(UNK)(UNK)(UNK)
(UNK)(UNK)(UNK)(UNK)(UNK)(UNK)(UNK)(UNK)(UNK)(UNK)(UNK)(UNK)(UNK)(UNK)(UNK)(UNK)
(UNK)(UNK)(UNK)(UNK)(UNK)(UNK)(UNK)(UNK)(UNK)(UNK)(UNK)(UNK)(UNK)(UNK)(UNK)(UNK)
(UNK)(UNK)(UNK)(UNK)(UNK)(UNK)(UNK)(UNK)(UNK)(UNK)(UNK)(UNK)(UNK)(UNK)(UNK)(UNK)
(UNK)(UNK)(UNK)(UNK)(UNK)(UNK)(UNK)(UNK)(UNK)(UNK)(UNK)(UNK)(UNK)(UNK)(UNK)(UNK)
(UNK)(UNK)(UNK)(UNK)(UNK)(UNK)(UNK)(UNK)(UNK)(UNK)(UNK)(UNK)(UNK)(UNK)(UNK)(UNK)
(UNK)(UNK)(UNK)(UNK)(UNK)(UNK)(UNK)(UNK)(UNK)(UNK)(UNK)(UNK)(UNK)(UNK)(UNK)(UNK)
(UNK)(UNK)(UNK)(UNK)(UNK)(UNK)(UNK)(UNK)(UNK)(UNK)(UNK)(UNK)(UNK)(UNK)(UNK)(UNK)
(UNK)(UNK)(UNK)(UNK)(UNK)(UNK)(UNK)(UNK)(UNK)(UNK)(UNK)(UNK)(UNK)(UNK)(UNK)(UNK)
(UNK)(UNK)(UNK)(UNK)(UNK)(UNK)(UNK)(UNK)(UNK)(UNK)(UNK)(UNK)(UNK)(UNK)(UNK)(UNK)
(UNK)(UNK)(UNK)(UNK)(UNK)(UNK)(UNK)(UNK)(UNK)(UNK)(UNK)(UNK)(UNK)(UNK)(UNK)(UNK)
(UNK)(UNK)(UNK)(UNK)(UNK)(UNK)(UNK)(UNK)(UNK)(UNK)(UNK)(UNK)(UNK)(UNK)(UNK)(UNK)
(UNK)(UNK)(UNK)(UNK)(UNK)(UNK)(UNK)(UNK)(UNK)(UNK)(UNK)(UNK)(UNK)(UNK)(UNK)(UNK)
(UNK)(UNK)(UNK)(UNK)(UNK)(UNK)(UNK)(UNK)(UNK)(UNK)(UNK)(UNK)(UNK)(UNK)(UNK)(UNK)
(UNK)(UNK)(UNK)(UNK)(UNK)(UNK)(UNK)(UNK)(UNK)(UNK)(UNK)(UNK)(UNK)(UNK)(UNK)(UNK)
(UNK)(UNK)(UNK)(UNK)(UNK)(UNK)(UNK)(UNK)(UNK)(UNK)(UNK)(UNK)(UNK)(UNK)(UNK)(UNK)
(UNK)(UNK)(UNK)(UNK)(UNK)(UNK)(UNK)(UNK)(UNK)(UNK)(UNK)(UNK)(UNK)(UNK)(UNK)(UNK)
(UNK)(UNK)(UNK)(UNK)(UNK)(UNK)(UNK)(UNK)(UNK)(UNK)(UNK)(UNK)(UNK)(UNK)(UNK)(UNK)
(UNK)(UNK)(UNK)(UNK)(UNK)(UNK)(UNK)(UNK)(UNK)(UNK)(UNK)(UNK)(UNK)(UNK)(UNK)(UNK)
(UNK)(UNK)(UNK)(UNK)(UNK)(UNK)(UNK)(UNK)(UNK)(UNK)(UNK)(UNK)(UNK)(UNK)(UNK)(UNK)
(UNK)(UNK)(UNK)(UNK)(UNK)(UNK)(UNK)(UNK)(UNK)(UNK)(UNK)(UNK)(UNK)(UNK)(UNK)(UNK)
(UNK)(UNK)(UNK)(UNK)(UNK)(UNK)(UNK)(UNK)(UNK)(UNK)(UNK)(UNK)(UNK)(UNK)(UNK)(UNK)
(UNK)(UNK)(UNK)(UNK)(UNK)(UNK)(UNK)(UNK)(UNK)(UNK)(UNK)(UNK)(UNK)(UNK)(UNK)(UNK)
(UNK)(UNK)(UNK)(UNK)(UNK)(UNK)(UNK)(UNK)(UNK)(UNK)(UNK)(UNK)(UNK)(UNK)(UNK)(UNK)
(UNK)(UNK)(UNK)(UNK)(UNK)(UNK)(UNK)(UNK)(UNK)(UNK)(UNK)(UNK)(UNK)(UNK)(UNK)(UNK)
(UNK)(UNK)(UNK)(UNK)(UNK)(UNK)(UNK)(UNK)(UNK)(UNK)(UNK)(UNK)(UNK)(UNK)(UNK)(UNK)
(UNK)(UNK)(UNK)(UNK)(UNK)(UNK)(UNK)(UNK)(UNK)(UNK)(UNK)(UNK)(UNK)(UNK)(UNK)(UNK)
(UNK)(UNK)(UNK)(UNK)(UNK)(UNK)(UNK)(UNK)(UNK)(UNK)(UNK)(UNK)(UNK)(UNK)(UNK)(UNK)
(UNK)(UNK)(UNK)(UNK)(UNK)(UNK)(UNK)(UNK)(UNK)(UNK)(UNK)(UNK)(UNK)(UNK)(UNK)(UNK)
(UNK)(UNK)(UNK)(UNK)(UNK)(UNK)(UNK)(UNK)(UNK)(UNK)(UNK)(UNK)(UNK)(UNK)(UNK)(UNK)
(UNK)(UNK)(UNK)(UNK)(UNK)(UNK)(UNK)(UNK)(UNK)(UNK)(UNK)(UNK)(UNK)(UNK)(UNK)(UNK)
(UNK)(UNK)(UNK)(UNK)(UNK)(UNK)(UNK)(UNK)(UNK)(UNK)(UNK)(UNK)(UNK)(UNK)(UNK)(UNK)
(UNK)(UNK)(UNK)(UNK)(UNK)(UNK)(UNK)(UNK)(UNK)(UNK)(UNK)(UNK)(UNK)(UNK)(UNK)(UNK)
(UNK)(UNK)(UNK)(UNK)(UNK)(UNK)(UNK)(UNK)(UNK)(UNK)(UNK)(UNK)(UNK)(UNK)(UNK)(UNK)
(UNK)(UNK)(UNK)(UNK)(UNK)(UNK)(UNK)(UNK)(UNK)(UNK)(UNK)(UNK)(UNK)(UNK)(UNK)(UNK)
(UNK)(UNK)(UNK)(UNK)(UNK)(UNK)(UNK)(UNK)(UNK)(UNK)(UNK)(UNK)(UNK)(UNK)(UNK)(UNK)
(UNK)(UNK)(UNK)(UNK)(UNK)(UNK)(UNK)(UNK)(UNK)(UNK)(UNK)(UNK)(UNK)(UNK)(UNK)(UNK)
(UNK)(UNK)(UNK)(UNK)(UNK)(UNK)(UNK)(UNK)(UNK)(UNK)(UNK)(UNK)(UNK)(UNK)(UNK)(UNK)
(UNK)(UNK)(UNK)(UNK)(UNK)(UNK)(UNK)(UNK)(UNK)(UNK)(UNK)(UNK)(UNK)(UNK)(UNK)(UNK)
(UNK)(UNK)(UNK)(UNK)(UNK)(UNK)(UNK)(UNK)(UNK)(UNK)(UNK)(UNK)(UNK)(UNK)(UNK)(UNK)
(UNK)(UNK)(UNK)(UNK)(UNK)(UNK)(UNK)(UNK)(UNK)(UNK)(UNK)(UNK)(UNK)(UNK)(UNK)(UNK)
(UNK)(UNK)(UNK)(UNK)(UNK)(UNK)(UNK)(UNK)(UNK)(UNK)(UNK)(UNK)(UNK)(UNK)(UNK)(UNK)
(UNK)(UNK)(UNK)(UNK)(UNK)(UNK)(UNK)(UNK)(UNK)(UNK)(UNK)(UNK)(UNK)(UNK)(UNK)(UNK)
(UNK)(UNK)(UNK)(UNK)(UNK)(UNK)(UNK)(UNK)(UNK)(UNK)(UNK)(UNK)(UNK)(UNK)(UNK)(UNK)
(UNK)(UNK)(UNK)(UNK)(UNK)(UNK)(UNK)(UNK)(UNK)(UNK)(UNK)(UNK)(UNK)(UNK)(UNK)(UNK)
(UNK)(UNK)(UNK)(UNK)(UNK)(UNK)(UNK)(UNK)(UNK)(UNK)(UNK)(UNK)(UNK)(UNK)(UNK)(UNK)
(UNK)(UNK)(UNK)(UNK)(UNK)(UNK)(UNK)(UNK)(UNK)(UNK)(UNK)(UNK)(UNK)(UNK)(UNK)(UNK)
(UNK)(UNK)(UNK)(UNK)(UNK)(UNK)(UNK)(UNK)(UNK)(UNK)(UNK)(UNK)(UNK)(UNK)(UNK)(UNK)
(UNK)(UNK)(UNK)(UNK)(UNK)(UNK)(UNK)(UNK)(UNK)(UNK)(UNK)(UNK)(UNK)(UNK)(UNK)(UNK)
(UNK)(UNK)(UNK)(UNK)(UNK)(UNK)(UNK)(UNK)(UNK)(UNK)(UNK)(UNK)(UNK)(UNK)(UNK)(UNK)
(UNK)(UNK)(UNK)(UNK)(UNK)(UNK)(UNK)(UNK)(UNK)(UNK)(UNK)(UNK)(UNK)(UNK)(UNK)(UNK)
(UNK)(UNK)(UNK)(UNK)(UNK)(UNK)(UNK)(UNK)(UNK)(UNK)(UNK)(UNK)(UNK)(UNK)(UNK)(UNK)
(UNK)(UNK)(UNK)(UNK)(UNK)(UNK)(UNK)(UNK)(UNK)(UNK)(UNK)(UNK)(UNK)(UNK)(UNK)(UNK)
(UNK)(UNK)(UNK)(UNK)(UNK)(UNK)(UNK)(UNK)(UNK)(UNK)(UNK)(UNK)(UNK)(UNK)(UNK)(UNK)
(UNK)(UNK)(UNK)(UNK)(UNK)(UNK)(UNK)(UNK)(UNK)(UNK)(UNK)(UNK)(UNK)(UNK)(UNK)(UNK)
(UNK)(UNK)(UNK)(UNK)(UNK)(UNK)(UNK)(UNK)(UNK)(UNK)(UNK)(UNK)(UNK)(UNK)(UNK)(UNK)
(UNK)(UNK)(UNK)(UNK)(UNK)(UNK)(UNK)(UNK)(UNK)(UNK)(UNK)(UNK)(UNK)(UNK)(UNK)(UNK)
(UNK)(UNK)(UNK)(UNK)(UNK)(UNK)(UNK)(UNK)(UNK)(UNK)(UNK)(UNK)(UNK)(UNK)(UNK)(UNK)
(UNK)(UNK)(UNK)(UNK)(UNK)(UNK)(UNK)(UNK)(UNK)(UNK)(UNK)(UNK)(UNK)(UNK)(UNK)(UNK)
(UNK)(UNK)(UNK)(UNK)(UNK)(UNK)(UNK)(UNK)(UNK)(UNK)(UNK)(UNK)(UNK)(UNK)(UNK)(UNK)
(UNK)(UNK)(UNK)(UNK)(UNK)(UNK)(UNK)(UNK)(UNK)(UNK)(UNK)(UNK)(UNK)(UNK)(UNK)(UNK)
(UNK)(UNK)(UNK)(UNK)(UNK)(UNK)(UNK)(UNK)(UNK)(UNK)(UNK)(UNK)(UNK)(UNK)(UNK)(UNK)
(UNK)(UNK)(UNK)(UNK)(UNK)(UNK)(UNK)(UNK)(UNK)(UNK)(UNK)(UNK)(UNK)(UNK)(UNK)(UNK)
(UNK)(UNK)(UNK)(UNK)(UNK)(UNK)(UNK)(UNK)(UNK)(UNK)(UNK)(UNK)(UNK)(UNK)(UNK)(UNK)
(UNK)(UNK)(UNK)(UNK)(UNK)(UNK)(UNK)(UNK)(UNK)(UNK)(UNK)(UNK)(UNK)(UNK)(UNK)(UNK)
(UNK)(UNK)(UNK)(UNK)(UNK)(UNK)(UNK)(UNK)(UNK)(UNK)(UNK)(UNK)(UNK)(UNK)(UNK)(UNK)
(UNK)(UNK)(UNK)(UNK)(UNK)(UNK)(UNK)(UNK)(UNK)(UNK)(UNK)(UNK)(UNK)(UNK)(UNK)(UNK)
(UNK)(UNK)(UNK)(UNK)(UNK)(UNK)(UNK)(UNK)(UNK)(UNK)(UNK)(UNK)(UNK)(UNK)(UNK)(UNK)
(UNK)(UNK)(UNK)(UNK)(UNK)(UNK)(UNK)(UNK)(UNK)(UNK)(UNK)(UNK)(UNK)(UNK)(UNK)(UNK)
(UNK)(UNK)(UNK)(UNK)(UNK)(UNK)(UNK)(UNK)(UNK)(UNK)(UNK)(UNK)(UNK)(UNK)(UNK)(UNK)
(UNK)(UNK)(UNK)(UNK)(UNK)(UNK)(UNK)(UNK)(UNK)(UNK)(UNK)(UNK)(UNK)(UNK)(UNK)(UNK)
(UNK)(UNK)(UNK)(UNK)(UNK)(UNK)(UNK)(UNK)(UNK)(UNK)(UNK)(UNK)(UNK)(UNK)(UNK)(UNK)
(UNK)(UNK)(UNK)(UNK)(UNK)(UNK)(UNK)(UNK)(UNK)(UNK)(UNK)(UNK)(UNK)(UNK)(UNK)(UNK)
(UNK)(UNK)(UNK)(UNK)(UNK)(UNK)(UNK)(UNK)(UNK)(UNK)(UNK)(UNK)(UNK)(UNK)(UNK)(UNK)
(UNK)(UNK)(UNK)(UNK)(UNK)(UNK)(UNK)(UNK)(UNK)(UNK)(UNK)(UNK)(UNK)(UNK)(UNK)(UNK)
(UNK)(UNK)(UNK)(UNK)(UNK)(UNK)(UNK)(UNK)(UNK)(UNK)(UNK)(UNK)(UNK)(UNK)(UNK)(UNK)
(UNK)(UNK)(UNK)(UNK)(UNK)(UNK)(UNK)(UNK)(UNK)(UNK)(UNK)(UNK)(UNK)(UNK)(UNK)(UNK)
(UNK)(UNK)(UNK)(UNK)(UNK)(UNK)(UNK)(UNK)(UNK)(UNK)(UNK)(UNK)(UNK)(UNK)(UNK)(UNK)
(UNK)(UNK)(UNK)(UNK)(UNK)(UNK)(UNK)(UNK)(UNK)(UNK)(UNK)(UNK)(UNK)(UNK)(UNK)(UNK)
(UNK)(UNK)(UNK)(UNK)(UNK)(UNK)(UNK)(UNK)(UNK)(UNK)(UNK)(UNK)(UNK)(UNK)(UNK)(UNK)
(UNK)(UNK)(UNK)(UNK)(UNK)(UNK)(UNK)(UNK)(UNK)(UNK)(UNK)(UNK)(UNK)(UNK)(UNK)(UNK)
(UNK)(UNK)(UNK)(UNK)(UNK)(UNK)(UNK)(UNK)(UNK)(UNK)(UNK)(UNK)(UNK)(UNK)(UNK)(UNK)
(UNK)(UNK)(UNK)(UNK)(UNK)(UNK)(UNK)(UNK)(UNK)(UNK)(UNK)(UNK)(UNK)(UNK)(UNK)(UNK)
(UNK)(UNK)(UNK)(UNK)(UNK)(UNK)(UNK)(UNK)(UNK)(UNK)(UNK)(UNK)(UNK)(UNK)(UNK)(UNK)
(UNK)(UNK)(UNK)(UNK)(UNK)(UNK)(UNK)(UNK)(UNK)(UNK)(UNK)(UNK)(UNK)(UNK)(UNK)(UNK)
(UNK)(UNK)(UNK)(UNK)(UNK)(UNK)(UNK)(UNK)(UNK)(UNK)(UNK)(UNK)(UNK)(UNK)(UNK)(UNK)
(UNK)(UNK)(UNK)(UNK)(UNK)(UNK)(UNK)(UNK)(UNK)(UNK)(UNK)(UNK)(UNK)(UNK)(UNK)(UNK)
(UNK)(UNK)(UNK)(UNK)(UNK)(UNK)(UNK)(UNK)(UNK)(UNK)(UNK)(UNK)(UNK)(UNK)(UNK)(UNK)
(UNK)(UNK)(UNK)(UNK)(UNK)(UNK)(UNK)(UNK)(UNK)(UNK)(UNK)(UNK)(UNK)(UNK)(UNK)(UNK)
(UNK)(UNK)(UNK)(UNK)(UNK)(UNK)(UNK)(UNK)(UNK)(UNK)(UNK)(UNK)(UNK)(UNK)(UNK)(UNK)
(UNK)(UNK)(UNK)(UNK)(UNK)(UNK)(UNK)(UNK)(UNK)(UNK)(UNK)(UNK)(UNK)(UNK)(UNK)(UNK)
(UNK)(UNK)(UNK)(UNK)(UNK)(UNK)(UNK)(UNK)(UNK)(UNK)(UNK)(UNK)(UNK)(UNK)(UNK)(UNK)
(UNK)(UNK)(UNK)(UNK)(UNK)(UNK)(UNK)(UNK)(UNK)(UNK)(UNK)(UNK)(UNK)(UNK)(UNK)(UNK)
(UNK)(UNK)(UNK)(UNK)(UNK)(UNK)(UNK)(UNK)(UNK)(UNK)(UNK)(UNK)(UNK)(UNK)(UNK)(UNK)
(UNK)(UNK)(UNK)(UNK)(UNK)(UNK)(UNK)(UNK)(UNK)(UNK)(UNK)(UNK)(UNK)(UNK)(UNK)(UNK)
(UNK)(UNK)(UNK)(UNK)(UNK)(UNK)(UNK)(UNK)(UNK)(UNK)(UNK)(UNK)(UNK)(UNK)(UNK)(UNK)
(UNK)(UNK)(UNK)(UNK)(UNK)(UNK)(UNK)(UNK)(UNK)(UNK)(UNK)(UNK)(UNK)(UNK)(UNK)(UNK)
(UNK)(UNK)(UNK)(UNK)(UNK)(UNK)(UNK)(UNK)(UNK)(UNK)(UNK)(UNK)(UNK)(UNK)(UNK)(UNK)
(UNK)(UNK)(UNK)(UNK)(UNK)(UNK)(UNK)(UNK)(UNK)(UNK)(UNK)(UNK)(UNK)(UNK)(UNK)(UNK)
(UNK)(UNK)(UNK)(UNK)(UNK)(UNK)(UNK)(UNK)(UNK)(UNK)(UNK)(UNK)(UNK)(UNK)(UNK)(UNK)
(UNK)(UNK)(UNK)(UNK)(UNK)(UNK)(UNK)(UNK)(UNK)(UNK)(UNK)(UNK)(UNK)(UNK)(UNK)(UNK)
(UNK)(UNK)(UNK)(UNK)(UNK)(UNK)(UNK)(UNK)(UNK)(UNK)(UNK)(UNK)(UNK)(UNK)(UNK)(UNK)
(UNK)(UNK)(UNK)(UNK)(UNK)(UNK)(UNK)(UNK)(UNK)(UNK)(UNK)(UNK)(UNK)(UNK)(UNK)(UNK)
(UNK)(UNK)(UNK)(UNK)(UNK)(UNK)(UNK)(UNK)(UNK)(UNK)(UNK)(UNK)(UNK)(UNK)(UNK)(UNK)
(UNK)(UNK)(UNK)(UNK)(UNK)(UNK)(UNK)(UNK)(UNK)(UNK)(UNK)(UNK)(UNK)(UNK)(UNK)(UNK)
(UNK)(UNK)(UNK)(UNK)(UNK)(UNK)(UNK)(UNK)(UNK)(UNK)(UNK)(UNK)(UNK)(UNK)(UNK)(UNK)
(UNK)(UNK)(UNK)(UNK)(UNK)(UNK)(UNK)(UNK)(UNK)(UNK)(UNK)(UNK)(UNK)(UNK)(UNK)(UNK)
(UNK)(UNK)(UNK)(UNK)(UNK)(UNK)(UNK)(UNK)(UNK)(UNK)(UNK)(UNK)(UNK)(UNK)(UNK)(UNK)
(UNK)(UNK)(UNK)(UNK)(UNK)(UNK)(UNK)(UNK)(UNK)(UNK)(UNK)(UNK)(UNK)(UNK)(UNK)(UNK)
(UNK)(UNK)(UNK)(UNK)(UNK)(UNK)(UNK)(UNK)(UNK)(UNK)(UNK)(UNK)(UNK)(UNK)(UNK)(UNK)
(UNK)(UNK)(UNK)(UNK)(UNK)(UNK)(UNK)(UNK)(UNK)(UNK)(UNK)(UNK)(UNK)(UNK)(UNK)(UNK)
(UNK)(UNK)(UNK)(UNK)(UNK)(UNK)(UNK)(UNK)(UNK)(UNK)(UNK)(UNK)(UNK)(UNK)(UNK)(UNK)
(UNK)(UNK)(UNK)(UNK)(UNK)(UNK)(UNK)(UNK)(UNK)(UNK)(UNK)(UNK)(UNK)(UNK)(UNK)(UNK)
(UNK)(UNK)(UNK)(UNK)(UNK)(UNK)(UNK)(UNK)(UNK)(UNK)(UNK)(UNK)(UNK)(UNK)(UNK)(UNK)
(UNK)(UNK)(UNK)(UNK)(UNK)(UNK)(UNK)(UNK)(UNK)(UNK)(UNK)(UNK)(UNK)(UNK)(UNK)(UNK)
(UNK)(UNK)(UNK)(UNK)(UNK)(UNK)(UNK)(UNK)(UNK)(UNK)(UNK)(UNK)(UNK)(UNK)(UNK)(UNK)
(UNK)(UNK)(UNK)(UNK)(UNK)(UNK)(UNK)(UNK)(UNK)(UNK)(UNK)(UNK)(UNK)(UNK)(UNK)(UNK)
(UNK)(UNK)(UNK)(UNK)(UNK)(UNK)(UNK)(UNK)(UNK)(UNK)(UNK)(UNK)(UNK)(UNK)(UNK)(UNK)
(UNK)(UNK)(UNK)(UNK)(UNK)(UNK)(UNK)(UNK)(UNK)(UNK)(UNK)(UNK)(UNK)(UNK)(UNK)(UNK)
(UNK)(UNK)(UNK)(UNK)(UNK)(UNK)(UNK)(UNK)(UNK)(UNK)(UNK)(UNK)(UNK)(UNK)(UNK)(UNK)
(UNK)(UNK)(UNK)(UNK)(UNK)(UNK)(UNK)(UNK)(UNK)(UNK)(UNK)(UNK)(UNK)(UNK)(UNK)(UNK)
(UNK)(UNK)(UNK)(UNK)(UNK)(UNK)(UNK)(UNK)(UNK)(UNK)(UNK)(UNK)(UNK)(UNK)(UNK)(UNK)
(UNK)(UNK)(UNK)(UNK)(UNK)(UNK)(UNK)(UNK)(UNK)(UNK)(UNK)(UNK)(UNK)(UNK)(UNK)(UNK)
(UNK)(UNK)(UNK)(UNK)(UNK)(UNK)(UNK)(UNK)(UNK)(UNK)(UNK)(UNK)(UNK)(UNK)(UNK)(UNK)
(UNK)(UNK)(UNK)(UNK)(UNK)(UNK)(UNK)(UNK)(UNK)(UNK)(UNK)(UNK)(UNK)(UNK)(UNK)(UNK)
(UNK)(UNK)(UNK)(UNK)(UNK)(UNK)(UNK)(UNK)(UNK)(UNK)(UNK)(UNK)(UNK)(UNK)(UNK)(UNK)
(UNK)(UNK)(UNK)(UNK)(UNK)(UNK)(UNK)(UNK)(UNK)(UNK)(UNK)(UNK)(UNK)(UNK)(UNK)(UNK)
(UNK)(UNK)(UNK)(UNK)(UNK)(UNK)(UNK)(UNK)(UNK)(UNK)(UNK)(UNK)(UNK)(UNK)(UNK)(UNK)
(UNK)(UNK)(UNK)(UNK)(UNK)(UNK)(UNK)(UNK)(UNK)(UNK)(UNK)(UNK)(UNK)(UNK)(UNK)(UNK)
(UNK)(UNK)(UNK)(UNK)(UNK)(UNK)(UNK)(UNK)(UNK)(UNK)(UNK)(UNK)(UNK)(UNK)(UNK)(UNK)
(UNK)(UNK)(UNK)(UNK)(UNK)(UNK)(UNK)(UNK)(UNK)(UNK)(UNK)(UNK)(UNK)(UNK)(UNK)(UNK)
(UNK)(UNK)(UNK)(UNK)(UNK)(UNK)(UNK)(UNK)(UNK)(UNK)(UNK)(UNK)(UNK)(UNK)(UNK)(UNK)
(UNK)(UNK)(UNK)(UNK)(UNK)(UNK)(UNK)(UNK)(UNK)(UNK)(UNK)(UNK)(UNK)(UNK)(UNK)(UNK)
(UNK)(UNK)(UNK)(UNK)(UNK)(UNK)(UNK)(UNK)(UNK)(UNK)(UNK)(UNK)(UNK)(UNK)(UNK)(UNK)
(UNK)(UNK)(UNK)(UNK)(UNK)(UNK)(UNK)(UNK)(UNK)(UNK)(UNK)(UNK)(UNK)(UNK)(UNK)(UNK)
(UNK)(UNK)(UNK)(UNK)(UNK)(UNK)(UNK)(UNK)(UNK)(UNK)(UNK)(UNK)(UNK)(UNK)(UNK)(UNK)
(UNK)(UNK)(UNK)(UNK)(UNK)(UNK)(UNK)(UNK)(UNK)(UNK)(UNK)(UNK)(UNK)(UNK)(UNK)(UNK)
(UNK)(UNK)(UNK)(UNK)(UNK)(UNK)(UNK)(UNK)(UNK)(UNK)(UNK)(UNK)(UNK)(UNK)(UNK)(UNK)
(UNK)(UNK)(UNK)(UNK)(UNK)(UNK)(UNK)(UNK)(UNK)(UNK)(UNK)(UNK)(UNK)(UNK)(UNK)(UNK)
(UNK)(UNK)(UNK)(UNK)(UNK)(UNK)(UNK)(UNK)(UNK)(UNK)(UNK)(UNK)(UNK)(UNK)(UNK)(UNK)
(UNK)(UNK)(UNK)(UNK)(UNK)(UNK)(UNK)(UNK)(UNK)(UNK)(UNK)(UNK)(UNK)(UNK)(UNK)(UNK)
(UNK)(UNK)(UNK)(UNK)(UNK)(UNK)(UNK)(UNK)(UNK)(UNK)(UNK)(UNK)(UNK)(UNK)(UNK)(UNK)
(UNK)(UNK)(UNK)(UNK)(UNK)(UNK)(UNK)(UNK)(UNK)(UNK)(UNK)(UNK)(UNK)(UNK)(UNK)(UNK)
(UNK)(UNK)(UNK)(UNK)(UNK)(UNK)(UNK)(UNK)(UNK)(UNK)(UNK)(UNK)(UNK)(UNK)(UNK)(UNK)
(UNK)(UNK)(UNK)(UNK)(UNK)(UNK)(UNK)(UNK)(UNK)(UNK)(UNK)(UNK)(UNK)(UNK)(UNK)(UNK)
(UNK)(UNK)(UNK)(UNK)(UNK)(UNK)(UNK)(UNK)(UNK)(UNK)(UNK)(UNK)(UNK)(UNK)(UNK)(UNK)
(UNK)(UNK)(UNK)(UNK)(UNK)(UNK)(UNK)(UNK)(UNK)(UNK)(UNK)(UNK)(UNK)(UNK)(UNK)(UNK)
(UNK)(UNK)(UNK)(UNK)(UNK)(UNK)(UNK)(UNK)(UNK)(UNK)(UNK)(UNK)(UNK)(UNK)(UNK)(UNK)
(UNK)(UNK)(UNK)(UNK)(UNK)(UNK)(UNK)(UNK)(UNK)(UNK)(UNK)(UNK)(UNK)(UNK)(UNK)(UNK)
(UNK)(UNK)(UNK)(UNK)(UNK)(UNK)(UNK)(UNK)(UNK)(UNK)(UNK)(UNK)(UNK)(UNK)(UNK)(UNK)
(UNK)(UNK)(UNK)(UNK)(UNK)(UNK)(UNK)(UNK)(UNK)(UNK)(UNK)(UNK)(UNK)(UNK)(UNK)(UNK)
(UNK)(UNK)(UNK)(UNK)(UNK)(UNK)(UNK)(UNK)(UNK)(UNK)(UNK)(UNK)(UNK)(UNK)(UNK)(UNK)
(UNK)(UNK)(UNK)(UNK)(UNK)(UNK)(UNK)(UNK)(UNK)(UNK)(UNK)(UNK)(UNK)(UNK)(UNK)(UNK)
(UNK)(UNK)(UNK)(UNK)(UNK)(UNK)(UNK)(UNK)(UNK)(UNK)(UNK)(UNK)(UNK)(UNK)(UNK)(UNK)
(UNK)(UNK)(UNK)(UNK)(UNK)(UNK)(UNK)(UNK)(UNK)(UNK)(UNK)(UNK)(UNK)(UNK)(UNK)(UNK)
(UNK)(UNK)(UNK)(UNK)(UNK)(UNK)(UNK)(UNK)(UNK)(UNK)(UNK)(UNK)(UNK)(UNK)(UNK)(UNK)
(UNK)(UNK)(UNK)(UNK)(UNK)(UNK)(UNK)(UNK)(UNK)(UNK)(UNK)(UNK)(UNK)(UNK)(UNK)(UNK)
(UNK)(UNK)(UNK)(UNK)(UNK)(UNK)(UNK)(UNK)(UNK)(UNK)(UNK)(UNK)(UNK)(UNK)(UNK)(UNK)
(UNK)(UNK)(UNK)(UNK)(UNK)(UNK)(UNK)(UNK)(UNK)(UNK)(UNK)(UNK)(UNK)(UNK)(UNK)(UNK)
(UNK)(UNK)(UNK)(UNK)(UNK)(UNK)(UNK)(UNK)(UNK)(UNK)(UNK)(UNK)(UNK)(UNK)(UNK)(UNK)
(UNK)(UNK)(UNK)(UNK)(UNK)(UNK)(UNK)(UNK)(UNK)(UNK)(UNK)(UNK)(UNK)(UNK)(UNK)(UNK)
(UNK)(UNK)(UNK)(UNK)(UNK)(UNK)(UNK)(UNK)(UNK)(UNK)(UNK)(UNK)(UNK)(UNK)(UNK)(UNK)
(UNK)(UNK)(UNK)(UNK)(UNK)(UNK)(UNK)(UNK)(UNK)(UNK)(UNK)(UNK)(UNK)(UNK)(UNK)(UNK)
(UNK)(UNK)(UNK)(UNK)(UNK)(UNK)(UNK)(UNK)(UNK)(UNK)(UNK)(UNK)(UNK)(UNK)(UNK)(UNK)
(UNK)(UNK)(UNK)(UNK)(UNK)(UNK)(UNK)(UNK)(UNK)(UNK)(UNK)(UNK)(UNK)(UNK)(UNK)(UNK)
(UNK)(UNK)(UNK)(UNK)(UNK)(UNK)(UNK)(UNK)(UNK)(UNK)(UNK)(UNK)(UNK)(UNK)(UNK)(UNK)
(UNK)(UNK)(UNK)(UNK)(UNK)(UNK)(UNK)(UNK)(UNK)(UNK)(UNK)(UNK)(UNK)(UNK)(UNK)(UNK)
(UNK)(UNK)(UNK)(UNK)(UNK)(UNK)(UNK)(UNK)(UNK)(UNK)(UNK)(UNK)(UNK)(UNK)(UNK)(UNK)
;
_entity_poly.pdbx_strand_id   A,B,C,D,E,F,X,O,P,Q,R,S,T,Y
#
# COMPACT_ATOMS: atom_id res chain seq x y z
N UNK A 205 19.60 -1.65 -7.98
CA UNK A 205 20.77 -2.04 -8.77
C UNK A 205 20.80 -1.26 -10.10
N UNK A 206 19.64 -1.24 -10.72
CA UNK A 206 19.43 -0.55 -12.01
C UNK A 206 19.78 0.93 -11.87
N UNK A 207 19.26 1.50 -10.80
CA UNK A 207 19.47 2.92 -10.48
C UNK A 207 20.97 3.21 -10.34
N UNK A 208 21.63 2.33 -9.60
CA UNK A 208 23.07 2.42 -9.35
C UNK A 208 23.84 2.42 -10.67
N UNK A 209 23.44 1.49 -11.52
CA UNK A 209 24.05 1.31 -12.85
C UNK A 209 23.92 2.60 -13.66
N UNK A 210 22.72 3.15 -13.62
CA UNK A 210 22.37 4.39 -14.33
C UNK A 210 23.29 5.52 -13.86
N UNK A 211 23.42 5.60 -12.55
CA UNK A 211 24.24 6.62 -11.89
C UNK A 211 25.69 6.52 -12.38
N UNK A 212 26.16 5.28 -12.39
CA UNK A 212 27.54 4.96 -12.83
C UNK A 212 27.76 5.45 -14.27
N UNK A 213 26.78 5.13 -15.09
CA UNK A 213 26.79 5.49 -16.52
C UNK A 213 26.90 7.01 -16.67
N UNK A 214 26.08 7.69 -15.89
CA UNK A 214 26.03 9.16 -15.87
C UNK A 214 27.40 9.73 -15.53
N UNK A 215 27.97 9.15 -14.49
CA UNK A 215 29.30 9.54 -13.98
C UNK A 215 30.34 9.41 -15.10
N UNK A 216 30.28 8.27 -15.75
CA UNK A 216 31.19 7.93 -16.86
C UNK A 216 31.09 8.99 -17.96
N UNK A 217 29.85 9.30 -18.29
CA UNK A 217 29.52 10.30 -19.32
C UNK A 217 30.16 11.65 -18.97
N UNK A 218 29.97 12.02 -17.72
CA UNK A 218 30.48 13.27 -17.16
C UNK A 218 32.00 13.33 -17.32
N UNK A 219 32.62 12.23 -16.96
CA UNK A 219 34.08 12.07 -17.02
C UNK A 219 34.56 12.29 -18.46
N UNK A 220 33.85 11.63 -19.36
CA UNK A 220 34.14 11.70 -20.81
C UNK A 220 34.09 13.15 -21.28
N UNK A 305 35.65 17.36 -6.89
CA UNK A 305 34.38 17.14 -6.21
C UNK A 305 34.11 15.64 -6.06
N UNK A 306 34.31 14.95 -7.16
CA UNK A 306 34.11 13.49 -7.23
C UNK A 306 34.99 12.79 -6.19
N UNK A 307 36.24 13.21 -6.18
CA UNK A 307 37.26 12.67 -5.26
C UNK A 307 36.80 12.85 -3.81
N UNK A 308 36.34 14.06 -3.53
CA UNK A 308 35.84 14.44 -2.21
C UNK A 308 34.70 13.51 -1.78
N UNK A 309 33.78 13.32 -2.71
CA UNK A 309 32.60 12.47 -2.53
C UNK A 309 33.04 11.05 -2.15
N UNK A 310 33.99 10.56 -2.93
CA UNK A 310 34.55 9.22 -2.75
C UNK A 310 35.13 9.07 -1.34
N UNK A 311 35.88 10.08 -0.95
CA UNK A 311 36.53 10.14 0.36
C UNK A 311 35.48 10.05 1.47
N UNK A 312 34.43 10.84 1.28
CA UNK A 312 33.31 10.91 2.22
C UNK A 312 32.68 9.52 2.38
N UNK A 313 32.46 8.89 1.25
CA UNK A 313 31.87 7.54 1.17
C UNK A 313 32.72 6.56 1.97
N UNK A 314 34.01 6.64 1.73
CA UNK A 314 35.01 5.78 2.39
C UNK A 314 34.92 5.95 3.91
N UNK A 315 34.87 7.20 4.31
CA UNK A 315 34.77 7.59 5.72
C UNK A 315 33.53 6.96 6.37
N UNK A 316 32.43 7.08 5.65
CA UNK A 316 31.13 6.55 6.06
C UNK A 316 31.23 5.04 6.29
N UNK A 317 31.84 4.40 5.32
CA UNK A 317 32.05 2.94 5.33
C UNK A 317 32.83 2.53 6.58
N UNK A 318 33.90 3.28 6.81
CA UNK A 318 34.79 3.06 7.95
C UNK A 318 33.99 3.14 9.27
N UNK A 405 28.07 0.85 2.25
CA UNK A 405 29.40 0.29 1.96
C UNK A 405 29.35 -0.51 0.65
N UNK A 406 28.32 -1.33 0.55
CA UNK A 406 28.08 -2.18 -0.62
C UNK A 406 27.97 -1.32 -1.88
N UNK A 407 27.19 -0.27 -1.74
CA UNK A 407 26.95 0.69 -2.84
C UNK A 407 28.27 1.29 -3.30
N UNK A 408 29.06 1.70 -2.33
CA UNK A 408 30.37 2.31 -2.56
C UNK A 408 31.27 1.35 -3.35
N UNK A 409 31.26 0.11 -2.90
CA UNK A 409 32.04 -0.97 -3.51
C UNK A 409 31.65 -1.12 -4.98
N UNK A 410 30.34 -1.15 -5.19
CA UNK A 410 29.75 -1.29 -6.53
C UNK A 410 30.24 -0.17 -7.45
N UNK A 411 30.18 1.03 -6.90
CA UNK A 411 30.60 2.25 -7.60
C UNK A 411 32.06 2.14 -8.03
N UNK A 412 32.87 1.69 -7.08
CA UNK A 412 34.31 1.51 -7.28
C UNK A 412 34.56 0.53 -8.44
N UNK A 413 33.82 -0.57 -8.38
CA UNK A 413 33.90 -1.63 -9.40
C UNK A 413 33.59 -1.06 -10.77
N UNK A 414 32.52 -0.28 -10.82
CA UNK A 414 32.04 0.37 -12.05
C UNK A 414 33.15 1.25 -12.63
N UNK A 415 33.73 2.03 -11.74
CA UNK A 415 34.82 2.96 -12.08
C UNK A 415 35.99 2.20 -12.72
N UNK A 505 41.78 2.21 -0.55
CA UNK A 505 41.23 2.43 0.79
C UNK A 505 39.99 1.55 1.02
N UNK A 506 39.13 1.56 0.02
CA UNK A 506 37.89 0.79 0.02
C UNK A 506 38.20 -0.69 0.21
N UNK A 507 39.17 -1.14 -0.58
CA UNK A 507 39.63 -2.54 -0.57
C UNK A 507 40.09 -2.93 0.83
N UNK A 508 40.89 -2.04 1.40
CA UNK A 508 41.45 -2.22 2.75
C UNK A 508 40.33 -2.38 3.77
N UNK A 509 39.36 -1.50 3.65
CA UNK A 509 38.17 -1.48 4.53
C UNK A 509 37.45 -2.82 4.45
N UNK A 510 37.26 -3.26 3.22
CA UNK A 510 36.58 -4.53 2.93
C UNK A 510 37.30 -5.69 3.61
N UNK A 511 38.61 -5.67 3.46
CA UNK A 511 39.51 -6.69 4.04
C UNK A 511 39.33 -6.74 5.56
N UNK A 512 39.33 -5.55 6.13
CA UNK A 512 39.18 -5.36 7.58
C UNK A 512 37.86 -5.98 8.05
N UNK A 513 36.82 -5.66 7.31
CA UNK A 513 35.46 -6.15 7.58
C UNK A 513 35.43 -7.67 7.58
N UNK A 605 28.03 -14.24 -0.84
CA UNK A 605 29.42 -14.60 -0.51
C UNK A 605 30.29 -14.52 -1.78
N UNK A 606 29.76 -15.11 -2.83
CA UNK A 606 30.43 -15.16 -4.14
C UNK A 606 30.70 -13.74 -4.63
N UNK A 607 29.67 -12.92 -4.52
CA UNK A 607 29.73 -11.50 -4.93
C UNK A 607 30.84 -10.78 -4.18
N UNK A 608 30.86 -11.01 -2.89
CA UNK A 608 31.84 -10.42 -1.98
C UNK A 608 33.26 -10.79 -2.43
N UNK A 609 33.41 -12.08 -2.70
CA UNK A 609 34.69 -12.65 -3.14
C UNK A 609 35.16 -11.95 -4.42
N UNK A 610 34.23 -11.81 -5.34
CA UNK A 610 34.47 -11.17 -6.64
C UNK A 610 34.97 -9.74 -6.43
N UNK A 611 34.27 -9.05 -5.55
CA UNK A 611 34.58 -7.66 -5.19
C UNK A 611 36.02 -7.55 -4.67
N UNK A 612 36.32 -8.47 -3.77
CA UNK A 612 37.65 -8.57 -3.14
C UNK A 612 38.73 -8.73 -4.21
N UNK A 613 38.45 -9.64 -5.12
CA UNK A 613 39.34 -9.97 -6.24
C UNK A 613 39.62 -8.71 -7.07
N UNK A 614 38.54 -8.02 -7.37
CA UNK A 614 38.57 -6.78 -8.15
C UNK A 614 39.48 -5.75 -7.47
N UNK A 615 39.26 -5.61 -6.18
CA UNK A 615 40.02 -4.69 -5.33
C UNK A 615 41.52 -5.00 -5.42
N UNK A 616 41.81 -6.28 -5.30
CA UNK A 616 43.18 -6.80 -5.35
C UNK A 616 43.84 -6.43 -6.67
N UNK A 617 43.08 -6.66 -7.72
CA UNK A 617 43.51 -6.36 -9.10
C UNK A 617 43.87 -4.88 -9.24
N UNK A 618 42.97 -4.06 -8.71
CA UNK A 618 43.12 -2.60 -8.73
C UNK A 618 44.43 -2.20 -8.04
N UNK A 619 44.62 -2.80 -6.88
CA UNK A 619 45.80 -2.56 -6.04
C UNK A 619 47.07 -2.88 -6.83
N UNK A 620 47.03 -4.04 -7.47
CA UNK A 620 48.15 -4.54 -8.29
C UNK A 620 48.48 -3.53 -9.38
N UNK A 621 47.43 -3.07 -10.04
CA UNK A 621 47.53 -2.11 -11.13
C UNK A 621 48.23 -0.82 -10.64
N UNK A 622 47.76 -0.38 -9.49
CA UNK A 622 48.29 0.84 -8.84
C UNK A 622 49.79 0.68 -8.59
N UNK A 705 50.87 0.13 4.98
CA UNK A 705 51.40 -1.11 5.58
C UNK A 705 50.32 -1.78 6.42
N UNK A 706 49.69 -0.96 7.24
CA UNK A 706 48.62 -1.40 8.15
C UNK A 706 47.49 -2.05 7.34
N UNK A 707 47.11 -1.36 6.28
CA UNK A 707 46.05 -1.80 5.37
C UNK A 707 46.39 -3.17 4.80
N UNK A 708 47.62 -3.28 4.35
CA UNK A 708 48.16 -4.52 3.76
C UNK A 708 48.03 -5.67 4.76
N UNK A 709 48.45 -5.37 5.98
CA UNK A 709 48.41 -6.33 7.10
C UNK A 709 46.99 -6.83 7.31
N UNK A 710 46.08 -5.87 7.34
CA UNK A 710 44.65 -6.13 7.54
C UNK A 710 44.13 -7.09 6.46
N UNK A 711 44.51 -6.76 5.24
CA UNK A 711 44.12 -7.54 4.05
C UNK A 711 44.60 -8.99 4.20
N UNK A 712 45.85 -9.11 4.61
CA UNK A 712 46.50 -10.41 4.82
C UNK A 712 45.72 -11.23 5.84
N UNK A 713 45.38 -10.55 6.92
CA UNK A 713 44.63 -11.15 8.03
C UNK A 713 43.29 -11.70 7.52
N UNK A 714 42.64 -10.86 6.74
CA UNK A 714 41.33 -11.19 6.15
C UNK A 714 41.44 -12.45 5.30
N UNK A 715 42.48 -12.46 4.49
CA UNK A 715 42.78 -13.58 3.58
C UNK A 715 42.94 -14.87 4.38
N UNK A 716 43.71 -14.76 5.45
CA UNK A 716 44.00 -15.88 6.35
C UNK A 716 42.70 -16.43 6.92
N UNK A 805 39.08 -24.90 -7.82
CA UNK A 805 39.67 -24.03 -8.83
C UNK A 805 39.64 -22.58 -8.35
N UNK A 806 38.48 -22.20 -7.85
CA UNK A 806 38.23 -20.85 -7.33
C UNK A 806 39.22 -20.53 -6.21
N UNK A 807 39.35 -21.49 -5.32
CA UNK A 807 40.25 -21.38 -4.16
C UNK A 807 41.69 -21.15 -4.63
N UNK A 808 42.07 -21.93 -5.61
CA UNK A 808 43.41 -21.88 -6.22
C UNK A 808 43.66 -20.47 -6.77
N UNK A 809 42.67 -20.00 -7.49
CA UNK A 809 42.71 -18.66 -8.12
C UNK A 809 42.93 -17.58 -7.05
N UNK A 810 42.16 -17.72 -5.99
CA UNK A 810 42.21 -16.79 -4.85
C UNK A 810 43.63 -16.76 -4.27
N UNK A 811 44.16 -17.96 -4.08
CA UNK A 811 45.51 -18.15 -3.53
C UNK A 811 46.54 -17.42 -4.41
N UNK A 812 46.39 -17.65 -5.70
CA UNK A 812 47.27 -17.05 -6.71
C UNK A 812 47.25 -15.52 -6.60
N UNK A 813 46.04 -15.01 -6.50
CA UNK A 813 45.78 -13.57 -6.38
C UNK A 813 46.51 -13.01 -5.15
N UNK A 814 46.34 -13.73 -4.06
CA UNK A 814 46.95 -13.38 -2.76
C UNK A 814 48.47 -13.29 -2.91
N UNK A 815 49.01 -14.31 -3.55
CA UNK A 815 50.45 -14.42 -3.81
C UNK A 815 50.95 -13.20 -4.58
N UNK A 816 50.19 -12.89 -5.62
CA UNK A 816 50.49 -11.75 -6.50
C UNK A 816 50.54 -10.45 -5.69
N UNK A 817 49.54 -10.30 -4.86
CA UNK A 817 49.39 -9.13 -3.98
C UNK A 817 50.63 -8.99 -3.08
N UNK A 818 51.00 -10.12 -2.50
CA UNK A 818 52.16 -10.20 -1.60
C UNK A 818 53.42 -9.74 -2.33
N UNK A 905 51.61 -10.39 8.58
CA UNK A 905 50.81 -11.27 7.77
C UNK A 905 51.52 -12.60 7.51
N UNK A 906 52.80 -12.50 7.12
CA UNK A 906 53.60 -13.68 6.84
C UNK A 906 53.66 -14.61 8.04
N UNK A 907 53.93 -14.03 9.21
CA UNK A 907 54.02 -14.81 10.46
C UNK A 907 52.71 -15.56 10.70
N UNK A 908 51.63 -14.82 10.55
CA UNK A 908 50.27 -15.34 10.73
C UNK A 908 50.02 -16.52 9.79
N UNK A 909 50.41 -16.31 8.55
CA UNK A 909 50.27 -17.30 7.48
C UNK A 909 51.01 -18.58 7.86
N UNK A 910 52.24 -18.38 8.32
CA UNK A 910 53.12 -19.48 8.76
C UNK A 910 52.45 -20.29 9.86
N UNK A 911 51.92 -19.56 10.82
CA UNK A 911 51.23 -20.14 11.98
C UNK A 911 50.07 -21.02 11.51
N UNK A 912 49.31 -20.45 10.59
CA UNK A 912 48.13 -21.12 10.01
C UNK A 912 48.56 -22.45 9.36
N UNK A 913 49.63 -22.34 8.59
CA UNK A 913 50.20 -23.50 7.88
C UNK A 913 50.57 -24.60 8.87
N UNK A 914 51.23 -24.17 9.93
CA UNK A 914 51.68 -25.07 11.01
C UNK A 914 50.48 -25.80 11.60
N UNK A 915 49.45 -25.03 11.88
CA UNK A 915 48.20 -25.52 12.47
C UNK A 915 47.59 -26.60 11.56
N UNK A 916 47.56 -26.28 10.28
CA UNK A 916 47.03 -27.17 9.24
C UNK A 916 47.78 -28.50 9.25
N UNK A 917 49.09 -28.38 9.30
CA UNK A 917 50.01 -29.52 9.32
C UNK A 917 49.70 -30.42 10.52
N UNK A 918 49.55 -29.77 11.65
CA UNK A 918 49.24 -30.44 12.93
C UNK A 918 47.95 -31.24 12.80
N UNK A 919 46.96 -30.58 12.23
CA UNK A 919 45.63 -31.15 12.01
C UNK A 919 45.74 -32.42 11.16
N UNK A 920 46.50 -32.28 10.10
CA UNK A 920 46.75 -33.37 9.14
C UNK A 920 47.35 -34.57 9.86
N UNK A 921 48.35 -34.27 10.68
CA UNK A 921 49.07 -35.27 11.47
C UNK A 921 48.10 -36.03 12.37
N UNK A 922 47.26 -35.25 13.03
CA UNK A 922 46.24 -35.77 13.95
C UNK A 922 45.32 -36.75 13.21
N UNK A 1005 45.04 -29.89 4.21
CA UNK A 1005 44.99 -28.46 4.62
C UNK A 1005 46.22 -27.66 4.18
N UNK A 1006 47.31 -27.78 4.94
CA UNK A 1006 48.54 -27.02 4.66
C UNK A 1006 49.13 -27.24 3.25
N UNK A 1007 48.36 -27.83 2.34
CA UNK A 1007 48.69 -27.75 0.92
C UNK A 1007 48.65 -26.29 0.48
N UNK A 1008 47.88 -25.51 1.25
CA UNK A 1008 47.83 -24.03 1.23
C UNK A 1008 49.16 -23.38 1.67
N UNK A 1009 49.50 -23.62 2.93
CA UNK A 1009 50.84 -23.39 3.49
C UNK A 1009 51.96 -23.97 2.60
N UNK A 1010 51.56 -24.34 1.39
CA UNK A 1010 52.46 -24.75 0.35
C UNK A 1010 52.32 -23.73 -0.76
N UNK A 1011 51.07 -23.34 -1.02
CA UNK A 1011 50.67 -22.54 -2.19
C UNK A 1011 51.36 -21.20 -2.21
N UNK A 1012 50.98 -20.35 -1.25
CA UNK A 1012 51.64 -19.08 -1.07
C UNK A 1012 53.12 -19.41 -0.91
N UNK A 1013 53.48 -20.01 0.23
CA UNK A 1013 54.87 -20.05 0.68
C UNK A 1013 55.90 -20.71 -0.25
N UNK A 1014 55.46 -21.25 -1.38
CA UNK A 1014 56.42 -21.64 -2.42
C UNK A 1014 56.83 -20.39 -3.15
N UNK A 1015 55.87 -19.49 -3.27
CA UNK A 1015 56.04 -18.25 -3.99
C UNK A 1015 56.82 -17.23 -3.17
N UNK A 1016 57.22 -17.61 -1.96
CA UNK A 1016 58.18 -16.82 -1.18
C UNK A 1016 59.59 -17.41 -1.18
N UNK A 1105 58.39 -24.22 10.32
CA UNK A 1105 59.72 -23.87 10.78
C UNK A 1105 60.55 -25.03 11.46
N UNK A 1106 60.03 -25.52 12.59
CA UNK A 1106 60.72 -26.45 13.53
C UNK A 1106 60.05 -27.82 13.64
N UNK A 1107 58.78 -27.88 14.06
CA UNK A 1107 58.16 -29.18 14.26
C UNK A 1107 57.26 -29.71 13.11
N UNK A 1108 56.34 -28.85 12.63
CA UNK A 1108 55.32 -29.23 11.61
C UNK A 1108 55.90 -29.49 10.22
N UNK A 1109 57.09 -28.96 10.00
CA UNK A 1109 57.89 -29.37 8.88
C UNK A 1109 57.81 -30.87 8.95
N UNK A 1110 58.15 -31.38 10.15
CA UNK A 1110 58.24 -32.81 10.54
C UNK A 1110 56.94 -33.64 10.45
N UNK A 1111 55.93 -33.26 11.24
CA UNK A 1111 54.68 -34.04 11.39
C UNK A 1111 53.60 -33.94 10.27
N UNK A 1112 53.88 -33.19 9.19
CA UNK A 1112 53.07 -33.27 7.98
C UNK A 1112 53.94 -33.90 6.91
N UNK A 1113 55.25 -33.76 7.09
CA UNK A 1113 56.22 -34.49 6.29
C UNK A 1113 56.05 -35.96 6.56
N UNK A 1114 55.56 -36.26 7.78
CA UNK A 1114 55.33 -37.64 8.32
C UNK A 1114 54.08 -38.40 7.80
N UNK A 1115 52.87 -37.87 8.02
CA UNK A 1115 51.65 -38.47 7.47
C UNK A 1115 51.90 -38.82 6.00
N UNK A 1116 53.00 -38.31 5.48
CA UNK A 1116 53.43 -38.66 4.17
C UNK A 1116 53.85 -40.11 4.24
N UNK A 1117 54.70 -40.39 5.26
CA UNK A 1117 55.67 -41.55 5.31
C UNK A 1117 55.09 -42.96 5.30
N UNK A 1118 53.81 -43.06 5.62
CA UNK A 1118 53.03 -44.28 5.67
C UNK A 1118 51.57 -43.87 5.75
N UNK A 1205 70.76 -23.17 8.45
CA UNK A 1205 70.20 -24.52 8.55
C UNK A 1205 70.67 -25.38 7.38
N UNK A 1206 69.73 -25.82 6.51
CA UNK A 1206 70.00 -26.48 5.17
C UNK A 1206 69.90 -28.03 5.03
N UNK A 1207 70.88 -28.66 4.35
CA UNK A 1207 71.12 -30.10 4.44
C UNK A 1207 71.41 -30.49 5.91
N UNK A 1208 70.62 -29.88 6.79
CA UNK A 1208 70.44 -30.25 8.17
C UNK A 1208 68.95 -30.16 8.33
N UNK A 1209 68.28 -30.62 7.27
CA UNK A 1209 66.86 -31.00 7.24
C UNK A 1209 66.57 -31.93 6.05
N UNK A 1210 66.95 -31.53 4.84
CA UNK A 1210 66.96 -32.44 3.70
C UNK A 1210 68.04 -33.51 3.88
N UNK A 1211 68.68 -33.47 5.04
CA UNK A 1211 69.43 -34.60 5.56
C UNK A 1211 68.73 -35.07 6.83
N UNK A 1212 68.18 -34.13 7.60
CA UNK A 1212 67.19 -34.50 8.62
C UNK A 1212 65.99 -35.25 7.97
N UNK A 1213 64.77 -34.68 7.94
CA UNK A 1213 63.59 -35.39 7.37
C UNK A 1213 63.75 -35.95 5.94
N UNK A 1214 65.02 -36.18 5.58
CA UNK A 1214 65.43 -37.07 4.51
C UNK A 1214 66.08 -38.23 5.23
N UNK A 1215 66.10 -38.08 6.55
CA UNK A 1215 66.02 -39.19 7.52
C UNK A 1215 64.61 -39.85 7.47
N UNK A 1216 63.55 -39.04 7.64
CA UNK A 1216 62.16 -39.49 7.42
C UNK A 1216 61.81 -39.78 5.96
N UNK A 1217 62.83 -39.94 5.13
CA UNK A 1217 62.66 -40.16 3.70
C UNK A 1217 62.94 -41.60 3.44
N UNK A 1218 64.18 -41.99 3.73
CA UNK A 1218 64.53 -43.39 3.89
C UNK A 1218 64.29 -43.77 5.39
N UNK A 1219 63.05 -44.26 5.59
CA UNK A 1219 62.41 -44.56 6.86
C UNK A 1219 60.93 -44.66 6.58
N UNK A 1220 60.59 -45.00 5.33
CA UNK A 1220 59.21 -45.14 4.84
C UNK A 1220 59.15 -45.93 3.54
N UNK A 1221 60.29 -45.95 2.83
CA UNK A 1221 60.41 -46.57 1.51
C UNK A 1221 61.30 -47.84 1.51
N UNK A 1222 62.23 -47.90 2.46
CA UNK A 1222 62.85 -49.17 2.82
C UNK A 1222 62.12 -49.80 4.06
N UNK A 1223 60.82 -49.51 4.18
CA UNK A 1223 60.05 -49.90 5.34
C UNK A 1223 58.85 -50.74 4.94
N UNK A 1224 58.80 -51.14 3.67
CA UNK A 1224 57.72 -52.03 3.19
C UNK A 1224 58.07 -52.71 1.88
N UNK A 1305 56.98 -49.90 -4.17
CA UNK A 1305 55.83 -48.98 -4.21
C UNK A 1305 55.83 -48.05 -3.01
N UNK A 1306 55.41 -48.55 -1.86
CA UNK A 1306 55.61 -47.81 -0.63
C UNK A 1306 57.09 -47.92 -0.26
N UNK A 1307 57.79 -48.65 -1.11
CA UNK A 1307 59.22 -48.42 -1.28
C UNK A 1307 59.50 -47.19 -2.23
N UNK A 1308 58.61 -47.00 -3.19
CA UNK A 1308 58.99 -46.30 -4.39
C UNK A 1308 58.11 -45.10 -4.81
N UNK A 1309 56.80 -45.28 -4.83
CA UNK A 1309 55.90 -44.19 -5.22
C UNK A 1309 56.26 -42.76 -4.68
N UNK A 1310 56.60 -42.67 -3.40
CA UNK A 1310 57.00 -41.40 -2.76
C UNK A 1310 58.51 -41.25 -2.74
N UNK A 1311 59.24 -42.32 -2.52
CA UNK A 1311 60.68 -42.34 -2.79
C UNK A 1311 60.84 -41.88 -4.22
N UNK A 1312 59.69 -41.65 -4.86
CA UNK A 1312 59.61 -40.96 -6.11
C UNK A 1312 59.35 -39.44 -5.88
N UNK A 1313 58.12 -39.07 -5.49
CA UNK A 1313 57.75 -37.68 -5.16
C UNK A 1313 58.87 -36.79 -4.62
N UNK A 1314 59.44 -37.15 -3.47
CA UNK A 1314 60.49 -36.36 -2.86
C UNK A 1314 61.90 -36.68 -3.44
N UNK A 1315 61.91 -37.57 -4.43
CA UNK A 1315 63.03 -37.66 -5.34
C UNK A 1315 62.59 -36.88 -6.56
N UNK A 1316 61.31 -37.02 -6.91
CA UNK A 1316 60.71 -36.29 -8.05
C UNK A 1316 61.12 -34.84 -7.96
N UNK A 1317 61.07 -34.27 -6.76
CA UNK A 1317 61.52 -32.91 -6.52
C UNK A 1317 63.02 -32.71 -6.79
N UNK A 1318 63.79 -33.79 -6.74
CA UNK A 1318 65.23 -33.76 -7.02
C UNK A 1318 65.68 -32.41 -7.66
N UNK A 1405 46.77 -39.16 1.09
CA UNK A 1405 47.83 -39.78 1.88
C UNK A 1405 49.17 -39.77 1.14
N UNK A 1406 49.05 -39.76 -0.20
CA UNK A 1406 50.15 -39.41 -1.13
C UNK A 1406 49.97 -38.00 -1.84
N UNK A 1407 48.71 -37.55 -1.97
CA UNK A 1407 48.37 -36.16 -2.35
C UNK A 1407 48.52 -35.24 -1.12
N UNK A 1408 49.52 -35.60 -0.31
CA UNK A 1408 49.90 -34.99 0.99
C UNK A 1408 51.16 -35.69 1.45
N UNK A 1409 51.62 -36.63 0.62
CA UNK A 1409 53.00 -37.09 0.63
C UNK A 1409 53.59 -36.08 -0.28
N UNK A 1410 52.67 -35.37 -0.95
CA UNK A 1410 52.93 -34.49 -2.12
C UNK A 1410 53.70 -33.20 -1.84
N UNK A 1411 52.98 -32.26 -1.23
CA UNK A 1411 53.50 -30.97 -0.86
C UNK A 1411 54.87 -31.12 -0.17
N UNK A 1412 55.04 -32.23 0.54
CA UNK A 1412 56.19 -32.43 1.42
C UNK A 1412 57.38 -32.79 0.58
N UNK A 1413 57.06 -33.45 -0.51
CA UNK A 1413 58.02 -33.69 -1.55
C UNK A 1413 58.52 -32.35 -2.11
N UNK A 1414 57.63 -31.36 -2.11
CA UNK A 1414 57.95 -30.06 -2.65
C UNK A 1414 59.09 -29.47 -1.84
N UNK A 1415 58.74 -28.92 -0.69
CA UNK A 1415 59.68 -28.22 0.18
C UNK A 1415 60.93 -28.99 0.54
N UNK A 1416 61.03 -30.22 0.06
CA UNK A 1416 62.29 -30.95 0.11
C UNK A 1416 63.27 -30.17 -0.76
N UNK A 1417 62.66 -29.49 -1.73
CA UNK A 1417 63.33 -28.53 -2.59
C UNK A 1417 62.88 -27.08 -2.28
N UNK A 1418 62.31 -26.87 -1.09
CA UNK A 1418 62.21 -25.49 -0.56
C UNK A 1418 63.54 -25.14 0.12
N UNK A 1419 63.57 -25.07 1.46
CA UNK A 1419 64.78 -24.71 2.21
C UNK A 1419 66.02 -25.42 1.67
N UNK A 1420 65.78 -26.35 0.76
CA UNK A 1420 66.83 -27.06 0.11
C UNK A 1420 67.35 -26.21 -1.00
N UNK A 1421 66.46 -25.57 -1.75
CA UNK A 1421 66.82 -24.76 -2.97
C UNK A 1421 67.22 -23.27 -2.77
N UNK A 1422 66.74 -22.66 -1.69
CA UNK A 1422 67.23 -21.36 -1.29
C UNK A 1422 68.74 -21.40 -1.04
N UNK A 1423 69.46 -22.09 -1.92
CA UNK A 1423 70.94 -22.03 -2.02
C UNK A 1423 71.47 -22.73 -3.29
N UNK A 1505 77.41 -29.45 2.21
CA UNK A 1505 76.41 -30.50 1.97
C UNK A 1505 76.79 -31.59 0.92
N UNK A 1506 77.99 -32.17 1.05
CA UNK A 1506 78.37 -33.32 0.21
C UNK A 1506 78.11 -34.70 0.91
N UNK A 1507 77.25 -34.69 1.94
CA UNK A 1507 76.78 -35.93 2.54
C UNK A 1507 75.35 -36.05 2.12
N UNK A 1508 75.11 -36.12 0.81
CA UNK A 1508 73.74 -36.22 0.26
C UNK A 1508 73.44 -37.45 -0.62
N UNK A 1509 74.26 -37.71 -1.64
CA UNK A 1509 73.95 -38.74 -2.65
C UNK A 1509 73.93 -40.21 -2.09
N UNK A 1510 74.75 -40.43 -1.05
CA UNK A 1510 74.61 -41.54 -0.10
C UNK A 1510 73.17 -41.68 0.47
N UNK A 1511 72.22 -40.94 -0.12
CA UNK A 1511 70.79 -40.97 0.22
C UNK A 1511 70.00 -40.39 -0.94
N UNK A 1512 70.72 -40.07 -2.02
CA UNK A 1512 70.11 -39.81 -3.32
C UNK A 1512 70.58 -40.88 -4.33
N UNK A 1513 71.90 -40.98 -4.53
CA UNK A 1513 72.45 -42.05 -5.36
C UNK A 1513 72.29 -43.39 -4.64
N UNK A 1514 71.92 -43.30 -3.35
CA UNK A 1514 71.70 -44.46 -2.46
C UNK A 1514 70.41 -45.18 -2.77
N UNK A 1515 69.35 -44.86 -2.03
CA UNK A 1515 68.05 -45.38 -2.34
C UNK A 1515 67.86 -45.44 -3.85
N UNK A 1516 68.93 -45.17 -4.58
CA UNK A 1516 68.95 -45.13 -6.07
C UNK A 1516 69.47 -46.41 -6.74
N UNK A 1517 70.09 -47.27 -5.93
CA UNK A 1517 70.42 -48.65 -6.32
C UNK A 1517 69.18 -49.51 -6.02
N UNK A 1518 68.56 -49.24 -4.88
CA UNK A 1518 67.31 -49.88 -4.53
C UNK A 1518 66.25 -49.82 -5.66
N UNK A 1519 66.63 -49.32 -6.85
CA UNK A 1519 65.80 -49.41 -8.08
C UNK A 1519 66.60 -49.41 -9.39
N UNK A 1520 67.93 -49.47 -9.27
CA UNK A 1520 68.79 -49.53 -10.45
C UNK A 1520 68.85 -50.96 -10.91
N UNK A 1521 68.62 -51.84 -9.93
CA UNK A 1521 68.54 -53.32 -10.06
C UNK A 1521 67.14 -53.86 -9.73
N UNK A 1522 66.58 -53.39 -8.62
CA UNK A 1522 65.21 -53.71 -8.21
C UNK A 1522 64.16 -53.10 -9.19
N UNK A 1523 64.54 -52.99 -10.46
CA UNK A 1523 63.74 -52.35 -11.48
C UNK A 1523 62.32 -52.91 -11.60
N UNK A 1605 55.75 -48.98 -15.30
CA UNK A 1605 54.85 -47.91 -14.82
C UNK A 1605 54.81 -47.88 -13.29
N UNK A 1606 55.03 -49.04 -12.71
CA UNK A 1606 55.51 -49.11 -11.34
C UNK A 1606 56.97 -49.47 -11.59
N UNK A 1607 57.36 -49.22 -12.85
CA UNK A 1607 58.73 -49.24 -13.33
C UNK A 1607 59.15 -47.93 -14.07
N UNK A 1608 58.14 -47.29 -14.70
CA UNK A 1608 58.25 -45.98 -15.38
C UNK A 1608 57.76 -44.89 -14.49
N UNK A 1609 56.93 -45.23 -13.50
CA UNK A 1609 56.70 -44.32 -12.39
C UNK A 1609 58.03 -44.38 -11.66
N UNK A 1610 58.55 -45.59 -11.50
CA UNK A 1610 59.87 -45.71 -10.94
C UNK A 1610 60.84 -45.04 -11.90
N UNK A 1611 60.60 -45.23 -13.20
CA UNK A 1611 61.42 -44.57 -14.22
C UNK A 1611 61.40 -43.03 -14.14
N UNK A 1612 60.32 -42.48 -13.55
CA UNK A 1612 60.32 -41.08 -13.17
C UNK A 1612 61.66 -40.90 -12.48
N UNK A 1613 61.82 -41.59 -11.33
CA UNK A 1613 63.02 -41.48 -10.51
C UNK A 1613 64.21 -42.32 -10.99
N UNK A 1614 64.01 -43.19 -11.96
CA UNK A 1614 65.14 -43.84 -12.57
C UNK A 1614 65.66 -42.97 -13.74
N UNK A 1615 64.75 -42.25 -14.38
CA UNK A 1615 65.12 -41.18 -15.34
C UNK A 1615 64.91 -39.75 -14.71
N UNK A 1616 65.04 -39.71 -13.39
CA UNK A 1616 65.47 -38.54 -12.72
C UNK A 1616 66.82 -38.96 -12.15
N UNK A 1617 67.01 -40.26 -12.03
CA UNK A 1617 68.18 -40.85 -11.37
C UNK A 1617 69.45 -40.12 -11.71
N UNK A 1618 69.51 -39.68 -12.97
CA UNK A 1618 70.57 -38.79 -13.44
C UNK A 1618 70.34 -37.40 -12.87
N UNK A 1705 78.50 -44.64 -10.88
CA UNK A 1705 77.49 -45.46 -11.55
C UNK A 1705 77.98 -45.99 -12.92
N UNK A 1706 79.20 -46.52 -12.92
CA UNK A 1706 79.77 -47.16 -14.12
C UNK A 1706 79.09 -48.52 -14.42
N UNK A 1707 78.74 -49.24 -13.35
CA UNK A 1707 78.09 -50.59 -13.38
C UNK A 1707 76.58 -50.45 -13.30
N UNK A 1708 76.12 -49.57 -12.41
CA UNK A 1708 74.74 -49.12 -12.43
C UNK A 1708 74.36 -48.60 -13.83
N UNK A 1709 75.37 -48.52 -14.69
CA UNK A 1709 75.19 -48.17 -16.09
C UNK A 1709 74.76 -49.40 -16.83
N UNK A 1710 75.65 -50.41 -16.84
CA UNK A 1710 75.40 -51.76 -17.43
C UNK A 1710 74.36 -52.65 -16.69
N UNK A 1711 74.03 -52.31 -15.45
CA UNK A 1711 72.89 -52.92 -14.80
C UNK A 1711 71.59 -52.61 -15.55
N UNK A 1712 71.52 -51.48 -16.28
CA UNK A 1712 70.23 -50.91 -16.74
C UNK A 1712 69.62 -51.49 -18.04
N UNK A 1713 70.23 -51.20 -19.18
CA UNK A 1713 69.68 -51.60 -20.52
C UNK A 1713 69.61 -53.13 -20.67
N UNK A 1714 70.17 -53.81 -19.66
CA UNK A 1714 69.78 -55.18 -19.27
C UNK A 1714 68.25 -55.20 -19.12
N UNK A 1715 67.67 -54.01 -19.06
CA UNK A 1715 66.26 -53.84 -19.33
C UNK A 1715 65.98 -53.45 -20.82
N UNK A 1716 66.58 -52.35 -21.29
CA UNK A 1716 66.25 -51.87 -22.62
C UNK A 1716 67.39 -52.12 -23.58
N UNK A 1805 56.51 -45.28 -19.95
CA UNK A 1805 56.54 -46.45 -20.84
C UNK A 1805 57.46 -46.22 -22.02
N UNK A 1806 56.86 -45.84 -23.18
CA UNK A 1806 57.53 -45.35 -24.41
C UNK A 1806 58.50 -44.16 -24.15
N UNK A 1807 58.07 -43.24 -23.28
CA UNK A 1807 58.89 -42.14 -22.73
C UNK A 1807 60.28 -42.55 -22.13
N UNK A 1808 60.32 -43.68 -21.43
CA UNK A 1808 61.54 -44.14 -20.73
C UNK A 1808 62.74 -44.34 -21.64
N UNK A 1809 62.46 -44.62 -22.92
CA UNK A 1809 63.53 -44.87 -23.89
C UNK A 1809 64.07 -43.51 -24.17
N UNK A 1810 63.14 -42.60 -24.47
CA UNK A 1810 63.50 -41.22 -24.62
C UNK A 1810 64.42 -40.95 -23.41
N UNK A 1811 63.86 -41.07 -22.22
CA UNK A 1811 64.57 -40.69 -21.03
C UNK A 1811 65.81 -41.53 -20.72
N UNK A 1812 65.90 -42.73 -21.29
CA UNK A 1812 67.10 -43.52 -21.10
C UNK A 1812 68.14 -42.85 -21.97
N UNK A 1813 67.71 -42.59 -23.21
CA UNK A 1813 68.52 -41.86 -24.17
C UNK A 1813 68.67 -40.37 -23.79
N UNK A 1814 67.60 -39.76 -23.21
CA UNK A 1814 67.72 -38.46 -22.50
C UNK A 1814 68.49 -38.64 -21.16
N UNK A 1815 68.76 -39.90 -20.79
CA UNK A 1815 69.58 -40.25 -19.62
C UNK A 1815 71.02 -40.55 -20.05
N UNK A 1816 71.14 -41.06 -21.26
CA UNK A 1816 72.42 -41.03 -21.94
C UNK A 1816 72.42 -39.83 -22.91
N UNK A 1817 71.54 -38.86 -22.66
CA UNK A 1817 71.70 -37.52 -23.23
C UNK A 1817 72.87 -36.80 -22.52
N UNK A 1818 72.64 -36.36 -21.27
CA UNK A 1818 73.64 -35.60 -20.50
C UNK A 1818 74.93 -36.38 -20.20
N UNK A 1819 75.35 -37.24 -21.13
CA UNK A 1819 76.34 -38.30 -20.85
C UNK A 1819 77.58 -38.28 -21.80
N UNK A 1820 77.30 -37.94 -23.06
CA UNK A 1820 78.33 -37.80 -24.07
C UNK A 1820 78.70 -36.29 -24.36
N UNK A 1821 78.16 -35.38 -23.52
CA UNK A 1821 78.54 -33.97 -23.51
C UNK A 1821 79.75 -33.67 -22.59
N UNK A 1905 83.71 -47.12 -23.28
CA UNK A 1905 82.32 -47.16 -23.70
C UNK A 1905 82.11 -47.73 -25.11
N UNK A 1906 82.39 -49.03 -25.21
CA UNK A 1906 81.98 -49.87 -26.36
C UNK A 1906 80.64 -50.61 -26.04
N UNK A 1907 80.39 -50.75 -24.74
CA UNK A 1907 79.13 -51.26 -24.23
C UNK A 1907 78.04 -50.26 -24.52
N UNK A 1908 78.38 -49.25 -25.31
CA UNK A 1908 77.51 -48.12 -25.50
C UNK A 1908 76.83 -48.27 -26.83
N UNK A 1909 77.65 -48.52 -27.85
CA UNK A 1909 77.16 -48.69 -29.20
C UNK A 1909 75.94 -49.56 -29.09
N UNK A 1910 75.99 -50.45 -28.09
CA UNK A 1910 74.95 -51.46 -27.79
C UNK A 1910 73.53 -50.96 -27.93
N UNK A 1911 73.21 -49.78 -27.38
CA UNK A 1911 71.82 -49.36 -27.31
C UNK A 1911 71.36 -48.21 -28.20
N UNK A 1912 72.28 -47.34 -28.65
CA UNK A 1912 71.92 -46.26 -29.62
C UNK A 1912 71.81 -46.75 -31.08
N UNK A 1913 72.83 -47.54 -31.49
CA UNK A 1913 72.75 -48.32 -32.72
C UNK A 1913 71.68 -49.46 -32.63
N UNK A 1914 71.14 -49.67 -31.43
CA UNK A 1914 70.07 -50.63 -31.18
C UNK A 1914 68.71 -49.95 -31.22
N UNK A 1915 68.69 -48.65 -30.86
CA UNK A 1915 67.45 -47.89 -30.57
C UNK A 1915 66.98 -47.03 -31.74
N UNK A 1916 67.95 -46.61 -32.55
CA UNK A 1916 67.67 -45.79 -33.71
C UNK A 1916 67.04 -46.62 -34.83
N UNK A 2005 64.85 -38.29 -30.11
CA UNK A 2005 65.82 -37.28 -30.48
C UNK A 2005 67.28 -37.58 -30.07
N UNK A 2006 67.64 -38.87 -30.04
CA UNK A 2006 69.03 -39.33 -29.82
C UNK A 2006 69.98 -38.72 -30.85
N UNK A 2007 69.49 -37.64 -31.47
CA UNK A 2007 70.29 -36.75 -32.31
C UNK A 2007 71.35 -36.12 -31.43
N UNK A 2008 71.15 -36.17 -30.10
CA UNK A 2008 72.13 -35.66 -29.12
C UNK A 2008 73.48 -36.40 -29.16
N UNK A 2009 73.60 -37.51 -28.43
CA UNK A 2009 74.90 -38.14 -28.25
C UNK A 2009 75.57 -38.48 -29.57
N UNK A 2010 74.92 -38.13 -30.68
CA UNK A 2010 75.47 -38.25 -32.05
C UNK A 2010 76.51 -37.16 -32.23
N UNK A 2011 76.09 -35.97 -31.79
CA UNK A 2011 76.95 -34.85 -31.51
C UNK A 2011 78.20 -35.34 -30.74
N UNK A 2012 77.96 -36.22 -29.77
CA UNK A 2012 79.03 -36.90 -29.05
C UNK A 2012 79.71 -37.98 -29.92
N UNK A 2013 80.69 -37.53 -30.68
CA UNK A 2013 81.35 -38.31 -31.74
C UNK A 2013 81.63 -37.29 -32.86
N UNK A 2014 80.58 -36.57 -33.27
CA UNK A 2014 80.79 -35.31 -33.97
C UNK A 2014 81.90 -34.72 -33.12
N UNK A 2015 81.54 -34.44 -31.86
CA UNK A 2015 82.51 -34.19 -30.81
C UNK A 2015 83.41 -35.43 -30.70
N UNK A 2016 84.66 -35.32 -31.14
CA UNK A 2016 85.59 -36.49 -31.06
C UNK A 2016 87.12 -36.16 -30.96
N UNK A 2105 88.14 -49.95 -34.49
CA UNK A 2105 87.27 -50.21 -33.33
C UNK A 2105 85.79 -49.84 -33.58
N UNK A 2106 85.18 -49.16 -32.63
CA UNK A 2106 83.92 -48.50 -32.94
C UNK A 2106 84.26 -47.09 -33.51
N UNK A 2107 85.56 -46.90 -33.77
CA UNK A 2107 86.04 -45.87 -34.66
C UNK A 2107 85.53 -46.31 -36.02
N UNK A 2108 84.19 -46.43 -36.07
CA UNK A 2108 83.37 -46.91 -37.20
C UNK A 2108 81.94 -47.13 -36.71
N UNK A 2109 81.76 -47.58 -35.47
CA UNK A 2109 80.42 -47.62 -34.87
C UNK A 2109 79.99 -46.19 -34.55
N UNK A 2110 81.00 -45.30 -34.65
CA UNK A 2110 80.82 -43.84 -34.66
C UNK A 2110 80.45 -43.42 -36.08
N UNK A 2111 81.16 -43.97 -37.06
CA UNK A 2111 80.75 -43.87 -38.45
C UNK A 2111 79.48 -44.72 -38.64
N UNK A 2112 79.18 -45.50 -37.60
CA UNK A 2112 77.90 -46.18 -37.43
C UNK A 2112 77.00 -45.24 -36.65
N UNK A 2113 77.61 -44.11 -36.26
CA UNK A 2113 76.88 -42.90 -36.01
C UNK A 2113 76.93 -42.09 -37.31
N UNK A 2114 78.11 -42.00 -37.94
CA UNK A 2114 78.33 -41.11 -39.10
C UNK A 2114 77.48 -41.51 -40.30
N UNK A 2115 77.01 -42.74 -40.26
CA UNK A 2115 75.78 -43.06 -40.92
C UNK A 2115 74.68 -42.39 -40.08
N UNK A 2116 74.52 -42.87 -38.84
CA UNK A 2116 73.35 -42.61 -37.97
C UNK A 2116 72.70 -41.22 -38.01
N UNK A 2117 73.51 -40.20 -37.72
CA UNK A 2117 73.06 -38.81 -37.77
C UNK A 2117 72.69 -38.43 -39.21
N UNK A 2118 73.43 -38.99 -40.16
CA UNK A 2118 73.09 -38.96 -41.57
C UNK A 2118 71.62 -39.35 -41.81
N UNK A 2119 71.46 -40.59 -42.27
CA UNK A 2119 70.16 -41.25 -42.49
C UNK A 2119 68.87 -40.66 -41.88
N UNK A 2120 68.89 -40.29 -40.61
CA UNK A 2120 67.65 -39.90 -39.95
C UNK A 2120 67.19 -38.44 -40.16
N UNK A 2121 68.16 -37.52 -40.31
CA UNK A 2121 67.89 -36.09 -40.57
C UNK A 2121 67.52 -35.85 -42.02
N UNK A 2122 67.95 -36.74 -42.93
CA UNK A 2122 67.47 -36.68 -44.31
C UNK A 2122 65.98 -36.95 -44.39
N UNK A 2123 65.27 -36.68 -43.30
CA UNK A 2123 63.85 -37.04 -43.10
C UNK A 2123 63.16 -36.15 -42.04
N UNK A 2205 58.29 -29.89 -38.65
CA UNK A 2205 59.49 -29.95 -37.87
C UNK A 2205 60.63 -30.71 -38.59
N UNK A 2206 61.44 -31.41 -37.81
CA UNK A 2206 62.36 -32.41 -38.33
C UNK A 2206 63.54 -31.83 -39.06
N UNK A 2207 63.35 -31.50 -40.33
CA UNK A 2207 64.42 -31.00 -41.22
C UNK A 2207 65.42 -30.00 -40.58
N UNK A 2208 64.85 -29.06 -39.81
CA UNK A 2208 65.58 -28.03 -39.05
C UNK A 2208 67.00 -28.49 -38.66
N UNK A 2209 67.11 -29.71 -38.12
CA UNK A 2209 68.38 -30.29 -37.70
C UNK A 2209 69.22 -30.84 -38.86
N UNK A 2210 68.87 -30.42 -40.08
CA UNK A 2210 69.63 -30.81 -41.28
C UNK A 2210 70.80 -29.87 -41.56
N UNK A 2211 70.43 -28.61 -41.75
CA UNK A 2211 71.36 -27.49 -41.97
C UNK A 2211 71.77 -26.91 -40.63
N UNK A 2212 70.94 -27.15 -39.60
CA UNK A 2212 71.39 -27.07 -38.22
C UNK A 2212 72.42 -28.18 -37.87
N UNK A 2213 72.22 -29.39 -38.37
CA UNK A 2213 73.15 -30.48 -38.18
C UNK A 2213 74.41 -30.20 -39.01
N UNK A 2214 74.17 -29.57 -40.16
CA UNK A 2214 75.24 -29.27 -41.10
C UNK A 2214 75.02 -27.91 -41.85
N UNK A 2305 85.23 -23.84 -49.90
CA UNK A 2305 86.09 -23.72 -51.08
C UNK A 2305 86.11 -24.96 -52.01
N UNK A 2306 87.28 -25.60 -52.12
CA UNK A 2306 87.56 -26.77 -53.00
C UNK A 2306 87.34 -28.18 -52.32
N UNK A 2307 86.98 -28.15 -51.02
CA UNK A 2307 86.02 -29.07 -50.49
C UNK A 2307 85.17 -29.24 -51.72
N UNK A 2308 84.50 -28.16 -52.13
CA UNK A 2308 83.71 -28.04 -53.41
C UNK A 2308 83.52 -29.35 -54.20
N UNK A 2309 84.64 -29.86 -54.72
CA UNK A 2309 84.76 -31.18 -55.31
C UNK A 2309 84.29 -32.16 -54.24
N UNK A 2310 85.16 -32.42 -53.26
CA UNK A 2310 84.83 -33.29 -52.12
C UNK A 2310 83.72 -32.74 -51.20
N UNK A 2311 83.35 -31.46 -51.33
CA UNK A 2311 82.32 -30.92 -50.44
C UNK A 2311 81.00 -31.54 -50.82
N UNK A 2312 80.89 -31.84 -52.12
CA UNK A 2312 79.87 -32.78 -52.64
C UNK A 2312 80.30 -34.23 -52.38
N UNK A 2313 81.46 -34.60 -52.91
CA UNK A 2313 82.01 -35.96 -52.76
C UNK A 2313 82.32 -36.35 -51.32
N UNK A 2314 81.44 -35.95 -50.40
CA UNK A 2314 81.60 -36.28 -48.98
C UNK A 2314 80.33 -36.83 -48.37
N UNK A 2315 79.24 -36.11 -48.54
CA UNK A 2315 78.02 -36.44 -47.84
C UNK A 2315 76.89 -36.70 -48.82
N UNK A 2316 77.05 -36.24 -50.04
CA UNK A 2316 76.16 -36.67 -51.12
C UNK A 2316 76.45 -38.16 -51.32
N UNK A 2317 77.59 -38.58 -50.76
CA UNK A 2317 77.96 -39.97 -50.65
C UNK A 2317 77.52 -40.46 -49.25
N UNK A 2318 76.22 -40.73 -49.15
CA UNK A 2318 75.61 -41.14 -47.90
C UNK A 2318 74.37 -42.01 -48.13
N UNK A 2319 73.49 -41.56 -49.02
CA UNK A 2319 72.22 -42.26 -49.30
C UNK A 2319 71.65 -41.89 -50.65
N UNK A 2405 67.38 -42.87 -49.23
CA UNK A 2405 66.93 -41.48 -49.21
C UNK A 2405 67.92 -40.61 -49.98
N UNK A 2406 67.51 -40.12 -51.16
CA UNK A 2406 68.46 -39.45 -52.10
C UNK A 2406 67.95 -38.32 -53.00
N UNK A 2407 66.91 -38.54 -53.84
CA UNK A 2407 66.41 -37.53 -54.78
C UNK A 2407 66.56 -36.26 -54.03
N UNK A 2408 65.50 -35.91 -53.29
CA UNK A 2408 65.59 -34.79 -52.35
C UNK A 2408 67.02 -34.63 -51.80
N UNK A 2409 67.52 -35.68 -51.17
CA UNK A 2409 68.77 -35.59 -50.42
C UNK A 2409 70.00 -35.14 -51.23
N UNK A 2410 70.07 -35.53 -52.49
CA UNK A 2410 71.21 -35.20 -53.32
C UNK A 2410 71.27 -33.71 -53.49
N UNK A 2411 70.11 -33.09 -53.29
CA UNK A 2411 69.88 -31.67 -53.61
C UNK A 2411 70.31 -30.64 -52.54
N UNK A 2412 69.64 -30.61 -51.39
CA UNK A 2412 70.14 -29.83 -50.26
C UNK A 2412 71.60 -30.23 -49.89
N UNK A 2413 72.22 -30.99 -50.80
CA UNK A 2413 73.64 -31.18 -50.85
C UNK A 2413 74.13 -29.96 -51.56
N UNK A 2414 73.84 -29.91 -52.86
CA UNK A 2414 74.15 -28.76 -53.72
C UNK A 2414 73.11 -27.61 -53.58
N UNK A 2415 72.62 -27.41 -52.37
CA UNK A 2415 71.98 -26.18 -52.05
C UNK A 2415 73.12 -25.25 -51.72
N UNK A 2416 72.90 -24.43 -50.68
CA UNK A 2416 73.87 -23.51 -50.03
C UNK A 2416 75.19 -23.16 -50.73
N UNK A 2417 75.85 -24.15 -51.32
CA UNK A 2417 77.09 -24.01 -52.05
C UNK A 2417 77.79 -22.67 -51.88
N UNK A 2505 84.42 -27.57 -63.28
CA UNK A 2505 84.07 -27.96 -61.92
C UNK A 2505 82.81 -27.26 -61.46
N UNK A 2506 81.98 -26.91 -62.43
CA UNK A 2506 80.74 -26.23 -62.09
C UNK A 2506 79.52 -27.05 -62.52
N UNK A 2507 79.67 -27.70 -63.67
CA UNK A 2507 78.69 -28.63 -64.20
C UNK A 2507 78.12 -29.53 -63.10
N UNK A 2508 78.96 -29.80 -62.10
CA UNK A 2508 78.59 -30.46 -60.87
C UNK A 2508 77.27 -29.90 -60.31
N UNK A 2509 77.30 -28.64 -59.86
CA UNK A 2509 76.07 -27.93 -59.45
C UNK A 2509 75.47 -27.15 -60.63
N UNK A 2510 76.05 -27.35 -61.82
CA UNK A 2510 75.55 -26.75 -63.03
C UNK A 2510 74.17 -27.28 -63.38
N UNK A 2511 74.00 -28.59 -63.21
CA UNK A 2511 72.82 -29.34 -63.68
C UNK A 2511 71.90 -29.68 -62.53
N UNK A 2512 71.99 -28.91 -61.46
CA UNK A 2512 71.39 -29.32 -60.20
C UNK A 2512 70.01 -28.71 -59.82
N UNK A 2513 69.06 -28.65 -60.73
CA UNK A 2513 67.77 -27.98 -60.40
C UNK A 2513 66.49 -28.50 -61.07
N UNK A 2514 66.26 -29.82 -60.99
CA UNK A 2514 65.09 -30.47 -61.60
C UNK A 2514 64.05 -30.76 -60.54
N UNK A 2605 64.96 -24.01 -55.51
CA UNK A 2605 65.63 -23.59 -56.75
C UNK A 2605 65.61 -22.06 -56.85
N UNK A 2606 64.43 -21.49 -56.64
CA UNK A 2606 64.27 -20.05 -56.52
C UNK A 2606 64.80 -19.56 -55.16
N UNK A 2607 63.97 -19.53 -54.14
CA UNK A 2607 64.31 -19.02 -52.77
C UNK A 2607 65.69 -18.44 -52.54
N UNK A 2608 66.63 -18.82 -53.37
CA UNK A 2608 67.97 -18.27 -53.27
C UNK A 2608 68.32 -17.55 -54.57
N UNK A 2609 67.78 -18.04 -55.70
CA UNK A 2609 67.89 -17.33 -56.96
C UNK A 2609 67.33 -15.94 -56.74
N UNK A 2610 66.27 -15.87 -55.95
CA UNK A 2610 65.58 -14.59 -55.70
C UNK A 2610 66.45 -13.60 -54.94
N UNK A 2611 67.76 -13.66 -55.17
CA UNK A 2611 68.64 -12.78 -54.43
C UNK A 2611 69.40 -11.71 -55.26
N UNK A 2612 70.39 -12.16 -56.04
CA UNK A 2612 71.45 -11.26 -56.57
C UNK A 2612 71.07 -9.83 -57.15
N UNK A 2613 70.42 -9.81 -58.31
CA UNK A 2613 70.07 -8.56 -58.98
C UNK A 2613 69.27 -7.65 -58.07
N UNK A 2614 69.98 -6.84 -57.29
CA UNK A 2614 69.42 -5.61 -56.63
C UNK A 2614 70.51 -4.64 -56.14
N UNK B 105 -2.90 -49.21 -53.51
CA UNK B 105 -1.69 -49.78 -54.20
C UNK B 105 -0.68 -48.73 -54.78
N UNK B 106 -0.28 -48.98 -56.03
CA UNK B 106 0.59 -48.09 -56.79
C UNK B 106 -0.19 -46.95 -57.42
N UNK B 107 -1.51 -47.14 -57.57
CA UNK B 107 -2.42 -46.12 -58.14
C UNK B 107 -2.09 -44.70 -57.64
N UNK B 108 -1.98 -44.56 -56.32
CA UNK B 108 -1.58 -43.32 -55.67
C UNK B 108 -0.06 -43.07 -55.68
N UNK B 109 0.69 -44.00 -56.25
CA UNK B 109 2.10 -43.82 -56.54
C UNK B 109 2.19 -43.47 -58.02
N UNK B 110 1.09 -43.75 -58.73
CA UNK B 110 0.95 -43.49 -60.18
C UNK B 110 0.71 -42.00 -60.48
N UNK B 111 -0.32 -41.44 -59.85
CA UNK B 111 -0.60 -40.00 -59.88
C UNK B 111 0.29 -39.23 -58.88
N UNK B 112 1.18 -39.95 -58.21
CA UNK B 112 2.19 -39.33 -57.37
C UNK B 112 3.51 -39.26 -58.13
N UNK B 113 4.12 -40.41 -58.45
CA UNK B 113 5.41 -40.41 -59.17
C UNK B 113 5.29 -39.49 -60.43
N UNK B 114 4.03 -39.23 -60.79
CA UNK B 114 3.64 -38.15 -61.65
C UNK B 114 3.13 -37.03 -60.76
N UNK B 115 4.04 -36.51 -59.92
CA UNK B 115 3.97 -35.13 -59.36
C UNK B 115 5.36 -34.42 -59.36
N UNK B 116 6.39 -35.07 -58.81
CA UNK B 116 7.74 -34.61 -59.07
C UNK B 116 8.10 -34.81 -60.56
N UNK B 117 7.08 -34.70 -61.40
CA UNK B 117 7.26 -34.53 -62.81
C UNK B 117 6.19 -33.56 -63.23
N UNK B 118 5.19 -33.42 -62.35
CA UNK B 118 4.36 -32.22 -62.34
C UNK B 118 5.25 -31.01 -61.91
N UNK B 119 5.63 -30.96 -60.64
CA UNK B 119 6.29 -29.76 -60.12
C UNK B 119 7.83 -29.91 -59.91
N UNK B 120 8.43 -30.86 -60.58
CA UNK B 120 9.78 -30.65 -60.95
C UNK B 120 9.49 -29.77 -62.17
N UNK B 121 8.26 -29.87 -62.67
CA UNK B 121 7.99 -29.34 -63.98
C UNK B 121 7.69 -27.83 -64.00
N UNK B 122 7.01 -27.31 -62.98
CA UNK B 122 6.67 -25.88 -63.01
C UNK B 122 7.59 -25.17 -62.08
N UNK B 123 8.76 -25.76 -61.89
CA UNK B 123 9.92 -24.95 -61.62
C UNK B 123 10.41 -24.55 -63.01
N UNK B 124 10.22 -25.46 -63.96
CA UNK B 124 10.80 -25.26 -65.31
C UNK B 124 10.30 -24.06 -66.13
N UNK B 125 9.37 -23.28 -65.59
CA UNK B 125 8.99 -22.07 -66.26
C UNK B 125 8.74 -21.05 -65.19
N UNK B 126 9.34 -21.23 -64.03
CA UNK B 126 9.07 -20.30 -62.93
C UNK B 126 10.32 -19.61 -62.33
N UNK B 127 11.46 -20.32 -62.45
CA UNK B 127 12.73 -19.94 -61.85
C UNK B 127 13.87 -20.46 -62.72
N UNK B 205 2.22 -51.92 -52.26
CA UNK B 205 2.38 -50.65 -51.55
C UNK B 205 3.81 -50.40 -51.00
N UNK B 206 4.79 -51.01 -51.68
CA UNK B 206 6.20 -50.65 -51.53
C UNK B 206 6.48 -49.30 -52.20
N UNK B 207 6.61 -49.27 -53.54
CA UNK B 207 6.92 -48.03 -54.26
C UNK B 207 6.22 -46.82 -53.63
N UNK B 208 4.99 -47.00 -53.14
CA UNK B 208 4.35 -45.93 -52.38
C UNK B 208 5.35 -45.36 -51.35
N UNK B 209 5.78 -46.18 -50.38
CA UNK B 209 6.81 -45.82 -49.40
C UNK B 209 8.13 -46.46 -49.81
N UNK B 210 8.28 -46.56 -51.12
CA UNK B 210 9.59 -46.48 -51.77
C UNK B 210 9.81 -44.99 -52.03
N UNK B 211 8.87 -44.40 -52.79
CA UNK B 211 8.72 -42.96 -52.99
C UNK B 211 8.27 -42.23 -51.69
N UNK B 212 8.78 -42.75 -50.57
CA UNK B 212 8.93 -41.99 -49.34
C UNK B 212 10.12 -42.61 -48.65
N UNK B 213 10.76 -43.51 -49.38
CA UNK B 213 12.21 -43.54 -49.33
C UNK B 213 12.67 -42.27 -50.13
N UNK B 214 11.92 -42.00 -51.22
CA UNK B 214 11.93 -40.73 -51.99
C UNK B 214 11.46 -39.51 -51.16
N UNK B 215 10.19 -39.05 -51.29
CA UNK B 215 9.70 -37.92 -50.49
C UNK B 215 10.29 -37.88 -49.08
N UNK B 216 11.25 -38.76 -48.85
CA UNK B 216 12.02 -38.73 -47.62
C UNK B 216 13.45 -38.43 -48.02
N UNK B 217 14.20 -39.45 -48.45
CA UNK B 217 15.63 -39.24 -48.69
C UNK B 217 15.94 -38.09 -49.69
N UNK B 218 14.90 -37.40 -50.16
CA UNK B 218 15.03 -36.20 -51.02
C UNK B 218 14.95 -34.86 -50.22
N UNK B 219 14.07 -34.78 -49.22
CA UNK B 219 14.25 -33.72 -48.23
C UNK B 219 15.71 -33.79 -47.76
N UNK B 220 16.21 -35.02 -47.75
CA UNK B 220 17.45 -35.35 -47.09
C UNK B 220 18.63 -34.60 -47.71
N UNK B 221 18.73 -34.64 -49.04
CA UNK B 221 19.80 -33.96 -49.75
C UNK B 221 20.20 -32.64 -49.04
N UNK B 222 19.20 -31.75 -48.89
CA UNK B 222 19.27 -30.54 -48.06
C UNK B 222 18.61 -30.74 -46.67
N UNK B 223 19.21 -31.63 -45.85
CA UNK B 223 18.76 -31.92 -44.48
C UNK B 223 19.90 -32.42 -43.54
N UNK B 305 -17.59 -28.06 -46.08
CA UNK B 305 -16.58 -28.16 -47.12
C UNK B 305 -15.16 -27.73 -46.67
N UNK B 306 -15.09 -27.12 -45.46
CA UNK B 306 -13.83 -26.73 -44.80
C UNK B 306 -12.85 -27.90 -44.56
N UNK B 307 -13.41 -29.04 -44.07
CA UNK B 307 -12.72 -30.29 -43.70
C UNK B 307 -12.26 -31.05 -44.94
N UNK B 308 -12.99 -30.83 -46.02
CA UNK B 308 -12.60 -31.22 -47.36
C UNK B 308 -11.52 -30.28 -47.93
N UNK B 309 -11.09 -29.32 -47.11
CA UNK B 309 -10.19 -28.26 -47.56
C UNK B 309 -9.04 -28.03 -46.59
N UNK B 310 -9.39 -27.67 -45.36
CA UNK B 310 -8.41 -27.50 -44.30
C UNK B 310 -7.41 -28.66 -44.29
N UNK B 311 -7.88 -29.85 -43.90
CA UNK B 311 -7.20 -31.15 -44.13
C UNK B 311 -5.82 -31.01 -44.80
N UNK B 312 -5.79 -30.56 -46.05
CA UNK B 312 -4.55 -30.48 -46.83
C UNK B 312 -3.58 -29.32 -46.49
N UNK B 313 -3.92 -28.47 -45.52
CA UNK B 313 -2.89 -27.66 -44.89
C UNK B 313 -2.24 -28.48 -43.75
N UNK B 314 -3.00 -29.44 -43.22
CA UNK B 314 -2.55 -30.35 -42.15
C UNK B 314 -1.89 -31.61 -42.72
N UNK B 315 -2.47 -32.09 -43.80
CA UNK B 315 -1.87 -33.17 -44.58
C UNK B 315 -0.59 -32.66 -45.19
N UNK B 316 -0.47 -31.33 -45.25
CA UNK B 316 0.63 -30.57 -45.87
C UNK B 316 1.85 -30.39 -44.93
N UNK B 317 1.64 -29.53 -43.93
CA UNK B 317 2.56 -29.41 -42.83
C UNK B 317 3.18 -30.78 -42.58
N UNK B 318 2.31 -31.74 -42.23
CA UNK B 318 2.64 -33.13 -41.92
C UNK B 318 4.08 -33.56 -42.24
N UNK B 319 4.50 -33.33 -43.48
CA UNK B 319 5.82 -33.74 -43.96
C UNK B 319 6.95 -33.34 -43.03
N UNK B 405 15.67 -24.81 -48.39
CA UNK B 405 14.40 -25.00 -47.73
C UNK B 405 13.22 -25.05 -48.72
N UNK B 406 13.50 -25.58 -49.92
CA UNK B 406 12.40 -25.78 -50.87
C UNK B 406 12.49 -27.01 -51.81
N UNK B 407 13.29 -28.01 -51.44
CA UNK B 407 12.97 -29.41 -51.81
C UNK B 407 11.60 -29.55 -51.16
N UNK B 408 11.65 -29.59 -49.83
CA UNK B 408 10.51 -29.37 -48.95
C UNK B 408 9.37 -28.50 -49.50
N UNK B 409 9.65 -27.76 -50.57
CA UNK B 409 8.58 -27.02 -51.21
C UNK B 409 8.06 -27.82 -52.37
N UNK B 410 8.98 -28.55 -53.01
CA UNK B 410 8.74 -29.43 -54.16
C UNK B 410 7.67 -30.47 -53.83
N UNK B 411 8.15 -31.44 -53.05
CA UNK B 411 7.35 -32.30 -52.21
C UNK B 411 6.01 -31.62 -51.82
N UNK B 412 6.10 -30.55 -51.04
CA UNK B 412 4.92 -29.80 -50.66
C UNK B 412 3.83 -29.70 -51.78
N UNK B 413 4.21 -29.28 -52.99
CA UNK B 413 3.23 -29.15 -54.08
C UNK B 413 2.34 -30.39 -54.25
N UNK B 414 2.89 -31.55 -53.82
CA UNK B 414 2.54 -32.92 -54.30
C UNK B 414 1.17 -33.56 -53.98
N UNK B 415 0.95 -33.91 -52.70
CA UNK B 415 -0.27 -34.61 -52.26
C UNK B 415 -1.39 -33.88 -52.93
N UNK B 416 -1.74 -32.75 -52.32
CA UNK B 416 -2.51 -31.66 -52.95
C UNK B 416 -3.00 -31.85 -54.42
N UNK B 417 -2.27 -32.66 -55.21
CA UNK B 417 -2.44 -32.68 -56.67
C UNK B 417 -2.71 -34.07 -57.29
N UNK B 419 -6.13 -34.52 -54.44
CA UNK B 419 -6.69 -33.91 -53.19
C UNK B 419 -7.96 -33.11 -53.41
N UNK B 420 -8.53 -33.35 -54.58
CA UNK B 420 -9.90 -32.99 -54.88
C UNK B 420 -10.49 -33.93 -55.95
N UNK B 421 -9.61 -34.74 -56.57
CA UNK B 421 -9.99 -35.77 -57.59
C UNK B 421 -10.47 -37.06 -56.91
N UNK B 422 -9.77 -37.41 -55.83
CA UNK B 422 -10.28 -38.29 -54.80
C UNK B 422 -11.71 -37.88 -54.60
N UNK B 423 -11.90 -36.86 -53.76
CA UNK B 423 -13.21 -36.23 -53.52
C UNK B 423 -14.29 -36.43 -54.61
N UNK B 505 -13.09 -40.05 -52.28
CA UNK B 505 -12.06 -39.85 -51.26
C UNK B 505 -11.21 -41.10 -51.02
N UNK B 506 -11.48 -42.14 -51.81
CA UNK B 506 -10.76 -43.42 -51.77
C UNK B 506 -9.24 -43.27 -51.61
N UNK B 507 -8.58 -43.16 -52.78
CA UNK B 507 -7.18 -42.69 -52.95
C UNK B 507 -6.67 -41.70 -51.90
N UNK B 508 -7.41 -40.59 -51.73
CA UNK B 508 -7.09 -39.63 -50.69
C UNK B 508 -6.86 -40.38 -49.39
N UNK B 509 -7.97 -40.85 -48.78
CA UNK B 509 -7.94 -41.52 -47.46
C UNK B 509 -6.88 -42.63 -47.41
N UNK B 510 -6.78 -43.40 -48.50
CA UNK B 510 -5.67 -44.31 -48.70
C UNK B 510 -4.30 -43.57 -48.70
N UNK B 511 -4.29 -42.42 -49.39
CA UNK B 511 -3.05 -41.69 -49.78
C UNK B 511 -2.64 -40.61 -48.78
N UNK B 512 -3.56 -40.22 -47.92
CA UNK B 512 -3.16 -39.59 -46.67
C UNK B 512 -2.70 -40.71 -45.72
N UNK B 513 -3.28 -41.92 -45.90
CA UNK B 513 -2.92 -43.12 -45.12
C UNK B 513 -1.50 -43.60 -45.40
N UNK B 514 -1.13 -43.62 -46.67
CA UNK B 514 0.22 -43.98 -47.06
C UNK B 514 1.28 -43.05 -46.41
N UNK B 515 1.14 -41.75 -46.67
CA UNK B 515 1.94 -40.71 -46.02
C UNK B 515 2.07 -41.10 -44.57
N UNK B 516 0.90 -41.22 -43.94
CA UNK B 516 0.75 -41.70 -42.55
C UNK B 516 1.50 -43.00 -42.35
N UNK B 517 1.25 -43.97 -43.23
CA UNK B 517 2.02 -45.20 -43.23
C UNK B 517 3.46 -44.80 -43.01
N UNK B 518 3.97 -44.02 -43.97
CA UNK B 518 5.39 -43.67 -44.05
C UNK B 518 5.85 -42.92 -42.81
N UNK B 519 4.92 -42.49 -41.97
CA UNK B 519 5.31 -41.81 -40.74
C UNK B 519 6.30 -42.62 -39.88
N UNK B 520 5.75 -43.45 -39.00
CA UNK B 520 6.55 -44.15 -37.97
C UNK B 520 7.70 -45.04 -38.53
N UNK B 521 7.60 -45.42 -39.80
CA UNK B 521 8.66 -46.18 -40.49
C UNK B 521 10.02 -45.44 -40.53
N UNK B 522 10.12 -44.33 -39.80
CA UNK B 522 11.30 -43.46 -39.89
C UNK B 522 11.75 -42.97 -38.50
N UNK B 523 10.79 -42.77 -37.62
CA UNK B 523 11.10 -42.26 -36.30
C UNK B 523 11.92 -43.31 -35.53
N UNK B 524 11.71 -44.58 -35.86
CA UNK B 524 12.43 -45.68 -35.21
C UNK B 524 13.32 -46.53 -36.17
N UNK B 605 -1.15 -40.64 -38.72
CA UNK B 605 -1.94 -39.46 -38.36
C UNK B 605 -2.30 -39.51 -36.88
N UNK B 606 -2.15 -40.71 -36.30
CA UNK B 606 -2.18 -40.87 -34.84
C UNK B 606 -0.75 -40.85 -34.32
N UNK B 607 0.18 -41.09 -35.24
CA UNK B 607 1.60 -40.75 -35.04
C UNK B 607 1.93 -39.24 -35.42
N UNK B 608 1.21 -38.74 -36.44
CA UNK B 608 1.28 -37.36 -36.92
C UNK B 608 0.67 -36.53 -35.84
N UNK B 609 -0.47 -36.95 -35.32
CA UNK B 609 -1.01 -36.26 -34.16
C UNK B 609 0.01 -36.25 -33.02
N UNK B 610 1.18 -36.89 -33.24
CA UNK B 610 2.29 -36.80 -32.26
C UNK B 610 3.74 -37.04 -32.76
N UNK B 611 4.25 -36.04 -33.48
CA UNK B 611 5.62 -35.56 -33.26
C UNK B 611 5.32 -34.23 -32.56
N UNK B 612 4.32 -33.57 -33.13
CA UNK B 612 3.68 -32.33 -32.66
C UNK B 612 3.37 -32.29 -31.14
N UNK B 613 4.22 -32.94 -30.35
CA UNK B 613 4.16 -32.83 -28.89
C UNK B 613 5.57 -32.64 -28.46
N UNK B 614 6.48 -33.10 -29.31
CA UNK B 614 7.91 -32.91 -29.10
C UNK B 614 8.43 -31.64 -29.79
N UNK B 615 7.69 -31.17 -30.80
CA UNK B 615 7.99 -29.93 -31.48
C UNK B 615 7.20 -28.76 -30.82
N UNK B 616 5.91 -28.62 -31.10
CA UNK B 616 5.16 -27.62 -30.38
C UNK B 616 5.28 -27.79 -28.85
N UNK B 617 6.49 -28.14 -28.36
CA UNK B 617 6.73 -28.38 -26.90
C UNK B 617 8.20 -28.40 -26.47
N UNK B 618 9.09 -28.93 -27.31
CA UNK B 618 10.53 -28.66 -27.14
C UNK B 618 10.90 -27.24 -27.66
N UNK B 619 9.85 -26.40 -27.84
CA UNK B 619 9.92 -25.09 -28.49
C UNK B 619 9.50 -23.98 -27.53
N UNK B 705 -8.61 -20.42 -46.67
CA UNK B 705 -7.79 -19.78 -47.68
C UNK B 705 -6.37 -19.78 -47.14
N UNK B 706 -6.30 -20.02 -45.83
CA UNK B 706 -5.07 -20.20 -45.05
C UNK B 706 -3.83 -20.69 -45.77
N UNK B 707 -3.99 -21.48 -46.84
CA UNK B 707 -2.86 -21.92 -47.66
C UNK B 707 -3.13 -21.79 -49.16
N UNK B 708 -4.38 -21.49 -49.51
CA UNK B 708 -4.68 -20.88 -50.81
C UNK B 708 -4.01 -19.51 -50.78
N UNK B 709 -3.28 -19.27 -49.69
CA UNK B 709 -2.22 -18.28 -49.58
C UNK B 709 -0.85 -18.94 -49.90
N UNK B 710 -0.55 -20.03 -49.19
CA UNK B 710 0.82 -20.63 -49.07
C UNK B 710 1.62 -21.11 -50.33
N UNK B 711 0.91 -21.48 -51.39
CA UNK B 711 1.55 -21.77 -52.68
C UNK B 711 1.66 -20.46 -53.44
N UNK B 712 0.54 -19.74 -53.46
CA UNK B 712 0.48 -18.37 -53.91
C UNK B 712 1.29 -17.48 -52.90
N UNK B 713 2.48 -17.98 -52.54
CA UNK B 713 3.49 -17.27 -51.76
C UNK B 713 4.79 -18.06 -51.96
N UNK B 714 4.66 -19.38 -52.00
CA UNK B 714 5.79 -20.24 -52.24
C UNK B 714 6.27 -19.93 -53.66
N UNK B 715 5.30 -19.82 -54.57
CA UNK B 715 5.56 -19.57 -55.99
C UNK B 715 5.69 -18.07 -56.35
N UNK B 716 6.18 -17.28 -55.36
CA UNK B 716 6.92 -16.00 -55.58
C UNK B 716 8.40 -16.27 -55.21
N UNK B 717 8.77 -16.01 -53.95
CA UNK B 717 10.15 -16.23 -53.47
C UNK B 717 11.21 -16.69 -54.52
N UNK B 718 11.00 -17.84 -55.16
CA UNK B 718 11.93 -18.29 -56.20
C UNK B 718 11.34 -18.09 -57.62
N UNK B 805 1.78 -21.77 -34.79
CA UNK B 805 1.45 -22.34 -33.47
C UNK B 805 -0.07 -22.67 -33.29
N UNK B 806 -0.61 -23.27 -34.36
CA UNK B 806 -1.82 -24.07 -34.32
C UNK B 806 -1.79 -25.13 -35.44
N UNK B 807 -0.92 -26.12 -35.24
CA UNK B 807 -0.91 -27.41 -35.99
C UNK B 807 -1.33 -28.60 -35.08
N UNK B 808 -2.48 -28.47 -34.40
CA UNK B 808 -2.80 -29.33 -33.26
C UNK B 808 -4.13 -28.98 -32.60
N UNK B 809 -4.54 -27.73 -32.71
CA UNK B 809 -5.94 -27.43 -32.51
C UNK B 809 -6.53 -27.74 -33.85
N UNK B 810 -5.63 -27.76 -34.85
CA UNK B 810 -5.85 -28.28 -36.20
C UNK B 810 -6.45 -29.65 -36.02
N UNK B 811 -5.64 -30.48 -35.35
CA UNK B 811 -5.95 -31.84 -34.87
C UNK B 811 -7.16 -31.89 -33.92
N UNK B 812 -7.28 -30.93 -33.01
CA UNK B 812 -8.45 -30.85 -32.17
C UNK B 812 -9.73 -30.83 -33.05
N UNK B 813 -9.57 -30.46 -34.33
CA UNK B 813 -10.70 -30.35 -35.24
C UNK B 813 -10.66 -31.41 -36.31
N UNK B 814 -9.47 -31.90 -36.64
CA UNK B 814 -9.36 -33.06 -37.53
C UNK B 814 -10.03 -34.30 -36.85
N UNK B 815 -9.73 -34.52 -35.57
CA UNK B 815 -10.50 -35.43 -34.76
C UNK B 815 -11.96 -35.01 -34.88
N UNK B 816 -12.19 -33.70 -34.69
CA UNK B 816 -13.53 -33.13 -34.65
C UNK B 816 -14.13 -33.03 -36.08
N UNK B 817 -13.27 -33.17 -37.07
CA UNK B 817 -13.73 -33.24 -38.44
C UNK B 817 -14.52 -34.53 -38.53
N UNK B 818 -14.10 -35.52 -37.73
CA UNK B 818 -14.64 -36.91 -37.74
C UNK B 818 -15.84 -37.13 -36.78
N UNK B 819 -15.67 -36.66 -35.54
CA UNK B 819 -16.75 -36.58 -34.52
C UNK B 819 -17.94 -35.78 -35.05
N UNK B 820 -17.99 -35.75 -36.39
CA UNK B 820 -18.95 -35.01 -37.17
C UNK B 820 -19.17 -35.79 -38.45
N UNK B 821 -18.09 -36.42 -38.94
CA UNK B 821 -18.11 -37.24 -40.16
C UNK B 821 -19.16 -38.37 -40.07
N UNK B 822 -19.05 -39.19 -39.02
CA UNK B 822 -20.05 -40.23 -38.70
C UNK B 822 -21.18 -39.72 -37.77
N UNK B 823 -20.84 -39.35 -36.51
CA UNK B 823 -21.79 -39.16 -35.41
C UNK B 823 -22.87 -38.07 -35.60
N UNK B 905 -3.72 -41.73 -40.37
CA UNK B 905 -4.41 -42.80 -39.65
C UNK B 905 -5.54 -42.23 -38.82
N UNK B 906 -5.19 -41.31 -37.93
CA UNK B 906 -6.16 -40.53 -37.18
C UNK B 906 -7.39 -40.16 -38.03
N UNK B 907 -7.33 -38.99 -38.70
CA UNK B 907 -8.47 -38.42 -39.44
C UNK B 907 -8.33 -38.65 -40.94
N UNK B 908 -7.16 -39.11 -41.34
CA UNK B 908 -7.01 -39.73 -42.66
C UNK B 908 -7.94 -40.98 -42.80
N UNK B 909 -7.69 -41.95 -41.91
CA UNK B 909 -8.35 -43.26 -41.90
C UNK B 909 -9.78 -43.14 -41.38
N UNK B 910 -10.03 -42.22 -40.47
CA UNK B 910 -11.41 -41.95 -40.14
C UNK B 910 -12.19 -41.73 -41.43
N UNK B 911 -11.58 -41.00 -42.37
CA UNK B 911 -12.26 -40.53 -43.59
C UNK B 911 -12.73 -41.64 -44.58
N UNK B 912 -11.92 -42.70 -44.70
CA UNK B 912 -12.30 -43.90 -45.44
C UNK B 912 -13.71 -44.34 -45.03
N UNK B 913 -14.20 -43.71 -43.96
CA UNK B 913 -15.53 -43.96 -43.40
C UNK B 913 -16.50 -42.81 -43.65
N UNK B 914 -16.51 -42.29 -44.88
CA UNK B 914 -17.44 -41.22 -45.24
C UNK B 914 -18.55 -41.68 -46.19
N UNK B 1005 15.37 -42.95 -59.03
CA UNK B 1005 14.45 -42.90 -57.87
C UNK B 1005 15.10 -42.39 -56.60
N UNK B 1006 16.43 -42.27 -56.63
CA UNK B 1006 17.14 -41.45 -55.66
C UNK B 1006 18.06 -40.48 -56.40
N UNK B 1007 18.28 -40.78 -57.67
CA UNK B 1007 19.04 -39.94 -58.61
C UNK B 1007 18.14 -38.87 -59.18
N UNK B 1008 16.97 -39.19 -59.73
CA UNK B 1008 15.96 -38.13 -59.91
C UNK B 1008 15.66 -37.45 -58.55
N UNK B 1009 16.18 -38.00 -57.47
CA UNK B 1009 16.23 -37.22 -56.23
C UNK B 1009 17.39 -36.13 -56.17
N UNK B 1010 18.42 -36.30 -57.02
CA UNK B 1010 19.33 -35.20 -57.40
C UNK B 1010 18.61 -34.22 -58.34
N UNK B 1011 18.20 -34.67 -59.52
CA UNK B 1011 17.13 -33.94 -60.21
C UNK B 1011 16.35 -33.03 -59.24
N UNK B 1012 15.82 -33.62 -58.18
CA UNK B 1012 15.12 -32.81 -57.18
C UNK B 1012 15.94 -31.55 -56.68
N UNK B 1013 17.01 -31.79 -55.92
CA UNK B 1013 17.66 -30.74 -55.12
C UNK B 1013 18.38 -29.79 -55.99
N UNK B 1014 19.40 -30.26 -56.74
CA UNK B 1014 20.08 -29.37 -57.75
C UNK B 1014 19.11 -28.27 -58.27
N UNK B 1015 18.07 -28.70 -59.00
CA UNK B 1015 16.89 -27.87 -59.25
C UNK B 1015 16.53 -26.90 -58.10
N UNK B 1016 15.69 -27.31 -57.16
CA UNK B 1016 15.18 -26.33 -56.17
C UNK B 1016 16.34 -25.67 -55.48
N UNK B 1017 17.55 -26.12 -55.84
CA UNK B 1017 18.79 -25.48 -55.38
C UNK B 1017 19.15 -24.23 -56.23
N UNK B 1018 19.16 -24.43 -57.57
CA UNK B 1018 18.96 -23.32 -58.55
C UNK B 1018 17.84 -22.34 -58.11
N UNK B 1019 16.62 -22.50 -58.61
CA UNK B 1019 15.59 -21.47 -58.42
C UNK B 1019 15.64 -20.49 -57.21
N UNK B 1020 16.70 -20.57 -56.40
CA UNK B 1020 16.81 -19.86 -55.10
C UNK B 1020 16.83 -18.31 -55.18
N UNK B 1021 17.82 -17.77 -55.92
CA UNK B 1021 17.87 -16.33 -56.25
C UNK B 1021 17.41 -15.94 -57.71
N UNK B 1022 16.29 -16.52 -58.16
CA UNK B 1022 15.72 -16.32 -59.52
C UNK B 1022 14.15 -16.27 -59.53
N UNK B 1105 14.94 -45.51 -69.84
CA UNK B 1105 15.01 -44.78 -68.59
C UNK B 1105 16.37 -44.16 -68.36
N UNK B 1106 17.40 -45.01 -68.18
CA UNK B 1106 18.78 -44.55 -67.83
C UNK B 1106 19.49 -43.62 -68.84
N UNK B 1107 18.71 -43.05 -69.76
CA UNK B 1107 19.07 -41.81 -70.39
C UNK B 1107 18.29 -40.70 -69.68
N UNK B 1108 16.99 -40.62 -69.95
CA UNK B 1108 16.11 -39.55 -69.47
C UNK B 1108 16.59 -38.83 -68.19
N UNK B 1109 17.42 -39.52 -67.42
CA UNK B 1109 17.88 -39.03 -66.14
C UNK B 1109 19.38 -38.73 -66.26
N UNK B 1110 19.73 -38.40 -67.51
CA UNK B 1110 20.83 -37.46 -67.88
C UNK B 1110 20.19 -36.11 -68.38
N UNK B 1111 19.68 -36.09 -69.62
CA UNK B 1111 18.93 -34.95 -70.13
C UNK B 1111 17.76 -34.57 -69.22
N UNK B 1112 18.06 -34.51 -67.92
CA UNK B 1112 17.22 -33.85 -66.91
C UNK B 1112 18.22 -33.38 -65.87
N UNK B 1113 19.32 -34.14 -65.82
CA UNK B 1113 20.52 -33.77 -65.13
C UNK B 1113 21.13 -32.66 -65.97
N UNK B 1114 21.84 -33.08 -67.03
CA UNK B 1114 22.34 -32.12 -68.01
C UNK B 1114 21.30 -31.01 -68.22
N UNK B 1115 20.03 -31.29 -68.21
CA UNK B 1115 19.20 -30.16 -68.21
C UNK B 1115 18.94 -29.63 -66.79
N UNK B 1116 20.01 -29.17 -66.11
CA UNK B 1116 19.93 -28.51 -64.75
C UNK B 1116 21.16 -27.62 -64.43
N UNK B 1117 22.01 -27.55 -65.45
CA UNK B 1117 23.09 -26.58 -65.67
C UNK B 1117 22.55 -25.26 -66.39
N UNK B 1118 21.46 -25.44 -67.10
CA UNK B 1118 20.60 -24.36 -67.51
C UNK B 1118 20.13 -23.62 -66.26
N UNK B 1205 5.37 -38.83 -70.74
CA UNK B 1205 6.21 -39.94 -70.28
C UNK B 1205 7.17 -40.36 -71.37
N UNK B 1206 6.71 -40.28 -72.62
CA UNK B 1206 7.57 -40.32 -73.80
C UNK B 1206 7.79 -38.91 -74.32
N UNK B 1207 6.84 -38.03 -74.02
CA UNK B 1207 6.94 -36.64 -74.39
C UNK B 1207 7.57 -35.89 -73.24
N UNK B 1208 7.37 -36.37 -72.01
CA UNK B 1208 7.74 -35.58 -70.82
C UNK B 1208 9.25 -35.46 -70.52
N UNK B 1209 10.05 -35.85 -71.50
CA UNK B 1209 11.43 -35.37 -71.62
C UNK B 1209 11.46 -34.13 -72.52
N UNK B 1210 10.69 -34.17 -73.62
CA UNK B 1210 10.54 -33.03 -74.55
C UNK B 1210 10.25 -31.70 -73.86
N UNK B 1211 8.99 -31.47 -73.51
CA UNK B 1211 8.61 -30.28 -72.73
C UNK B 1211 9.83 -29.74 -71.99
N UNK B 1212 10.38 -30.58 -71.13
CA UNK B 1212 11.50 -30.24 -70.28
C UNK B 1212 12.66 -29.56 -71.02
N UNK B 1213 12.95 -30.03 -72.23
CA UNK B 1213 14.06 -29.49 -73.02
C UNK B 1213 13.76 -28.21 -73.85
N UNK B 1214 12.63 -28.17 -74.57
CA UNK B 1214 12.16 -26.94 -75.23
C UNK B 1214 11.76 -25.85 -74.21
N UNK B 1215 12.43 -25.89 -73.07
CA UNK B 1215 12.32 -24.87 -72.05
C UNK B 1215 13.62 -24.82 -71.30
N UNK B 1216 14.58 -25.62 -71.73
CA UNK B 1216 15.85 -25.57 -71.04
C UNK B 1216 16.96 -25.46 -72.03
N UNK B 1217 16.58 -25.17 -73.28
CA UNK B 1217 17.52 -24.61 -74.29
C UNK B 1217 17.32 -23.05 -74.47
N UNK B 1218 16.12 -22.55 -74.19
CA UNK B 1218 15.98 -21.16 -73.85
C UNK B 1218 16.90 -20.83 -72.65
N UNK B 1219 17.13 -21.79 -71.77
CA UNK B 1219 17.44 -21.50 -70.36
C UNK B 1219 18.89 -21.56 -69.88
N UNK B 1220 19.77 -22.16 -70.67
CA UNK B 1220 21.21 -21.94 -70.57
C UNK B 1220 21.66 -21.04 -71.76
N UNK B 1221 20.66 -20.51 -72.47
CA UNK B 1221 20.85 -19.52 -73.52
C UNK B 1221 19.97 -18.27 -73.31
N UNK B 1305 5.50 -46.84 -77.61
CA UNK B 1305 6.17 -46.52 -78.86
C UNK B 1305 5.33 -45.66 -79.84
N UNK B 1306 5.25 -46.09 -81.10
CA UNK B 1306 4.56 -45.36 -82.16
C UNK B 1306 5.06 -43.93 -82.24
N UNK B 1307 4.17 -42.97 -81.93
CA UNK B 1307 4.49 -41.54 -82.04
C UNK B 1307 5.45 -41.15 -80.93
N UNK B 1308 5.19 -41.67 -79.74
CA UNK B 1308 6.02 -41.42 -78.57
C UNK B 1308 7.46 -40.98 -78.88
N UNK B 1309 8.04 -41.56 -79.93
CA UNK B 1309 9.48 -41.41 -80.16
C UNK B 1309 9.91 -41.18 -81.59
N UNK B 1310 9.04 -40.54 -82.35
CA UNK B 1310 9.52 -39.69 -83.42
C UNK B 1310 10.11 -38.48 -82.64
N UNK B 1311 9.34 -37.95 -81.69
CA UNK B 1311 9.80 -36.90 -80.78
C UNK B 1311 10.91 -37.38 -79.84
N UNK B 1312 10.72 -38.47 -79.11
CA UNK B 1312 11.85 -39.02 -78.36
C UNK B 1312 12.86 -39.65 -79.33
N UNK B 1313 12.81 -39.11 -80.57
CA UNK B 1313 13.94 -39.06 -81.50
C UNK B 1313 14.19 -37.58 -81.72
N UNK B 1314 13.17 -36.91 -82.24
CA UNK B 1314 13.19 -35.45 -82.39
C UNK B 1314 13.71 -34.76 -81.13
N UNK B 1315 13.76 -35.50 -80.03
CA UNK B 1315 14.33 -34.99 -78.82
C UNK B 1315 15.78 -35.15 -79.09
N UNK B 1316 16.24 -36.39 -79.06
CA UNK B 1316 17.66 -36.60 -79.26
C UNK B 1316 18.10 -36.07 -80.63
N UNK B 1317 17.13 -35.73 -81.50
CA UNK B 1317 17.47 -35.26 -82.85
C UNK B 1317 18.09 -33.85 -82.82
N UNK B 1318 17.26 -32.79 -82.82
CA UNK B 1318 17.70 -31.36 -82.77
C UNK B 1318 19.05 -31.20 -82.04
N UNK B 1319 18.93 -31.04 -80.72
CA UNK B 1319 19.98 -31.37 -79.76
C UNK B 1319 20.94 -32.47 -80.29
N UNK B 1405 12.35 -47.56 -81.06
CA UNK B 1405 11.22 -46.54 -80.89
C UNK B 1405 11.36 -45.66 -79.62
N UNK B 1406 12.30 -46.08 -78.79
CA UNK B 1406 12.90 -45.35 -77.74
C UNK B 1406 14.29 -46.06 -77.87
N UNK B 1407 14.75 -46.33 -79.13
CA UNK B 1407 16.21 -46.23 -79.45
C UNK B 1407 16.80 -46.77 -80.74
N UNK B 1408 15.96 -47.03 -81.73
CA UNK B 1408 16.47 -47.20 -83.16
C UNK B 1408 16.58 -45.77 -83.69
N UNK B 1409 17.50 -45.10 -82.97
CA UNK B 1409 17.33 -43.71 -82.38
C UNK B 1409 18.42 -43.22 -81.33
N UNK B 1410 19.70 -43.40 -81.73
CA UNK B 1410 20.88 -43.06 -80.93
C UNK B 1410 22.09 -43.95 -81.26
N UNK B 1411 22.10 -44.43 -82.49
CA UNK B 1411 23.36 -44.92 -82.99
C UNK B 1411 23.27 -45.07 -84.47
N UNK B 1412 22.37 -44.21 -84.94
CA UNK B 1412 22.82 -43.20 -85.92
C UNK B 1412 23.13 -41.64 -85.22
N UNK B 1413 22.10 -40.92 -84.66
CA UNK B 1413 22.26 -39.90 -83.58
C UNK B 1413 23.38 -40.28 -82.58
N UNK B 1414 24.21 -41.14 -83.14
CA UNK B 1414 25.59 -41.25 -82.93
C UNK B 1414 26.09 -42.18 -84.01
N UNK B 1415 25.43 -42.14 -85.12
CA UNK B 1415 26.05 -42.64 -86.35
C UNK B 1415 26.41 -41.32 -87.05
N UNK B 1416 27.75 -41.01 -87.00
CA UNK B 1416 28.34 -39.63 -86.81
C UNK B 1416 28.08 -38.90 -85.43
N UNK B 1417 28.97 -39.10 -84.46
CA UNK B 1417 28.97 -38.15 -83.24
C UNK B 1417 30.33 -37.25 -82.90
N UNK B 1418 31.50 -37.86 -83.04
CA UNK B 1418 32.56 -37.18 -83.71
C UNK B 1418 32.20 -36.97 -85.28
N UNK B 1419 31.07 -36.32 -85.50
CA UNK B 1419 30.80 -35.66 -86.76
C UNK B 1419 29.74 -34.57 -86.49
N UNK B 1420 30.09 -33.91 -85.36
CA UNK B 1420 30.77 -32.54 -85.51
C UNK B 1420 32.38 -32.69 -85.77
N UNK B 1421 33.16 -32.88 -84.71
CA UNK B 1421 34.58 -33.13 -84.93
C UNK B 1421 34.82 -33.75 -86.31
N UNK B 1505 27.05 -53.15 -91.34
CA UNK B 1505 27.67 -52.88 -90.02
C UNK B 1505 29.10 -53.46 -89.73
N UNK B 1506 29.73 -54.12 -90.70
CA UNK B 1506 31.08 -54.66 -90.50
C UNK B 1506 32.18 -53.58 -90.51
N UNK B 1507 32.21 -52.80 -91.62
CA UNK B 1507 33.08 -51.60 -91.81
C UNK B 1507 32.57 -50.46 -90.95
N UNK B 1508 31.25 -50.28 -90.90
CA UNK B 1508 30.62 -49.56 -89.80
C UNK B 1508 31.03 -50.07 -88.36
N UNK B 1509 32.14 -50.80 -88.29
CA UNK B 1509 32.74 -51.25 -87.04
C UNK B 1509 34.18 -51.57 -87.35
N UNK B 1510 34.42 -51.74 -88.64
CA UNK B 1510 35.78 -51.67 -89.23
C UNK B 1510 36.29 -50.22 -89.25
N UNK B 1511 35.34 -49.28 -89.02
CA UNK B 1511 35.50 -47.80 -88.99
C UNK B 1511 35.62 -47.30 -87.57
N UNK B 1512 34.75 -47.78 -86.69
CA UNK B 1512 34.89 -47.52 -85.23
C UNK B 1512 36.23 -48.11 -84.81
N UNK B 1513 36.92 -48.62 -85.83
CA UNK B 1513 38.21 -49.28 -85.77
C UNK B 1513 39.31 -48.44 -86.43
N UNK B 1514 38.89 -47.48 -87.28
CA UNK B 1514 39.77 -46.40 -87.75
C UNK B 1514 39.51 -45.14 -86.93
N UNK B 1515 38.22 -44.88 -86.64
CA UNK B 1515 37.77 -43.81 -85.72
C UNK B 1515 38.49 -43.87 -84.36
N UNK B 1516 37.82 -44.23 -83.25
CA UNK B 1516 38.46 -44.10 -81.90
C UNK B 1516 39.82 -44.78 -81.80
N UNK B 1517 40.39 -45.04 -82.97
CA UNK B 1517 41.84 -45.11 -83.14
C UNK B 1517 42.31 -44.11 -84.20
N UNK B 1518 42.13 -42.84 -83.87
CA UNK B 1518 42.91 -41.76 -84.46
C UNK B 1518 43.53 -41.05 -83.25
N UNK B 1519 43.10 -41.51 -82.07
CA UNK B 1519 43.48 -40.94 -80.78
C UNK B 1519 44.71 -41.57 -80.11
N UNK B 1520 45.39 -42.52 -80.80
CA UNK B 1520 46.51 -43.26 -80.18
C UNK B 1520 47.82 -43.58 -80.93
N UNK B 1521 47.91 -43.27 -82.22
CA UNK B 1521 49.18 -43.42 -82.98
C UNK B 1521 50.28 -42.42 -82.56
N UNK B 1605 32.77 -46.92 -75.04
CA UNK B 1605 31.55 -46.32 -75.60
C UNK B 1605 30.36 -45.75 -74.70
N UNK B 1606 30.29 -46.08 -73.36
CA UNK B 1606 29.21 -45.57 -72.35
C UNK B 1606 29.51 -45.69 -70.83
N UNK B 1607 30.64 -46.31 -70.60
CA UNK B 1607 31.09 -46.46 -69.26
C UNK B 1607 31.65 -45.07 -68.95
N UNK B 1608 32.60 -44.71 -69.83
CA UNK B 1608 33.61 -43.69 -69.60
C UNK B 1608 33.03 -42.32 -69.69
N UNK B 1609 31.94 -42.15 -70.45
CA UNK B 1609 31.19 -40.86 -70.46
C UNK B 1609 30.80 -40.27 -69.08
N UNK B 1610 31.34 -40.87 -68.01
CA UNK B 1610 31.62 -40.21 -66.69
C UNK B 1610 32.75 -41.00 -65.97
N UNK B 1611 32.80 -42.30 -66.26
CA UNK B 1611 33.93 -43.12 -65.88
C UNK B 1611 35.22 -42.37 -66.21
N UNK B 1612 35.74 -42.63 -67.42
CA UNK B 1612 37.03 -42.08 -67.91
C UNK B 1612 37.01 -40.62 -68.45
N UNK B 1613 35.82 -40.03 -68.54
CA UNK B 1613 35.73 -38.60 -68.58
C UNK B 1613 36.74 -38.22 -67.47
N UNK B 1614 36.42 -38.49 -66.21
CA UNK B 1614 37.39 -38.23 -65.11
C UNK B 1614 38.80 -38.89 -65.31
N UNK B 1615 39.25 -38.98 -66.56
CA UNK B 1615 40.68 -39.18 -66.90
C UNK B 1615 41.11 -38.04 -67.82
N UNK B 1616 40.12 -37.18 -68.05
CA UNK B 1616 40.32 -35.77 -68.34
C UNK B 1616 39.44 -34.99 -67.33
N UNK B 1617 39.04 -35.59 -66.19
CA UNK B 1617 37.95 -34.97 -65.30
C UNK B 1617 38.16 -34.86 -63.78
N UNK B 1618 39.13 -35.61 -63.32
CA UNK B 1618 39.92 -35.08 -62.29
C UNK B 1618 41.23 -35.73 -62.74
N UNK B 1619 41.31 -35.80 -64.08
CA UNK B 1619 42.58 -35.41 -64.76
C UNK B 1619 42.37 -34.02 -65.50
N UNK B 1620 41.12 -33.54 -65.50
CA UNK B 1620 40.92 -32.08 -65.50
C UNK B 1620 41.40 -31.50 -64.16
N UNK B 1621 42.65 -31.75 -63.80
CA UNK B 1621 43.12 -31.07 -62.61
C UNK B 1621 44.56 -31.40 -62.31
N UNK B 1622 45.25 -31.79 -63.40
CA UNK B 1622 46.69 -32.12 -63.30
C UNK B 1622 47.58 -31.34 -62.29
N UNK B 1623 47.28 -30.07 -62.00
CA UNK B 1623 48.29 -29.18 -61.37
C UNK B 1623 47.91 -28.44 -60.06
N UNK B 1705 38.68 -44.08 -52.67
CA UNK B 1705 37.61 -44.21 -53.68
C UNK B 1705 38.07 -44.53 -55.12
N UNK B 1706 37.83 -43.60 -56.05
CA UNK B 1706 37.74 -43.91 -57.50
C UNK B 1706 38.96 -44.43 -58.33
N UNK B 1707 40.03 -44.90 -57.68
CA UNK B 1707 41.26 -45.37 -58.38
C UNK B 1707 41.13 -46.62 -59.25
N UNK B 1708 40.17 -47.45 -58.85
CA UNK B 1708 39.96 -48.79 -59.43
C UNK B 1708 39.22 -48.64 -60.73
N UNK B 1709 37.95 -48.27 -60.62
CA UNK B 1709 37.23 -47.85 -61.82
C UNK B 1709 38.21 -47.22 -62.84
N UNK B 1710 39.10 -46.35 -62.34
CA UNK B 1710 40.00 -45.53 -63.16
C UNK B 1710 41.05 -46.38 -63.83
N UNK B 1711 41.37 -47.50 -63.17
CA UNK B 1711 42.18 -48.56 -63.81
C UNK B 1711 41.28 -49.65 -64.41
N UNK B 1712 39.97 -49.41 -64.40
CA UNK B 1712 39.10 -50.30 -65.11
C UNK B 1712 39.58 -50.31 -66.57
N UNK B 1713 39.45 -49.12 -67.20
CA UNK B 1713 39.73 -48.90 -68.64
C UNK B 1713 41.25 -48.81 -68.97
N UNK B 1714 41.94 -48.16 -68.03
CA UNK B 1714 43.36 -48.30 -67.94
C UNK B 1714 43.56 -49.76 -68.28
N UNK B 1715 42.67 -50.60 -67.63
CA UNK B 1715 42.83 -52.07 -67.30
C UNK B 1715 42.31 -53.07 -68.31
N UNK B 1716 41.05 -52.88 -68.71
CA UNK B 1716 40.47 -53.73 -69.75
C UNK B 1716 41.30 -54.12 -71.04
N UNK B 1717 40.63 -53.99 -72.18
CA UNK B 1717 41.21 -54.19 -73.52
C UNK B 1717 42.66 -53.70 -73.74
N UNK C 105 3.78 10.36 -42.16
CA UNK C 105 2.39 10.09 -41.64
C UNK C 105 2.33 9.22 -40.34
N UNK C 106 3.38 8.41 -40.12
CA UNK C 106 3.51 7.59 -38.92
C UNK C 106 3.66 8.54 -37.73
N UNK C 107 4.89 8.93 -37.46
CA UNK C 107 5.27 9.92 -36.45
C UNK C 107 4.16 10.73 -35.74
N UNK C 108 3.25 11.33 -36.50
CA UNK C 108 2.17 12.12 -35.89
C UNK C 108 1.00 11.19 -35.53
N UNK C 109 1.00 9.99 -36.12
CA UNK C 109 0.08 8.94 -35.70
C UNK C 109 0.77 8.35 -34.48
N UNK C 110 2.08 8.11 -34.62
CA UNK C 110 2.87 7.61 -33.52
C UNK C 110 2.66 8.54 -32.34
N UNK C 111 2.62 9.84 -32.64
CA UNK C 111 2.29 10.87 -31.64
C UNK C 111 0.96 10.51 -31.00
N UNK C 112 0.10 9.92 -31.83
CA UNK C 112 -1.21 9.46 -31.39
C UNK C 112 -1.11 8.15 -30.61
N UNK C 113 -0.17 7.30 -31.03
CA UNK C 113 0.13 6.02 -30.35
C UNK C 113 0.68 6.19 -28.95
N UNK C 114 2.01 6.03 -28.85
CA UNK C 114 2.71 6.07 -27.57
C UNK C 114 2.28 7.24 -26.65
N UNK C 115 1.15 7.83 -27.00
CA UNK C 115 0.58 8.86 -26.20
C UNK C 115 -0.47 8.14 -25.43
N UNK C 116 -1.41 7.56 -26.17
CA UNK C 116 -2.59 6.89 -25.56
C UNK C 116 -2.25 5.66 -24.68
N UNK C 117 -1.11 5.05 -24.97
CA UNK C 117 -0.41 4.22 -24.01
C UNK C 117 -0.08 5.11 -22.79
N UNK C 118 1.00 5.91 -22.86
CA UNK C 118 1.42 6.78 -21.76
C UNK C 118 0.20 7.46 -21.17
N UNK C 119 -0.89 7.39 -21.91
CA UNK C 119 -2.14 7.95 -21.44
C UNK C 119 -2.86 6.97 -20.53
N UNK C 120 -2.98 5.72 -21.01
CA UNK C 120 -3.75 4.66 -20.32
C UNK C 120 -3.46 4.54 -18.82
N UNK C 121 -2.16 4.63 -18.47
CA UNK C 121 -1.71 4.64 -17.08
C UNK C 121 -2.44 5.67 -16.19
N UNK C 122 -2.46 6.93 -16.65
CA UNK C 122 -2.91 8.09 -15.85
C UNK C 122 -4.37 8.04 -15.36
N UNK C 123 -5.10 7.03 -15.85
CA UNK C 123 -6.42 6.64 -15.32
C UNK C 123 -6.26 6.03 -13.92
N UNK C 124 -5.20 5.20 -13.82
CA UNK C 124 -4.68 4.64 -12.56
C UNK C 124 -5.49 5.00 -11.32
N UNK C 205 9.71 14.07 -34.86
CA UNK C 205 10.57 13.90 -33.68
C UNK C 205 10.06 14.74 -32.48
N UNK C 206 9.94 16.06 -32.70
CA UNK C 206 8.97 16.87 -31.95
C UNK C 206 7.59 16.56 -32.59
N UNK C 207 7.58 15.53 -33.46
CA UNK C 207 6.37 14.77 -33.81
C UNK C 207 6.04 13.77 -32.65
N UNK C 208 7.10 13.39 -31.94
CA UNK C 208 7.05 12.59 -30.72
C UNK C 208 7.13 13.51 -29.51
N UNK C 209 8.33 14.08 -29.32
CA UNK C 209 8.59 15.09 -28.28
C UNK C 209 7.49 16.18 -28.14
N UNK C 210 6.86 16.56 -29.27
CA UNK C 210 5.77 17.56 -29.31
C UNK C 210 4.76 17.30 -28.22
N UNK C 211 4.21 16.08 -28.27
CA UNK C 211 3.20 15.66 -27.32
C UNK C 211 3.79 15.15 -26.01
N UNK C 212 5.05 14.73 -26.04
CA UNK C 212 5.74 14.41 -24.78
C UNK C 212 5.55 15.56 -23.78
N UNK C 213 6.03 16.75 -24.18
CA UNK C 213 5.93 17.97 -23.36
C UNK C 213 4.52 18.51 -23.09
N UNK C 214 3.56 18.33 -24.00
CA UNK C 214 2.18 18.68 -23.66
C UNK C 214 1.85 18.14 -22.26
N UNK C 215 2.35 16.92 -22.00
CA UNK C 215 1.96 16.01 -20.88
C UNK C 215 2.65 16.35 -19.58
N UNK C 216 3.82 16.97 -19.68
CA UNK C 216 4.44 17.67 -18.54
C UNK C 216 3.57 18.81 -18.04
N UNK C 217 2.68 19.31 -18.91
CA UNK C 217 1.83 20.42 -18.51
C UNK C 217 0.35 20.46 -18.96
N UNK C 218 -0.28 19.28 -19.12
CA UNK C 218 -1.78 19.20 -19.20
C UNK C 218 -2.53 19.28 -17.82
N UNK C 219 -1.80 18.88 -16.76
CA UNK C 219 -2.37 18.39 -15.51
C UNK C 219 -2.25 19.29 -14.27
N UNK C 220 -1.11 20.00 -14.12
CA UNK C 220 -0.80 20.90 -12.96
C UNK C 220 -1.15 22.38 -13.14
N UNK C 305 -1.84 -4.94 -50.98
CA UNK C 305 -2.45 -5.83 -50.01
C UNK C 305 -3.98 -5.96 -50.16
N UNK C 306 -4.72 -5.07 -49.47
CA UNK C 306 -6.13 -5.26 -49.15
C UNK C 306 -7.11 -5.78 -50.24
N UNK C 307 -6.58 -6.56 -51.20
CA UNK C 307 -7.40 -7.35 -52.15
C UNK C 307 -7.34 -8.80 -51.72
N UNK C 308 -6.38 -9.04 -50.81
CA UNK C 308 -6.10 -10.38 -50.29
C UNK C 308 -6.84 -10.67 -48.99
N UNK C 309 -6.27 -10.17 -47.89
CA UNK C 309 -6.76 -10.43 -46.55
C UNK C 309 -8.25 -10.09 -46.29
N UNK C 310 -8.86 -9.21 -47.09
CA UNK C 310 -10.28 -8.94 -46.93
C UNK C 310 -11.13 -9.19 -48.21
N UNK C 311 -10.44 -9.59 -49.29
CA UNK C 311 -11.13 -10.19 -50.42
C UNK C 311 -11.32 -11.66 -50.06
N UNK C 312 -10.43 -12.12 -49.16
CA UNK C 312 -10.53 -13.43 -48.51
C UNK C 312 -11.49 -13.38 -47.32
N UNK C 313 -11.16 -12.61 -46.31
CA UNK C 313 -12.06 -12.37 -45.19
C UNK C 313 -13.52 -12.82 -45.35
N UNK C 314 -14.07 -12.80 -46.56
CA UNK C 314 -15.47 -13.25 -46.76
C UNK C 314 -15.60 -14.77 -46.73
N UNK C 315 -14.66 -15.42 -47.43
CA UNK C 315 -14.39 -16.87 -47.37
C UNK C 315 -14.21 -17.40 -45.93
N UNK C 316 -12.97 -17.58 -45.49
CA UNK C 316 -12.67 -18.06 -44.14
C UNK C 316 -13.54 -17.41 -43.08
N UNK C 317 -14.80 -17.13 -43.44
CA UNK C 317 -15.76 -16.58 -42.52
C UNK C 317 -17.13 -17.23 -42.77
N UNK C 318 -17.46 -17.39 -44.05
CA UNK C 318 -18.62 -18.18 -44.44
C UNK C 318 -18.34 -19.64 -44.15
N UNK C 319 -17.05 -20.02 -44.07
CA UNK C 319 -16.61 -21.30 -43.44
C UNK C 319 -17.15 -21.55 -42.01
N UNK C 320 -16.62 -20.79 -41.04
CA UNK C 320 -17.15 -20.79 -39.66
C UNK C 320 -18.65 -20.55 -39.61
N UNK C 321 -19.23 -20.32 -40.77
CA UNK C 321 -20.66 -20.20 -40.91
C UNK C 321 -21.19 -21.46 -41.60
N UNK C 322 -20.30 -22.12 -42.34
CA UNK C 322 -20.65 -23.26 -43.16
C UNK C 322 -20.66 -24.55 -42.37
N UNK C 323 -19.92 -24.62 -41.25
CA UNK C 323 -19.92 -25.82 -40.35
C UNK C 323 -21.08 -25.90 -39.34
N UNK C 324 -21.37 -24.81 -38.63
CA UNK C 324 -22.54 -24.75 -37.75
C UNK C 324 -23.88 -24.60 -38.46
N UNK C 405 -3.34 -11.49 -56.77
CA UNK C 405 -3.29 -11.70 -58.22
C UNK C 405 -4.54 -12.39 -58.78
N UNK C 406 -4.35 -13.14 -59.88
CA UNK C 406 -5.30 -14.17 -60.35
C UNK C 406 -5.29 -15.44 -59.45
N UNK C 407 -4.22 -15.59 -58.65
CA UNK C 407 -4.18 -16.52 -57.51
C UNK C 407 -5.42 -16.28 -56.63
N UNK C 408 -5.58 -15.05 -56.10
CA UNK C 408 -6.81 -14.70 -55.42
C UNK C 408 -7.97 -14.45 -56.39
N UNK C 409 -7.66 -14.46 -57.68
CA UNK C 409 -8.72 -14.53 -58.71
C UNK C 409 -9.05 -15.98 -58.94
N UNK C 410 -8.43 -16.85 -58.12
CA UNK C 410 -8.86 -18.23 -57.90
C UNK C 410 -9.49 -18.32 -56.52
N UNK C 411 -8.69 -18.00 -55.49
CA UNK C 411 -9.09 -17.99 -54.05
C UNK C 411 -10.54 -17.60 -53.77
N UNK C 412 -10.85 -16.31 -53.90
CA UNK C 412 -12.21 -15.90 -53.68
C UNK C 412 -13.08 -16.27 -54.87
N UNK C 413 -12.47 -16.82 -55.95
CA UNK C 413 -13.21 -17.45 -57.07
C UNK C 413 -13.94 -18.70 -56.58
N UNK C 414 -13.15 -19.56 -55.91
CA UNK C 414 -13.66 -20.73 -55.17
C UNK C 414 -14.69 -20.32 -54.12
N UNK C 415 -14.20 -19.81 -52.98
CA UNK C 415 -14.97 -19.53 -51.75
C UNK C 415 -16.51 -19.24 -51.79
N UNK C 416 -17.14 -19.60 -52.92
CA UNK C 416 -18.57 -19.34 -53.12
C UNK C 416 -19.17 -20.35 -54.09
N UNK C 417 -18.32 -21.03 -54.87
CA UNK C 417 -18.71 -22.20 -55.64
C UNK C 417 -18.04 -23.30 -54.84
N UNK C 418 -18.48 -23.37 -53.59
CA UNK C 418 -17.86 -24.21 -52.56
C UNK C 418 -18.96 -24.88 -51.74
N UNK C 419 -19.87 -24.04 -51.24
CA UNK C 419 -21.04 -24.48 -50.55
C UNK C 419 -22.10 -24.70 -51.62
N UNK C 505 -11.58 -16.22 -65.83
CA UNK C 505 -10.58 -16.80 -66.74
C UNK C 505 -10.58 -18.35 -66.98
N UNK C 506 -9.40 -18.88 -67.31
CA UNK C 506 -9.11 -20.31 -67.33
C UNK C 506 -8.79 -20.75 -65.91
N UNK C 507 -8.35 -19.78 -65.12
CA UNK C 507 -8.46 -19.91 -63.70
C UNK C 507 -9.91 -20.39 -63.45
N UNK C 508 -10.84 -19.45 -63.71
CA UNK C 508 -12.26 -19.74 -63.72
C UNK C 508 -12.61 -20.64 -64.91
N UNK C 509 -11.77 -21.69 -65.11
CA UNK C 509 -12.03 -22.78 -66.07
C UNK C 509 -11.66 -24.14 -65.50
N UNK C 510 -10.41 -24.59 -65.66
CA UNK C 510 -10.00 -25.94 -65.20
C UNK C 510 -10.66 -26.37 -63.86
N UNK C 511 -10.37 -25.67 -62.77
CA UNK C 511 -10.96 -26.01 -61.48
C UNK C 511 -12.24 -25.24 -61.24
N UNK C 512 -13.01 -25.05 -62.31
CA UNK C 512 -14.32 -24.40 -62.24
C UNK C 512 -15.37 -25.21 -63.01
N UNK C 513 -14.91 -25.81 -64.12
CA UNK C 513 -15.67 -26.81 -64.86
C UNK C 513 -15.30 -28.13 -64.24
N UNK C 514 -14.00 -28.46 -64.17
CA UNK C 514 -13.57 -29.63 -63.36
C UNK C 514 -13.76 -29.47 -61.83
N UNK C 515 -14.65 -28.54 -61.46
CA UNK C 515 -15.21 -28.36 -60.09
C UNK C 515 -16.73 -28.51 -60.12
N UNK C 516 -17.20 -29.09 -61.24
CA UNK C 516 -18.59 -29.47 -61.51
C UNK C 516 -18.49 -30.52 -62.60
N UNK C 517 -17.26 -30.74 -63.06
CA UNK C 517 -16.81 -32.03 -63.60
C UNK C 517 -15.85 -32.64 -62.55
N UNK C 518 -16.14 -32.27 -61.29
CA UNK C 518 -15.87 -33.08 -60.10
C UNK C 518 -17.10 -32.93 -59.18
N UNK C 519 -18.25 -33.48 -59.63
CA UNK C 519 -19.54 -33.38 -58.90
C UNK C 519 -20.07 -34.74 -58.42
N UNK C 605 -9.87 -18.17 -75.77
CA UNK C 605 -8.91 -19.30 -75.81
C UNK C 605 -9.37 -20.63 -75.12
N UNK C 606 -10.46 -20.55 -74.34
CA UNK C 606 -10.90 -21.56 -73.32
C UNK C 606 -11.39 -22.98 -73.75
N UNK C 607 -12.60 -23.09 -74.29
CA UNK C 607 -13.12 -24.34 -74.79
C UNK C 607 -12.11 -25.18 -75.58
N UNK C 608 -11.08 -24.57 -76.15
CA UNK C 608 -10.05 -25.32 -76.92
C UNK C 608 -8.57 -25.06 -76.51
N UNK C 609 -8.37 -24.47 -75.33
CA UNK C 609 -7.20 -24.79 -74.49
C UNK C 609 -7.67 -25.18 -73.05
N UNK C 610 -8.93 -25.67 -73.01
CA UNK C 610 -9.41 -26.66 -72.04
C UNK C 610 -9.12 -28.04 -72.62
N UNK C 611 -9.65 -28.32 -73.82
CA UNK C 611 -9.37 -29.55 -74.58
C UNK C 611 -7.86 -29.80 -74.73
N UNK C 612 -7.07 -28.84 -74.26
CA UNK C 612 -5.61 -28.90 -74.32
C UNK C 612 -4.99 -29.42 -73.04
N UNK C 613 -5.85 -29.56 -72.03
CA UNK C 613 -5.53 -30.29 -70.77
C UNK C 613 -6.18 -31.67 -70.77
N UNK C 614 -7.43 -31.75 -71.25
CA UNK C 614 -8.07 -33.00 -71.57
C UNK C 614 -7.10 -33.81 -72.42
N UNK C 615 -5.87 -33.32 -72.52
CA UNK C 615 -4.82 -33.91 -73.33
C UNK C 615 -3.43 -33.78 -72.68
N UNK C 616 -3.37 -33.05 -71.56
CA UNK C 616 -2.20 -32.99 -70.68
C UNK C 616 -2.18 -34.23 -69.76
N UNK C 617 -3.31 -34.45 -69.10
CA UNK C 617 -3.74 -35.78 -68.66
C UNK C 617 -4.31 -36.54 -69.90
N UNK C 618 -3.44 -36.84 -70.88
CA UNK C 618 -3.81 -37.59 -72.09
C UNK C 618 -2.58 -38.08 -72.88
N UNK C 705 -8.48 -10.14 -84.13
CA UNK C 705 -9.61 -10.82 -83.52
C UNK C 705 -9.88 -12.12 -84.26
N UNK C 706 -8.99 -12.43 -85.20
CA UNK C 706 -9.15 -13.62 -86.02
C UNK C 706 -8.18 -14.76 -85.64
N UNK C 707 -7.43 -14.55 -84.55
CA UNK C 707 -6.50 -15.56 -84.04
C UNK C 707 -7.19 -16.75 -83.39
N UNK C 708 -8.53 -16.69 -83.24
CA UNK C 708 -9.30 -17.81 -82.69
C UNK C 708 -9.04 -19.16 -83.38
N UNK C 709 -9.73 -19.44 -84.50
CA UNK C 709 -9.76 -20.81 -85.03
C UNK C 709 -8.39 -21.42 -85.35
N UNK C 710 -7.34 -20.59 -85.48
CA UNK C 710 -5.97 -21.11 -85.73
C UNK C 710 -5.40 -21.78 -84.50
N UNK C 711 -5.63 -21.16 -83.34
CA UNK C 711 -5.43 -21.81 -82.06
C UNK C 711 -6.31 -23.07 -82.02
N UNK C 712 -7.53 -22.93 -82.54
CA UNK C 712 -8.44 -24.05 -82.60
C UNK C 712 -8.03 -25.09 -83.68
N UNK C 713 -7.54 -24.65 -84.83
CA UNK C 713 -7.22 -25.58 -85.95
C UNK C 713 -6.06 -26.57 -85.75
N UNK C 714 -5.67 -26.76 -84.49
CA UNK C 714 -4.82 -27.88 -84.08
C UNK C 714 -5.05 -28.09 -82.60
N UNK C 715 -6.26 -27.77 -82.16
CA UNK C 715 -6.84 -28.35 -80.96
C UNK C 715 -7.89 -29.39 -81.45
N UNK C 716 -8.17 -29.36 -82.74
CA UNK C 716 -8.97 -30.38 -83.36
C UNK C 716 -8.07 -31.11 -84.33
N UNK C 805 -8.59 -4.43 -36.70
CA UNK C 805 -9.83 -4.57 -37.47
C UNK C 805 -9.59 -5.63 -38.54
N UNK C 806 -8.35 -5.65 -39.06
CA UNK C 806 -7.84 -6.85 -39.67
C UNK C 806 -7.93 -7.85 -38.53
N UNK C 807 -7.44 -7.42 -37.36
CA UNK C 807 -7.41 -8.22 -36.12
C UNK C 807 -8.63 -9.13 -35.91
N UNK C 808 -9.79 -8.58 -35.54
CA UNK C 808 -10.99 -9.40 -35.38
C UNK C 808 -11.30 -10.29 -36.62
N UNK C 809 -10.22 -10.66 -37.30
CA UNK C 809 -10.19 -11.66 -38.35
C UNK C 809 -8.91 -12.53 -38.20
N UNK C 810 -7.76 -11.88 -37.95
CA UNK C 810 -6.59 -12.61 -37.45
C UNK C 810 -6.95 -13.46 -36.15
N UNK C 811 -7.57 -12.80 -35.19
CA UNK C 811 -8.18 -13.46 -34.04
C UNK C 811 -9.66 -13.67 -34.35
N UNK C 812 -9.92 -14.13 -35.57
CA UNK C 812 -11.29 -14.54 -35.99
C UNK C 812 -11.46 -16.01 -36.40
N UNK C 813 -10.43 -16.60 -36.97
CA UNK C 813 -10.35 -18.05 -37.06
C UNK C 813 -9.54 -18.67 -35.86
N UNK C 814 -9.93 -18.20 -34.68
CA UNK C 814 -9.63 -18.87 -33.45
C UNK C 814 -10.86 -19.74 -33.14
N UNK C 815 -12.05 -19.16 -33.33
CA UNK C 815 -13.30 -19.91 -33.30
C UNK C 815 -13.32 -20.95 -34.40
N UNK C 905 -1.50 -1.37 -35.70
CA UNK C 905 -2.63 -2.23 -35.39
C UNK C 905 -2.28 -3.70 -35.66
N UNK C 906 -1.31 -3.93 -36.54
CA UNK C 906 -0.74 -5.27 -36.83
C UNK C 906 -0.40 -6.14 -35.58
N UNK C 907 0.87 -6.50 -35.41
CA UNK C 907 1.33 -7.41 -34.34
C UNK C 907 0.53 -7.26 -33.05
N UNK C 908 -0.59 -6.59 -33.13
CA UNK C 908 -1.58 -6.72 -32.12
C UNK C 908 -2.60 -7.73 -32.62
N UNK C 909 -2.86 -7.67 -33.94
CA UNK C 909 -3.81 -8.59 -34.65
C UNK C 909 -3.50 -10.13 -34.57
N UNK C 910 -2.62 -10.62 -35.46
CA UNK C 910 -2.09 -11.98 -35.39
C UNK C 910 -1.23 -12.15 -34.10
N UNK C 911 -1.85 -11.77 -32.99
CA UNK C 911 -1.21 -11.80 -31.71
C UNK C 911 -2.13 -12.42 -30.63
N UNK C 912 -3.37 -11.90 -30.47
CA UNK C 912 -4.28 -12.43 -29.45
C UNK C 912 -4.18 -13.94 -29.49
N UNK C 913 -4.57 -14.51 -30.63
CA UNK C 913 -4.38 -15.92 -30.97
C UNK C 913 -2.90 -16.29 -30.93
N UNK C 914 -2.27 -15.76 -29.89
CA UNK C 914 -0.99 -16.20 -29.41
C UNK C 914 -1.22 -16.37 -27.92
N UNK C 915 -1.58 -15.29 -27.23
CA UNK C 915 -2.08 -15.34 -25.84
C UNK C 915 -3.39 -16.17 -25.69
N UNK C 916 -3.86 -16.72 -26.82
CA UNK C 916 -5.02 -17.60 -26.87
C UNK C 916 -4.73 -18.95 -27.62
N UNK C 917 -3.69 -19.00 -28.44
CA UNK C 917 -3.33 -20.27 -29.06
C UNK C 917 -1.97 -20.77 -28.56
N UNK C 918 -1.54 -20.22 -27.43
CA UNK C 918 -0.49 -20.82 -26.61
C UNK C 918 -1.09 -20.88 -25.22
N UNK C 919 -2.32 -20.41 -25.13
CA UNK C 919 -3.16 -20.80 -24.04
C UNK C 919 -3.89 -22.04 -24.53
N UNK C 920 -4.39 -22.02 -25.78
CA UNK C 920 -5.15 -23.14 -26.36
C UNK C 920 -4.33 -24.44 -26.70
N UNK C 921 -3.10 -24.45 -26.21
CA UNK C 921 -2.27 -25.64 -26.06
C UNK C 921 -1.51 -25.50 -24.73
N UNK C 922 -2.28 -25.08 -23.74
CA UNK C 922 -2.05 -25.47 -22.34
C UNK C 922 -2.94 -26.69 -22.02
N UNK C 923 -4.19 -26.67 -22.55
CA UNK C 923 -5.13 -27.79 -22.47
C UNK C 923 -4.88 -28.84 -23.57
N UNK C 1005 8.40 1.91 -32.07
CA UNK C 1005 7.13 1.75 -31.34
C UNK C 1005 6.50 0.33 -31.47
N UNK C 1006 7.27 -0.59 -32.05
CA UNK C 1006 6.89 -2.00 -32.19
C UNK C 1006 7.71 -2.93 -31.26
N UNK C 1007 8.59 -2.32 -30.46
CA UNK C 1007 9.36 -3.08 -29.47
C UNK C 1007 8.40 -3.44 -28.32
N UNK C 1008 7.42 -2.59 -28.07
CA UNK C 1008 6.47 -2.88 -27.02
C UNK C 1008 5.44 -3.90 -27.52
N UNK C 1009 5.91 -4.73 -28.45
CA UNK C 1009 5.19 -5.92 -28.92
C UNK C 1009 5.84 -7.17 -28.34
N UNK C 1010 7.00 -7.54 -28.89
CA UNK C 1010 7.73 -8.72 -28.41
C UNK C 1010 7.77 -8.84 -26.86
N UNK C 1011 8.72 -8.23 -26.17
CA UNK C 1011 8.87 -8.48 -24.72
C UNK C 1011 7.60 -8.21 -23.89
N UNK C 1012 6.47 -8.17 -24.60
CA UNK C 1012 5.14 -8.38 -24.01
C UNK C 1012 4.72 -9.86 -24.06
N UNK C 1013 5.41 -10.65 -24.88
CA UNK C 1013 5.43 -12.11 -24.78
C UNK C 1013 5.88 -12.51 -23.36
N UNK C 1014 7.14 -12.24 -23.06
CA UNK C 1014 7.68 -12.46 -21.72
C UNK C 1014 6.70 -12.34 -20.49
N UNK C 1015 5.50 -11.77 -20.63
CA UNK C 1015 4.61 -11.58 -19.45
C UNK C 1015 3.08 -11.64 -19.65
N UNK C 1016 2.66 -12.42 -20.65
CA UNK C 1016 1.24 -12.87 -20.79
C UNK C 1016 1.23 -14.28 -21.36
N UNK C 1017 2.43 -14.74 -21.71
CA UNK C 1017 2.81 -16.16 -21.65
C UNK C 1017 3.30 -16.44 -20.20
N UNK C 1018 4.48 -15.91 -19.85
CA UNK C 1018 4.99 -15.91 -18.46
C UNK C 1018 4.24 -14.91 -17.57
N UNK C 1019 2.93 -15.13 -17.49
CA UNK C 1019 2.07 -14.43 -16.54
C UNK C 1019 1.48 -15.45 -15.53
N UNK C 1020 1.79 -16.73 -15.80
CA UNK C 1020 1.67 -17.87 -14.83
C UNK C 1020 3.02 -18.45 -14.29
N UNK C 1105 -1.73 -0.77 -6.75
CA UNK C 1105 -0.31 -1.07 -7.03
C UNK C 1105 -0.15 -2.18 -8.06
N UNK C 1106 -1.29 -2.68 -8.53
CA UNK C 1106 -1.33 -3.52 -9.72
C UNK C 1106 -0.70 -2.73 -10.89
N UNK C 1107 -0.96 -1.41 -10.90
CA UNK C 1107 -0.63 -0.51 -12.02
C UNK C 1107 0.77 0.11 -11.95
N UNK C 1108 1.80 -0.72 -11.74
CA UNK C 1108 3.18 -0.25 -11.82
C UNK C 1108 3.92 -1.10 -12.84
N UNK C 1109 3.15 -1.73 -13.71
CA UNK C 1109 3.64 -2.18 -15.00
C UNK C 1109 3.09 -1.16 -15.96
N UNK C 1110 1.88 -0.68 -15.62
CA UNK C 1110 1.36 0.53 -16.21
C UNK C 1110 2.52 1.54 -16.19
N UNK C 1111 2.89 2.02 -15.00
CA UNK C 1111 4.09 2.82 -14.76
C UNK C 1111 5.30 2.29 -15.54
N UNK C 1112 5.41 0.98 -15.73
CA UNK C 1112 6.59 0.41 -16.36
C UNK C 1112 6.46 0.42 -17.87
N UNK C 1113 6.00 -0.68 -18.45
CA UNK C 1113 6.09 -0.91 -19.92
C UNK C 1113 5.35 0.09 -20.81
N UNK C 1114 4.30 0.72 -20.31
CA UNK C 1114 3.71 1.89 -21.02
C UNK C 1114 4.82 2.94 -21.34
N UNK C 1115 5.59 3.27 -20.31
CA UNK C 1115 6.84 3.99 -20.47
C UNK C 1115 7.61 3.35 -21.61
N UNK C 1116 8.08 2.12 -21.41
CA UNK C 1116 8.86 1.44 -22.46
C UNK C 1116 8.10 1.36 -23.81
N UNK C 1117 6.86 1.86 -23.81
CA UNK C 1117 6.09 2.05 -25.05
C UNK C 1117 6.14 3.53 -25.51
N UNK C 1118 7.21 4.19 -25.11
CA UNK C 1118 7.61 5.50 -25.61
C UNK C 1118 9.12 5.41 -25.63
N UNK C 1119 9.58 4.21 -25.96
CA UNK C 1119 11.01 3.86 -25.93
C UNK C 1119 11.25 2.81 -26.98
N UNK C 1120 10.15 2.37 -27.57
CA UNK C 1120 10.23 1.39 -28.63
C UNK C 1120 10.99 1.98 -29.83
N UNK C 1205 -2.16 -10.54 -17.37
CA UNK C 1205 -3.56 -10.98 -17.48
C UNK C 1205 -4.44 -9.75 -17.48
N UNK C 1206 -4.53 -9.09 -16.31
CA UNK C 1206 -5.05 -7.73 -16.28
C UNK C 1206 -3.85 -6.83 -16.54
N UNK C 1207 -2.65 -7.42 -16.47
CA UNK C 1207 -1.47 -6.78 -17.05
C UNK C 1207 -1.51 -7.10 -18.54
N UNK C 1208 -2.68 -7.48 -19.01
CA UNK C 1208 -2.91 -7.75 -20.41
C UNK C 1208 -4.32 -7.31 -20.80
N UNK C 1209 -4.94 -6.52 -19.95
CA UNK C 1209 -5.95 -5.57 -20.42
C UNK C 1209 -5.22 -4.19 -20.52
N UNK C 1210 -4.62 -3.74 -19.42
CA UNK C 1210 -3.54 -2.76 -19.52
C UNK C 1210 -2.57 -3.16 -20.66
N UNK C 1211 -3.14 -3.82 -21.68
CA UNK C 1211 -2.43 -4.22 -22.87
C UNK C 1211 -3.42 -4.38 -23.99
N UNK C 1212 -4.70 -4.35 -23.69
CA UNK C 1212 -5.67 -4.46 -24.76
C UNK C 1212 -6.04 -3.08 -25.22
N UNK C 1213 -6.02 -2.16 -24.25
CA UNK C 1213 -6.19 -0.70 -24.45
C UNK C 1213 -5.07 -0.08 -25.33
N UNK C 1214 -3.82 -0.50 -25.08
CA UNK C 1214 -2.75 -0.42 -26.06
C UNK C 1214 -3.39 -0.93 -27.31
N UNK C 1215 -3.74 -2.21 -27.34
CA UNK C 1215 -4.35 -2.79 -28.53
C UNK C 1215 -5.66 -2.07 -28.87
N UNK C 1216 -6.02 -1.08 -28.06
CA UNK C 1216 -7.14 -0.22 -28.40
C UNK C 1216 -6.69 0.90 -29.34
N UNK C 1217 -5.40 1.24 -29.33
CA UNK C 1217 -4.90 2.35 -30.19
C UNK C 1217 -4.98 2.03 -31.72
N UNK C 1305 -12.27 -18.96 -18.97
CA UNK C 1305 -11.14 -18.21 -18.44
C UNK C 1305 -10.10 -18.15 -19.54
N UNK C 1306 -9.06 -18.98 -19.52
CA UNK C 1306 -8.03 -18.87 -20.56
C UNK C 1306 -8.52 -18.55 -22.00
N UNK C 1307 -9.82 -18.70 -22.28
CA UNK C 1307 -10.38 -18.11 -23.51
C UNK C 1307 -11.76 -17.49 -23.30
N UNK C 1308 -12.20 -17.42 -22.03
CA UNK C 1308 -13.21 -16.42 -21.66
C UNK C 1308 -12.48 -15.10 -21.30
N UNK C 1309 -11.15 -15.20 -21.20
CA UNK C 1309 -10.24 -14.09 -21.30
C UNK C 1309 -10.58 -13.50 -22.64
N UNK C 1310 -10.03 -14.05 -23.70
CA UNK C 1310 -10.43 -13.58 -25.01
C UNK C 1310 -11.94 -13.73 -25.31
N UNK C 1311 -12.73 -14.03 -24.28
CA UNK C 1311 -14.16 -13.94 -24.44
C UNK C 1311 -14.48 -12.56 -23.93
N UNK C 1312 -13.65 -12.15 -22.96
CA UNK C 1312 -13.70 -10.81 -22.40
C UNK C 1312 -13.54 -9.79 -23.53
N UNK C 1313 -12.51 -9.99 -24.36
CA UNK C 1313 -12.27 -9.14 -25.52
C UNK C 1313 -13.53 -8.84 -26.33
N UNK C 1314 -13.86 -9.68 -27.31
CA UNK C 1314 -15.07 -9.44 -28.15
C UNK C 1314 -16.35 -9.12 -27.37
N UNK C 1315 -16.16 -8.65 -26.14
CA UNK C 1315 -17.18 -8.00 -25.36
C UNK C 1315 -16.57 -6.68 -24.82
N UNK C 1316 -15.46 -6.28 -25.45
CA UNK C 1316 -14.75 -5.06 -25.09
C UNK C 1316 -14.20 -4.31 -26.34
N UNK C 1317 -14.93 -4.51 -27.44
CA UNK C 1317 -14.80 -3.72 -28.65
C UNK C 1317 -16.21 -3.66 -29.15
N UNK C 1318 -16.85 -4.82 -29.13
CA UNK C 1318 -18.18 -4.97 -29.73
C UNK C 1318 -19.34 -4.42 -28.85
N UNK C 1319 -18.96 -3.64 -27.83
CA UNK C 1319 -19.86 -2.60 -27.27
C UNK C 1319 -19.32 -1.16 -27.54
N UNK C 1320 -18.04 -1.04 -27.87
CA UNK C 1320 -17.53 0.18 -28.49
C UNK C 1320 -18.03 0.18 -29.93
N UNK C 1321 -17.11 -0.05 -30.88
CA UNK C 1321 -17.38 0.07 -32.30
C UNK C 1321 -18.86 0.13 -32.58
N UNK C 1322 -19.59 -0.84 -32.00
CA UNK C 1322 -20.99 -1.17 -32.37
C UNK C 1322 -22.07 -0.10 -32.04
N UNK C 1405 -22.82 -16.82 -30.24
CA UNK C 1405 -21.80 -16.48 -29.23
C UNK C 1405 -20.44 -16.48 -29.90
N UNK C 1406 -20.27 -17.40 -30.83
CA UNK C 1406 -19.18 -17.32 -31.76
C UNK C 1406 -19.70 -16.72 -33.09
N UNK C 1407 -20.97 -16.94 -33.42
CA UNK C 1407 -21.56 -16.27 -34.59
C UNK C 1407 -21.45 -14.77 -34.37
N UNK C 1408 -21.94 -14.31 -33.22
CA UNK C 1408 -21.70 -12.96 -32.76
C UNK C 1408 -20.28 -12.51 -33.12
N UNK C 1409 -19.29 -13.06 -32.42
CA UNK C 1409 -17.94 -12.65 -32.64
C UNK C 1409 -17.50 -12.81 -34.09
N UNK C 1410 -18.46 -12.73 -35.02
CA UNK C 1410 -18.21 -12.63 -36.47
C UNK C 1410 -19.48 -12.50 -37.29
N UNK C 1411 -20.53 -11.99 -36.67
CA UNK C 1411 -21.65 -11.46 -37.40
C UNK C 1411 -21.31 -10.01 -37.32
N UNK C 1412 -21.16 -9.52 -36.07
CA UNK C 1412 -20.60 -8.19 -35.74
C UNK C 1412 -19.25 -7.92 -36.43
N UNK C 1413 -18.20 -8.65 -36.06
CA UNK C 1413 -16.91 -8.61 -36.81
C UNK C 1413 -17.08 -8.79 -38.33
N UNK C 1414 -18.34 -8.65 -38.77
CA UNK C 1414 -18.71 -8.59 -40.17
C UNK C 1414 -20.05 -7.88 -40.34
N UNK C 1415 -20.58 -7.30 -39.26
CA UNK C 1415 -21.73 -6.39 -39.43
C UNK C 1415 -21.18 -5.01 -39.81
N UNK C 1416 -20.23 -4.50 -39.01
CA UNK C 1416 -19.36 -3.40 -39.41
C UNK C 1416 -18.50 -3.91 -40.57
N UNK C 1417 -19.05 -4.88 -41.31
CA UNK C 1417 -18.72 -5.11 -42.71
C UNK C 1417 -19.86 -4.51 -43.55
N UNK C 1418 -20.99 -4.25 -42.90
CA UNK C 1418 -22.02 -3.38 -43.48
C UNK C 1418 -21.45 -1.99 -43.75
N UNK C 1419 -20.37 -1.66 -43.01
CA UNK C 1419 -19.92 -0.28 -42.82
C UNK C 1419 -18.46 -0.16 -42.43
N UNK C 1420 -17.58 -0.77 -43.21
CA UNK C 1420 -16.13 -0.49 -43.10
C UNK C 1420 -15.68 0.24 -44.36
N UNK C 1421 -16.60 0.24 -45.33
CA UNK C 1421 -16.40 0.73 -46.68
C UNK C 1421 -17.71 1.39 -47.14
N UNK C 1422 -18.73 1.38 -46.30
CA UNK C 1422 -19.89 2.19 -46.58
C UNK C 1422 -19.28 3.58 -46.76
N UNK C 1423 -18.42 3.98 -45.80
CA UNK C 1423 -17.68 5.25 -45.87
C UNK C 1423 -16.22 5.08 -46.33
N UNK C 1505 -27.53 -12.00 -48.71
CA UNK C 1505 -27.32 -10.62 -49.18
C UNK C 1505 -25.83 -10.28 -49.41
N UNK C 1506 -25.04 -10.25 -48.33
CA UNK C 1506 -23.68 -9.70 -48.31
C UNK C 1506 -22.76 -10.08 -49.46
N UNK C 1507 -23.26 -10.93 -50.35
CA UNK C 1507 -22.57 -11.32 -51.59
C UNK C 1507 -22.41 -10.12 -52.52
N UNK C 1508 -23.46 -9.28 -52.54
CA UNK C 1508 -23.41 -7.92 -53.07
C UNK C 1508 -22.01 -7.33 -52.78
N UNK C 1509 -21.54 -7.51 -51.54
CA UNK C 1509 -20.15 -7.14 -51.17
C UNK C 1509 -19.10 -8.26 -51.41
N UNK C 1510 -19.36 -9.13 -52.38
CA UNK C 1510 -18.38 -10.17 -52.73
C UNK C 1510 -18.02 -10.15 -54.20
N UNK C 1511 -18.96 -9.65 -55.01
CA UNK C 1511 -18.61 -9.06 -56.31
C UNK C 1511 -18.08 -7.62 -56.04
N UNK C 1512 -18.85 -6.89 -55.21
CA UNK C 1512 -18.42 -5.61 -54.65
C UNK C 1512 -17.18 -5.77 -53.75
N UNK C 1513 -16.42 -6.80 -54.06
CA UNK C 1513 -15.16 -7.01 -53.44
C UNK C 1513 -14.14 -7.38 -54.51
N UNK C 1514 -14.58 -7.32 -55.79
CA UNK C 1514 -13.68 -7.55 -56.94
C UNK C 1514 -13.00 -6.24 -57.38
N UNK C 1605 -25.66 -16.83 -55.18
CA UNK C 1605 -24.74 -15.84 -55.72
C UNK C 1605 -24.59 -15.97 -57.23
N UNK C 1606 -25.60 -16.57 -57.86
CA UNK C 1606 -25.53 -16.79 -59.29
C UNK C 1606 -25.17 -15.50 -59.98
N UNK C 1607 -26.09 -14.54 -59.86
CA UNK C 1607 -25.96 -13.18 -60.38
C UNK C 1607 -24.82 -12.40 -59.69
N UNK C 1608 -24.75 -12.49 -58.37
CA UNK C 1608 -23.54 -12.09 -57.69
C UNK C 1608 -22.33 -12.91 -58.23
N UNK C 1609 -22.51 -13.55 -59.39
CA UNK C 1609 -21.43 -14.00 -60.25
C UNK C 1609 -21.84 -14.02 -61.74
N UNK C 1610 -23.03 -13.46 -62.04
CA UNK C 1610 -23.45 -13.06 -63.42
C UNK C 1610 -22.57 -11.89 -63.90
N UNK C 1611 -22.59 -10.83 -63.08
CA UNK C 1611 -21.64 -9.73 -63.14
C UNK C 1611 -20.38 -10.09 -62.34
N UNK C 1612 -19.55 -10.94 -62.93
CA UNK C 1612 -18.33 -11.42 -62.27
C UNK C 1612 -17.21 -11.72 -63.27
N UNK C 1613 -17.58 -12.19 -64.47
CA UNK C 1613 -16.71 -11.97 -65.62
C UNK C 1613 -16.66 -10.43 -65.69
N UNK C 1614 -17.76 -9.82 -65.23
CA UNK C 1614 -17.96 -8.37 -65.13
C UNK C 1614 -17.85 -7.92 -63.70
N UNK C 1705 -24.22 -26.93 -61.38
CA UNK C 1705 -24.89 -25.74 -61.96
C UNK C 1705 -23.95 -24.55 -62.17
N UNK C 1706 -22.63 -24.80 -62.06
CA UNK C 1706 -21.61 -23.77 -62.34
C UNK C 1706 -21.53 -23.53 -63.86
N UNK C 1707 -21.29 -24.62 -64.61
CA UNK C 1707 -21.34 -24.58 -66.07
C UNK C 1707 -22.76 -24.32 -66.52
N UNK C 1708 -23.60 -23.89 -65.62
CA UNK C 1708 -24.80 -23.21 -66.04
C UNK C 1708 -24.46 -21.75 -65.91
N UNK C 1709 -24.15 -21.35 -64.67
CA UNK C 1709 -23.67 -20.02 -64.34
C UNK C 1709 -22.77 -19.52 -65.45
N UNK C 1710 -21.60 -20.12 -65.61
CA UNK C 1710 -20.63 -19.66 -66.62
C UNK C 1710 -20.93 -20.05 -68.10
N UNK C 1711 -22.04 -20.72 -68.32
CA UNK C 1711 -22.58 -20.87 -69.64
C UNK C 1711 -24.01 -20.44 -69.49
N UNK C 1712 -24.18 -19.39 -68.68
CA UNK C 1712 -25.31 -18.47 -68.75
C UNK C 1712 -24.81 -17.03 -68.40
N UNK C 1713 -23.49 -16.88 -68.45
CA UNK C 1713 -22.81 -15.61 -68.34
C UNK C 1713 -21.82 -15.71 -69.47
N UNK C 1714 -22.30 -16.32 -70.55
CA UNK C 1714 -21.60 -16.50 -71.83
C UNK C 1714 -22.47 -17.27 -72.80
N UNK C 1805 -18.91 -31.63 -68.65
CA UNK C 1805 -18.56 -32.04 -70.02
C UNK C 1805 -19.74 -32.34 -70.97
N UNK C 1806 -19.39 -32.84 -72.16
CA UNK C 1806 -20.34 -33.19 -73.24
C UNK C 1806 -21.47 -32.21 -73.54
N UNK C 1807 -22.52 -32.26 -72.75
CA UNK C 1807 -23.62 -31.32 -72.90
C UNK C 1807 -23.12 -29.95 -72.49
N UNK C 1808 -21.79 -29.85 -72.47
CA UNK C 1808 -21.05 -28.59 -72.37
C UNK C 1808 -20.08 -28.50 -73.52
N UNK C 1809 -19.31 -29.55 -73.75
CA UNK C 1809 -18.31 -29.59 -74.83
C UNK C 1809 -18.54 -28.60 -76.03
N UNK C 1810 -19.65 -28.76 -76.77
CA UNK C 1810 -19.90 -27.87 -77.90
C UNK C 1810 -20.96 -26.79 -77.62
N UNK C 1811 -20.64 -25.92 -76.69
CA UNK C 1811 -21.39 -24.70 -76.45
C UNK C 1811 -20.45 -23.47 -76.54
N UNK C 1812 -19.13 -23.74 -76.55
CA UNK C 1812 -18.09 -22.79 -77.03
C UNK C 1812 -17.33 -23.38 -78.25
N UNK C 1813 -18.13 -24.03 -79.08
CA UNK C 1813 -17.93 -24.12 -80.51
C UNK C 1813 -19.34 -23.90 -81.06
N UNK C 1814 -20.21 -23.39 -80.19
CA UNK C 1814 -21.39 -22.60 -80.60
C UNK C 1814 -21.02 -21.09 -80.53
N UNK C 1815 -21.01 -20.52 -79.32
CA UNK C 1815 -20.41 -19.21 -79.10
C UNK C 1815 -19.29 -19.01 -80.12
N UNK C 1816 -18.13 -19.58 -79.82
CA UNK C 1816 -16.97 -19.37 -80.65
C UNK C 1816 -17.00 -20.14 -81.98
N UNK C 1817 -18.18 -20.34 -82.56
CA UNK C 1817 -18.22 -20.97 -83.88
C UNK C 1817 -18.84 -20.03 -84.92
N UNK C 1818 -19.84 -19.28 -84.47
CA UNK C 1818 -20.38 -18.20 -85.25
C UNK C 1818 -19.16 -17.29 -85.50
N UNK C 1819 -18.62 -16.68 -84.42
CA UNK C 1819 -17.32 -15.92 -84.40
C UNK C 1819 -16.15 -16.61 -85.13
N UNK C 1820 -16.49 -17.48 -86.08
CA UNK C 1820 -15.55 -18.18 -86.93
C UNK C 1820 -15.45 -17.47 -88.28
N UNK C 1821 -16.61 -17.13 -88.85
CA UNK C 1821 -16.70 -16.20 -89.96
C UNK C 1821 -16.67 -14.77 -89.40
N UNK C 1822 -16.85 -14.62 -88.10
CA UNK C 1822 -16.86 -13.31 -87.49
C UNK C 1822 -15.51 -12.91 -86.88
N UNK C 1823 -14.47 -13.66 -87.21
CA UNK C 1823 -13.12 -13.49 -86.67
C UNK C 1823 -12.52 -12.14 -87.04
N UNK C 1905 -17.04 -38.74 -80.54
CA UNK C 1905 -16.29 -37.53 -80.90
C UNK C 1905 -16.20 -37.27 -82.44
N UNK C 1906 -17.33 -37.46 -83.11
CA UNK C 1906 -17.42 -37.30 -84.56
C UNK C 1906 -17.64 -35.85 -84.96
N UNK C 1907 -18.70 -35.24 -84.44
CA UNK C 1907 -18.94 -33.79 -84.61
C UNK C 1907 -17.87 -32.86 -83.96
N UNK C 1908 -16.87 -33.49 -83.35
CA UNK C 1908 -15.58 -32.87 -83.13
C UNK C 1908 -14.93 -32.82 -84.51
N UNK C 1909 -15.62 -33.45 -85.46
CA UNK C 1909 -15.42 -33.22 -86.88
C UNK C 1909 -16.69 -32.70 -87.58
N UNK C 1910 -17.51 -31.91 -86.89
CA UNK C 1910 -18.55 -31.07 -87.51
C UNK C 1910 -18.08 -29.64 -87.47
N UNK C 1911 -17.99 -29.06 -86.25
CA UNK C 1911 -17.36 -27.73 -86.00
C UNK C 1911 -15.86 -27.78 -86.30
N UNK C 1912 -15.47 -28.73 -87.15
CA UNK C 1912 -14.16 -28.77 -87.77
C UNK C 1912 -14.38 -28.79 -89.29
N UNK C 1913 -15.64 -28.87 -89.70
CA UNK C 1913 -16.09 -28.65 -91.07
C UNK C 1913 -17.03 -27.44 -91.14
N UNK C 1914 -17.61 -27.06 -90.00
CA UNK C 1914 -18.34 -25.82 -89.87
C UNK C 1914 -17.46 -24.73 -89.20
N UNK C 1915 -16.14 -24.97 -89.18
CA UNK C 1915 -15.13 -23.95 -88.85
C UNK C 1915 -13.90 -24.16 -89.72
N UNK C 1916 -14.14 -24.43 -91.01
CA UNK C 1916 -13.18 -24.22 -92.08
C UNK C 1916 -13.85 -24.11 -93.47
N UNK C 1917 -14.92 -23.31 -93.50
CA UNK C 1917 -15.49 -22.74 -94.72
C UNK C 1917 -16.16 -21.45 -94.25
N UNK C 1918 -16.07 -21.24 -92.94
CA UNK C 1918 -16.15 -19.92 -92.30
C UNK C 1918 -14.72 -19.36 -92.33
N UNK C 1919 -13.84 -20.17 -92.94
CA UNK C 1919 -12.41 -19.87 -93.12
C UNK C 1919 -12.16 -19.21 -94.49
N UNK C 1920 -11.53 -19.94 -95.41
CA UNK C 1920 -11.30 -19.43 -96.77
C UNK C 1920 -12.32 -18.37 -97.24
N UNK C 1921 -13.50 -18.41 -96.61
CA UNK C 1921 -14.69 -17.58 -96.93
C UNK C 1921 -14.43 -16.15 -97.40
N UNK C 1922 -14.23 -15.27 -96.43
CA UNK C 1922 -13.76 -13.91 -96.71
C UNK C 1922 -12.40 -13.86 -97.45
N UNK C 1923 -11.55 -14.90 -97.31
CA UNK C 1923 -10.29 -14.99 -98.04
C UNK C 1923 -10.60 -15.23 -99.51
N UNK C 1924 -11.66 -14.54 -99.95
CA UNK C 1924 -12.13 -14.44 -101.32
C UNK C 1924 -12.81 -13.08 -101.53
N UNK C 1925 -13.47 -12.57 -100.47
CA UNK C 1925 -14.13 -11.25 -100.47
C UNK C 1925 -13.92 -10.53 -99.13
N UNK C 2005 -4.49 -8.53 -90.56
CA UNK C 2005 -3.82 -9.83 -90.71
C UNK C 2005 -2.53 -9.91 -89.93
N UNK C 2006 -2.58 -9.40 -88.71
CA UNK C 2006 -1.57 -9.68 -87.69
C UNK C 2006 -1.87 -11.03 -86.92
N UNK C 2007 -2.50 -11.98 -87.62
CA UNK C 2007 -2.65 -13.34 -87.15
C UNK C 2007 -1.25 -13.95 -87.08
N UNK C 2008 -0.53 -13.86 -88.20
CA UNK C 2008 0.87 -14.27 -88.27
C UNK C 2008 1.81 -13.33 -87.49
N UNK C 2009 1.24 -12.55 -86.57
CA UNK C 2009 2.02 -12.04 -85.43
C UNK C 2009 2.05 -13.13 -84.33
N UNK C 2010 0.85 -13.49 -83.87
CA UNK C 2010 0.62 -14.67 -83.00
C UNK C 2010 1.19 -15.93 -83.68
N UNK C 2011 0.32 -16.65 -84.38
CA UNK C 2011 0.65 -17.93 -84.98
C UNK C 2011 2.00 -17.96 -85.66
N UNK C 2012 2.90 -17.03 -85.30
CA UNK C 2012 4.24 -16.95 -85.90
C UNK C 2012 5.38 -16.43 -84.97
N UNK C 2013 5.01 -15.62 -83.98
CA UNK C 2013 5.99 -15.28 -82.99
C UNK C 2013 6.06 -16.46 -82.04
N UNK C 2014 4.88 -17.03 -81.73
CA UNK C 2014 4.72 -18.09 -80.71
C UNK C 2014 4.96 -19.47 -81.26
N UNK C 2015 5.35 -19.56 -82.53
CA UNK C 2015 5.84 -20.81 -83.10
C UNK C 2015 7.35 -20.72 -83.34
N UNK C 2016 8.02 -19.92 -82.49
CA UNK C 2016 9.43 -19.50 -82.69
C UNK C 2016 10.43 -19.92 -81.58
N UNK C 2017 9.98 -19.97 -80.31
CA UNK C 2017 10.64 -20.75 -79.24
C UNK C 2017 10.59 -22.19 -79.68
N UNK C 2018 9.42 -22.60 -80.21
CA UNK C 2018 9.18 -23.94 -80.74
C UNK C 2018 10.00 -24.22 -82.01
N UNK C 2105 25.47 -34.63 -94.77
CA UNK C 2105 24.65 -34.29 -93.59
C UNK C 2105 23.18 -33.90 -93.96
N UNK C 2106 22.66 -34.66 -94.95
CA UNK C 2106 21.37 -34.40 -95.66
C UNK C 2106 20.11 -34.19 -94.80
N UNK C 2107 20.03 -34.95 -93.71
CA UNK C 2107 19.04 -34.69 -92.68
C UNK C 2107 18.94 -33.19 -92.38
N UNK C 2108 20.11 -32.53 -92.37
CA UNK C 2108 20.25 -31.11 -91.99
C UNK C 2108 19.31 -30.18 -92.79
N UNK C 2109 19.36 -30.27 -94.13
CA UNK C 2109 18.41 -29.60 -95.06
C UNK C 2109 16.98 -30.18 -95.03
N UNK C 2110 16.49 -30.48 -93.81
CA UNK C 2110 15.11 -30.86 -93.49
C UNK C 2110 14.74 -30.09 -92.19
N UNK C 2111 15.71 -29.24 -91.80
CA UNK C 2111 15.63 -28.31 -90.66
C UNK C 2111 16.42 -27.00 -90.95
N UNK C 2112 17.52 -27.12 -91.69
CA UNK C 2112 18.19 -25.97 -92.27
C UNK C 2112 17.17 -25.42 -93.25
N UNK C 2113 17.14 -25.95 -94.49
CA UNK C 2113 16.13 -25.47 -95.46
C UNK C 2113 14.68 -25.38 -94.88
N UNK C 2114 14.60 -25.37 -93.55
CA UNK C 2114 13.36 -25.14 -92.84
C UNK C 2114 13.53 -24.00 -91.82
N UNK C 2115 14.78 -23.62 -91.51
CA UNK C 2115 15.04 -22.26 -90.96
C UNK C 2115 14.56 -21.35 -92.06
N UNK C 2116 14.94 -21.69 -93.30
CA UNK C 2116 14.54 -21.00 -94.53
C UNK C 2116 13.02 -20.89 -94.76
N UNK C 2117 12.29 -21.90 -94.26
CA UNK C 2117 10.86 -22.08 -94.59
C UNK C 2117 9.96 -21.03 -93.99
N UNK C 2118 10.18 -20.71 -92.72
CA UNK C 2118 9.43 -19.62 -92.10
C UNK C 2118 10.09 -18.27 -92.49
N UNK C 2119 11.31 -18.33 -93.02
CA UNK C 2119 11.91 -17.16 -93.64
C UNK C 2119 10.95 -16.81 -94.75
N UNK C 2120 10.73 -17.73 -95.71
CA UNK C 2120 9.76 -17.48 -96.80
C UNK C 2120 8.34 -17.06 -96.34
N UNK C 2121 8.11 -17.13 -95.03
CA UNK C 2121 6.91 -16.59 -94.42
C UNK C 2121 7.20 -15.30 -93.60
N UNK C 2122 8.40 -15.22 -93.01
CA UNK C 2122 8.95 -13.93 -92.54
C UNK C 2122 9.04 -13.00 -93.78
N UNK C 2123 9.29 -13.62 -94.94
CA UNK C 2123 9.26 -12.94 -96.20
C UNK C 2123 7.85 -12.57 -96.63
N UNK C 2124 6.85 -13.39 -96.28
CA UNK C 2124 5.49 -13.15 -96.80
C UNK C 2124 4.45 -12.98 -95.70
N UNK C 2125 4.95 -12.85 -94.48
CA UNK C 2125 4.16 -12.27 -93.43
C UNK C 2125 4.53 -10.78 -93.47
N UNK C 2126 5.73 -10.54 -94.01
CA UNK C 2126 6.28 -9.20 -94.18
C UNK C 2126 5.72 -8.55 -95.44
N UNK C 2127 5.13 -9.38 -96.29
CA UNK C 2127 4.61 -8.88 -97.56
C UNK C 2127 3.33 -8.07 -97.38
N UNK C 2128 2.31 -8.66 -96.77
CA UNK C 2128 1.00 -8.00 -96.64
C UNK C 2128 0.99 -6.81 -95.62
N UNK C 2129 2.17 -6.20 -95.45
CA UNK C 2129 2.40 -5.18 -94.43
C UNK C 2129 1.62 -3.87 -94.63
N UNK C 2205 10.55 -8.97 -109.80
CA UNK C 2205 9.66 -8.88 -108.65
C UNK C 2205 8.24 -9.21 -109.04
N UNK C 2206 7.92 -9.00 -110.31
CA UNK C 2206 6.67 -9.51 -110.88
C UNK C 2206 6.85 -11.00 -111.16
N UNK C 2207 7.98 -11.50 -110.67
CA UNK C 2207 8.23 -12.91 -110.53
C UNK C 2207 8.65 -13.13 -109.06
N UNK C 2208 9.96 -13.21 -108.80
CA UNK C 2208 10.50 -13.19 -107.42
C UNK C 2208 9.38 -13.16 -106.37
N UNK C 2209 8.83 -12.01 -106.05
CA UNK C 2209 7.77 -11.94 -105.05
C UNK C 2209 6.50 -12.70 -105.48
N UNK C 2210 6.68 -13.70 -106.35
CA UNK C 2210 5.57 -14.55 -106.82
C UNK C 2210 6.07 -15.88 -107.45
N UNK C 2211 7.36 -16.11 -107.33
CA UNK C 2211 7.93 -17.43 -107.51
C UNK C 2211 8.52 -17.81 -106.18
N UNK C 2212 8.83 -16.83 -105.36
CA UNK C 2212 8.99 -17.09 -103.97
C UNK C 2212 7.58 -17.16 -103.51
N UNK C 2213 6.87 -18.08 -104.15
CA UNK C 2213 5.51 -18.48 -103.85
C UNK C 2213 5.22 -19.79 -104.55
N UNK C 2214 5.61 -19.89 -105.83
CA UNK C 2214 5.47 -21.08 -106.67
C UNK C 2214 6.53 -22.17 -106.33
N UNK C 2215 7.32 -21.91 -105.31
CA UNK C 2215 8.20 -22.90 -104.75
C UNK C 2215 8.13 -22.81 -103.23
N UNK C 2216 7.51 -21.77 -102.70
CA UNK C 2216 7.36 -21.74 -101.24
C UNK C 2216 6.14 -22.55 -100.78
N UNK C 2217 4.94 -22.07 -101.15
CA UNK C 2217 3.69 -22.83 -100.98
C UNK C 2217 3.78 -24.28 -101.53
N UNK C 2218 5.02 -24.74 -101.73
CA UNK C 2218 5.31 -25.99 -102.43
C UNK C 2218 6.64 -26.59 -101.97
N UNK C 2219 7.28 -25.94 -101.00
CA UNK C 2219 8.52 -26.49 -100.49
C UNK C 2219 8.24 -27.10 -99.15
N UNK C 2305 -1.47 -9.83 -109.32
CA UNK C 2305 -2.38 -8.68 -109.41
C UNK C 2305 -2.38 -7.77 -108.15
N UNK C 2306 -3.37 -7.87 -107.26
CA UNK C 2306 -3.41 -6.94 -106.13
C UNK C 2306 -2.12 -6.99 -105.35
N UNK C 2307 -1.15 -7.76 -105.84
CA UNK C 2307 0.22 -7.76 -105.34
C UNK C 2307 1.29 -7.78 -106.46
N UNK C 2308 0.82 -7.89 -107.72
CA UNK C 2308 1.64 -7.56 -108.92
C UNK C 2308 1.05 -6.33 -109.61
N UNK C 2309 0.52 -5.42 -108.79
CA UNK C 2309 -0.09 -4.16 -109.22
C UNK C 2309 0.05 -3.15 -108.04
N UNK C 2310 -0.81 -3.28 -107.03
CA UNK C 2310 -0.67 -2.57 -105.77
C UNK C 2310 0.77 -2.68 -105.21
N UNK C 2311 1.67 -3.31 -105.96
CA UNK C 2311 3.07 -3.42 -105.57
C UNK C 2311 4.05 -2.92 -106.64
N UNK C 2312 3.51 -2.65 -107.81
CA UNK C 2312 4.32 -2.16 -108.94
C UNK C 2312 4.49 -0.61 -109.04
N UNK C 2313 4.03 0.14 -108.02
CA UNK C 2313 4.08 1.62 -108.02
C UNK C 2313 4.57 2.35 -106.74
N UNK C 2314 3.99 2.05 -105.55
CA UNK C 2314 4.32 2.80 -104.30
C UNK C 2314 5.79 2.68 -103.93
N UNK C 2315 6.55 2.23 -104.91
CA UNK C 2315 7.98 2.39 -104.95
C UNK C 2315 8.38 2.55 -106.43
N UNK C 2405 -4.20 -24.97 -88.63
CA UNK C 2405 -3.26 -23.86 -88.85
C UNK C 2405 -1.79 -24.33 -89.04
N UNK C 2406 -1.66 -25.63 -89.31
CA UNK C 2406 -0.46 -26.21 -89.94
C UNK C 2406 -0.83 -26.50 -91.40
N UNK C 2407 -2.10 -26.21 -91.68
CA UNK C 2407 -2.62 -26.16 -93.03
C UNK C 2407 -3.64 -25.01 -93.26
N UNK C 2408 -3.84 -24.16 -92.25
CA UNK C 2408 -4.61 -22.93 -92.46
C UNK C 2408 -3.67 -21.79 -92.87
N UNK C 2409 -2.67 -21.47 -92.03
CA UNK C 2409 -1.72 -20.45 -92.44
C UNK C 2409 -1.43 -20.72 -93.92
N UNK C 2410 -1.07 -21.97 -94.23
CA UNK C 2410 -0.72 -22.47 -95.58
C UNK C 2410 -0.91 -21.54 -96.81
N UNK C 2411 -1.15 -22.13 -97.98
CA UNK C 2411 -1.54 -21.45 -99.23
C UNK C 2411 -2.49 -20.27 -99.01
N UNK C 2412 -3.14 -20.21 -97.86
CA UNK C 2412 -3.89 -19.02 -97.52
C UNK C 2412 -3.07 -17.72 -97.82
N UNK C 2413 -1.74 -17.86 -97.91
CA UNK C 2413 -0.83 -16.88 -98.51
C UNK C 2413 -0.55 -17.31 -99.92
N UNK C 2414 -1.64 -17.31 -100.72
CA UNK C 2414 -1.60 -17.30 -102.18
C UNK C 2414 -2.99 -17.09 -102.84
N UNK C 2415 -3.91 -16.43 -102.14
CA UNK C 2415 -5.07 -15.73 -102.81
C UNK C 2415 -4.57 -14.72 -103.85
N UNK C 2416 -3.48 -14.04 -103.48
CA UNK C 2416 -2.48 -13.35 -104.32
C UNK C 2416 -2.27 -13.96 -105.69
N UNK C 2505 18.15 -17.20 -99.74
CA UNK C 2505 18.26 -16.16 -100.78
C UNK C 2505 16.88 -15.68 -101.30
N UNK C 2506 15.91 -16.60 -101.24
CA UNK C 2506 14.52 -16.39 -101.69
C UNK C 2506 13.64 -15.74 -100.58
N UNK C 2507 14.32 -15.30 -99.53
CA UNK C 2507 13.87 -14.30 -98.57
C UNK C 2507 15.13 -13.65 -97.93
N UNK C 2508 16.26 -13.83 -98.63
CA UNK C 2508 17.32 -12.84 -98.68
C UNK C 2508 16.85 -11.88 -99.77
N UNK C 2509 15.85 -12.33 -100.53
CA UNK C 2509 15.05 -11.46 -101.35
C UNK C 2509 14.23 -10.55 -100.46
N UNK C 2510 12.91 -10.76 -100.38
CA UNK C 2510 12.03 -9.95 -99.51
C UNK C 2510 12.67 -9.69 -98.14
N UNK C 2511 13.99 -9.80 -98.13
CA UNK C 2511 14.85 -9.46 -96.98
C UNK C 2511 14.85 -7.98 -96.75
N UNK C 2512 15.68 -7.32 -97.55
CA UNK C 2512 15.72 -5.86 -97.67
C UNK C 2512 14.48 -5.22 -98.37
N UNK C 2513 13.80 -5.96 -99.25
CA UNK C 2513 12.55 -5.50 -99.85
C UNK C 2513 11.62 -4.86 -98.81
N UNK C 2514 10.45 -5.43 -98.51
CA UNK C 2514 9.47 -4.81 -97.54
C UNK C 2514 10.10 -4.13 -96.30
N UNK C 2515 11.40 -3.82 -96.40
CA UNK C 2515 12.19 -3.08 -95.39
C UNK C 2515 12.70 -1.70 -95.94
N UNK C 2516 13.57 -1.74 -96.95
CA UNK C 2516 13.81 -0.59 -97.86
C UNK C 2516 12.53 -0.30 -98.69
N UNK C 2517 11.40 -0.53 -98.03
CA UNK C 2517 10.06 -0.20 -98.47
C UNK C 2517 9.28 0.06 -97.19
N UNK C 2518 9.76 -0.52 -96.08
CA UNK C 2518 9.28 -0.18 -94.73
C UNK C 2518 9.79 1.23 -94.42
N UNK C 2519 10.94 1.52 -95.03
CA UNK C 2519 11.56 2.85 -95.03
C UNK C 2519 10.57 3.92 -95.52
N UNK C 2520 9.76 3.58 -96.54
CA UNK C 2520 8.75 4.49 -97.15
C UNK C 2520 8.08 5.45 -96.16
N UNK C 2521 6.84 5.17 -95.76
CA UNK C 2521 6.17 5.97 -94.72
C UNK C 2521 7.09 6.37 -93.53
N UNK C 2605 20.52 -12.37 -111.24
CA UNK C 2605 19.14 -12.01 -111.53
C UNK C 2605 18.44 -11.43 -110.29
N UNK C 2606 19.24 -11.26 -109.23
CA UNK C 2606 18.90 -10.37 -108.11
C UNK C 2606 20.12 -9.46 -107.98
N UNK C 2607 20.72 -9.23 -109.16
CA UNK C 2607 21.65 -8.12 -109.48
C UNK C 2607 21.27 -7.52 -110.84
N UNK C 2608 20.10 -6.86 -110.90
CA UNK C 2608 19.51 -6.28 -112.13
C UNK C 2608 18.32 -5.29 -112.04
N UNK C 2609 17.96 -4.78 -110.84
CA UNK C 2609 16.89 -3.73 -110.66
C UNK C 2609 16.57 -3.24 -109.22
N UNK C 2610 17.52 -3.38 -108.30
CA UNK C 2610 17.31 -2.93 -106.91
C UNK C 2610 18.38 -1.90 -106.56
N UNK C 2611 19.58 -2.14 -107.10
CA UNK C 2611 20.58 -1.10 -107.35
C UNK C 2611 20.16 -0.46 -108.68
N UNK C 2612 18.82 -0.35 -108.82
CA UNK C 2612 18.10 0.57 -109.72
C UNK C 2612 16.74 0.94 -109.06
N UNK C 2613 16.39 0.21 -107.99
CA UNK C 2613 15.38 0.62 -107.01
C UNK C 2613 16.12 1.58 -106.08
N UNK C 2614 17.43 1.63 -106.40
CA UNK C 2614 18.34 2.76 -106.23
C UNK C 2614 18.99 3.11 -107.61
N UNK C 2615 18.17 3.72 -108.48
CA UNK C 2615 18.56 4.35 -109.78
C UNK C 2615 17.43 5.09 -110.63
N UNK C 2616 16.23 4.53 -110.77
CA UNK C 2616 15.10 5.30 -111.33
C UNK C 2616 14.35 5.95 -110.16
N UNK C 2617 15.05 5.97 -109.03
CA UNK C 2617 14.95 7.04 -108.05
C UNK C 2617 16.33 7.75 -107.98
N UNK C 2618 17.05 7.75 -109.10
CA UNK C 2618 18.08 8.76 -109.41
C UNK C 2618 17.45 9.86 -110.30
N UNK C 2619 16.24 9.59 -110.76
CA UNK C 2619 15.30 10.63 -111.09
C UNK C 2619 14.63 11.12 -109.80
N UNK C 2620 14.19 10.20 -108.92
CA UNK C 2620 13.17 10.53 -107.88
C UNK C 2620 13.59 10.75 -106.41
N UNK C 2621 14.88 10.64 -106.14
CA UNK C 2621 15.40 11.21 -104.90
C UNK C 2621 15.81 12.60 -105.32
N UNK C 2622 16.63 12.63 -106.38
CA UNK C 2622 17.25 13.84 -106.92
C UNK C 2622 16.50 14.43 -108.11
N UNK D 105 51.77 -25.58 -65.41
CA UNK D 105 53.15 -25.00 -65.30
C UNK D 105 54.26 -26.07 -65.26
N UNK D 106 55.03 -26.15 -66.34
CA UNK D 106 56.07 -27.19 -66.49
C UNK D 106 57.32 -26.78 -67.29
N UNK D 107 57.11 -26.24 -68.49
CA UNK D 107 58.15 -25.57 -69.29
C UNK D 107 58.55 -24.29 -68.55
N UNK D 108 57.55 -23.73 -67.86
CA UNK D 108 57.79 -22.77 -66.80
C UNK D 108 59.19 -23.03 -66.23
N UNK D 109 59.25 -23.88 -65.22
CA UNK D 109 60.53 -24.36 -64.64
C UNK D 109 61.46 -25.24 -65.53
N UNK D 110 60.97 -25.68 -66.72
CA UNK D 110 61.75 -26.38 -67.74
C UNK D 110 62.51 -25.34 -68.56
N UNK D 111 61.87 -24.17 -68.66
CA UNK D 111 62.49 -22.95 -69.18
C UNK D 111 63.05 -22.10 -68.03
N UNK D 112 62.55 -22.35 -66.81
CA UNK D 112 63.12 -21.74 -65.59
C UNK D 112 64.60 -22.08 -65.29
N UNK D 113 64.90 -23.30 -64.83
CA UNK D 113 66.23 -23.55 -64.28
C UNK D 113 67.24 -24.43 -65.06
N UNK D 114 67.02 -24.56 -66.36
CA UNK D 114 68.11 -24.95 -67.27
C UNK D 114 68.39 -23.76 -68.22
N UNK D 115 67.58 -22.73 -68.02
CA UNK D 115 67.70 -21.42 -68.67
C UNK D 115 68.37 -20.35 -67.75
N UNK D 116 67.95 -20.29 -66.48
CA UNK D 116 68.78 -19.65 -65.46
C UNK D 116 70.06 -20.48 -65.36
N UNK D 117 70.28 -21.30 -66.38
CA UNK D 117 71.54 -21.94 -66.60
C UNK D 117 72.09 -21.41 -67.93
N UNK D 118 71.77 -20.14 -68.19
CA UNK D 118 72.49 -19.28 -69.15
C UNK D 118 73.08 -18.02 -68.42
N UNK D 119 72.56 -17.78 -67.23
CA UNK D 119 73.05 -16.80 -66.30
C UNK D 119 74.25 -17.32 -65.52
N UNK D 120 75.02 -18.22 -66.13
CA UNK D 120 76.22 -18.75 -65.46
C UNK D 120 77.27 -19.43 -66.38
N UNK D 205 69.24 -7.35 -74.95
CA UNK D 205 68.23 -6.71 -74.14
C UNK D 205 68.70 -6.59 -72.73
N UNK D 206 70.03 -6.63 -72.59
CA UNK D 206 70.74 -6.47 -71.30
C UNK D 206 70.01 -6.83 -69.96
N UNK D 207 70.00 -5.90 -69.00
CA UNK D 207 69.55 -6.21 -67.63
C UNK D 207 68.03 -6.50 -67.49
N UNK D 208 67.49 -7.15 -68.51
CA UNK D 208 66.13 -7.71 -68.46
C UNK D 208 66.11 -9.10 -69.16
N UNK D 209 67.09 -9.36 -70.02
CA UNK D 209 67.40 -10.73 -70.35
C UNK D 209 67.97 -11.35 -69.07
N UNK D 210 67.70 -10.68 -67.95
CA UNK D 210 67.99 -11.22 -66.61
C UNK D 210 66.77 -11.19 -65.66
N UNK D 211 66.32 -10.03 -65.22
CA UNK D 211 65.15 -9.98 -64.33
C UNK D 211 63.98 -10.85 -64.85
N UNK D 212 63.95 -11.04 -66.18
CA UNK D 212 63.15 -12.11 -66.82
C UNK D 212 63.24 -13.42 -66.01
N UNK D 213 64.30 -14.21 -66.22
CA UNK D 213 64.65 -15.27 -65.29
C UNK D 213 63.96 -15.06 -63.97
N UNK D 214 64.57 -14.28 -63.08
CA UNK D 214 64.04 -14.07 -61.71
C UNK D 214 62.53 -13.69 -61.59
N UNK D 215 61.93 -13.27 -62.70
CA UNK D 215 60.46 -13.08 -62.76
C UNK D 215 59.70 -14.38 -63.09
N UNK D 216 60.32 -15.19 -63.95
CA UNK D 216 59.86 -16.53 -64.23
C UNK D 216 60.09 -17.42 -63.01
N UNK D 217 61.35 -17.46 -62.53
CA UNK D 217 61.71 -18.18 -61.31
C UNK D 217 60.64 -18.01 -60.27
N UNK D 218 60.40 -16.78 -59.84
CA UNK D 218 59.43 -16.54 -58.76
C UNK D 218 57.95 -16.81 -59.11
N UNK D 219 57.65 -16.93 -60.40
CA UNK D 219 56.28 -17.21 -60.86
C UNK D 219 56.06 -18.69 -60.65
N UNK D 220 57.15 -19.42 -60.89
CA UNK D 220 57.21 -20.85 -60.70
C UNK D 220 57.62 -21.19 -59.27
N UNK D 221 57.85 -20.19 -58.44
CA UNK D 221 58.00 -20.43 -57.01
C UNK D 221 56.66 -21.02 -56.62
N UNK D 222 55.81 -20.24 -55.96
CA UNK D 222 54.50 -20.73 -55.58
C UNK D 222 53.91 -21.74 -56.62
N UNK D 223 54.59 -21.95 -57.74
CA UNK D 223 54.18 -23.02 -58.67
C UNK D 223 54.36 -24.40 -58.03
N UNK D 224 55.54 -24.62 -57.45
CA UNK D 224 55.87 -25.86 -56.71
C UNK D 224 55.00 -25.90 -55.45
N UNK D 225 54.93 -24.77 -54.76
CA UNK D 225 54.01 -24.64 -53.66
C UNK D 225 52.56 -24.83 -54.18
N UNK D 226 52.37 -25.92 -54.93
CA UNK D 226 51.06 -26.29 -55.45
C UNK D 226 51.01 -27.66 -56.14
N UNK D 227 51.44 -28.69 -55.39
CA UNK D 227 51.03 -30.11 -55.58
C UNK D 227 50.52 -30.66 -54.25
N UNK D 305 45.98 -19.88 -66.82
CA UNK D 305 45.97 -18.42 -66.90
C UNK D 305 47.26 -17.89 -67.54
N UNK D 306 47.91 -16.94 -66.86
CA UNK D 306 49.28 -16.42 -67.12
C UNK D 306 50.10 -17.03 -68.30
N UNK D 307 49.53 -17.99 -69.04
CA UNK D 307 50.20 -18.67 -70.17
C UNK D 307 50.89 -17.70 -71.11
N UNK D 308 50.12 -16.69 -71.54
CA UNK D 308 50.65 -15.51 -72.17
C UNK D 308 52.09 -15.50 -71.70
N UNK D 309 52.22 -15.34 -70.37
CA UNK D 309 53.48 -15.08 -69.68
C UNK D 309 54.61 -16.05 -69.97
N UNK D 310 54.51 -16.79 -71.07
CA UNK D 310 55.65 -17.57 -71.52
C UNK D 310 55.73 -17.58 -73.03
N UNK D 311 54.61 -17.23 -73.67
CA UNK D 311 54.57 -17.12 -75.11
C UNK D 311 54.95 -15.70 -75.44
N UNK D 312 54.75 -14.78 -74.48
CA UNK D 312 55.45 -13.46 -74.45
C UNK D 312 56.93 -13.66 -74.07
N UNK D 313 57.14 -14.32 -72.92
CA UNK D 313 58.48 -14.61 -72.41
C UNK D 313 59.33 -15.61 -73.22
N UNK D 314 58.68 -16.43 -74.05
CA UNK D 314 59.38 -17.49 -74.76
C UNK D 314 60.60 -16.92 -75.49
N UNK D 315 60.27 -16.20 -76.57
CA UNK D 315 61.21 -15.55 -77.49
C UNK D 315 61.75 -14.10 -77.09
N UNK D 316 61.03 -13.37 -76.23
CA UNK D 316 61.53 -12.11 -75.65
C UNK D 316 62.95 -12.34 -75.16
N UNK D 317 63.22 -13.58 -74.79
CA UNK D 317 64.57 -14.13 -74.66
C UNK D 317 64.94 -15.00 -75.89
N UNK D 318 63.95 -15.76 -76.38
CA UNK D 318 64.15 -16.78 -77.41
C UNK D 318 64.09 -16.28 -78.86
N UNK D 319 64.81 -15.18 -79.11
CA UNK D 319 65.15 -14.73 -80.48
C UNK D 319 66.33 -13.73 -80.49
N UNK D 320 67.30 -13.99 -79.62
CA UNK D 320 68.41 -13.06 -79.45
C UNK D 320 69.60 -13.74 -78.78
N UNK D 405 63.66 0.80 -76.53
CA UNK D 405 62.74 0.90 -75.37
C UNK D 405 61.39 1.57 -75.71
N UNK D 406 60.89 1.21 -76.88
CA UNK D 406 59.54 1.55 -77.32
C UNK D 406 58.53 0.49 -76.87
N UNK D 407 58.88 -0.78 -77.13
CA UNK D 407 58.18 -1.98 -76.69
C UNK D 407 58.50 -2.21 -75.23
N UNK D 408 59.78 -2.46 -74.97
CA UNK D 408 60.30 -2.72 -73.62
C UNK D 408 59.74 -1.74 -72.58
N UNK D 409 58.45 -1.46 -72.70
CA UNK D 409 57.81 -0.33 -72.06
C UNK D 409 56.40 -0.69 -71.73
N UNK D 410 55.85 -1.55 -72.58
CA UNK D 410 54.54 -2.24 -72.35
C UNK D 410 54.76 -3.72 -72.12
N UNK D 411 55.89 -4.23 -72.61
CA UNK D 411 56.40 -5.54 -72.22
C UNK D 411 56.13 -5.71 -70.72
N UNK D 412 56.67 -4.77 -69.95
CA UNK D 412 56.30 -4.58 -68.57
C UNK D 412 54.78 -4.62 -68.43
N UNK D 413 54.08 -3.71 -69.09
CA UNK D 413 52.68 -3.40 -68.79
C UNK D 413 51.81 -4.56 -68.30
N UNK D 414 51.98 -5.72 -68.93
CA UNK D 414 51.29 -6.93 -68.50
C UNK D 414 52.10 -7.69 -67.39
N UNK D 415 51.96 -7.22 -66.15
CA UNK D 415 52.80 -7.67 -65.07
C UNK D 415 52.24 -7.04 -63.82
N UNK D 505 55.15 11.82 -81.18
CA UNK D 505 55.59 10.57 -81.82
C UNK D 505 56.89 10.04 -81.19
N UNK D 506 56.99 10.23 -79.87
CA UNK D 506 57.96 9.53 -79.03
C UNK D 506 57.39 9.24 -77.61
N UNK D 507 56.05 9.25 -77.50
CA UNK D 507 55.33 9.01 -76.23
C UNK D 507 53.82 8.68 -76.37
N UNK D 508 53.23 8.91 -77.52
CA UNK D 508 51.87 8.48 -77.73
C UNK D 508 52.01 7.27 -78.61
N UNK D 509 53.25 6.78 -78.65
CA UNK D 509 53.56 5.41 -79.03
C UNK D 509 53.69 4.63 -77.71
N UNK D 510 54.54 5.11 -76.79
CA UNK D 510 54.59 4.61 -75.41
C UNK D 510 53.24 4.84 -74.78
N UNK D 511 52.23 4.74 -75.65
CA UNK D 511 50.80 4.81 -75.36
C UNK D 511 50.02 4.25 -76.56
N UNK D 512 50.75 3.96 -77.64
CA UNK D 512 50.16 3.32 -78.80
C UNK D 512 50.12 1.85 -78.49
N UNK D 513 51.19 1.39 -77.82
CA UNK D 513 51.39 0.00 -77.34
C UNK D 513 50.61 -0.21 -76.04
N UNK D 514 50.68 0.75 -75.11
CA UNK D 514 49.70 0.82 -74.01
C UNK D 514 48.26 0.98 -74.50
N UNK D 515 48.11 1.20 -75.81
CA UNK D 515 46.80 1.26 -76.43
C UNK D 515 46.31 -0.16 -76.58
N UNK D 516 47.29 -1.08 -76.57
CA UNK D 516 47.13 -2.53 -76.78
C UNK D 516 47.02 -3.32 -75.45
N UNK D 605 40.51 -14.59 -92.98
CA UNK D 605 40.49 -13.18 -93.36
C UNK D 605 39.61 -12.33 -92.46
N UNK D 606 38.32 -12.67 -92.37
CA UNK D 606 37.34 -12.06 -91.46
C UNK D 606 37.90 -10.88 -90.70
N UNK D 607 37.51 -10.71 -89.43
CA UNK D 607 38.10 -9.65 -88.54
C UNK D 607 39.54 -9.94 -88.11
N UNK D 608 40.30 -10.56 -89.02
CA UNK D 608 41.57 -11.17 -88.71
C UNK D 608 42.67 -10.41 -89.41
N UNK D 609 42.40 -10.03 -90.66
CA UNK D 609 43.17 -9.00 -91.36
C UNK D 609 42.97 -7.67 -90.59
N UNK D 610 41.70 -7.29 -90.36
CA UNK D 610 41.35 -6.13 -89.53
C UNK D 610 42.42 -5.81 -88.48
N UNK D 611 42.10 -5.93 -87.18
CA UNK D 611 43.05 -5.64 -86.11
C UNK D 611 44.52 -5.63 -86.57
N UNK D 612 44.85 -6.58 -87.47
CA UNK D 612 46.18 -6.70 -88.09
C UNK D 612 46.58 -5.44 -88.88
N UNK D 613 45.76 -5.10 -89.87
CA UNK D 613 45.91 -3.88 -90.65
C UNK D 613 46.11 -2.68 -89.71
N UNK D 614 45.07 -2.34 -88.98
CA UNK D 614 45.19 -1.33 -87.94
C UNK D 614 46.38 -1.58 -86.96
N UNK D 615 46.95 -2.80 -86.97
CA UNK D 615 48.02 -3.21 -86.01
C UNK D 615 49.52 -2.76 -86.27
N UNK D 616 50.03 -3.01 -87.49
CA UNK D 616 51.31 -2.45 -87.90
C UNK D 616 51.15 -0.95 -88.02
N UNK D 617 49.88 -0.51 -87.84
CA UNK D 617 49.45 0.88 -88.04
C UNK D 617 50.21 1.82 -87.12
N UNK D 618 50.17 1.54 -85.81
CA UNK D 618 51.07 2.21 -84.88
C UNK D 618 52.49 2.33 -85.47
N UNK D 619 53.04 1.22 -85.92
CA UNK D 619 54.37 1.23 -86.54
C UNK D 619 54.32 1.27 -88.09
N UNK D 705 32.14 -23.79 -74.45
CA UNK D 705 32.72 -23.93 -75.81
C UNK D 705 33.84 -22.89 -76.15
N UNK D 706 33.43 -21.60 -76.21
CA UNK D 706 34.23 -20.44 -76.68
C UNK D 706 35.73 -20.33 -76.23
N UNK D 707 35.92 -20.00 -74.92
CA UNK D 707 37.16 -19.45 -74.31
C UNK D 707 38.49 -20.13 -74.69
N UNK D 708 38.38 -21.10 -75.60
CA UNK D 708 39.52 -21.84 -76.12
C UNK D 708 40.27 -20.85 -76.95
N UNK D 709 39.48 -20.10 -77.73
CA UNK D 709 39.93 -19.17 -78.79
C UNK D 709 40.02 -17.72 -78.29
N UNK D 710 38.98 -17.30 -77.53
CA UNK D 710 38.87 -15.93 -76.95
C UNK D 710 40.12 -15.38 -76.16
N UNK D 711 41.29 -15.92 -76.54
CA UNK D 711 42.62 -15.32 -76.37
C UNK D 711 43.76 -16.23 -76.98
N UNK D 712 43.40 -16.97 -78.03
CA UNK D 712 44.39 -17.49 -78.98
C UNK D 712 43.93 -17.08 -80.40
N UNK D 713 42.81 -16.34 -80.42
CA UNK D 713 42.62 -15.22 -81.35
C UNK D 713 43.70 -14.12 -81.14
N UNK D 714 43.62 -13.48 -79.96
CA UNK D 714 44.67 -12.69 -79.31
C UNK D 714 46.08 -13.23 -79.34
N UNK D 715 46.75 -12.83 -78.26
CA UNK D 715 48.04 -13.34 -77.78
C UNK D 715 49.14 -13.84 -78.74
N UNK D 716 48.79 -14.42 -79.89
CA UNK D 716 49.77 -14.53 -80.95
C UNK D 716 50.22 -13.07 -81.03
N UNK D 717 49.22 -12.20 -81.25
CA UNK D 717 49.36 -10.77 -81.04
C UNK D 717 50.13 -10.37 -79.76
N UNK D 718 50.11 -11.19 -78.71
CA UNK D 718 50.79 -10.79 -77.49
C UNK D 718 52.28 -11.02 -77.65
N UNK D 719 52.59 -12.17 -78.22
CA UNK D 719 53.94 -12.39 -78.68
C UNK D 719 54.07 -11.39 -79.80
N UNK D 720 53.11 -11.37 -80.74
CA UNK D 720 53.18 -10.42 -81.83
C UNK D 720 53.31 -9.04 -81.24
N UNK D 721 53.19 -8.93 -79.90
CA UNK D 721 53.57 -7.71 -79.15
C UNK D 721 55.11 -7.65 -78.98
N UNK D 722 55.67 -8.29 -77.94
CA UNK D 722 57.14 -8.24 -77.77
C UNK D 722 57.83 -8.91 -78.94
N UNK D 723 57.04 -9.13 -80.00
CA UNK D 723 57.50 -9.76 -81.25
C UNK D 723 58.33 -8.76 -81.99
N UNK D 724 57.79 -7.54 -82.03
CA UNK D 724 58.43 -6.37 -82.62
C UNK D 724 59.33 -5.71 -81.58
N UNK D 725 60.48 -6.36 -81.37
CA UNK D 725 61.46 -5.92 -80.40
C UNK D 725 62.73 -6.79 -80.44
N UNK D 726 63.14 -7.15 -81.66
CA UNK D 726 64.51 -7.66 -81.94
C UNK D 726 64.81 -7.76 -83.45
N UNK D 805 39.14 4.00 -75.94
CA UNK D 805 38.69 3.70 -77.30
C UNK D 805 39.67 2.78 -78.03
N UNK D 806 40.55 2.15 -77.25
CA UNK D 806 41.38 1.01 -77.73
C UNK D 806 40.71 -0.37 -77.54
N UNK D 807 40.00 -0.54 -76.41
CA UNK D 807 39.30 -1.77 -76.06
C UNK D 807 38.27 -2.26 -77.11
N UNK D 808 37.13 -1.57 -77.20
CA UNK D 808 36.03 -2.03 -78.06
C UNK D 808 36.57 -2.61 -79.35
N UNK D 809 37.44 -1.84 -80.01
CA UNK D 809 38.18 -2.30 -81.18
C UNK D 809 39.12 -3.50 -80.90
N UNK D 810 39.92 -3.41 -79.83
CA UNK D 810 40.71 -4.53 -79.35
C UNK D 810 39.80 -5.75 -79.27
N UNK D 811 38.61 -5.53 -78.72
CA UNK D 811 37.55 -6.53 -78.73
C UNK D 811 37.03 -6.78 -80.16
N UNK D 812 36.37 -5.78 -80.74
CA UNK D 812 35.86 -5.88 -82.12
C UNK D 812 36.74 -6.73 -83.09
N UNK D 813 38.06 -6.52 -83.05
CA UNK D 813 38.97 -7.26 -83.92
C UNK D 813 39.45 -8.58 -83.31
N UNK D 814 38.97 -8.85 -82.09
CA UNK D 814 39.24 -10.11 -81.39
C UNK D 814 38.64 -11.43 -82.01
N UNK D 815 38.25 -11.39 -83.31
CA UNK D 815 37.64 -12.55 -83.97
C UNK D 815 38.68 -13.37 -84.72
N UNK D 905 26.45 -20.84 -92.75
CA UNK D 905 25.68 -20.58 -91.51
C UNK D 905 26.58 -20.08 -90.36
N UNK D 906 27.10 -20.95 -89.49
CA UNK D 906 28.13 -20.54 -88.56
C UNK D 906 29.34 -20.11 -89.40
N UNK D 907 29.18 -20.18 -90.73
CA UNK D 907 29.97 -19.35 -91.63
C UNK D 907 29.68 -17.87 -91.29
N UNK D 908 28.59 -17.33 -91.88
CA UNK D 908 28.15 -15.95 -91.64
C UNK D 908 29.30 -15.10 -91.14
N UNK D 909 29.17 -14.61 -89.92
CA UNK D 909 30.12 -13.63 -89.34
C UNK D 909 31.61 -13.76 -89.66
N UNK D 910 32.02 -14.74 -90.48
CA UNK D 910 33.32 -14.66 -91.10
C UNK D 910 33.24 -14.33 -92.60
N UNK D 911 32.05 -13.88 -93.03
CA UNK D 911 31.88 -12.88 -94.13
C UNK D 911 31.78 -11.46 -93.51
N UNK D 912 30.61 -11.15 -92.95
CA UNK D 912 30.34 -9.83 -92.42
C UNK D 912 31.32 -9.39 -91.34
N UNK D 913 32.61 -9.37 -91.64
CA UNK D 913 33.61 -8.91 -90.62
C UNK D 913 34.41 -7.66 -91.03
N UNK D 914 35.33 -7.87 -91.98
CA UNK D 914 35.77 -6.84 -92.92
C UNK D 914 34.56 -6.23 -93.65
N UNK D 915 33.64 -5.74 -92.85
CA UNK D 915 32.54 -4.93 -93.30
C UNK D 915 32.83 -3.67 -92.50
N UNK D 916 32.52 -3.72 -91.22
CA UNK D 916 33.02 -2.72 -90.31
C UNK D 916 34.43 -2.37 -90.72
N UNK D 917 35.19 -3.33 -91.24
CA UNK D 917 36.61 -3.08 -91.53
C UNK D 917 36.72 -1.98 -92.53
N UNK D 918 36.36 -2.22 -93.78
CA UNK D 918 36.29 -1.12 -94.76
C UNK D 918 35.14 -0.12 -94.47
N UNK D 919 35.02 0.28 -93.19
CA UNK D 919 33.95 1.14 -92.63
C UNK D 919 34.24 1.66 -91.22
N UNK D 920 35.47 1.46 -90.77
CA UNK D 920 36.06 2.15 -89.62
C UNK D 920 37.56 1.94 -89.81
N UNK D 921 37.84 1.23 -90.90
CA UNK D 921 38.88 1.58 -91.81
C UNK D 921 37.98 2.00 -93.01
N UNK D 922 36.92 2.76 -92.64
CA UNK D 922 36.24 3.79 -93.48
C UNK D 922 35.55 4.99 -92.70
N UNK D 923 36.23 5.36 -91.60
CA UNK D 923 35.92 6.58 -90.93
C UNK D 923 36.84 6.88 -89.77
N UNK D 924 38.15 6.86 -90.06
CA UNK D 924 39.13 7.73 -89.30
C UNK D 924 40.50 7.92 -89.96
N UNK D 1005 32.43 18.07 -93.53
CA UNK D 1005 32.74 16.72 -92.98
C UNK D 1005 32.29 15.55 -93.93
N UNK D 1006 31.01 15.65 -94.36
CA UNK D 1006 30.28 14.70 -95.24
C UNK D 1006 31.09 14.12 -96.38
N UNK D 1007 32.39 14.33 -96.34
CA UNK D 1007 33.24 13.68 -97.28
C UNK D 1007 32.80 12.22 -97.28
N UNK D 1008 32.49 11.75 -96.05
CA UNK D 1008 32.35 10.33 -95.60
C UNK D 1008 30.93 9.65 -95.78
N UNK D 1009 29.93 10.16 -95.09
CA UNK D 1009 28.54 9.81 -95.41
C UNK D 1009 28.26 9.28 -96.87
N UNK D 1010 28.76 9.89 -97.94
CA UNK D 1010 28.39 9.37 -99.27
C UNK D 1010 29.41 8.37 -99.76
N UNK D 1011 30.41 8.16 -98.93
CA UNK D 1011 31.17 6.93 -98.94
C UNK D 1011 30.28 5.95 -98.20
N UNK D 1012 29.78 6.39 -97.04
CA UNK D 1012 28.78 5.64 -96.26
C UNK D 1012 27.42 5.43 -97.02
N UNK D 1013 26.41 6.30 -96.82
CA UNK D 1013 25.08 6.12 -97.44
C UNK D 1013 25.12 5.80 -98.95
N UNK D 1014 26.23 5.19 -99.36
CA UNK D 1014 26.29 4.22 -100.43
C UNK D 1014 27.55 3.40 -100.14
N UNK D 1015 27.59 2.93 -98.88
CA UNK D 1015 28.41 1.77 -98.38
C UNK D 1015 27.57 0.48 -98.35
N UNK D 1016 26.37 0.62 -97.78
CA UNK D 1016 25.17 -0.05 -98.23
C UNK D 1016 24.95 0.20 -99.74
N UNK D 1105 24.07 16.08 -91.19
CA UNK D 1105 24.20 14.65 -91.47
C UNK D 1105 23.65 13.80 -90.31
N UNK D 1106 22.57 14.27 -89.67
CA UNK D 1106 21.89 13.51 -88.62
C UNK D 1106 20.66 12.77 -89.18
N UNK D 1107 20.92 12.08 -90.29
CA UNK D 1107 20.02 11.16 -90.98
C UNK D 1107 20.87 10.52 -92.07
N UNK D 1108 22.18 10.65 -91.87
CA UNK D 1108 23.17 9.74 -92.41
C UNK D 1108 23.52 8.88 -91.19
N UNK D 1109 22.65 9.03 -90.18
CA UNK D 1109 22.26 7.91 -89.32
C UNK D 1109 21.26 7.08 -90.18
N UNK D 1110 19.97 7.35 -89.99
CA UNK D 1110 18.95 6.55 -90.63
C UNK D 1110 19.22 6.09 -92.08
N UNK D 1111 20.50 5.92 -92.45
CA UNK D 1111 20.85 5.09 -93.61
C UNK D 1111 22.25 4.52 -93.56
N UNK D 1112 22.71 4.21 -92.34
CA UNK D 1112 23.58 3.02 -92.08
C UNK D 1112 22.85 1.96 -91.18
N UNK D 1113 22.25 2.43 -90.08
CA UNK D 1113 21.14 1.75 -89.44
C UNK D 1113 20.18 1.34 -90.55
N UNK D 1114 20.56 0.28 -91.26
CA UNK D 1114 19.66 -0.45 -92.17
C UNK D 1114 20.18 -1.87 -92.65
N UNK D 1205 28.85 -5.21 -81.40
CA UNK D 1205 29.71 -4.72 -82.49
C UNK D 1205 29.35 -3.30 -83.05
N UNK D 1206 28.60 -3.24 -84.18
CA UNK D 1206 28.17 -1.94 -84.75
C UNK D 1206 27.38 -1.16 -83.74
N UNK D 1207 28.01 -1.03 -82.58
CA UNK D 1207 27.58 -0.16 -81.51
C UNK D 1207 28.80 0.67 -80.99
N UNK D 1208 29.89 0.58 -81.74
CA UNK D 1208 30.94 1.62 -81.81
C UNK D 1208 31.53 1.57 -83.21
N UNK D 1209 30.60 1.54 -84.18
CA UNK D 1209 30.85 1.60 -85.61
C UNK D 1209 29.52 2.05 -86.14
N UNK D 1210 28.85 2.82 -85.29
CA UNK D 1210 27.71 3.66 -85.65
C UNK D 1210 27.54 4.64 -84.48
N UNK D 1211 28.62 4.75 -83.68
CA UNK D 1211 29.02 6.03 -83.05
C UNK D 1211 30.14 6.66 -83.94
N UNK D 1212 31.40 6.35 -83.62
CA UNK D 1212 32.54 6.56 -84.52
C UNK D 1212 32.32 5.89 -85.89
N UNK D 1213 31.13 6.17 -86.46
CA UNK D 1213 30.88 6.02 -87.91
C UNK D 1213 29.93 7.07 -88.51
N UNK D 1214 29.49 8.00 -87.65
CA UNK D 1214 29.06 9.37 -88.04
C UNK D 1214 29.44 10.46 -86.99
N UNK D 1215 30.16 10.06 -85.93
CA UNK D 1215 31.08 10.95 -85.24
C UNK D 1215 32.12 10.87 -86.30
N UNK D 1216 31.72 11.39 -87.47
CA UNK D 1216 32.53 11.62 -88.64
C UNK D 1216 31.96 12.76 -89.56
N UNK D 1217 30.71 12.65 -89.98
CA UNK D 1217 30.04 13.74 -90.70
C UNK D 1217 29.29 14.60 -89.72
N UNK D 1218 29.92 14.72 -88.54
CA UNK D 1218 29.58 15.68 -87.48
C UNK D 1218 30.64 15.60 -86.36
N UNK E 105 12.61 11.72 3.04
CA UNK E 105 13.03 13.14 2.88
C UNK E 105 14.21 13.30 1.91
N UNK E 106 15.26 14.00 2.36
CA UNK E 106 16.37 14.55 1.53
C UNK E 106 16.31 14.52 -0.04
N UNK E 107 16.82 13.44 -0.64
CA UNK E 107 17.08 13.31 -2.09
C UNK E 107 15.93 13.62 -3.15
N UNK E 108 14.90 14.32 -2.70
CA UNK E 108 13.70 14.47 -3.51
C UNK E 108 13.12 15.85 -3.30
N UNK E 109 13.60 16.50 -2.24
CA UNK E 109 13.33 17.91 -1.99
C UNK E 109 14.19 18.75 -2.96
N UNK E 110 14.94 18.03 -3.79
CA UNK E 110 15.83 18.58 -4.79
C UNK E 110 15.79 17.68 -6.01
N UNK E 111 14.57 17.32 -6.41
CA UNK E 111 14.36 16.38 -7.50
C UNK E 111 13.15 16.81 -8.28
N UNK E 112 12.04 16.88 -7.56
CA UNK E 112 10.88 17.55 -8.09
C UNK E 112 11.29 19.01 -8.44
N UNK E 113 11.60 19.78 -7.40
CA UNK E 113 12.35 21.05 -7.50
C UNK E 113 13.70 20.90 -8.21
N UNK E 114 13.78 19.99 -9.17
CA UNK E 114 14.93 19.85 -10.03
C UNK E 114 14.49 19.19 -11.30
N UNK E 115 13.21 19.35 -11.61
CA UNK E 115 12.74 19.48 -13.00
C UNK E 115 11.90 20.77 -13.15
N UNK E 116 11.51 21.36 -12.01
CA UNK E 116 11.23 22.79 -11.94
C UNK E 116 12.61 23.43 -12.17
N UNK E 117 13.40 23.66 -11.10
CA UNK E 117 14.74 24.20 -11.30
C UNK E 117 15.45 23.52 -12.47
N UNK E 118 14.66 23.20 -13.48
CA UNK E 118 15.12 22.70 -14.77
C UNK E 118 14.27 23.32 -15.92
N UNK E 119 13.16 22.69 -16.29
CA UNK E 119 12.26 23.26 -17.29
C UNK E 119 11.58 24.52 -16.73
N UNK E 120 11.82 24.80 -15.46
CA UNK E 120 11.71 26.15 -14.97
C UNK E 120 13.11 26.67 -14.66
N UNK E 121 13.96 26.56 -15.68
CA UNK E 121 15.05 27.51 -15.98
C UNK E 121 14.91 28.02 -17.45
N UNK E 205 26.54 17.93 -22.19
CA UNK E 205 25.68 18.40 -21.11
C UNK E 205 24.24 17.89 -21.23
N UNK E 206 23.95 17.20 -22.33
CA UNK E 206 22.58 16.82 -22.70
C UNK E 206 21.80 16.06 -21.61
N UNK E 207 20.87 15.19 -22.05
CA UNK E 207 20.22 14.11 -21.26
C UNK E 207 20.25 14.26 -19.76
N UNK E 208 21.41 13.90 -19.21
CA UNK E 208 21.72 13.94 -17.79
C UNK E 208 21.17 15.14 -17.02
N UNK E 209 19.91 15.48 -17.30
CA UNK E 209 19.22 16.54 -16.62
C UNK E 209 17.78 16.07 -16.37
N UNK E 210 17.10 15.62 -17.43
CA UNK E 210 15.85 14.83 -17.30
C UNK E 210 16.20 13.32 -17.47
N UNK E 211 17.40 13.01 -16.92
CA UNK E 211 17.97 11.69 -16.64
C UNK E 211 19.07 11.90 -15.54
N UNK E 212 18.76 12.79 -14.61
CA UNK E 212 19.57 13.08 -13.44
C UNK E 212 18.61 13.60 -12.36
N UNK E 213 17.32 13.46 -12.65
CA UNK E 213 16.31 13.34 -11.62
C UNK E 213 15.62 11.98 -11.85
N UNK E 214 16.15 11.19 -12.81
CA UNK E 214 15.99 9.74 -12.75
C UNK E 214 16.68 9.45 -11.41
N UNK E 215 17.98 9.75 -11.35
CA UNK E 215 18.73 9.70 -10.11
C UNK E 215 17.79 10.11 -9.00
N UNK E 216 17.45 11.37 -8.96
CA UNK E 216 16.53 11.76 -7.92
C UNK E 216 15.06 11.41 -8.26
N UNK E 217 14.78 10.08 -8.24
CA UNK E 217 13.41 9.51 -8.31
C UNK E 217 13.32 8.00 -8.02
N UNK E 218 14.12 7.23 -8.79
CA UNK E 218 14.15 5.75 -8.80
C UNK E 218 14.32 5.11 -7.43
N UNK E 219 15.51 5.23 -6.85
CA UNK E 219 15.77 4.75 -5.48
C UNK E 219 14.92 5.36 -4.33
N UNK E 220 13.78 5.99 -4.61
CA UNK E 220 13.03 6.74 -3.58
C UNK E 220 11.53 6.47 -3.53
N UNK E 221 11.01 5.90 -4.62
CA UNK E 221 9.72 5.18 -4.61
C UNK E 221 9.87 3.95 -3.71
N UNK E 222 10.95 3.20 -4.01
CA UNK E 222 11.39 2.03 -3.28
C UNK E 222 12.05 2.39 -1.91
N UNK E 223 11.54 3.46 -1.30
CA UNK E 223 11.90 3.82 0.07
C UNK E 223 10.63 4.22 0.82
N UNK E 224 9.76 4.99 0.18
CA UNK E 224 8.41 5.21 0.71
C UNK E 224 7.54 3.99 0.39
N UNK E 225 8.20 2.95 -0.12
CA UNK E 225 7.74 1.59 0.06
C UNK E 225 7.97 1.31 1.54
N UNK E 226 9.23 0.99 1.90
CA UNK E 226 9.65 0.71 3.28
C UNK E 226 9.28 1.83 4.26
N UNK E 227 8.19 2.50 3.92
CA UNK E 227 7.61 3.58 4.71
C UNK E 227 6.11 3.49 4.66
N UNK E 228 5.59 2.95 3.55
CA UNK E 228 4.15 2.76 3.37
C UNK E 228 3.80 1.55 4.20
N UNK E 229 4.64 0.52 4.03
CA UNK E 229 4.68 -0.73 4.82
C UNK E 229 5.36 -0.54 6.19
N UNK E 230 5.38 0.70 6.68
CA UNK E 230 6.04 1.00 7.95
C UNK E 230 5.18 0.57 9.13
N UNK E 231 3.87 0.83 9.00
CA UNK E 231 2.86 0.35 9.96
C UNK E 231 2.37 -1.15 9.79
N UNK E 305 19.43 24.01 1.24
CA UNK E 305 19.31 24.64 -0.09
C UNK E 305 20.63 25.18 -0.73
N UNK E 306 21.81 24.66 -0.36
CA UNK E 306 23.09 25.16 -0.92
C UNK E 306 23.36 24.68 -2.36
N UNK E 307 22.29 24.30 -3.05
CA UNK E 307 22.25 24.46 -4.47
C UNK E 307 21.16 25.49 -4.73
N UNK E 308 20.04 25.38 -3.99
CA UNK E 308 18.97 26.39 -4.07
C UNK E 308 19.44 27.83 -3.68
N UNK E 309 20.72 27.96 -3.31
CA UNK E 309 21.45 29.19 -3.48
C UNK E 309 21.65 29.32 -4.99
N UNK E 310 22.59 28.55 -5.55
CA UNK E 310 22.86 28.63 -6.99
C UNK E 310 21.65 28.31 -7.89
N UNK E 311 20.48 28.85 -7.50
CA UNK E 311 19.19 28.45 -8.06
C UNK E 311 18.25 29.59 -8.37
N UNK E 312 17.68 30.24 -7.32
CA UNK E 312 16.63 31.31 -7.49
C UNK E 312 17.17 32.55 -8.21
N UNK E 313 18.17 33.19 -7.60
CA UNK E 313 18.90 34.31 -8.21
C UNK E 313 19.49 33.94 -9.56
N UNK E 314 19.83 32.68 -9.79
CA UNK E 314 20.21 32.24 -11.13
C UNK E 314 19.10 32.53 -12.16
N UNK E 315 18.09 33.29 -11.69
CA UNK E 315 17.12 34.02 -12.56
C UNK E 315 16.47 35.34 -11.98
N UNK E 316 17.04 35.85 -10.90
CA UNK E 316 16.68 37.19 -10.36
C UNK E 316 17.56 38.26 -11.04
N UNK E 317 18.73 37.82 -11.48
CA UNK E 317 19.48 38.55 -12.48
C UNK E 317 18.90 38.26 -13.90
N UNK E 318 17.74 37.63 -13.99
CA UNK E 318 17.20 37.36 -15.31
C UNK E 318 15.77 37.83 -15.56
N UNK E 319 15.34 38.84 -14.82
CA UNK E 319 14.27 39.72 -15.35
C UNK E 319 14.99 40.91 -15.97
N UNK E 320 16.19 41.17 -15.44
CA UNK E 320 17.19 41.97 -16.14
C UNK E 320 17.65 41.10 -17.33
N UNK E 321 16.72 40.84 -18.25
CA UNK E 321 16.96 39.89 -19.34
C UNK E 321 16.08 40.07 -20.60
N UNK E 322 14.86 40.56 -20.40
CA UNK E 322 13.98 40.93 -21.51
C UNK E 322 12.78 41.68 -20.95
N UNK E 323 12.99 42.23 -19.76
CA UNK E 323 12.18 43.31 -19.21
C UNK E 323 13.20 44.27 -18.57
N UNK E 324 14.39 44.24 -19.14
CA UNK E 324 15.33 45.34 -19.07
C UNK E 324 15.42 45.92 -20.49
N UNK E 325 14.89 45.18 -21.46
CA UNK E 325 14.86 45.61 -22.86
C UNK E 325 13.46 46.06 -23.29
N UNK F 105 66.64 -70.80 -105.44
CA UNK F 105 67.14 -71.35 -106.75
C UNK F 105 67.13 -72.89 -106.84
N UNK F 106 68.31 -73.50 -106.72
CA UNK F 106 68.43 -74.96 -106.68
C UNK F 106 68.08 -75.50 -105.28
N UNK F 107 67.44 -74.65 -104.48
CA UNK F 107 66.70 -75.08 -103.30
C UNK F 107 65.25 -74.73 -103.51
N UNK F 108 64.98 -74.24 -104.74
CA UNK F 108 63.63 -73.77 -105.18
C UNK F 108 63.23 -74.32 -106.56
N UNK F 109 64.19 -74.52 -107.45
CA UNK F 109 63.91 -75.29 -108.66
C UNK F 109 63.31 -76.57 -108.13
N UNK F 110 63.79 -76.92 -106.92
CA UNK F 110 63.47 -78.13 -106.14
C UNK F 110 62.07 -78.13 -105.49
N UNK F 111 61.85 -77.25 -104.52
CA UNK F 111 60.54 -77.13 -103.90
C UNK F 111 59.41 -76.87 -104.93
N UNK F 112 59.78 -76.36 -106.10
CA UNK F 112 58.88 -76.35 -107.26
C UNK F 112 58.22 -77.72 -107.43
N UNK F 113 59.06 -78.73 -107.28
CA UNK F 113 58.66 -80.13 -107.33
C UNK F 113 58.04 -80.64 -106.00
N UNK F 114 57.97 -79.76 -105.01
CA UNK F 114 57.03 -79.99 -103.92
C UNK F 114 55.69 -79.46 -104.41
N UNK F 115 55.72 -78.38 -105.19
CA UNK F 115 54.52 -77.63 -105.57
C UNK F 115 53.41 -78.43 -106.28
N UNK F 116 53.75 -78.98 -107.46
CA UNK F 116 52.78 -79.66 -108.31
C UNK F 116 52.12 -80.79 -107.55
N UNK F 117 52.97 -81.51 -106.81
CA UNK F 117 52.68 -82.78 -106.10
C UNK F 117 52.16 -82.60 -104.66
N UNK F 118 50.88 -82.23 -104.57
CA UNK F 118 50.12 -82.07 -103.32
C UNK F 118 48.80 -81.43 -103.71
N UNK F 119 48.76 -80.98 -104.94
CA UNK F 119 47.53 -80.62 -105.60
C UNK F 119 47.51 -81.59 -106.78
N UNK F 120 48.55 -82.41 -106.81
CA UNK F 120 48.57 -83.65 -107.60
C UNK F 120 47.82 -84.69 -106.78
N UNK F 121 48.47 -85.10 -105.69
CA UNK F 121 47.83 -85.85 -104.62
C UNK F 121 46.50 -85.20 -104.23
N UNK F 122 45.89 -84.42 -105.14
CA UNK F 122 44.69 -83.65 -104.83
C UNK F 122 43.60 -83.86 -105.87
N UNK F 123 43.97 -84.40 -107.02
CA UNK F 123 42.97 -85.06 -107.85
C UNK F 123 43.11 -86.56 -107.52
N UNK F 124 44.35 -87.07 -107.56
CA UNK F 124 44.71 -88.39 -107.00
C UNK F 124 44.47 -88.47 -105.45
N UNK F 125 43.44 -87.74 -105.02
CA UNK F 125 42.90 -87.69 -103.65
C UNK F 125 41.71 -86.75 -103.75
N UNK F 126 41.16 -86.70 -104.96
CA UNK F 126 39.84 -86.14 -105.18
C UNK F 126 38.84 -87.20 -104.72
N UNK F 127 39.41 -88.32 -104.24
CA UNK F 127 38.72 -89.57 -103.77
C UNK F 127 38.46 -89.58 -102.26
N UNK F 205 22.22 -83.60 -77.70
CA UNK F 205 22.93 -83.27 -78.96
C UNK F 205 23.95 -82.10 -78.86
N UNK F 206 23.52 -81.01 -78.23
CA UNK F 206 24.39 -79.86 -77.91
C UNK F 206 25.70 -80.20 -77.11
N UNK F 207 26.37 -81.27 -77.55
CA UNK F 207 27.77 -81.61 -77.20
C UNK F 207 28.37 -82.44 -78.36
N UNK F 208 27.53 -82.55 -79.40
CA UNK F 208 27.85 -83.15 -80.72
C UNK F 208 28.37 -82.09 -81.72
N UNK F 209 27.48 -81.18 -82.09
CA UNK F 209 27.89 -79.93 -82.74
C UNK F 209 29.13 -79.42 -81.96
N UNK F 210 28.90 -79.08 -80.70
CA UNK F 210 29.93 -78.50 -79.88
C UNK F 210 31.36 -79.02 -80.08
N UNK F 211 31.54 -80.29 -80.44
CA UNK F 211 32.91 -80.84 -80.46
C UNK F 211 33.58 -80.77 -81.82
N UNK F 212 32.82 -81.07 -82.87
CA UNK F 212 33.24 -80.72 -84.22
C UNK F 212 32.71 -79.28 -84.38
N UNK F 213 33.41 -78.38 -83.67
CA UNK F 213 32.99 -76.98 -83.39
C UNK F 213 33.76 -76.43 -82.17
N UNK F 214 34.32 -77.34 -81.37
CA UNK F 214 35.36 -77.02 -80.42
C UNK F 214 36.60 -76.86 -81.30
N UNK F 215 36.55 -77.54 -82.44
CA UNK F 215 37.34 -77.16 -83.57
C UNK F 215 36.42 -76.54 -84.65
N UNK F 216 35.70 -75.50 -84.24
CA UNK F 216 35.27 -74.41 -85.12
C UNK F 216 35.82 -73.09 -84.51
N UNK F 217 36.81 -73.30 -83.64
CA UNK F 217 37.69 -72.28 -83.11
C UNK F 217 39.09 -72.85 -83.12
N UNK F 218 39.38 -73.72 -84.11
CA UNK F 218 40.65 -74.48 -84.09
C UNK F 218 41.18 -75.04 -85.43
N UNK F 219 40.32 -75.29 -86.41
CA UNK F 219 40.86 -75.64 -87.72
C UNK F 219 41.38 -74.32 -88.31
N UNK F 220 41.24 -73.29 -87.48
CA UNK F 220 41.34 -71.89 -87.91
C UNK F 220 42.50 -71.24 -87.20
N UNK F 221 43.07 -71.93 -86.23
CA UNK F 221 44.40 -71.58 -85.87
C UNK F 221 45.27 -72.07 -87.04
N UNK F 222 44.59 -72.50 -88.12
CA UNK F 222 45.24 -72.96 -89.33
C UNK F 222 44.55 -72.51 -90.63
N UNK F 223 43.97 -71.30 -90.55
CA UNK F 223 43.80 -70.35 -91.67
C UNK F 223 44.75 -69.20 -91.34
N UNK F 224 44.58 -68.65 -90.13
CA UNK F 224 45.42 -67.58 -89.57
C UNK F 224 46.92 -67.91 -89.32
N UNK F 225 47.23 -69.10 -88.80
CA UNK F 225 48.62 -69.58 -88.81
C UNK F 225 48.90 -70.28 -90.15
N UNK F 226 47.95 -70.12 -91.06
CA UNK F 226 48.12 -70.66 -92.39
C UNK F 226 48.80 -69.67 -93.36
N UNK F 227 48.37 -68.40 -93.34
CA UNK F 227 48.80 -67.43 -94.39
C UNK F 227 50.00 -66.54 -94.01
N UNK F 228 50.18 -66.35 -92.71
CA UNK F 228 51.29 -65.56 -92.18
C UNK F 228 52.63 -65.82 -92.90
N UNK F 305 33.50 -83.46 -68.37
CA UNK F 305 34.59 -83.03 -69.28
C UNK F 305 34.53 -81.54 -69.73
N UNK F 306 33.32 -80.98 -69.73
CA UNK F 306 33.10 -79.55 -69.91
C UNK F 306 34.32 -78.81 -69.37
N UNK F 307 34.34 -78.49 -68.08
CA UNK F 307 35.41 -77.64 -67.50
C UNK F 307 36.83 -78.24 -67.49
N UNK F 308 37.15 -79.07 -68.47
CA UNK F 308 38.52 -79.53 -68.68
C UNK F 308 38.96 -79.26 -70.12
N UNK F 309 37.96 -79.02 -70.98
CA UNK F 309 38.17 -78.65 -72.37
C UNK F 309 37.65 -77.23 -72.55
N UNK F 310 36.82 -76.78 -71.62
CA UNK F 310 36.56 -75.36 -71.50
C UNK F 310 37.96 -74.78 -71.27
N UNK F 311 38.52 -74.91 -70.07
CA UNK F 311 39.84 -74.37 -69.81
C UNK F 311 40.89 -74.94 -70.77
N UNK F 312 40.45 -75.18 -72.02
CA UNK F 312 41.30 -75.62 -73.14
C UNK F 312 40.76 -75.10 -74.47
N UNK F 313 39.70 -74.29 -74.38
CA UNK F 313 39.38 -73.26 -75.37
C UNK F 313 40.30 -72.10 -74.98
N UNK F 314 40.37 -71.87 -73.67
CA UNK F 314 41.34 -70.97 -73.06
C UNK F 314 42.74 -71.32 -73.56
N UNK F 315 43.04 -72.60 -73.59
CA UNK F 315 44.36 -73.04 -74.04
C UNK F 315 44.49 -73.01 -75.55
N UNK F 316 43.66 -72.19 -76.21
CA UNK F 316 43.74 -71.93 -77.67
C UNK F 316 44.14 -70.49 -77.95
N UNK F 317 43.17 -69.59 -77.76
CA UNK F 317 43.32 -68.17 -78.06
C UNK F 317 44.52 -67.55 -77.36
N UNK F 319 46.18 -69.14 -76.01
CA UNK F 319 47.48 -69.63 -76.40
C UNK F 319 47.99 -69.00 -77.72
N UNK F 320 47.18 -68.99 -78.79
CA UNK F 320 47.55 -68.28 -80.06
C UNK F 320 48.20 -66.98 -79.64
N UNK F 321 47.56 -66.35 -78.66
CA UNK F 321 48.10 -65.29 -77.82
C UNK F 321 49.61 -65.27 -77.69
N UNK F 322 50.19 -66.35 -77.20
CA UNK F 322 51.64 -66.41 -77.15
C UNK F 322 52.19 -66.91 -78.50
N UNK F 323 51.33 -67.59 -79.25
CA UNK F 323 51.75 -68.19 -80.50
C UNK F 323 52.13 -67.12 -81.55
N UNK F 324 51.14 -66.26 -81.90
CA UNK F 324 51.18 -65.20 -82.97
C UNK F 324 52.49 -64.40 -83.10
N UNK F 325 52.66 -63.38 -82.24
CA UNK F 325 53.87 -62.49 -82.24
C UNK F 325 55.18 -63.22 -82.51
N UNK F 405 42.99 -62.45 -88.08
CA UNK F 405 43.98 -62.82 -87.07
C UNK F 405 43.90 -61.93 -85.85
N UNK F 406 42.81 -61.18 -85.72
CA UNK F 406 42.47 -60.45 -84.50
C UNK F 406 40.96 -60.18 -84.49
N UNK F 407 40.31 -60.58 -85.59
CA UNK F 407 38.88 -60.88 -85.62
C UNK F 407 38.76 -62.37 -85.24
N UNK F 408 39.79 -63.16 -85.61
CA UNK F 408 40.02 -64.49 -84.97
C UNK F 408 40.37 -64.34 -83.46
N UNK F 409 39.49 -63.62 -82.76
CA UNK F 409 39.62 -63.15 -81.36
C UNK F 409 38.44 -62.19 -81.19
N UNK F 410 37.64 -62.16 -82.26
CA UNK F 410 36.32 -61.52 -82.29
C UNK F 410 35.36 -62.56 -82.91
N UNK F 411 35.83 -63.21 -83.98
CA UNK F 411 35.15 -64.34 -84.59
C UNK F 411 35.10 -65.43 -83.53
N UNK F 412 36.13 -65.47 -82.68
CA UNK F 412 36.12 -66.28 -81.45
C UNK F 412 35.30 -65.62 -80.33
N UNK F 413 34.88 -64.37 -80.55
CA UNK F 413 34.34 -63.52 -79.48
C UNK F 413 32.85 -63.11 -79.56
N UNK F 414 32.15 -63.47 -80.65
CA UNK F 414 30.67 -63.59 -80.60
C UNK F 414 30.39 -65.05 -80.26
N UNK F 415 31.34 -65.88 -80.72
CA UNK F 415 31.51 -67.26 -80.27
C UNK F 415 31.71 -67.25 -78.75
N UNK F 416 32.87 -66.85 -78.24
CA UNK F 416 33.15 -67.00 -76.81
C UNK F 416 32.17 -66.34 -75.85
N UNK F 417 30.98 -66.00 -76.35
CA UNK F 417 29.82 -65.75 -75.48
C UNK F 417 28.66 -66.51 -76.12
N UNK F 418 29.06 -67.47 -76.94
CA UNK F 418 28.26 -68.64 -77.22
C UNK F 418 28.92 -69.81 -76.48
N UNK F 419 30.21 -70.06 -76.75
CA UNK F 419 31.02 -70.97 -75.94
C UNK F 419 31.05 -70.51 -74.50
N UNK F 420 29.84 -70.13 -74.06
CA UNK F 420 29.54 -69.49 -72.80
C UNK F 420 28.02 -69.31 -72.72
N UNK F 421 27.34 -69.37 -73.87
CA UNK F 421 25.89 -69.25 -73.94
C UNK F 421 25.28 -70.56 -73.50
N UNK F 422 25.65 -71.63 -74.23
CA UNK F 422 25.30 -73.06 -73.95
C UNK F 422 25.67 -73.49 -72.51
N UNK F 423 26.91 -73.26 -72.12
CA UNK F 423 27.31 -73.31 -70.73
C UNK F 423 26.24 -72.64 -69.85
N UNK F 505 24.24 -68.78 -66.93
CA UNK F 505 25.10 -67.87 -66.19
C UNK F 505 26.53 -68.45 -65.95
N UNK F 506 27.05 -68.14 -64.75
CA UNK F 506 28.48 -68.24 -64.34
C UNK F 506 29.53 -68.99 -65.20
N UNK F 507 29.25 -69.08 -66.51
CA UNK F 507 30.06 -69.83 -67.46
C UNK F 507 30.44 -68.98 -68.66
N UNK F 508 29.50 -68.10 -69.05
CA UNK F 508 29.60 -67.11 -70.16
C UNK F 508 30.90 -66.31 -70.16
N UNK F 509 31.23 -65.73 -69.00
CA UNK F 509 32.51 -65.07 -68.77
C UNK F 509 33.39 -65.80 -67.74
N UNK F 510 32.98 -67.02 -67.33
CA UNK F 510 33.73 -67.86 -66.39
C UNK F 510 35.12 -68.19 -66.95
N UNK F 511 35.22 -68.03 -68.27
CA UNK F 511 36.47 -68.13 -69.02
C UNK F 511 37.06 -66.74 -69.20
N UNK F 512 36.19 -65.77 -69.42
CA UNK F 512 36.63 -64.40 -69.42
C UNK F 512 37.48 -64.27 -68.14
N UNK F 513 37.03 -64.91 -67.06
CA UNK F 513 37.66 -64.78 -65.75
C UNK F 513 39.15 -65.06 -65.87
N UNK F 514 39.57 -65.43 -67.07
CA UNK F 514 40.96 -65.54 -67.38
C UNK F 514 41.25 -65.16 -68.83
N UNK F 515 40.22 -64.64 -69.54
CA UNK F 515 40.44 -63.95 -70.83
C UNK F 515 41.24 -62.67 -70.54
N UNK F 516 40.83 -62.00 -69.46
CA UNK F 516 41.54 -60.91 -68.82
C UNK F 516 43.07 -60.95 -68.98
N UNK F 605 44.63 -61.78 -71.44
CA UNK F 605 45.83 -62.08 -72.21
C UNK F 605 46.49 -60.84 -72.86
N UNK F 606 45.66 -60.15 -73.66
CA UNK F 606 46.01 -59.10 -74.65
C UNK F 606 47.05 -58.04 -74.26
N UNK F 607 46.95 -57.54 -73.02
CA UNK F 607 47.97 -56.64 -72.46
C UNK F 607 49.38 -57.16 -72.66
N UNK F 608 49.63 -58.41 -72.28
CA UNK F 608 50.95 -59.01 -72.39
C UNK F 608 51.53 -58.85 -73.82
N UNK F 609 50.72 -58.31 -74.72
CA UNK F 609 51.17 -57.99 -76.07
C UNK F 609 50.96 -56.51 -76.44
N UNK F 610 49.82 -55.93 -76.05
CA UNK F 610 49.65 -54.49 -76.26
C UNK F 610 50.73 -53.68 -75.49
N UNK F 611 51.50 -54.33 -74.62
CA UNK F 611 52.65 -53.74 -73.96
C UNK F 611 53.96 -54.21 -74.62
N UNK F 612 53.85 -55.10 -75.60
CA UNK F 612 54.97 -55.43 -76.50
C UNK F 612 54.74 -54.68 -77.80
N UNK F 613 53.75 -53.78 -77.75
CA UNK F 613 53.65 -52.64 -78.65
C UNK F 613 54.50 -51.51 -78.04
N UNK F 614 54.19 -51.08 -76.83
CA UNK F 614 54.93 -49.97 -76.27
C UNK F 614 56.32 -50.43 -75.83
N UNK F 615 56.97 -51.15 -76.71
CA UNK F 615 58.21 -51.79 -76.37
C UNK F 615 59.41 -51.12 -76.98
N UNK F 705 58.42 -47.51 -67.26
CA UNK F 705 57.08 -46.98 -67.01
C UNK F 705 56.27 -47.86 -66.01
N UNK F 706 55.36 -47.23 -65.29
CA UNK F 706 54.24 -47.90 -64.66
C UNK F 706 53.17 -47.93 -65.76
N UNK F 707 53.62 -47.65 -66.99
CA UNK F 707 52.89 -47.96 -68.19
C UNK F 707 53.30 -49.42 -68.59
N UNK F 708 54.20 -49.98 -67.79
CA UNK F 708 54.46 -51.39 -67.78
C UNK F 708 53.75 -51.97 -66.56
N UNK F 709 54.39 -51.96 -65.40
CA UNK F 709 53.84 -52.62 -64.23
C UNK F 709 52.50 -52.03 -63.74
N UNK F 710 51.50 -52.17 -64.61
CA UNK F 710 50.08 -52.00 -64.29
C UNK F 710 49.32 -52.76 -65.37
N UNK F 711 50.05 -53.03 -66.45
CA UNK F 711 49.78 -54.14 -67.29
C UNK F 711 50.64 -55.27 -66.70
N UNK F 712 51.42 -54.92 -65.65
CA UNK F 712 52.15 -55.90 -64.82
C UNK F 712 51.76 -55.79 -63.33
N UNK F 713 50.49 -55.47 -63.16
CA UNK F 713 49.74 -55.68 -61.94
C UNK F 713 48.36 -55.99 -62.54
N UNK F 714 48.44 -56.43 -63.79
CA UNK F 714 47.43 -57.22 -64.46
C UNK F 714 48.29 -58.33 -65.06
N UNK F 715 49.35 -58.61 -64.31
CA UNK F 715 50.10 -59.83 -64.39
C UNK F 715 50.01 -60.44 -62.97
N UNK F 716 50.62 -59.80 -61.97
CA UNK F 716 50.28 -60.11 -60.58
C UNK F 716 48.87 -59.58 -60.28
N UNK F 717 47.97 -59.90 -61.21
CA UNK F 717 46.53 -60.00 -60.98
C UNK F 717 45.94 -60.92 -62.06
N UNK F 718 46.80 -61.40 -62.95
CA UNK F 718 46.59 -62.68 -63.61
C UNK F 718 47.33 -63.73 -62.75
N UNK F 719 47.70 -63.27 -61.54
CA UNK F 719 47.93 -64.10 -60.37
C UNK F 719 46.78 -63.91 -59.35
N UNK F 720 46.48 -62.68 -58.98
CA UNK F 720 45.49 -62.43 -57.95
C UNK F 720 44.04 -62.68 -58.35
N UNK F 721 43.76 -62.69 -59.65
CA UNK F 721 42.45 -63.16 -60.15
C UNK F 721 42.55 -64.64 -60.40
N UNK F 722 43.67 -65.05 -61.02
CA UNK F 722 43.97 -66.44 -61.34
C UNK F 722 43.89 -67.32 -60.09
N UNK F 723 44.31 -66.79 -58.95
CA UNK F 723 44.14 -67.43 -57.65
C UNK F 723 42.68 -67.37 -57.23
N UNK F 805 40.82 -79.19 -61.69
CA UNK F 805 41.69 -79.22 -62.89
C UNK F 805 41.97 -77.81 -63.48
N UNK F 806 41.03 -76.90 -63.23
CA UNK F 806 41.13 -75.48 -63.61
C UNK F 806 41.52 -74.54 -62.42
N UNK F 807 42.71 -74.79 -61.85
CA UNK F 807 43.28 -74.00 -60.75
C UNK F 807 44.82 -74.05 -60.80
N UNK F 808 45.35 -75.17 -61.30
CA UNK F 808 46.80 -75.30 -61.59
C UNK F 808 47.03 -74.90 -63.05
N UNK F 809 46.01 -75.13 -63.88
CA UNK F 809 46.02 -74.66 -65.28
C UNK F 809 46.27 -73.16 -65.34
N UNK F 810 45.57 -72.41 -64.47
CA UNK F 810 45.83 -70.96 -64.18
C UNK F 810 47.23 -70.71 -63.63
N UNK F 811 47.51 -71.21 -62.45
CA UNK F 811 48.79 -71.02 -61.80
C UNK F 811 49.98 -70.48 -62.66
N UNK F 812 50.03 -70.85 -63.94
CA UNK F 812 51.14 -70.47 -64.85
C UNK F 812 50.89 -69.21 -65.74
N UNK F 813 49.64 -68.75 -65.80
CA UNK F 813 49.37 -67.38 -66.12
C UNK F 813 50.15 -66.56 -65.07
N UNK F 814 49.73 -66.63 -63.82
CA UNK F 814 50.44 -66.05 -62.67
C UNK F 814 51.95 -66.29 -62.72
N UNK F 815 52.36 -67.50 -63.08
CA UNK F 815 53.78 -67.84 -63.08
C UNK F 815 54.52 -67.00 -64.14
N UNK F 816 53.75 -66.43 -65.07
CA UNK F 816 54.27 -65.45 -66.03
C UNK F 816 54.42 -64.00 -65.46
N UNK F 817 53.96 -63.83 -64.23
CA UNK F 817 54.20 -62.58 -63.52
C UNK F 817 55.33 -62.69 -62.49
N UNK F 818 54.94 -62.88 -61.22
CA UNK F 818 55.74 -62.56 -60.05
C UNK F 818 57.24 -62.59 -60.25
N UNK F 905 48.21 -78.06 -70.36
CA UNK F 905 49.00 -77.31 -69.39
C UNK F 905 50.27 -78.08 -69.03
N UNK F 906 50.77 -78.85 -69.99
CA UNK F 906 52.06 -79.46 -69.83
C UNK F 906 52.95 -79.07 -70.96
N UNK F 907 52.36 -78.86 -72.15
CA UNK F 907 53.05 -78.30 -73.33
C UNK F 907 53.60 -76.87 -73.02
N UNK F 908 52.67 -75.92 -72.85
CA UNK F 908 52.92 -74.63 -72.21
C UNK F 908 54.04 -74.66 -71.14
N UNK F 909 54.12 -75.75 -70.38
CA UNK F 909 55.03 -75.83 -69.24
C UNK F 909 56.43 -76.41 -69.51
N UNK F 910 56.81 -76.43 -70.79
CA UNK F 910 58.24 -76.53 -71.13
C UNK F 910 58.80 -75.11 -71.41
N UNK F 911 58.13 -74.45 -72.35
CA UNK F 911 58.48 -73.11 -72.80
C UNK F 911 58.21 -72.10 -71.71
N UNK F 912 58.15 -72.57 -70.46
CA UNK F 912 57.81 -71.71 -69.34
C UNK F 912 58.98 -71.44 -68.36
N UNK F 913 60.04 -72.23 -68.49
CA UNK F 913 61.35 -71.90 -67.87
C UNK F 913 62.25 -71.44 -69.00
N UNK F 914 61.87 -71.77 -70.23
CA UNK F 914 62.29 -71.01 -71.40
C UNK F 914 61.70 -69.60 -71.22
N UNK F 915 61.36 -69.29 -69.96
CA UNK F 915 60.98 -67.97 -69.52
C UNK F 915 61.63 -67.73 -68.12
N UNK F 916 62.34 -68.76 -67.62
CA UNK F 916 62.97 -68.74 -66.29
C UNK F 916 64.38 -69.34 -66.29
N UNK F 917 64.72 -70.07 -67.35
CA UNK F 917 66.12 -70.15 -67.78
C UNK F 917 66.40 -68.70 -68.19
N UNK F 918 65.35 -68.08 -68.76
CA UNK F 918 65.26 -66.63 -68.99
C UNK F 918 64.77 -65.92 -67.74
N UNK F 919 65.61 -65.99 -66.70
CA UNK F 919 65.38 -65.36 -65.40
C UNK F 919 66.69 -64.90 -64.76
N UNK F 920 67.79 -65.58 -65.08
CA UNK F 920 69.12 -65.30 -64.49
C UNK F 920 70.27 -65.62 -65.44
N UNK F 921 70.00 -65.56 -66.75
CA UNK F 921 71.05 -65.75 -67.78
C UNK F 921 70.86 -64.93 -69.07
N UNK F 922 70.11 -63.84 -68.95
CA UNK F 922 70.02 -62.80 -69.97
C UNK F 922 71.29 -61.95 -69.98
N UNK F 1005 61.03 -67.43 -80.11
CA UNK F 1005 60.40 -68.71 -79.85
C UNK F 1005 61.40 -69.82 -80.15
N UNK F 1006 61.26 -70.47 -81.32
CA UNK F 1006 62.29 -71.34 -81.85
C UNK F 1006 63.43 -70.40 -82.25
N UNK F 1007 63.19 -69.12 -81.94
CA UNK F 1007 63.94 -67.94 -82.41
C UNK F 1007 64.79 -67.20 -81.35
N UNK F 1008 64.12 -66.69 -80.33
CA UNK F 1008 64.80 -65.90 -79.31
C UNK F 1008 66.19 -66.38 -78.92
N UNK F 1009 66.49 -67.64 -79.10
CA UNK F 1009 67.42 -68.30 -78.19
C UNK F 1009 68.89 -68.41 -78.59
N UNK F 1010 69.15 -68.80 -79.83
CA UNK F 1010 70.54 -68.82 -80.31
C UNK F 1010 71.17 -67.37 -80.40
N UNK F 1011 70.36 -66.36 -80.74
CA UNK F 1011 70.76 -64.96 -80.63
C UNK F 1011 71.41 -64.72 -79.26
N UNK F 1012 70.64 -64.96 -78.20
CA UNK F 1012 71.16 -64.96 -76.82
C UNK F 1012 72.12 -66.12 -76.53
N UNK F 1013 71.98 -67.21 -77.29
CA UNK F 1013 72.84 -68.39 -77.13
C UNK F 1013 74.33 -68.06 -77.26
N UNK F 1014 74.71 -67.52 -78.43
CA UNK F 1014 76.04 -66.91 -78.67
C UNK F 1014 76.19 -65.38 -78.25
N UNK F 1015 75.06 -64.70 -77.98
CA UNK F 1015 75.09 -63.47 -77.19
C UNK F 1015 75.66 -63.80 -75.81
N UNK F 1016 76.46 -64.87 -75.84
CA UNK F 1016 77.27 -65.39 -74.73
C UNK F 1016 78.51 -66.03 -75.37
N UNK F 1017 78.54 -66.03 -76.70
CA UNK F 1017 79.76 -66.16 -77.50
C UNK F 1017 80.34 -64.76 -77.86
N UNK F 1018 79.59 -63.71 -77.46
CA UNK F 1018 80.00 -62.29 -77.50
C UNK F 1018 81.06 -62.04 -76.45
N UNK F 1019 80.58 -61.82 -75.22
CA UNK F 1019 81.45 -61.83 -74.04
C UNK F 1019 81.93 -63.27 -73.71
N UNK F 1020 82.13 -64.06 -74.76
CA UNK F 1020 82.91 -65.28 -74.69
C UNK F 1020 84.29 -65.00 -75.30
N UNK F 1021 84.34 -64.80 -76.63
CA UNK F 1021 85.59 -64.77 -77.39
C UNK F 1021 86.54 -63.68 -76.94
N UNK F 1105 76.48 -80.92 -62.94
CA UNK F 1105 76.00 -80.66 -64.28
C UNK F 1105 74.55 -80.12 -64.35
N UNK F 1106 74.27 -79.03 -63.60
CA UNK F 1106 72.95 -78.31 -63.66
C UNK F 1106 72.80 -77.13 -64.68
N UNK F 1107 73.75 -76.17 -64.65
CA UNK F 1107 73.62 -74.83 -65.31
C UNK F 1107 73.58 -74.76 -66.87
N UNK F 1108 73.41 -75.93 -67.51
CA UNK F 1108 73.16 -76.02 -68.95
C UNK F 1108 72.01 -76.97 -69.25
N UNK F 1109 71.40 -77.52 -68.19
CA UNK F 1109 70.51 -78.68 -68.32
C UNK F 1109 69.00 -78.36 -68.31
N UNK F 1110 68.63 -77.22 -67.75
CA UNK F 1110 67.26 -76.75 -67.80
C UNK F 1110 66.99 -75.89 -69.06
N UNK F 1111 68.04 -75.71 -69.88
CA UNK F 1111 68.01 -74.74 -70.99
C UNK F 1111 68.01 -75.35 -72.39
N UNK F 1112 68.77 -76.42 -72.62
CA UNK F 1112 68.73 -77.09 -73.94
C UNK F 1112 67.35 -77.68 -74.32
N UNK F 1113 66.55 -78.04 -73.30
CA UNK F 1113 65.17 -78.54 -73.41
C UNK F 1113 64.30 -77.40 -73.88
N UNK F 1114 64.50 -76.22 -73.28
CA UNK F 1114 63.92 -74.98 -73.79
C UNK F 1114 64.27 -74.92 -75.27
N UNK F 1115 65.57 -75.08 -75.53
CA UNK F 1115 66.11 -75.06 -76.88
C UNK F 1115 65.80 -76.35 -77.63
N UNK F 1116 64.86 -77.13 -77.10
CA UNK F 1116 64.25 -78.30 -77.78
C UNK F 1116 62.73 -78.18 -77.84
N UNK F 1117 62.20 -77.25 -77.05
CA UNK F 1117 60.77 -77.02 -76.93
C UNK F 1117 60.43 -75.56 -77.22
N UNK F 1118 60.23 -75.27 -78.52
CA UNK F 1118 60.03 -73.93 -79.07
C UNK F 1118 59.78 -74.05 -80.56
N UNK F 1205 39.93 -81.13 -90.92
CA UNK F 1205 40.42 -82.46 -90.57
C UNK F 1205 41.97 -82.49 -90.33
N UNK F 1206 42.59 -83.67 -90.34
CA UNK F 1206 43.93 -83.87 -89.76
C UNK F 1206 44.99 -84.44 -90.69
N UNK F 1207 44.78 -84.27 -92.00
CA UNK F 1207 45.87 -84.29 -93.01
C UNK F 1207 46.53 -82.88 -93.04
N UNK F 1208 45.65 -81.88 -92.94
CA UNK F 1208 46.03 -80.52 -92.55
C UNK F 1208 46.90 -80.51 -91.27
N UNK F 1209 46.28 -80.56 -90.10
CA UNK F 1209 46.97 -80.46 -88.81
C UNK F 1209 48.43 -80.84 -88.85
N UNK F 1210 48.75 -81.85 -89.63
CA UNK F 1210 50.13 -82.19 -89.87
C UNK F 1210 50.86 -80.94 -90.39
N UNK F 1211 50.53 -80.61 -91.66
CA UNK F 1211 51.01 -79.45 -92.43
C UNK F 1211 50.98 -78.13 -91.64
N UNK F 1212 49.82 -77.49 -91.50
CA UNK F 1212 49.78 -76.23 -90.77
C UNK F 1212 50.91 -76.18 -89.72
N UNK F 1213 50.80 -76.99 -88.66
CA UNK F 1213 51.74 -76.95 -87.50
C UNK F 1213 53.15 -77.59 -87.71
N UNK F 1214 53.40 -78.05 -88.93
CA UNK F 1214 54.63 -78.76 -89.26
C UNK F 1214 55.53 -77.89 -90.11
N UNK F 1215 54.88 -77.05 -90.94
CA UNK F 1215 55.53 -76.04 -91.80
C UNK F 1215 55.96 -74.96 -90.85
N UNK F 1216 54.98 -74.43 -90.10
CA UNK F 1216 55.25 -73.60 -88.92
C UNK F 1216 56.14 -74.32 -87.88
N UNK F 1305 38.88 -80.16 -99.51
CA UNK F 1305 38.26 -78.85 -99.44
C UNK F 1305 39.25 -77.80 -98.90
N UNK F 1306 38.72 -76.77 -98.24
CA UNK F 1306 39.51 -75.73 -97.60
C UNK F 1306 40.88 -76.26 -97.13
N UNK F 1307 40.85 -76.93 -95.97
CA UNK F 1307 42.05 -77.41 -95.27
C UNK F 1307 42.96 -78.29 -96.10
N UNK F 1308 42.35 -78.98 -97.08
CA UNK F 1308 43.06 -79.92 -97.95
C UNK F 1308 44.21 -79.22 -98.66
N UNK F 1309 43.84 -78.30 -99.56
CA UNK F 1309 44.81 -77.46 -100.32
C UNK F 1309 45.42 -76.27 -99.51
N UNK F 1310 44.58 -75.57 -98.73
CA UNK F 1310 45.05 -74.52 -97.82
C UNK F 1310 46.25 -75.00 -96.98
N UNK F 1311 46.87 -76.06 -97.47
CA UNK F 1311 48.08 -76.59 -96.91
C UNK F 1311 49.26 -76.34 -97.86
N UNK F 1312 49.10 -76.68 -99.12
CA UNK F 1312 50.05 -76.31 -100.16
C UNK F 1312 49.58 -75.00 -100.79
N UNK F 1313 48.28 -74.72 -100.68
CA UNK F 1313 47.77 -73.39 -100.94
C UNK F 1313 48.22 -72.56 -99.77
N UNK F 1314 49.47 -72.80 -99.37
CA UNK F 1314 50.19 -72.03 -98.36
C UNK F 1314 51.58 -72.65 -98.16
N UNK F 1315 51.85 -73.69 -98.93
CA UNK F 1315 53.14 -74.34 -98.85
C UNK F 1315 54.08 -73.80 -99.90
N UNK F 1316 53.50 -73.11 -100.89
CA UNK F 1316 54.16 -72.80 -102.18
C UNK F 1316 54.78 -71.42 -102.27
N UNK F 1405 71.40 -50.84 -54.91
CA UNK F 1405 72.61 -50.10 -54.53
C UNK F 1405 72.42 -48.57 -54.69
N UNK F 1406 71.28 -48.05 -54.21
CA UNK F 1406 71.01 -46.60 -54.19
C UNK F 1406 71.77 -45.82 -53.09
N UNK F 1407 73.05 -46.14 -52.97
CA UNK F 1407 74.07 -45.32 -52.32
C UNK F 1407 75.50 -45.92 -52.50
N UNK F 1408 75.76 -46.53 -53.67
CA UNK F 1408 77.11 -47.05 -54.02
C UNK F 1408 77.45 -47.02 -55.52
N UNK F 1409 76.44 -47.16 -56.36
CA UNK F 1409 76.51 -46.64 -57.73
C UNK F 1409 75.98 -45.17 -57.77
N UNK F 1410 75.98 -44.50 -56.60
CA UNK F 1410 75.85 -43.03 -56.39
C UNK F 1410 76.96 -42.56 -55.44
N UNK F 1411 78.15 -43.15 -55.62
CA UNK F 1411 79.25 -43.07 -54.64
C UNK F 1411 80.59 -43.74 -55.13
N UNK F 1412 80.50 -44.57 -56.17
CA UNK F 1412 81.71 -44.94 -56.92
C UNK F 1412 82.04 -43.77 -57.88
N UNK F 1413 80.96 -43.18 -58.42
CA UNK F 1413 81.02 -41.99 -59.27
C UNK F 1413 81.77 -40.83 -58.60
N UNK F 1414 81.48 -40.54 -57.32
CA UNK F 1414 82.34 -39.64 -56.56
C UNK F 1414 83.76 -40.26 -56.39
N UNK F 1415 83.83 -41.61 -56.43
CA UNK F 1415 84.96 -42.32 -55.83
C UNK F 1415 86.15 -42.60 -56.75
N UNK F 1416 85.89 -42.77 -58.04
CA UNK F 1416 86.99 -42.80 -59.04
C UNK F 1416 87.12 -41.45 -59.78
N UNK F 1417 86.05 -40.65 -59.61
CA UNK F 1417 86.05 -39.25 -59.97
C UNK F 1417 87.09 -38.56 -59.07
N UNK F 1418 86.91 -38.67 -57.77
CA UNK F 1418 87.85 -38.08 -56.88
C UNK F 1418 89.26 -38.19 -57.48
N UNK F 1419 89.57 -39.36 -58.05
CA UNK F 1419 90.91 -39.69 -58.56
C UNK F 1419 91.21 -39.04 -59.92
N UNK F 1420 90.26 -38.21 -60.39
CA UNK F 1420 90.40 -37.44 -61.63
C UNK F 1420 90.99 -36.07 -61.31
N UNK F 1421 90.38 -35.31 -60.38
CA UNK F 1421 90.90 -33.96 -60.04
C UNK F 1421 92.31 -33.97 -59.41
N UNK F 1422 93.00 -35.09 -59.53
CA UNK F 1422 94.41 -35.18 -59.16
C UNK F 1422 95.12 -35.77 -60.35
N UNK F 1423 94.32 -36.05 -61.36
CA UNK F 1423 94.80 -36.34 -62.70
C UNK F 1423 94.62 -35.04 -63.43
N UNK F 1424 94.05 -34.10 -62.67
CA UNK F 1424 94.06 -32.66 -62.94
C UNK F 1424 95.05 -31.91 -61.98
N UNK F 1425 94.86 -32.09 -60.64
CA UNK F 1425 95.66 -31.45 -59.57
C UNK F 1425 97.16 -31.80 -59.53
N UNK F 1426 97.73 -31.99 -60.72
CA UNK F 1426 99.10 -32.34 -60.91
C UNK F 1426 99.39 -32.25 -62.42
N UNK F 1427 98.33 -31.99 -63.19
CA UNK F 1427 98.47 -31.61 -64.61
C UNK F 1427 98.96 -30.18 -64.58
N UNK F 1428 98.34 -29.45 -63.66
CA UNK F 1428 98.68 -28.07 -63.26
C UNK F 1428 100.19 -27.78 -63.41
N UNK F 1429 100.99 -28.40 -62.55
CA UNK F 1429 102.41 -28.07 -62.41
C UNK F 1429 103.27 -28.01 -63.70
N UNK F 1430 102.76 -28.51 -64.82
CA UNK F 1430 103.70 -28.97 -65.85
C UNK F 1430 103.50 -28.58 -67.31
N UNK F 1431 102.24 -28.40 -67.72
CA UNK F 1431 101.83 -28.36 -69.15
C UNK F 1431 102.93 -28.42 -70.19
N UNK F 1505 33.96 -63.68 -99.84
CA UNK F 1505 34.59 -63.65 -101.15
C UNK F 1505 33.58 -63.26 -102.21
N UNK F 1506 32.95 -62.11 -102.00
CA UNK F 1506 32.15 -61.43 -103.01
C UNK F 1506 32.94 -60.24 -103.59
N UNK F 1507 34.22 -60.50 -103.84
CA UNK F 1507 35.27 -59.52 -104.11
C UNK F 1507 36.60 -60.28 -104.06
N UNK F 1508 36.70 -61.19 -103.07
CA UNK F 1508 37.96 -61.85 -102.69
C UNK F 1508 38.39 -62.94 -103.66
N UNK F 1509 37.42 -63.57 -104.29
CA UNK F 1509 37.72 -64.18 -105.56
C UNK F 1509 36.93 -63.37 -106.62
N UNK F 1510 37.23 -62.08 -106.56
CA UNK F 1510 37.39 -61.18 -107.74
C UNK F 1510 38.90 -60.93 -107.73
N UNK F 1511 39.34 -60.43 -106.58
CA UNK F 1511 40.73 -60.09 -106.31
C UNK F 1511 41.78 -61.21 -106.50
N UNK F 1512 41.73 -61.91 -107.63
CA UNK F 1512 42.88 -62.66 -108.12
C UNK F 1512 42.68 -63.10 -109.57
N UNK F 1513 41.49 -62.84 -110.11
CA UNK F 1513 41.24 -62.82 -111.58
C UNK F 1513 42.23 -61.85 -112.22
N UNK F 1514 42.30 -60.68 -111.57
CA UNK F 1514 43.43 -59.74 -111.55
C UNK F 1514 44.81 -60.36 -111.76
N UNK F 1515 45.52 -60.62 -110.65
CA UNK F 1515 46.93 -61.14 -110.66
C UNK F 1515 47.15 -62.50 -111.35
N UNK F 1516 46.03 -63.21 -111.60
CA UNK F 1516 46.02 -64.48 -112.33
C UNK F 1516 45.89 -64.24 -113.82
N UNK F 1517 44.99 -63.32 -114.19
CA UNK F 1517 44.97 -62.78 -115.56
C UNK F 1517 46.15 -61.83 -115.80
N UNK F 1518 46.32 -60.81 -114.92
CA UNK F 1518 47.49 -59.92 -114.98
C UNK F 1518 48.75 -60.72 -115.34
N UNK F 1519 48.95 -61.84 -114.67
CA UNK F 1519 50.14 -62.62 -114.92
C UNK F 1519 49.97 -63.38 -116.21
N UNK F 1520 48.69 -63.57 -116.60
CA UNK F 1520 48.29 -64.25 -117.83
C UNK F 1520 48.16 -63.22 -118.94
N UNK F 1521 48.40 -61.96 -118.55
CA UNK F 1521 48.56 -60.81 -119.44
C UNK F 1521 50.04 -60.51 -119.57
N UNK F 1522 50.59 -59.96 -118.49
CA UNK F 1522 51.99 -59.49 -118.39
C UNK F 1522 53.06 -60.25 -119.19
N UNK F 1523 52.70 -61.41 -119.73
CA UNK F 1523 53.63 -62.21 -120.54
C UNK F 1523 53.21 -62.13 -122.00
N UNK F 1524 52.46 -61.06 -122.32
CA UNK F 1524 52.45 -60.45 -123.66
C UNK F 1524 53.39 -59.18 -123.64
N UNK F 1525 53.08 -58.29 -122.70
CA UNK F 1525 53.77 -57.03 -122.50
C UNK F 1525 55.29 -57.16 -122.33
N UNK F 1526 55.80 -58.40 -122.33
CA UNK F 1526 57.24 -58.62 -122.17
C UNK F 1526 57.81 -59.57 -123.20
N UNK F 1527 57.04 -60.63 -123.50
CA UNK F 1527 57.55 -61.74 -124.30
C UNK F 1527 57.83 -61.23 -125.69
N UNK F 1528 57.20 -60.07 -125.96
CA UNK F 1528 57.38 -59.32 -127.21
C UNK F 1528 58.81 -58.82 -127.41
N UNK F 1529 59.59 -58.83 -126.33
CA UNK F 1529 60.95 -58.30 -126.32
C UNK F 1529 61.97 -59.38 -126.64
N UNK F 1530 61.52 -60.44 -127.35
CA UNK F 1530 62.31 -61.66 -127.67
C UNK F 1530 63.50 -61.42 -128.59
N UNK F 1905 65.45 -53.07 -78.12
CA UNK F 1905 65.24 -51.77 -77.52
C UNK F 1905 66.33 -51.41 -76.50
N UNK F 1906 65.90 -50.88 -75.35
CA UNK F 1906 66.78 -50.40 -74.30
C UNK F 1906 67.89 -51.39 -73.91
N UNK F 1907 67.55 -52.34 -73.03
CA UNK F 1907 68.49 -53.41 -72.61
C UNK F 1907 68.90 -54.31 -73.79
N UNK F 1908 70.00 -53.87 -74.39
CA UNK F 1908 70.54 -54.31 -75.68
C UNK F 1908 71.20 -53.04 -76.23
N UNK F 1909 70.40 -52.08 -76.72
CA UNK F 1909 70.91 -50.72 -76.95
C UNK F 1909 71.66 -50.35 -75.68
N UNK F 1910 71.35 -51.11 -74.61
CA UNK F 1910 72.01 -51.02 -73.32
C UNK F 1910 72.88 -52.24 -73.06
N UNK F 1911 72.36 -53.41 -73.39
CA UNK F 1911 73.08 -54.64 -73.10
C UNK F 1911 74.33 -54.77 -73.96
N UNK F 1912 74.24 -54.36 -75.22
CA UNK F 1912 75.41 -54.48 -76.07
C UNK F 1912 76.65 -53.93 -75.33
N UNK F 1913 76.42 -52.93 -74.47
CA UNK F 1913 77.45 -52.31 -73.66
C UNK F 1913 78.15 -53.46 -73.00
N UNK F 1914 77.41 -54.23 -72.20
CA UNK F 1914 77.95 -55.29 -71.33
C UNK F 1914 79.03 -56.08 -72.05
N UNK F 1915 78.77 -56.36 -73.33
CA UNK F 1915 79.81 -56.88 -74.18
C UNK F 1915 80.88 -55.81 -74.42
N UNK F 1916 80.56 -54.84 -75.26
CA UNK F 1916 81.53 -53.87 -75.76
C UNK F 1916 81.85 -52.68 -74.81
N UNK F 1917 81.56 -52.85 -73.52
CA UNK F 1917 82.25 -52.08 -72.49
C UNK F 1917 83.58 -52.77 -72.34
N UNK F 1918 83.52 -54.10 -72.53
CA UNK F 1918 84.47 -55.11 -71.99
C UNK F 1918 85.96 -55.06 -72.36
N UNK F 1919 86.25 -55.32 -73.63
CA UNK F 1919 87.63 -55.35 -74.13
C UNK F 1919 87.98 -54.06 -74.92
N UNK F 1920 88.27 -53.03 -74.13
CA UNK F 1920 88.70 -51.71 -74.58
C UNK F 1920 90.19 -51.45 -74.29
N UNK F 2005 80.87 -50.03 -65.22
CA UNK F 2005 80.28 -50.23 -66.54
C UNK F 2005 78.82 -50.64 -66.38
N UNK F 2006 78.63 -51.90 -66.00
CA UNK F 2006 77.33 -52.38 -65.53
C UNK F 2006 76.77 -51.18 -64.76
N UNK F 2007 77.71 -50.47 -64.13
CA UNK F 2007 77.44 -49.29 -63.37
C UNK F 2007 76.17 -48.65 -63.97
N UNK F 2008 76.36 -47.76 -64.95
CA UNK F 2008 75.27 -47.01 -65.54
C UNK F 2008 74.17 -47.97 -65.83
N UNK F 2009 74.57 -49.13 -66.39
CA UNK F 2009 73.65 -50.17 -66.90
C UNK F 2009 72.72 -50.69 -65.81
N UNK F 2010 73.26 -50.68 -64.60
CA UNK F 2010 72.45 -50.80 -63.43
C UNK F 2010 71.49 -49.62 -63.33
N UNK F 2105 78.76 -42.24 -79.28
CA UNK F 2105 78.96 -43.67 -79.58
C UNK F 2105 80.01 -44.42 -78.70
N UNK F 2106 80.74 -43.71 -77.82
CA UNK F 2106 81.48 -44.34 -76.73
C UNK F 2106 81.34 -43.52 -75.47
N UNK F 2107 80.09 -43.12 -75.21
CA UNK F 2107 79.75 -42.54 -73.94
C UNK F 2107 78.31 -42.03 -73.85
N UNK F 2108 77.75 -41.57 -74.97
CA UNK F 2108 76.35 -41.12 -74.94
C UNK F 2108 75.54 -42.28 -74.41
N UNK F 2109 75.97 -43.46 -74.86
CA UNK F 2109 75.47 -44.78 -74.49
C UNK F 2109 75.38 -44.98 -72.97
N UNK F 2110 76.44 -44.59 -72.26
CA UNK F 2110 76.42 -44.54 -70.79
C UNK F 2110 75.10 -43.94 -70.28
N UNK F 2111 74.31 -43.40 -71.20
CA UNK F 2111 73.02 -42.80 -70.87
C UNK F 2111 71.93 -43.53 -71.62
N UNK F 2112 72.31 -44.28 -72.66
CA UNK F 2112 71.37 -45.07 -73.45
C UNK F 2112 70.82 -46.19 -72.59
N UNK F 2113 71.60 -46.55 -71.57
CA UNK F 2113 71.30 -47.65 -70.63
C UNK F 2113 70.16 -47.33 -69.62
N UNK F 2114 70.46 -46.57 -68.55
CA UNK F 2114 69.40 -46.03 -67.67
C UNK F 2114 68.28 -45.42 -68.53
N UNK F 2115 68.63 -45.17 -69.79
CA UNK F 2115 67.70 -44.84 -70.85
C UNK F 2115 67.56 -46.08 -71.69
N UNK F 2205 88.47 -33.93 -70.84
CA UNK F 2205 88.31 -33.04 -69.69
C UNK F 2205 86.85 -32.69 -69.40
N UNK F 2206 86.00 -32.60 -70.44
CA UNK F 2206 84.61 -32.12 -70.25
C UNK F 2206 83.59 -32.66 -71.22
N UNK F 2207 83.95 -33.77 -71.90
CA UNK F 2207 82.95 -34.72 -72.43
C UNK F 2207 82.59 -35.69 -71.28
N UNK F 2208 83.62 -36.43 -70.84
CA UNK F 2208 83.44 -37.49 -69.85
C UNK F 2208 82.46 -37.03 -68.81
N UNK F 2209 82.63 -35.82 -68.32
CA UNK F 2209 81.74 -35.27 -67.30
C UNK F 2209 80.29 -35.04 -67.80
N UNK F 2210 80.16 -34.75 -69.10
CA UNK F 2210 78.87 -34.52 -69.74
C UNK F 2210 78.12 -35.82 -69.88
N UNK F 2211 78.88 -36.87 -70.18
CA UNK F 2211 78.38 -38.26 -70.31
C UNK F 2211 78.55 -39.12 -69.02
N UNK F 2212 78.65 -38.45 -67.86
CA UNK F 2212 78.73 -39.14 -66.58
C UNK F 2212 77.74 -38.49 -65.63
N UNK F 2213 77.93 -37.22 -65.32
CA UNK F 2213 76.92 -36.48 -64.52
C UNK F 2213 75.68 -36.31 -65.40
N UNK F 2214 75.75 -36.98 -66.56
CA UNK F 2214 74.60 -37.25 -67.39
C UNK F 2214 73.65 -38.22 -66.67
N UNK F 2215 74.25 -39.17 -65.96
CA UNK F 2215 73.54 -40.03 -65.03
C UNK F 2215 73.33 -39.23 -63.76
N UNK F 2216 74.42 -38.63 -63.26
CA UNK F 2216 74.45 -38.05 -61.92
C UNK F 2216 73.06 -38.09 -61.22
N UNK F 2217 72.18 -37.17 -61.54
CA UNK F 2217 70.89 -37.25 -60.91
C UNK F 2217 69.90 -37.77 -61.88
N UNK F 2218 70.38 -38.52 -62.86
CA UNK F 2218 69.47 -39.23 -63.79
C UNK F 2218 69.33 -40.74 -63.43
N UNK F 2219 70.50 -41.38 -63.21
CA UNK F 2219 70.61 -42.60 -62.41
C UNK F 2219 69.91 -42.39 -61.06
N UNK F 2220 70.65 -41.86 -60.07
CA UNK F 2220 70.09 -41.53 -58.76
C UNK F 2220 68.77 -40.75 -58.91
N UNK F 2221 67.96 -41.17 -59.88
CA UNK F 2221 66.69 -40.54 -60.16
C UNK F 2221 65.58 -41.56 -60.40
N UNK F 2222 65.85 -42.54 -61.26
CA UNK F 2222 64.91 -43.64 -61.44
C UNK F 2222 64.84 -44.37 -60.12
N UNK F 2223 65.84 -44.11 -59.27
CA UNK F 2223 65.95 -44.60 -57.87
C UNK F 2223 64.78 -44.14 -57.06
N UNK F 2305 14.68 -81.50 -125.92
CA UNK F 2305 14.59 -82.86 -126.52
C UNK F 2305 15.94 -83.52 -126.89
N UNK F 2306 17.02 -82.85 -126.49
CA UNK F 2306 18.31 -83.48 -126.17
C UNK F 2306 18.51 -83.06 -124.72
N UNK F 2307 17.45 -82.42 -124.22
CA UNK F 2307 17.16 -82.24 -122.80
C UNK F 2307 16.13 -83.29 -122.29
N UNK F 2308 15.72 -84.18 -123.20
CA UNK F 2308 14.81 -85.31 -122.88
C UNK F 2308 15.40 -86.74 -123.12
N UNK F 2309 16.13 -86.93 -124.22
CA UNK F 2309 16.67 -88.26 -124.54
C UNK F 2309 17.88 -88.59 -123.68
N UNK F 2310 18.06 -87.82 -122.61
CA UNK F 2310 18.98 -88.21 -121.55
C UNK F 2310 18.33 -87.76 -120.25
N UNK F 2311 17.00 -87.81 -120.28
CA UNK F 2311 16.19 -87.79 -119.08
C UNK F 2311 15.53 -89.16 -119.01
N UNK F 2312 14.78 -89.49 -120.06
CA UNK F 2312 14.19 -90.83 -120.23
C UNK F 2312 15.17 -91.87 -120.83
N UNK F 2313 16.48 -91.67 -120.58
CA UNK F 2313 17.52 -92.65 -120.94
C UNK F 2313 18.54 -92.72 -119.78
N UNK F 2314 18.21 -92.02 -118.72
CA UNK F 2314 18.90 -92.15 -117.45
C UNK F 2314 17.84 -92.03 -116.34
N UNK F 2315 16.57 -92.01 -116.78
CA UNK F 2315 15.44 -92.23 -115.88
C UNK F 2315 15.37 -93.76 -115.61
N UNK F 2316 15.55 -94.54 -116.69
CA UNK F 2316 15.67 -95.99 -116.64
C UNK F 2316 17.00 -96.43 -116.02
N UNK F 2317 18.02 -95.56 -116.06
CA UNK F 2317 19.33 -95.87 -115.46
C UNK F 2317 19.38 -95.55 -113.96
N UNK F 2318 18.29 -95.00 -113.43
CA UNK F 2318 18.00 -95.10 -112.00
C UNK F 2318 16.92 -96.20 -111.79
N UNK F 2319 16.79 -97.07 -112.82
CA UNK F 2319 16.05 -98.34 -112.78
C UNK F 2319 16.92 -99.51 -113.24
N UNK F 2320 17.02 -99.71 -114.56
CA UNK F 2320 17.77 -100.85 -115.16
C UNK F 2320 19.08 -101.29 -114.46
N UNK F 2321 19.51 -100.50 -113.47
CA UNK F 2321 20.47 -100.93 -112.45
C UNK F 2321 19.84 -100.53 -111.12
N UNK F 2322 19.16 -101.48 -110.46
CA UNK F 2322 18.45 -101.23 -109.19
C UNK F 2322 18.36 -102.43 -108.26
N UNK F 2405 9.98 -80.08 -128.27
CA UNK F 2405 11.20 -79.68 -127.53
C UNK F 2405 10.99 -78.44 -126.64
N UNK F 2406 9.72 -78.15 -126.30
CA UNK F 2406 9.35 -76.96 -125.56
C UNK F 2406 8.30 -77.20 -124.45
N UNK F 2407 7.02 -77.28 -124.82
CA UNK F 2407 5.99 -77.85 -123.91
C UNK F 2407 5.77 -79.35 -124.25
N UNK F 2408 6.84 -79.92 -124.81
CA UNK F 2408 7.25 -81.32 -124.74
C UNK F 2408 8.79 -81.32 -124.39
N UNK F 2409 9.13 -80.54 -123.34
CA UNK F 2409 10.48 -80.29 -122.77
C UNK F 2409 10.58 -79.03 -121.85
N UNK F 2410 9.44 -78.66 -121.24
CA UNK F 2410 9.34 -77.70 -120.12
C UNK F 2410 8.02 -77.90 -119.34
N UNK F 2411 7.19 -78.82 -119.84
CA UNK F 2411 6.19 -79.59 -119.06
C UNK F 2411 6.82 -80.95 -118.78
N UNK F 2412 7.61 -81.44 -119.74
CA UNK F 2412 8.54 -82.52 -119.51
C UNK F 2412 9.38 -82.16 -118.30
N UNK F 2413 9.60 -80.85 -118.10
CA UNK F 2413 10.28 -80.31 -116.91
C UNK F 2413 9.28 -80.09 -115.77
N UNK F 2414 8.05 -80.58 -115.98
CA UNK F 2414 7.04 -80.71 -114.92
C UNK F 2414 6.80 -82.20 -114.58
N UNK F 2415 7.68 -83.04 -115.14
CA UNK F 2415 7.97 -84.33 -114.55
C UNK F 2415 8.88 -84.13 -113.34
N UNK F 2416 10.08 -83.60 -113.57
CA UNK F 2416 11.06 -83.32 -112.50
C UNK F 2416 10.77 -82.04 -111.69
N UNK F 2417 9.51 -81.62 -111.69
CA UNK F 2417 9.06 -80.35 -111.11
C UNK F 2417 8.90 -80.34 -109.59
N UNK F 2418 7.67 -80.59 -109.12
CA UNK F 2418 7.40 -80.99 -107.74
C UNK F 2418 7.42 -82.55 -107.56
N UNK F 2419 7.88 -83.25 -108.61
CA UNK F 2419 8.42 -84.58 -108.43
C UNK F 2419 9.64 -84.31 -107.56
N UNK F 2420 10.78 -84.13 -108.20
CA UNK F 2420 12.04 -83.86 -107.54
C UNK F 2420 11.92 -82.74 -106.50
N UNK F 2505 18.66 -86.13 -99.61
CA UNK F 2505 18.81 -86.09 -101.06
C UNK F 2505 20.18 -85.53 -101.55
N UNK F 2506 20.64 -86.01 -102.71
CA UNK F 2506 21.92 -85.57 -103.25
C UNK F 2506 22.33 -86.27 -104.55
N UNK F 2507 21.33 -86.83 -105.25
CA UNK F 2507 21.55 -87.49 -106.54
C UNK F 2507 20.39 -87.24 -107.53
N UNK F 2508 19.20 -87.09 -106.99
CA UNK F 2508 18.12 -86.55 -107.76
C UNK F 2508 17.98 -85.07 -107.38
N UNK F 2509 18.12 -84.75 -106.07
CA UNK F 2509 18.00 -83.38 -105.52
C UNK F 2509 19.18 -82.52 -106.01
N UNK F 2510 20.39 -83.01 -105.82
CA UNK F 2510 21.52 -82.44 -106.53
C UNK F 2510 21.63 -83.07 -107.93
N UNK F 2511 20.47 -83.41 -108.51
CA UNK F 2511 20.31 -83.62 -109.95
C UNK F 2511 19.29 -82.61 -110.51
N UNK F 2512 18.48 -82.05 -109.60
CA UNK F 2512 17.85 -80.77 -109.86
C UNK F 2512 19.08 -79.88 -110.06
N UNK F 2513 20.09 -80.04 -109.19
CA UNK F 2513 21.39 -79.38 -109.35
C UNK F 2513 22.15 -79.83 -110.62
N UNK F 2514 21.36 -80.30 -111.58
CA UNK F 2514 21.74 -80.27 -112.97
C UNK F 2514 20.52 -79.87 -113.82
N UNK F 2515 19.30 -79.98 -113.25
CA UNK F 2515 18.02 -79.92 -114.02
C UNK F 2515 17.09 -78.66 -113.89
N UNK F 2516 16.50 -78.39 -112.73
CA UNK F 2516 16.03 -77.04 -112.49
C UNK F 2516 17.33 -76.30 -112.22
N UNK F 2517 18.29 -76.64 -113.08
CA UNK F 2517 19.61 -76.00 -113.27
C UNK F 2517 20.09 -76.35 -114.73
N UNK F 2518 19.08 -76.42 -115.61
CA UNK F 2518 19.26 -76.63 -117.06
C UNK F 2518 18.02 -76.00 -117.71
N UNK F 2519 16.85 -76.21 -117.10
CA UNK F 2519 15.73 -75.35 -117.39
C UNK F 2519 16.23 -73.93 -117.07
N UNK F 2520 16.51 -73.70 -115.77
CA UNK F 2520 17.14 -72.48 -115.30
C UNK F 2520 18.57 -72.33 -115.84
N UNK F 2605 5.44 -58.27 -108.22
CA UNK F 2605 6.89 -58.17 -108.10
C UNK F 2605 7.62 -59.18 -108.98
N UNK F 2606 6.80 -59.90 -109.76
CA UNK F 2606 7.10 -61.20 -110.41
C UNK F 2606 8.56 -61.54 -110.71
N UNK F 2607 9.37 -60.55 -111.07
CA UNK F 2607 10.74 -60.81 -111.52
C UNK F 2607 11.83 -60.42 -110.54
N UNK F 2608 11.47 -59.70 -109.47
CA UNK F 2608 12.42 -59.48 -108.36
C UNK F 2608 12.32 -60.64 -107.36
N UNK F 2609 11.16 -61.32 -107.46
CA UNK F 2609 10.80 -62.51 -106.69
C UNK F 2609 11.72 -63.66 -107.07
N UNK F 2610 11.85 -63.92 -108.37
CA UNK F 2610 12.85 -64.87 -108.87
C UNK F 2610 14.26 -64.53 -108.37
N UNK F 2611 14.38 -63.35 -107.77
CA UNK F 2611 15.65 -62.90 -107.19
C UNK F 2611 15.66 -63.23 -105.71
N UNK F 2612 14.64 -63.98 -105.28
CA UNK F 2612 14.66 -64.77 -104.03
C UNK F 2612 15.00 -66.28 -104.30
N UNK F 2613 14.47 -66.81 -105.40
CA UNK F 2613 14.50 -68.26 -105.73
C UNK F 2613 15.86 -68.91 -106.06
N UNK F 2614 16.85 -68.11 -106.48
CA UNK F 2614 18.14 -68.66 -106.91
C UNK F 2614 19.20 -68.50 -105.80
N UNK F 2615 18.72 -67.99 -104.67
CA UNK F 2615 19.47 -67.92 -103.43
C UNK F 2615 18.61 -68.68 -102.45
N UNK F 2616 17.98 -69.73 -102.98
CA UNK F 2616 17.27 -70.73 -102.21
C UNK F 2616 17.47 -72.08 -102.94
N UNK F 2617 17.31 -72.09 -104.26
CA UNK F 2617 17.79 -73.20 -105.08
C UNK F 2617 19.31 -73.30 -104.93
N UNK F 2618 19.80 -72.85 -103.77
CA UNK F 2618 21.21 -72.68 -103.45
C UNK F 2618 21.27 -72.66 -101.96
N UNK F 2619 20.18 -72.22 -101.36
CA UNK F 2619 19.92 -72.60 -99.98
C UNK F 2619 19.19 -73.97 -100.04
N UNK F 2620 19.50 -74.71 -101.11
CA UNK F 2620 19.23 -76.14 -101.24
C UNK F 2620 20.53 -76.86 -101.66
N UNK F 2621 20.70 -77.08 -102.98
CA UNK F 2621 21.85 -77.81 -103.56
C UNK F 2621 23.26 -77.20 -103.37
N UNK F 2622 23.36 -76.23 -102.46
CA UNK F 2622 24.63 -75.76 -101.91
C UNK F 2622 24.63 -76.24 -100.46
N UNK F 2623 23.43 -76.70 -100.08
CA UNK F 2623 23.23 -77.72 -99.06
C UNK F 2623 23.15 -79.09 -99.77
N UNK F 2624 24.31 -79.63 -100.21
CA UNK F 2624 24.43 -80.89 -100.99
C UNK F 2624 25.84 -81.13 -101.54
N UNK F 2625 26.83 -80.44 -100.96
CA UNK F 2625 28.26 -80.52 -101.36
C UNK F 2625 29.15 -79.51 -100.63
N UNK F 2626 28.52 -78.61 -99.87
CA UNK F 2626 29.08 -78.14 -98.62
C UNK F 2626 28.19 -78.85 -97.57
N UNK F 2627 27.61 -79.97 -98.01
CA UNK F 2627 26.83 -80.89 -97.20
C UNK F 2627 27.17 -82.35 -97.60
N UNK F 2628 27.15 -82.66 -98.90
CA UNK F 2628 27.74 -83.95 -99.36
C UNK F 2628 29.25 -83.86 -99.29
N UNK F 2629 29.72 -82.93 -98.44
CA UNK F 2629 31.11 -82.80 -97.97
C UNK F 2629 31.07 -82.09 -96.61
N UNK F 2630 29.93 -82.27 -95.92
CA UNK F 2630 29.84 -82.21 -94.45
C UNK F 2630 28.91 -83.33 -93.95
N UNK F 2705 29.98 -73.47 -88.65
CA UNK F 2705 29.57 -72.96 -89.96
C UNK F 2705 28.03 -72.86 -90.17
N UNK F 2706 27.37 -72.35 -89.13
CA UNK F 2706 25.99 -71.82 -89.18
C UNK F 2706 26.09 -70.32 -89.25
N UNK F 2707 27.33 -69.84 -89.01
CA UNK F 2707 27.84 -68.52 -89.39
C UNK F 2707 27.49 -68.19 -90.85
N UNK F 2708 28.24 -68.79 -91.77
CA UNK F 2708 27.96 -68.62 -93.21
C UNK F 2708 26.46 -68.67 -93.53
N UNK F 2709 25.67 -69.40 -92.72
CA UNK F 2709 24.23 -69.58 -92.94
C UNK F 2709 23.57 -68.22 -93.24
N UNK F 2710 24.05 -67.22 -92.51
CA UNK F 2710 23.81 -65.83 -92.82
C UNK F 2710 25.18 -65.19 -93.13
N UNK F 2711 25.53 -65.20 -94.43
CA UNK F 2711 26.71 -64.51 -95.03
C UNK F 2711 26.51 -64.48 -96.56
N UNK F 2712 25.30 -64.87 -96.96
CA UNK F 2712 24.79 -64.87 -98.31
C UNK F 2712 23.29 -65.02 -98.18
N UNK F 2713 22.80 -64.98 -96.93
CA UNK F 2713 21.38 -65.16 -96.66
C UNK F 2713 20.75 -64.11 -95.72
N UNK F 2714 21.61 -63.30 -95.06
CA UNK F 2714 21.21 -62.11 -94.25
C UNK F 2714 21.25 -60.86 -95.13
N UNK F 2715 22.43 -60.57 -95.69
CA UNK F 2715 22.52 -59.79 -96.92
C UNK F 2715 21.77 -60.54 -98.03
N UNK F 2716 20.47 -60.76 -97.75
CA UNK F 2716 19.44 -61.48 -98.57
C UNK F 2716 18.07 -61.30 -97.90
N UNK F 2717 18.03 -60.47 -96.86
CA UNK F 2717 16.78 -59.96 -96.27
C UNK F 2717 16.45 -58.59 -96.90
N UNK F 2718 17.23 -58.24 -97.92
CA UNK F 2718 16.97 -57.10 -98.81
C UNK F 2718 16.73 -57.55 -100.27
N UNK F 2719 17.72 -58.21 -100.87
CA UNK F 2719 17.54 -58.77 -102.22
C UNK F 2719 17.65 -60.33 -102.31
N UNK F 2805 -8.13 -64.24 -81.30
CA UNK F 2805 -8.08 -65.58 -81.92
C UNK F 2805 -6.69 -65.90 -82.47
N UNK F 2806 -5.94 -64.84 -82.74
CA UNK F 2806 -4.48 -64.93 -82.85
C UNK F 2806 -3.91 -63.66 -82.22
N UNK F 2807 -4.83 -62.82 -81.77
CA UNK F 2807 -4.50 -61.82 -80.78
C UNK F 2807 -4.81 -62.39 -79.36
N UNK F 2808 -4.16 -63.55 -79.10
CA UNK F 2808 -3.96 -64.13 -77.77
C UNK F 2808 -2.52 -64.61 -77.75
N UNK F 2809 -1.85 -64.39 -78.87
CA UNK F 2809 -0.46 -64.85 -79.10
C UNK F 2809 0.48 -63.85 -79.77
N UNK F 2810 -0.08 -62.76 -80.33
CA UNK F 2810 0.69 -61.65 -80.99
C UNK F 2810 0.99 -60.52 -79.99
N UNK F 2811 -0.02 -60.15 -79.21
CA UNK F 2811 0.17 -59.38 -77.99
C UNK F 2811 0.60 -60.28 -76.84
N UNK F 2812 1.26 -61.41 -77.18
CA UNK F 2812 1.68 -62.50 -76.27
C UNK F 2812 2.86 -63.40 -76.70
N UNK F 2813 3.25 -63.37 -77.98
CA UNK F 2813 4.63 -63.79 -78.41
C UNK F 2813 5.56 -62.57 -78.40
N UNK F 2814 4.92 -61.39 -78.36
CA UNK F 2814 5.56 -60.12 -78.10
C UNK F 2814 5.57 -59.84 -76.60
N UNK F 2815 4.42 -59.52 -76.02
CA UNK F 2815 4.38 -59.08 -74.62
C UNK F 2815 5.26 -59.92 -73.70
N UNK F 2816 5.77 -61.03 -74.25
CA UNK F 2816 6.61 -61.98 -73.52
C UNK F 2816 7.99 -62.09 -74.17
N UNK F 2817 8.06 -61.69 -75.45
CA UNK F 2817 9.35 -61.50 -76.15
C UNK F 2817 10.02 -60.24 -75.63
N UNK F 2818 9.18 -59.25 -75.26
CA UNK F 2818 9.57 -57.95 -74.74
C UNK F 2818 10.78 -58.14 -73.81
N UNK F 2819 10.60 -58.96 -72.77
CA UNK F 2819 11.66 -59.24 -71.80
C UNK F 2819 12.77 -60.05 -72.43
N UNK F 2820 12.57 -60.46 -73.67
CA UNK F 2820 13.65 -61.15 -74.38
C UNK F 2820 14.93 -60.30 -74.41
N UNK F 2821 14.73 -58.99 -74.66
CA UNK F 2821 15.80 -58.00 -74.77
C UNK F 2821 16.34 -57.70 -73.38
N UNK F 2822 15.51 -57.88 -72.35
CA UNK F 2822 16.00 -57.85 -70.97
C UNK F 2822 16.77 -59.12 -70.65
N UNK F 2905 2.87 -75.92 -80.80
CA UNK F 2905 3.39 -75.94 -82.16
C UNK F 2905 2.80 -77.10 -82.95
N UNK F 2906 1.50 -77.31 -82.79
CA UNK F 2906 0.80 -78.38 -83.48
C UNK F 2906 -0.04 -77.80 -84.60
N UNK F 2907 -0.89 -76.85 -84.21
CA UNK F 2907 -1.89 -76.20 -85.09
C UNK F 2907 -1.50 -74.77 -85.58
N UNK F 2908 -1.36 -73.84 -84.63
CA UNK F 2908 -0.78 -72.49 -84.87
C UNK F 2908 0.73 -72.59 -85.20
N UNK F 2909 1.06 -73.59 -86.00
CA UNK F 2909 1.98 -73.42 -87.08
C UNK F 2909 1.00 -72.87 -88.13
N UNK F 2910 0.14 -73.73 -88.70
CA UNK F 2910 -0.75 -73.31 -89.80
C UNK F 2910 -1.95 -72.38 -89.42
N UNK F 2911 -1.62 -71.33 -88.66
CA UNK F 2911 -2.52 -70.18 -88.38
C UNK F 2911 -1.80 -68.86 -88.71
N UNK F 2912 -0.64 -69.01 -89.35
CA UNK F 2912 0.18 -67.94 -89.89
C UNK F 2912 1.06 -68.56 -90.98
N UNK F 2913 0.88 -69.88 -91.16
CA UNK F 2913 1.13 -70.58 -92.43
C UNK F 2913 -0.20 -70.65 -93.25
N UNK F 2914 -1.12 -69.74 -92.91
CA UNK F 2914 -2.30 -69.43 -93.71
C UNK F 2914 -2.49 -67.92 -93.87
N UNK F 2915 -1.40 -67.22 -94.26
CA UNK F 2915 -1.39 -65.73 -94.41
C UNK F 2915 -0.86 -65.21 -95.77
N UNK F 2916 0.43 -65.36 -96.04
CA UNK F 2916 1.03 -64.88 -97.30
C UNK F 2916 0.22 -65.19 -98.55
N UNK F 3005 -5.91 -61.93 -71.10
CA UNK F 3005 -5.47 -63.05 -70.26
C UNK F 3005 -4.11 -63.61 -70.69
N UNK F 3006 -3.83 -63.59 -72.00
CA UNK F 3006 -2.50 -63.94 -72.58
C UNK F 3006 -1.43 -62.83 -72.39
N UNK F 3007 -1.85 -61.73 -71.73
CA UNK F 3007 -1.02 -60.56 -71.44
C UNK F 3007 -0.81 -60.25 -69.95
N UNK F 3008 -1.84 -59.81 -69.22
CA UNK F 3008 -1.68 -59.56 -67.76
C UNK F 3008 -1.32 -60.86 -67.05
N UNK F 3009 -0.82 -61.79 -67.85
CA UNK F 3009 -0.29 -63.06 -67.41
C UNK F 3009 1.11 -62.88 -66.82
N UNK F 3010 2.10 -62.64 -67.70
CA UNK F 3010 3.54 -62.73 -67.33
C UNK F 3010 4.25 -61.46 -66.71
N UNK F 3011 3.92 -61.18 -65.46
CA UNK F 3011 4.66 -60.26 -64.61
C UNK F 3011 4.53 -60.76 -63.18
N UNK F 3012 3.68 -61.77 -63.05
CA UNK F 3012 3.19 -62.28 -61.75
C UNK F 3012 2.55 -63.70 -61.86
N UNK F 3013 3.06 -64.48 -62.83
CA UNK F 3013 2.62 -65.84 -63.12
C UNK F 3013 3.77 -66.70 -63.68
N UNK F 3105 9.52 -55.20 -90.49
CA UNK F 3105 8.24 -55.46 -89.84
C UNK F 3105 8.36 -56.02 -88.39
N UNK F 3106 7.60 -55.45 -87.47
CA UNK F 3106 7.65 -55.88 -86.08
C UNK F 3106 6.25 -55.83 -85.51
N UNK F 3107 5.83 -54.68 -84.99
CA UNK F 3107 4.42 -54.47 -84.67
C UNK F 3107 3.55 -54.58 -85.96
N UNK F 3108 4.24 -54.77 -87.08
CA UNK F 3108 3.65 -54.71 -88.41
C UNK F 3108 2.42 -55.58 -88.49
N UNK F 3109 2.69 -56.89 -88.34
CA UNK F 3109 1.73 -57.99 -88.41
C UNK F 3109 0.92 -58.13 -87.10
N UNK F 3110 1.42 -57.50 -86.02
CA UNK F 3110 0.63 -57.29 -84.79
C UNK F 3110 -0.57 -56.45 -85.15
N UNK F 3111 -0.57 -56.01 -86.42
CA UNK F 3111 -1.65 -55.25 -87.07
C UNK F 3111 -2.35 -56.02 -88.21
N UNK F 3112 -1.61 -56.87 -88.93
CA UNK F 3112 -2.16 -57.80 -89.96
C UNK F 3112 -3.04 -58.89 -89.34
N UNK F 3113 -2.97 -58.99 -88.00
CA UNK F 3113 -3.58 -60.06 -87.17
C UNK F 3113 -4.91 -59.68 -86.46
N UNK F 3114 -4.85 -58.70 -85.56
CA UNK F 3114 -6.05 -58.21 -84.89
C UNK F 3114 -6.76 -57.07 -85.70
N UNK F 3205 46.10 -54.38 -104.96
CA UNK F 3205 46.67 -54.14 -106.30
C UNK F 3205 45.68 -53.49 -107.33
N UNK F 3206 44.85 -52.55 -106.85
CA UNK F 3206 43.94 -51.79 -107.73
C UNK F 3206 44.75 -50.83 -108.63
N UNK F 3207 45.66 -50.05 -108.00
CA UNK F 3207 46.57 -49.13 -108.71
C UNK F 3207 47.58 -49.87 -109.59
N UNK F 3208 47.20 -51.04 -110.11
CA UNK F 3208 48.15 -51.93 -110.77
C UNK F 3208 47.85 -52.07 -112.25
N UNK F 3209 47.15 -53.12 -112.68
CA UNK F 3209 46.52 -53.10 -114.03
C UNK F 3209 45.51 -51.93 -114.03
N UNK F 3210 45.68 -51.06 -113.03
CA UNK F 3210 45.18 -49.71 -113.07
C UNK F 3210 46.35 -48.73 -113.23
N UNK F 3211 47.46 -49.00 -112.54
CA UNK F 3211 48.70 -48.31 -112.85
C UNK F 3211 49.17 -48.80 -114.22
N UNK F 3212 48.32 -49.58 -114.89
CA UNK F 3212 48.59 -50.07 -116.23
C UNK F 3212 47.28 -50.12 -116.95
N UNK F 3213 46.32 -49.43 -116.34
CA UNK F 3213 45.24 -48.80 -117.07
C UNK F 3213 45.64 -47.31 -117.06
N UNK F 3214 46.93 -47.14 -116.74
CA UNK F 3214 47.70 -45.94 -117.00
C UNK F 3214 48.44 -46.21 -118.28
N UNK F 3215 48.86 -47.46 -118.44
CA UNK F 3215 49.57 -47.88 -119.64
C UNK F 3215 48.69 -48.83 -120.49
N UNK F 3216 47.40 -48.83 -120.20
CA UNK F 3216 46.43 -49.34 -121.17
C UNK F 3216 46.59 -48.44 -122.39
N UNK F 3217 46.71 -47.12 -122.11
CA UNK F 3217 47.11 -46.07 -123.08
C UNK F 3217 48.62 -46.04 -123.27
N UNK F 3305 44.07 -37.27 -124.09
CA UNK F 3305 45.45 -37.68 -123.82
C UNK F 3305 45.66 -37.83 -122.31
N UNK F 3306 46.86 -38.30 -121.93
CA UNK F 3306 47.28 -38.54 -120.53
C UNK F 3306 46.73 -37.49 -119.55
N UNK F 3307 46.19 -36.41 -120.14
CA UNK F 3307 45.64 -35.25 -119.44
C UNK F 3307 44.43 -35.65 -118.65
N UNK F 3308 43.59 -36.50 -119.25
CA UNK F 3308 42.49 -37.19 -118.54
C UNK F 3308 42.89 -38.54 -117.94
N UNK F 3309 43.62 -39.34 -118.72
CA UNK F 3309 44.22 -40.60 -118.27
C UNK F 3309 45.05 -40.36 -116.98
N UNK F 3310 44.85 -39.18 -116.41
CA UNK F 3310 45.43 -38.78 -115.15
C UNK F 3310 44.33 -38.58 -114.09
N UNK F 3311 43.08 -38.50 -114.53
CA UNK F 3311 41.92 -38.58 -113.60
C UNK F 3311 41.57 -40.05 -113.19
N UNK F 3312 41.39 -40.89 -114.21
CA UNK F 3312 41.46 -42.32 -114.06
C UNK F 3312 42.95 -42.63 -113.93
N UNK F 3313 43.54 -42.23 -112.80
CA UNK F 3313 44.96 -42.48 -112.47
C UNK F 3313 45.32 -42.21 -110.98
N UNK F 3314 44.41 -41.55 -110.27
CA UNK F 3314 44.40 -41.53 -108.79
C UNK F 3314 43.06 -42.09 -108.39
N UNK F 3315 42.41 -42.68 -109.41
CA UNK F 3315 41.15 -43.45 -109.32
C UNK F 3315 41.36 -44.97 -109.03
N UNK F 3316 42.55 -45.45 -109.35
CA UNK F 3316 43.06 -46.79 -109.01
C UNK F 3316 43.64 -46.86 -107.57
N UNK F 3317 42.95 -46.23 -106.60
CA UNK F 3317 43.34 -46.25 -105.17
C UNK F 3317 42.44 -45.34 -104.29
N UNK F 3413 45.78 -26.96 -117.64
CA UNK F 3413 45.94 -28.15 -118.48
C UNK F 3413 45.63 -29.48 -117.73
N UNK F 3414 46.08 -29.56 -116.49
CA UNK F 3414 45.97 -30.78 -115.71
C UNK F 3414 44.99 -30.64 -114.57
N UNK F 3415 45.32 -29.87 -113.54
CA UNK F 3415 44.36 -29.58 -112.47
C UNK F 3415 43.05 -29.20 -113.15
N UNK F 3416 43.15 -29.12 -114.46
CA UNK F 3416 42.04 -28.86 -115.36
C UNK F 3416 41.06 -29.98 -115.17
N UNK F 3417 41.66 -31.20 -115.12
CA UNK F 3417 41.03 -32.54 -115.12
C UNK F 3417 39.96 -32.75 -114.08
N UNK F 3418 40.25 -32.33 -112.84
CA UNK F 3418 39.26 -32.23 -111.75
C UNK F 3418 37.99 -31.41 -112.09
N UNK F 3419 38.08 -30.60 -113.15
CA UNK F 3419 36.98 -29.76 -113.62
C UNK F 3419 36.42 -30.13 -115.01
N UNK F 3420 37.13 -30.96 -115.78
CA UNK F 3420 36.71 -31.40 -117.12
C UNK F 3420 35.95 -32.76 -117.19
N UNK F 3421 36.22 -33.64 -116.19
CA UNK F 3421 35.59 -34.97 -116.02
C UNK F 3421 34.73 -35.03 -114.75
N UNK F 3422 35.16 -34.31 -113.70
CA UNK F 3422 34.23 -33.87 -112.66
C UNK F 3422 33.24 -32.97 -113.36
N UNK F 3423 33.53 -32.71 -114.63
CA UNK F 3423 32.61 -32.13 -115.59
C UNK F 3423 32.82 -32.88 -116.88
N UNK F 3424 32.52 -34.19 -116.80
CA UNK F 3424 32.21 -35.06 -117.94
C UNK F 3424 30.88 -35.75 -117.64
N UNK F 3425 30.61 -35.96 -116.35
CA UNK F 3425 29.47 -36.73 -115.90
C UNK F 3425 28.29 -35.89 -115.44
N UNK F 3505 33.46 -21.58 -114.87
CA UNK F 3505 33.64 -22.48 -116.02
C UNK F 3505 34.63 -21.96 -117.12
N UNK F 3506 35.09 -20.73 -116.94
CA UNK F 3506 35.97 -20.01 -117.90
C UNK F 3506 36.71 -18.90 -117.15
N UNK F 3507 35.92 -17.97 -116.61
CA UNK F 3507 36.40 -17.03 -115.62
C UNK F 3507 37.66 -17.54 -114.89
N UNK F 3508 37.54 -18.74 -114.29
CA UNK F 3508 38.53 -19.33 -113.35
C UNK F 3508 39.73 -20.16 -113.90
N UNK F 3509 39.87 -20.21 -115.23
CA UNK F 3509 41.15 -20.55 -115.87
C UNK F 3509 42.05 -19.30 -115.87
N UNK F 3510 41.42 -18.13 -115.88
CA UNK F 3510 42.10 -16.87 -115.67
C UNK F 3510 42.51 -16.86 -114.22
N UNK F 3511 41.51 -16.55 -113.37
CA UNK F 3511 41.72 -16.40 -111.92
C UNK F 3511 42.64 -17.47 -111.37
N UNK F 3512 42.81 -18.54 -112.16
CA UNK F 3512 43.66 -19.67 -111.80
C UNK F 3512 45.14 -19.34 -112.00
N UNK F 3513 45.47 -18.73 -113.15
CA UNK F 3513 46.86 -18.47 -113.51
C UNK F 3513 47.33 -17.17 -112.88
N UNK F 3514 46.40 -16.46 -112.26
CA UNK F 3514 46.69 -15.16 -111.71
C UNK F 3514 47.66 -15.20 -110.56
N UNK F 3515 47.11 -15.20 -109.34
CA UNK F 3515 47.82 -15.04 -108.05
C UNK F 3515 49.02 -16.00 -107.80
N UNK F 3516 49.37 -16.75 -108.82
CA UNK F 3516 50.59 -17.52 -108.85
C UNK F 3516 51.66 -16.70 -109.54
N UNK F 3517 51.28 -16.11 -110.68
CA UNK F 3517 52.12 -15.18 -111.46
C UNK F 3517 52.37 -13.81 -110.74
N UNK F 3518 51.38 -13.33 -109.98
CA UNK F 3518 51.50 -12.21 -109.02
C UNK F 3518 52.47 -12.53 -107.88
N UNK F 3605 54.90 -6.51 -101.32
CA UNK F 3605 53.46 -6.60 -101.01
C UNK F 3605 52.59 -6.52 -102.25
N UNK F 3606 51.86 -5.41 -102.34
CA UNK F 3606 50.56 -5.29 -103.04
C UNK F 3606 50.35 -5.79 -104.49
N UNK F 3607 51.23 -6.67 -104.99
CA UNK F 3607 50.91 -7.43 -106.18
C UNK F 3607 49.99 -8.60 -105.79
N UNK F 3608 49.08 -8.34 -104.84
CA UNK F 3608 48.39 -9.41 -104.08
C UNK F 3608 46.93 -9.11 -103.65
N UNK F 3609 46.51 -7.84 -103.72
CA UNK F 3609 45.11 -7.45 -103.38
C UNK F 3609 44.14 -7.54 -104.57
N UNK F 3610 44.65 -8.06 -105.69
CA UNK F 3610 43.84 -8.57 -106.82
C UNK F 3610 44.03 -10.07 -106.84
N UNK F 3611 44.68 -10.55 -105.77
CA UNK F 3611 44.82 -11.97 -105.36
C UNK F 3611 43.87 -12.29 -104.20
N UNK F 3612 43.76 -11.36 -103.26
CA UNK F 3612 42.78 -11.41 -102.16
C UNK F 3612 41.29 -11.33 -102.61
N UNK F 3613 40.64 -10.19 -102.35
CA UNK F 3613 39.21 -10.02 -102.66
C UNK F 3613 38.80 -10.04 -104.16
N UNK F 3614 39.72 -10.43 -105.05
CA UNK F 3614 39.36 -10.72 -106.44
C UNK F 3614 38.46 -11.96 -106.44
N UNK F 3615 38.81 -12.92 -105.56
CA UNK F 3615 38.09 -14.18 -105.29
C UNK F 3615 36.78 -13.99 -104.53
N UNK F 3616 36.78 -13.13 -103.53
CA UNK F 3616 35.54 -12.71 -102.85
C UNK F 3616 34.54 -12.05 -103.80
N UNK F 3617 34.79 -12.26 -105.09
CA UNK F 3617 33.81 -12.15 -106.17
C UNK F 3617 34.17 -13.08 -107.38
N UNK F 3618 34.74 -14.25 -107.04
CA UNK F 3618 34.70 -15.54 -107.81
C UNK F 3618 34.07 -16.57 -106.87
N UNK F 3619 33.12 -16.06 -106.07
CA UNK F 3619 32.70 -16.62 -104.80
C UNK F 3619 31.50 -15.87 -104.27
N UNK F 3620 31.51 -14.55 -104.43
CA UNK F 3620 30.31 -13.73 -104.18
C UNK F 3620 29.64 -13.53 -105.51
N UNK F 3621 30.35 -13.99 -106.55
CA UNK F 3621 29.75 -14.36 -107.84
C UNK F 3621 29.04 -15.76 -107.71
N UNK F 3622 29.23 -16.36 -106.53
CA UNK F 3622 28.78 -17.68 -106.17
C UNK F 3622 28.19 -17.63 -104.75
N UNK G 800 55.87 -14.16 -92.20
CA UNK G 800 56.95 -14.28 -93.23
C UNK G 800 56.40 -14.68 -94.61
N UNK G 801 56.19 -13.70 -95.49
CA UNK G 801 55.88 -14.00 -96.91
C UNK G 801 57.01 -13.50 -97.80
N UNK G 802 57.71 -14.45 -98.43
CA UNK G 802 58.90 -14.15 -99.22
C UNK G 802 59.19 -15.16 -100.33
N UNK G 803 60.44 -15.24 -100.75
CA UNK G 803 60.77 -16.01 -101.94
C UNK G 803 62.15 -16.54 -101.89
N UNK G 804 62.42 -17.39 -102.87
CA UNK G 804 63.56 -18.26 -102.81
C UNK G 804 64.79 -17.53 -103.25
N UNK G 805 65.68 -17.23 -102.30
CA UNK G 805 67.00 -16.71 -102.64
C UNK G 805 67.59 -17.51 -103.78
N UNK G 806 66.90 -18.63 -104.09
CA UNK G 806 67.28 -19.60 -105.13
C UNK G 806 66.97 -19.12 -106.56
N UNK G 807 67.65 -19.78 -107.50
CA UNK G 807 67.66 -19.42 -108.91
C UNK G 807 66.30 -19.22 -109.58
N UNK G 808 65.23 -19.31 -108.81
CA UNK G 808 63.91 -19.11 -109.38
C UNK G 808 62.95 -18.44 -108.40
N UNK G 809 63.48 -17.47 -107.65
CA UNK G 809 62.73 -16.68 -106.63
C UNK G 809 61.27 -17.12 -106.41
N UNK G 810 61.14 -18.29 -105.76
CA UNK G 810 59.86 -18.97 -105.52
C UNK G 810 59.32 -18.51 -104.17
N UNK G 811 58.00 -18.37 -104.06
CA UNK G 811 57.36 -17.50 -103.06
C UNK G 811 56.54 -18.16 -101.94
N UNK G 812 57.00 -18.00 -100.70
CA UNK G 812 56.36 -18.50 -99.49
C UNK G 812 54.98 -17.86 -99.22
N UNK G 813 54.11 -18.00 -100.22
CA UNK G 813 52.82 -17.29 -100.26
C UNK G 813 51.84 -17.71 -99.16
N UNK G 814 52.40 -17.98 -97.99
CA UNK G 814 51.66 -18.45 -96.81
C UNK G 814 50.21 -18.90 -97.13
N UNK G 815 49.22 -18.26 -96.51
CA UNK G 815 47.80 -18.60 -96.70
C UNK G 815 47.43 -20.05 -96.28
N UNK G 829 51.87 -23.61 -95.16
CA UNK G 829 50.68 -23.50 -96.03
C UNK G 829 51.00 -23.66 -97.51
N UNK G 830 50.31 -22.88 -98.37
CA UNK G 830 50.56 -22.86 -99.83
C UNK G 830 51.75 -21.95 -100.24
N UNK G 831 52.47 -22.38 -101.27
CA UNK G 831 53.71 -21.76 -101.68
C UNK G 831 53.95 -21.87 -103.20
N UNK G 832 53.95 -20.71 -103.88
CA UNK G 832 54.11 -20.58 -105.33
C UNK G 832 55.56 -20.55 -105.81
N UNK G 833 55.86 -21.29 -106.88
CA UNK G 833 57.23 -21.38 -107.42
C UNK G 833 57.23 -21.27 -108.92
N UNK G 834 58.35 -20.82 -109.48
CA UNK G 834 58.37 -20.38 -110.87
C UNK G 834 59.40 -21.10 -111.70
N UNK G 835 58.90 -21.98 -112.58
CA UNK G 835 59.73 -22.64 -113.61
C UNK G 835 60.09 -24.10 -113.35
N UNK G 836 59.05 -24.93 -113.31
CA UNK G 836 59.19 -26.35 -113.02
C UNK G 836 57.86 -27.10 -113.19
N UNK G 837 57.70 -27.79 -114.33
CA UNK G 837 56.58 -28.69 -114.52
C UNK G 837 56.65 -29.66 -113.38
N UNK G 838 55.48 -29.90 -112.77
CA UNK G 838 55.37 -30.84 -111.63
C UNK G 838 55.14 -32.33 -112.03
N UNK G 839 53.99 -32.63 -112.65
CA UNK G 839 53.84 -33.92 -113.30
C UNK G 839 55.15 -34.41 -114.03
N UNK G 840 56.28 -34.10 -113.41
CA UNK G 840 57.55 -34.72 -113.70
C UNK G 840 58.36 -34.52 -112.42
N UNK G 841 57.61 -34.07 -111.41
CA UNK G 841 57.98 -33.99 -110.01
C UNK G 841 56.95 -34.77 -109.13
N UNK G 842 55.64 -34.51 -109.33
CA UNK G 842 54.55 -35.18 -108.60
C UNK G 842 54.38 -36.64 -109.01
N UNK G 843 54.75 -36.94 -110.26
CA UNK G 843 54.95 -38.29 -110.68
C UNK G 843 56.09 -38.80 -109.80
N UNK G 844 57.32 -38.58 -110.23
CA UNK G 844 58.52 -39.01 -109.47
C UNK G 844 58.25 -39.76 -108.14
N UNK G 845 57.80 -39.04 -107.11
CA UNK G 845 57.56 -39.63 -105.81
C UNK G 845 56.12 -40.08 -105.69
N UNK G 846 55.55 -40.62 -106.77
CA UNK G 846 54.18 -41.19 -106.71
C UNK G 846 54.14 -42.49 -105.88
N UNK G 847 55.05 -43.42 -106.26
CA UNK G 847 55.20 -44.73 -105.63
C UNK G 847 56.36 -44.80 -104.62
N UNK G 848 56.97 -43.66 -104.34
CA UNK G 848 57.81 -43.56 -103.17
C UNK G 848 56.87 -43.37 -101.98
N UNK G 849 55.84 -44.20 -102.00
CA UNK G 849 54.84 -44.37 -100.94
C UNK G 849 53.97 -45.59 -101.28
N UNK G 850 54.02 -45.96 -102.56
CA UNK G 850 53.42 -47.19 -103.03
C UNK G 850 54.49 -48.26 -102.88
N UNK G 851 55.56 -47.91 -102.18
CA UNK G 851 56.43 -48.91 -101.59
C UNK G 851 56.38 -48.76 -100.06
N UNK G 852 55.55 -47.82 -99.60
CA UNK G 852 55.26 -47.74 -98.16
C UNK G 852 54.24 -48.82 -97.81
N UNK G 853 53.35 -49.09 -98.77
CA UNK G 853 52.30 -50.10 -98.67
C UNK G 853 52.65 -51.30 -99.56
N UNK G 854 53.87 -51.28 -100.10
CA UNK G 854 54.46 -52.48 -100.64
C UNK G 854 55.62 -52.70 -99.69
N UNK G 855 55.61 -51.90 -98.62
CA UNK G 855 56.44 -52.14 -97.45
C UNK G 855 55.57 -52.60 -96.26
N UNK G 856 54.38 -52.01 -96.09
CA UNK G 856 53.44 -52.50 -95.09
C UNK G 856 52.70 -53.76 -95.60
N UNK G 857 52.87 -54.08 -96.88
CA UNK G 857 52.54 -55.40 -97.37
C UNK G 857 53.85 -56.15 -97.50
N UNK G 858 54.73 -55.78 -96.57
CA UNK G 858 55.90 -56.56 -96.17
C UNK G 858 56.56 -55.84 -94.99
N UNK G 859 55.75 -55.63 -93.95
CA UNK G 859 56.09 -54.88 -92.72
C UNK G 859 57.52 -54.45 -92.38
N UNK G 860 57.66 -53.17 -92.06
CA UNK G 860 58.93 -52.60 -91.55
C UNK G 860 58.83 -51.10 -91.14
N UNK G 861 57.69 -50.78 -90.50
CA UNK G 861 57.24 -49.41 -90.14
C UNK G 861 58.18 -48.29 -90.55
N UNK G 862 58.01 -47.79 -91.79
CA UNK G 862 58.86 -46.74 -92.43
C UNK G 862 58.20 -46.04 -93.64
N UNK G 863 57.15 -45.26 -93.38
CA UNK G 863 56.48 -44.46 -94.41
C UNK G 863 57.29 -43.21 -94.76
N UNK G 864 58.05 -43.23 -95.87
CA UNK G 864 58.94 -42.08 -96.28
C UNK G 864 58.30 -40.87 -97.04
N UNK G 865 58.47 -39.64 -96.50
CA UNK G 865 57.59 -38.52 -96.90
C UNK G 865 58.15 -37.30 -97.70
N UNK G 866 58.01 -37.33 -99.02
CA UNK G 866 57.84 -36.13 -99.84
C UNK G 866 56.35 -35.83 -99.67
N UNK G 867 55.78 -34.85 -100.38
CA UNK G 867 54.31 -34.53 -100.30
C UNK G 867 53.68 -33.45 -101.20
N UNK G 868 52.37 -33.26 -100.95
CA UNK G 868 51.41 -32.29 -101.59
C UNK G 868 51.89 -31.30 -102.72
N UNK G 869 51.45 -31.54 -103.96
CA UNK G 869 52.22 -31.08 -105.10
C UNK G 869 51.66 -31.59 -106.45
N UNK G 870 50.48 -31.13 -106.77
CA UNK G 870 50.06 -31.04 -108.19
C UNK G 870 51.06 -30.25 -109.15
N UNK G 871 51.22 -30.70 -110.41
CA UNK G 871 51.58 -29.68 -111.31
C UNK G 871 50.31 -28.79 -111.45
N UNK G 872 50.52 -27.49 -111.44
CA UNK G 872 49.39 -26.57 -111.34
C UNK G 872 49.03 -26.14 -112.76
N UNK G 873 50.00 -25.43 -113.35
CA UNK G 873 49.86 -24.66 -114.60
C UNK G 873 51.26 -24.49 -115.18
N UNK G 874 51.30 -24.30 -116.50
CA UNK G 874 52.53 -24.49 -117.26
C UNK G 874 53.74 -24.21 -116.33
N UNK G 875 54.70 -25.10 -116.32
CA UNK G 875 55.70 -25.08 -115.26
C UNK G 875 55.21 -24.41 -113.90
N UNK G 876 54.47 -25.13 -113.02
CA UNK G 876 53.82 -24.43 -111.88
C UNK G 876 53.38 -24.96 -110.48
N UNK G 877 54.04 -24.51 -109.42
CA UNK G 877 53.24 -23.79 -108.39
C UNK G 877 52.76 -24.29 -107.05
N UNK G 878 52.03 -25.42 -107.05
CA UNK G 878 51.44 -25.93 -105.80
C UNK G 878 52.38 -26.73 -104.85
N UNK G 879 52.31 -26.41 -103.55
CA UNK G 879 53.36 -26.82 -102.58
C UNK G 879 53.07 -26.49 -101.08
N UNK G 880 53.48 -27.35 -100.14
CA UNK G 880 53.31 -26.99 -98.73
C UNK G 880 54.58 -27.13 -97.86
N UNK G 881 55.74 -27.20 -98.52
CA UNK G 881 57.06 -27.28 -97.85
C UNK G 881 56.97 -27.49 -96.34
N UNK G 882 57.50 -28.63 -95.90
CA UNK G 882 57.16 -29.34 -94.62
C UNK G 882 57.75 -28.86 -93.30
N UNK G 883 56.84 -28.54 -92.39
CA UNK G 883 57.08 -27.64 -91.26
C UNK G 883 58.41 -27.84 -90.46
N UNK G 884 59.12 -26.72 -90.17
CA UNK G 884 60.37 -26.69 -89.40
C UNK G 884 61.59 -27.35 -90.12
N UNK G 885 61.48 -27.48 -91.45
CA UNK G 885 62.57 -28.09 -92.24
C UNK G 885 63.80 -27.22 -92.19
N UNK G 886 64.95 -27.77 -91.80
CA UNK G 886 66.19 -27.23 -92.35
C UNK G 886 66.31 -27.74 -93.82
N UNK G 887 67.55 -27.98 -94.23
CA UNK G 887 67.87 -28.76 -95.40
C UNK G 887 69.07 -29.52 -94.92
N UNK G 888 69.39 -30.60 -95.64
CA UNK G 888 70.62 -31.34 -95.53
C UNK G 888 71.69 -30.32 -95.75
N UNK G 889 71.50 -29.54 -96.83
CA UNK G 889 72.40 -28.44 -97.20
C UNK G 889 71.96 -27.00 -96.76
N UNK G 890 71.40 -26.85 -95.55
CA UNK G 890 71.28 -25.54 -94.88
C UNK G 890 72.13 -25.50 -93.58
N UNK G 891 71.53 -25.97 -92.50
CA UNK G 891 72.22 -26.45 -91.26
C UNK G 891 73.62 -25.88 -90.99
N UNK G 892 74.60 -26.42 -91.71
CA UNK G 892 75.96 -25.97 -91.61
C UNK G 892 76.08 -24.64 -92.41
N UNK G 893 75.23 -23.69 -92.05
CA UNK G 893 75.35 -22.32 -92.52
C UNK G 893 76.13 -21.51 -91.46
N UNK G 894 75.53 -21.38 -90.27
CA UNK G 894 76.16 -20.72 -89.11
C UNK G 894 77.63 -21.09 -88.90
N UNK G 895 77.90 -22.37 -88.58
CA UNK G 895 79.16 -22.79 -87.92
C UNK G 895 80.32 -23.42 -88.77
N UNK G 896 80.19 -23.41 -90.10
CA UNK G 896 81.27 -23.89 -90.99
C UNK G 896 82.20 -22.80 -91.60
N UNK G 897 83.09 -23.27 -92.49
CA UNK G 897 83.86 -22.42 -93.37
C UNK G 897 83.17 -22.41 -94.72
N UNK G 906 79.17 -32.51 -85.70
CA UNK G 906 79.07 -32.12 -87.12
C UNK G 906 77.60 -32.02 -87.55
N UNK G 907 77.21 -32.67 -88.66
CA UNK G 907 75.79 -32.80 -89.06
C UNK G 907 74.96 -33.59 -87.99
N UNK G 908 75.47 -33.46 -86.76
CA UNK G 908 74.89 -33.98 -85.53
C UNK G 908 74.67 -32.78 -84.59
N UNK G 909 75.70 -31.93 -84.55
CA UNK G 909 75.75 -30.76 -83.67
C UNK G 909 74.36 -30.30 -83.28
N UNK G 910 73.45 -30.25 -84.25
CA UNK G 910 72.19 -29.52 -84.05
C UNK G 910 70.90 -30.38 -83.92
N UNK G 911 71.01 -31.45 -83.15
CA UNK G 911 69.89 -31.93 -82.35
C UNK G 911 70.48 -32.18 -80.97
N UNK G 912 71.81 -32.25 -80.93
CA UNK G 912 72.56 -32.25 -79.67
C UNK G 912 72.17 -31.04 -78.83
N UNK G 913 72.27 -29.82 -79.40
CA UNK G 913 71.92 -28.54 -78.73
C UNK G 913 70.64 -27.90 -79.30
N UNK G 914 70.54 -27.94 -80.63
CA UNK G 914 69.33 -27.52 -81.35
C UNK G 914 68.12 -28.50 -81.18
N UNK G 915 68.35 -29.59 -80.42
CA UNK G 915 67.29 -30.48 -79.83
C UNK G 915 67.60 -31.02 -78.40
N UNK G 916 66.61 -30.84 -77.52
CA UNK G 916 66.79 -30.86 -76.04
C UNK G 916 66.88 -32.23 -75.31
N UNK G 917 66.56 -33.30 -76.06
CA UNK G 917 66.32 -34.65 -75.50
C UNK G 917 67.52 -35.23 -74.73
N UNK G 918 67.28 -35.59 -73.46
CA UNK G 918 68.32 -36.26 -72.68
C UNK G 918 68.86 -37.36 -73.57
N UNK G 919 68.00 -37.86 -74.47
CA UNK G 919 68.34 -38.91 -75.43
C UNK G 919 67.45 -38.88 -76.68
N UNK G 920 66.13 -38.76 -76.47
CA UNK G 920 65.09 -38.96 -77.51
C UNK G 920 65.41 -38.41 -78.90
N UNK G 921 66.19 -37.34 -78.93
CA UNK G 921 66.68 -36.72 -80.17
C UNK G 921 67.16 -37.76 -81.15
N UNK G 922 67.51 -38.93 -80.57
CA UNK G 922 67.97 -40.15 -81.27
C UNK G 922 66.82 -41.11 -81.67
N UNK G 923 65.64 -40.85 -81.10
CA UNK G 923 64.35 -41.33 -81.62
C UNK G 923 64.19 -40.85 -83.04
N UNK G 924 65.33 -40.56 -83.68
CA UNK G 924 65.45 -39.69 -84.87
C UNK G 924 66.86 -39.77 -85.41
N UNK G 925 67.77 -40.27 -84.57
CA UNK G 925 68.92 -41.06 -85.01
C UNK G 925 68.35 -42.48 -85.29
N UNK G 926 67.08 -42.65 -84.91
CA UNK G 926 66.19 -43.64 -85.50
C UNK G 926 65.35 -42.95 -86.57
N UNK G 927 66.06 -42.25 -87.48
CA UNK G 927 65.52 -41.32 -88.53
C UNK G 927 66.72 -40.72 -89.29
N UNK G 928 67.75 -40.34 -88.52
CA UNK G 928 69.09 -39.97 -89.02
C UNK G 928 69.82 -41.15 -89.65
N UNK G 929 69.19 -42.32 -89.56
CA UNK G 929 69.63 -43.51 -90.29
C UNK G 929 68.40 -44.31 -90.67
N UNK G 930 67.36 -44.24 -89.82
CA UNK G 930 66.19 -45.11 -89.96
C UNK G 930 65.20 -44.66 -91.02
N UNK G 931 64.86 -43.36 -91.01
CA UNK G 931 64.21 -42.70 -92.16
C UNK G 931 65.27 -42.56 -93.27
N UNK G 932 66.44 -42.03 -92.87
CA UNK G 932 67.54 -41.62 -93.76
C UNK G 932 68.24 -42.77 -94.48
N UNK G 933 67.49 -43.84 -94.75
CA UNK G 933 67.89 -44.87 -95.73
C UNK G 933 66.67 -45.44 -96.49
N UNK G 934 65.51 -44.87 -96.15
CA UNK G 934 64.32 -44.88 -97.01
C UNK G 934 64.51 -43.73 -97.96
N UNK G 935 65.47 -42.86 -97.61
CA UNK G 935 66.10 -41.93 -98.53
C UNK G 935 67.11 -42.72 -99.38
N UNK G 936 68.18 -43.19 -98.74
CA UNK G 936 69.46 -43.55 -99.39
C UNK G 936 69.55 -44.84 -100.25
N UNK G 937 68.40 -45.35 -100.69
CA UNK G 937 68.34 -46.37 -101.74
C UNK G 937 67.24 -46.01 -102.76
N UNK G 938 66.47 -44.96 -102.44
CA UNK G 938 65.31 -44.47 -103.21
C UNK G 938 65.47 -44.05 -104.70
N UNK G 939 66.70 -44.01 -105.21
CA UNK G 939 66.90 -43.66 -106.63
C UNK G 939 67.53 -44.84 -107.36
N UNK G 940 67.98 -45.80 -106.55
CA UNK G 940 68.39 -47.12 -107.01
C UNK G 940 67.17 -48.10 -107.14
N UNK G 941 66.04 -47.75 -106.51
CA UNK G 941 64.74 -48.28 -106.88
C UNK G 941 64.38 -47.60 -108.19
N UNK G 942 63.52 -46.60 -108.13
CA UNK G 942 63.28 -45.69 -109.26
C UNK G 942 64.08 -44.36 -109.13
N UNK G 988 77.28 -39.25 -99.02
CA UNK G 988 77.91 -38.14 -98.28
C UNK G 988 78.65 -38.59 -97.02
N UNK G 989 79.85 -38.01 -96.83
CA UNK G 989 80.75 -38.34 -95.69
C UNK G 989 80.06 -38.31 -94.31
N UNK G 990 79.78 -37.11 -93.80
CA UNK G 990 79.11 -36.96 -92.52
C UNK G 990 77.58 -37.18 -92.62
N UNK G 991 77.17 -37.85 -93.71
CA UNK G 991 75.96 -38.70 -93.71
C UNK G 991 76.40 -40.13 -93.29
N UNK G 992 76.91 -40.22 -92.06
CA UNK G 992 77.64 -41.40 -91.52
C UNK G 992 78.49 -41.10 -90.25
N UNK G 993 78.25 -39.97 -89.60
CA UNK G 993 79.05 -39.60 -88.43
C UNK G 993 78.20 -39.64 -87.17
N UNK G 994 76.92 -39.99 -87.33
CA UNK G 994 76.02 -40.28 -86.20
C UNK G 994 76.22 -41.72 -85.75
N UNK G 995 76.45 -42.62 -86.72
CA UNK G 995 76.83 -44.01 -86.44
C UNK G 995 78.33 -44.19 -86.14
N UNK G 1006 76.37 -47.41 -90.17
CA UNK G 1006 77.62 -48.20 -90.14
C UNK G 1006 77.36 -49.49 -90.87
N UNK G 1007 76.31 -50.17 -90.40
CA UNK G 1007 75.64 -51.33 -91.06
C UNK G 1007 74.20 -51.62 -90.54
N UNK G 1008 73.83 -51.03 -89.39
CA UNK G 1008 72.48 -51.24 -88.84
C UNK G 1008 71.48 -50.50 -89.70
N UNK G 1009 72.00 -49.73 -90.65
CA UNK G 1009 71.19 -49.14 -91.71
C UNK G 1009 70.91 -50.20 -92.78
N UNK G 1010 71.96 -50.95 -93.13
CA UNK G 1010 71.88 -52.08 -94.07
C UNK G 1010 70.73 -52.99 -93.68
N UNK G 1011 70.51 -53.04 -92.37
CA UNK G 1011 69.38 -53.74 -91.75
C UNK G 1011 68.02 -53.25 -92.27
N UNK G 1012 67.63 -52.03 -91.82
CA UNK G 1012 66.41 -51.30 -92.24
C UNK G 1012 66.21 -51.15 -93.76
N UNK G 1013 67.31 -51.28 -94.49
CA UNK G 1013 67.33 -51.11 -95.93
C UNK G 1013 66.90 -52.38 -96.65
N UNK G 1014 67.78 -53.37 -96.68
CA UNK G 1014 67.57 -54.68 -97.41
C UNK G 1014 66.44 -55.64 -96.86
N UNK G 1015 65.33 -55.01 -96.42
CA UNK G 1015 64.12 -55.65 -95.92
C UNK G 1015 62.95 -55.04 -96.68
N UNK G 1016 62.93 -53.70 -96.72
CA UNK G 1016 62.04 -52.90 -97.60
C UNK G 1016 62.69 -52.69 -98.97
N UNK G 1017 63.99 -52.45 -98.95
CA UNK G 1017 64.81 -52.66 -100.11
C UNK G 1017 64.39 -54.05 -100.63
N UNK G 1018 64.56 -55.08 -99.79
CA UNK G 1018 64.22 -56.45 -100.18
C UNK G 1018 62.83 -56.50 -100.81
N UNK G 1019 61.86 -55.97 -100.07
CA UNK G 1019 60.45 -55.99 -100.46
C UNK G 1019 60.13 -55.20 -101.74
N UNK G 1020 61.07 -54.33 -102.15
CA UNK G 1020 60.95 -53.47 -103.37
C UNK G 1020 60.79 -54.27 -104.66
N UNK G 1021 61.80 -55.11 -104.94
CA UNK G 1021 61.83 -55.98 -106.13
C UNK G 1021 60.68 -56.97 -106.07
N UNK G 1022 60.34 -57.33 -104.83
CA UNK G 1022 59.19 -58.19 -104.47
C UNK G 1022 57.85 -57.61 -104.85
N UNK G 1023 57.84 -56.30 -105.15
CA UNK G 1023 56.81 -55.67 -105.97
C UNK G 1023 57.54 -55.32 -107.27
N UNK G 1024 57.50 -56.24 -108.23
CA UNK G 1024 58.20 -56.04 -109.49
C UNK G 1024 57.34 -55.25 -110.49
N UNK G 1025 56.77 -55.93 -111.48
CA UNK G 1025 55.93 -55.29 -112.52
C UNK G 1025 54.68 -54.63 -111.99
N UNK G 1026 54.89 -53.80 -110.96
CA UNK G 1026 53.97 -52.73 -110.49
C UNK G 1026 54.79 -51.46 -110.15
N UNK G 1027 56.00 -51.67 -109.61
CA UNK G 1027 57.06 -50.65 -109.60
C UNK G 1027 57.88 -50.89 -110.85
N UNK G 1028 57.40 -51.83 -111.66
CA UNK G 1028 57.81 -51.98 -113.05
C UNK G 1028 56.63 -51.68 -113.94
N UNK G 1029 55.53 -51.25 -113.31
CA UNK G 1029 54.51 -50.45 -114.00
C UNK G 1029 55.01 -49.00 -113.98
N UNK G 1030 54.64 -48.26 -112.93
CA UNK G 1030 55.19 -46.94 -112.68
C UNK G 1030 56.50 -46.84 -113.44
N UNK G 1031 57.49 -47.60 -113.01
CA UNK G 1031 58.82 -47.56 -113.62
C UNK G 1031 58.83 -46.75 -114.91
N UNK G 1032 58.23 -47.31 -115.95
CA UNK G 1032 58.52 -46.86 -117.31
C UNK G 1032 57.44 -46.01 -117.91
N UNK G 1033 56.44 -45.69 -117.09
CA UNK G 1033 55.54 -44.61 -117.42
C UNK G 1033 56.40 -43.35 -117.31
N UNK G 1034 56.65 -42.91 -116.08
CA UNK G 1034 57.45 -41.72 -115.72
C UNK G 1034 58.87 -41.56 -116.37
N UNK G 1035 59.07 -42.12 -117.57
CA UNK G 1035 60.23 -41.80 -118.42
C UNK G 1035 59.90 -41.93 -119.89
N UNK G 1036 58.60 -41.80 -120.18
CA UNK G 1036 58.09 -41.56 -121.54
C UNK G 1036 56.57 -41.43 -121.56
N UNK G 1037 55.95 -41.72 -120.41
CA UNK G 1037 54.55 -41.35 -120.15
C UNK G 1037 54.49 -40.32 -118.99
N UNK G 1038 55.70 -39.86 -118.66
CA UNK G 1038 55.98 -38.83 -117.67
C UNK G 1038 57.38 -38.29 -117.93
N UNK G 1039 57.67 -37.99 -119.21
CA UNK G 1039 58.86 -37.21 -119.63
C UNK G 1039 58.77 -36.59 -121.05
N UNK G 1040 58.71 -35.24 -121.08
CA UNK G 1040 58.72 -34.41 -122.30
C UNK G 1040 59.96 -33.48 -122.45
N UNK G 1041 61.05 -34.06 -122.99
CA UNK G 1041 62.26 -33.39 -123.48
C UNK G 1041 63.15 -32.49 -122.57
N UNK G 1042 64.43 -32.73 -122.73
CA UNK G 1042 65.48 -32.45 -121.73
C UNK G 1042 65.40 -31.30 -120.75
N UNK G 1043 65.75 -30.12 -121.24
CA UNK G 1043 66.82 -29.40 -120.55
C UNK G 1043 66.56 -28.07 -119.82
N UNK G 1044 67.53 -27.71 -118.97
CA UNK G 1044 67.40 -26.52 -118.18
C UNK G 1044 68.33 -26.48 -117.02
N UNK G 1047 66.40 -47.25 -122.50
CA UNK G 1047 65.94 -46.17 -121.61
C UNK G 1047 65.22 -46.68 -120.34
N UNK G 1048 64.19 -47.52 -120.50
CA UNK G 1048 63.52 -48.15 -119.35
C UNK G 1048 64.38 -49.19 -118.62
N UNK G 1049 64.99 -50.08 -119.43
CA UNK G 1049 65.97 -51.08 -118.99
C UNK G 1049 67.05 -50.48 -118.05
N UNK G 1050 66.70 -49.34 -117.46
CA UNK G 1050 67.38 -48.80 -116.31
C UNK G 1050 66.82 -49.48 -115.06
N UNK G 1051 65.51 -49.68 -115.07
CA UNK G 1051 64.79 -50.36 -114.00
C UNK G 1051 65.02 -51.89 -113.95
N UNK G 1052 65.73 -52.42 -114.93
CA UNK G 1052 66.37 -53.71 -114.80
C UNK G 1052 67.49 -53.58 -113.77
N UNK G 1053 68.23 -52.46 -113.93
CA UNK G 1053 69.48 -52.10 -113.24
C UNK G 1053 69.66 -52.38 -111.71
N UNK G 1054 69.16 -51.47 -110.85
CA UNK G 1054 69.54 -51.50 -109.44
C UNK G 1054 68.70 -52.48 -108.70
N UNK G 1055 67.56 -52.80 -109.30
CA UNK G 1055 66.73 -53.93 -108.86
C UNK G 1055 67.60 -55.10 -108.38
N UNK G 1056 68.49 -55.53 -109.29
CA UNK G 1056 69.04 -56.86 -109.28
C UNK G 1056 67.81 -57.82 -109.36
N UNK G 1057 67.02 -57.60 -110.41
CA UNK G 1057 65.82 -58.41 -110.65
C UNK G 1057 66.21 -59.86 -110.96
N UNK G 1058 65.46 -60.78 -110.33
CA UNK G 1058 65.67 -62.24 -110.42
C UNK G 1058 66.92 -62.73 -109.72
N UNK G 1059 67.67 -61.78 -109.14
CA UNK G 1059 68.92 -62.08 -108.45
C UNK G 1059 68.65 -62.78 -107.12
N UNK G 1060 69.61 -63.63 -106.72
CA UNK G 1060 69.53 -64.42 -105.50
C UNK G 1060 69.24 -63.47 -104.34
N UNK G 1061 68.80 -63.99 -103.19
CA UNK G 1061 68.27 -63.13 -102.11
C UNK G 1061 69.27 -62.12 -101.39
N UNK G 1062 70.57 -62.28 -101.64
CA UNK G 1062 71.55 -61.25 -101.29
C UNK G 1062 72.40 -60.88 -102.54
N UNK G 1063 72.07 -61.50 -103.67
CA UNK G 1063 72.49 -61.00 -104.98
C UNK G 1063 71.50 -59.89 -105.33
N UNK G 1064 70.69 -59.56 -104.35
CA UNK G 1064 69.88 -58.37 -104.37
C UNK G 1064 70.35 -57.52 -103.19
N UNK G 1065 70.06 -57.93 -101.96
CA UNK G 1065 70.18 -57.04 -100.78
C UNK G 1065 71.59 -56.80 -100.27
N UNK G 1066 72.55 -57.59 -100.75
CA UNK G 1066 73.95 -57.41 -100.41
C UNK G 1066 74.72 -56.85 -101.61
N UNK G 1067 73.96 -56.14 -102.46
CA UNK G 1067 74.45 -55.12 -103.40
C UNK G 1067 74.43 -53.77 -102.65
N UNK G 1068 73.29 -53.41 -102.08
CA UNK G 1068 73.18 -52.24 -101.22
C UNK G 1068 74.05 -52.45 -99.98
N UNK G 1069 74.31 -53.71 -99.65
CA UNK G 1069 75.14 -54.02 -98.50
C UNK G 1069 76.55 -53.80 -98.96
N UNK G 1070 76.70 -53.74 -100.29
CA UNK G 1070 77.85 -53.09 -100.90
C UNK G 1070 77.58 -51.57 -100.95
N UNK G 1071 76.48 -51.19 -101.60
CA UNK G 1071 76.21 -49.78 -101.89
C UNK G 1071 76.64 -48.91 -100.76
N UNK G 1072 76.38 -49.33 -99.53
CA UNK G 1072 76.83 -48.55 -98.39
C UNK G 1072 78.31 -48.75 -98.09
N UNK G 1073 78.98 -49.53 -98.93
CA UNK G 1073 80.45 -49.49 -99.02
C UNK G 1073 80.90 -48.37 -99.98
N UNK G 1074 80.61 -48.57 -101.27
CA UNK G 1074 80.77 -47.55 -102.31
C UNK G 1074 80.46 -46.21 -101.67
N UNK G 1075 79.31 -46.11 -101.02
CA UNK G 1075 78.95 -44.96 -100.24
C UNK G 1075 79.57 -44.91 -98.83
N UNK G 1076 80.88 -45.12 -98.74
CA UNK G 1076 81.66 -44.50 -97.66
C UNK G 1076 83.18 -44.38 -97.92
N UNK G 1077 83.59 -44.42 -99.21
CA UNK G 1077 84.98 -44.05 -99.63
C UNK G 1077 85.28 -43.94 -101.15
N UNK G 1078 84.68 -42.95 -101.79
CA UNK G 1078 85.22 -42.44 -103.05
C UNK G 1078 86.01 -41.18 -102.67
N UNK G 1079 85.43 -40.51 -101.69
CA UNK G 1079 85.80 -39.20 -101.21
C UNK G 1079 84.51 -38.41 -101.27
N UNK G 1080 84.56 -37.17 -100.77
CA UNK G 1080 83.55 -36.16 -101.06
C UNK G 1080 83.69 -35.58 -102.52
N UNK G 1081 83.29 -36.41 -103.51
CA UNK G 1081 83.32 -36.04 -104.92
C UNK G 1081 81.90 -36.14 -105.51
N UNK G 1082 80.91 -35.75 -104.70
CA UNK G 1082 79.45 -35.81 -105.04
C UNK G 1082 78.49 -34.80 -104.31
N UNK G 1083 79.08 -33.90 -103.52
CA UNK G 1083 78.38 -32.75 -102.94
C UNK G 1083 79.28 -31.47 -103.11
N UNK G 1084 80.59 -31.65 -102.87
CA UNK G 1084 81.56 -30.62 -103.21
C UNK G 1084 82.45 -31.01 -104.42
N UNK G 1085 81.82 -31.45 -105.52
CA UNK G 1085 82.50 -31.57 -106.82
C UNK G 1085 81.53 -31.43 -107.97
N UNK G 1086 80.27 -31.17 -107.63
CA UNK G 1086 79.36 -30.55 -108.57
C UNK G 1086 79.65 -29.05 -108.47
N UNK G 1087 79.44 -28.50 -107.26
CA UNK G 1087 79.86 -27.14 -106.87
C UNK G 1087 81.37 -27.13 -106.58
N UNK G 1088 82.14 -27.46 -107.62
CA UNK G 1088 83.59 -27.33 -107.66
C UNK G 1088 84.05 -27.67 -109.07
N UNK H 205 -35.21 10.07 3.46
CA UNK H 205 -36.13 10.54 4.49
C UNK H 205 -35.87 12.02 4.79
N UNK H 206 -34.59 12.32 4.94
CA UNK H 206 -34.12 13.68 5.23
C UNK H 206 -34.58 14.63 4.13
N UNK H 207 -34.36 14.19 2.91
CA UNK H 207 -34.72 14.94 1.70
C UNK H 207 -36.22 15.26 1.70
N UNK H 208 -36.98 14.23 2.01
CA UNK H 208 -38.45 14.31 2.06
C UNK H 208 -38.87 15.38 3.08
N UNK H 209 -38.23 15.29 4.24
CA UNK H 209 -38.48 16.22 5.35
C UNK H 209 -38.24 17.66 4.90
N UNK H 210 -37.10 17.83 4.24
CA UNK H 210 -36.66 19.14 3.72
C UNK H 210 -37.72 19.70 2.77
N UNK H 211 -38.17 18.83 1.88
CA UNK H 211 -39.18 19.16 0.88
C UNK H 211 -40.46 19.66 1.57
N UNK H 212 -40.86 18.90 2.58
CA UNK H 212 -42.05 19.19 3.37
C UNK H 212 -41.94 20.58 3.99
N UNK H 213 -40.78 20.82 4.57
CA UNK H 213 -40.47 22.09 5.22
C UNK H 213 -40.62 23.25 4.24
N UNK H 214 -40.05 23.03 3.07
CA UNK H 214 -40.08 24.01 1.96
C UNK H 214 -41.53 24.34 1.60
N UNK H 215 -42.30 23.29 1.47
CA UNK H 215 -43.72 23.38 1.12
C UNK H 215 -44.46 24.24 2.15
N UNK H 216 -44.18 23.93 3.40
CA UNK H 216 -44.77 24.64 4.55
C UNK H 216 -44.47 26.13 4.47
N UNK H 217 -43.20 26.40 4.20
CA UNK H 217 -42.69 27.78 4.08
C UNK H 217 -43.45 28.52 2.99
N UNK H 218 -43.59 27.85 1.86
CA UNK H 218 -44.29 28.38 0.69
C UNK H 218 -45.73 28.75 1.06
N UNK H 219 -46.36 27.83 1.75
CA UNK H 219 -47.75 27.98 2.22
C UNK H 219 -47.87 29.22 3.09
N UNK H 220 -46.94 29.33 4.01
CA UNK H 220 -46.87 30.46 4.95
C UNK H 220 -46.78 31.79 4.19
N UNK H 305 -52.01 24.49 -7.93
CA UNK H 305 -50.93 23.67 -8.47
C UNK H 305 -50.63 22.50 -7.52
N UNK H 306 -50.53 22.86 -6.26
CA UNK H 306 -50.23 21.89 -5.18
C UNK H 306 -51.30 20.80 -5.17
N UNK H 307 -52.54 21.25 -5.24
CA UNK H 307 -53.72 20.37 -5.23
C UNK H 307 -53.64 19.38 -6.39
N UNK H 308 -53.31 19.93 -7.55
CA UNK H 308 -53.18 19.16 -8.79
C UNK H 308 -52.13 18.07 -8.63
N UNK H 309 -51.01 18.48 -8.06
CA UNK H 309 -49.87 17.59 -7.80
C UNK H 309 -50.31 16.42 -6.91
N UNK H 310 -51.02 16.79 -5.86
CA UNK H 310 -51.54 15.83 -4.88
C UNK H 310 -52.42 14.80 -5.57
N UNK H 311 -53.30 15.32 -6.41
CA UNK H 311 -54.25 14.50 -7.18
C UNK H 311 -53.49 13.49 -8.04
N UNK H 312 -52.48 14.00 -8.71
CA UNK H 312 -51.62 13.21 -9.59
C UNK H 312 -50.98 12.06 -8.81
N UNK H 313 -50.46 12.43 -7.66
CA UNK H 313 -49.80 11.48 -6.74
C UNK H 313 -50.76 10.36 -6.37
N UNK H 314 -51.96 10.77 -6.00
CA UNK H 314 -53.05 9.86 -5.60
C UNK H 314 -53.33 8.86 -6.74
N UNK H 315 -53.44 9.42 -7.93
CA UNK H 315 -53.72 8.64 -9.14
C UNK H 315 -52.64 7.58 -9.35
N UNK H 316 -51.40 8.03 -9.20
CA UNK H 316 -50.22 7.18 -9.35
C UNK H 316 -50.29 6.00 -8.36
N UNK H 317 -50.62 6.35 -7.13
CA UNK H 317 -50.74 5.39 -6.03
C UNK H 317 -51.78 4.32 -6.39
N UNK H 318 -52.91 4.82 -6.87
CA UNK H 318 -54.03 3.97 -7.27
C UNK H 318 -53.59 2.97 -8.35
N UNK H 405 -46.03 5.61 -3.31
CA UNK H 405 -47.21 5.63 -2.44
C UNK H 405 -46.81 6.02 -1.02
N UNK H 406 -45.74 5.39 -0.56
CA UNK H 406 -45.18 5.62 0.78
C UNK H 406 -44.82 7.11 0.95
N UNK H 407 -44.14 7.60 -0.06
CA UNK H 407 -43.69 9.00 -0.12
C UNK H 407 -44.89 9.95 0.02
N UNK H 408 -45.91 9.63 -0.76
CA UNK H 408 -47.17 10.40 -0.79
C UNK H 408 -47.78 10.45 0.61
N UNK H 409 -47.83 9.28 1.22
CA UNK H 409 -48.37 9.10 2.56
C UNK H 409 -47.64 9.99 3.57
N UNK H 410 -46.31 9.94 3.45
CA UNK H 410 -45.41 10.72 4.30
C UNK H 410 -45.73 12.22 4.18
N UNK H 411 -45.85 12.63 2.93
CA UNK H 411 -46.15 14.02 2.57
C UNK H 411 -47.46 14.46 3.25
N UNK H 412 -48.45 13.60 3.11
CA UNK H 412 -49.79 13.82 3.67
C UNK H 412 -49.69 14.04 5.18
N UNK H 413 -48.94 13.15 5.80
CA UNK H 413 -48.71 13.16 7.26
C UNK H 413 -48.10 14.50 7.67
N UNK H 414 -47.09 14.90 6.91
CA UNK H 414 -46.37 16.16 7.14
C UNK H 414 -47.35 17.34 7.09
N UNK H 415 -48.17 17.31 6.06
CA UNK H 415 -49.19 18.35 5.83
C UNK H 415 -50.12 18.45 7.03
N UNK H 505 -58.70 10.53 0.29
CA UNK H 505 -58.50 9.63 -0.86
C UNK H 505 -57.32 8.69 -0.61
N UNK H 506 -56.24 9.30 -0.15
CA UNK H 506 -55.00 8.59 0.17
C UNK H 506 -55.26 7.50 1.21
N UNK H 507 -55.99 7.89 2.24
CA UNK H 507 -56.35 7.01 3.35
C UNK H 507 -57.13 5.80 2.82
N UNK H 508 -58.09 6.12 1.95
CA UNK H 508 -58.95 5.11 1.33
C UNK H 508 -58.09 4.09 0.56
N UNK H 509 -57.18 4.64 -0.21
CA UNK H 509 -56.25 3.85 -1.03
C UNK H 509 -55.45 2.89 -0.15
N UNK H 510 -54.95 3.45 0.94
CA UNK H 510 -54.15 2.70 1.92
C UNK H 510 -54.97 1.52 2.47
N UNK H 511 -56.19 1.84 2.82
CA UNK H 511 -57.14 0.86 3.37
C UNK H 511 -57.34 -0.29 2.37
N UNK H 512 -57.55 0.10 1.13
CA UNK H 512 -57.76 -0.84 0.03
C UNK H 512 -56.56 -1.79 -0.09
N UNK H 513 -55.39 -1.19 -0.05
CA UNK H 513 -54.12 -1.90 -0.15
C UNK H 513 -54.02 -2.95 0.97
N UNK H 605 -44.45 -2.41 9.75
CA UNK H 605 -45.86 -2.69 10.08
C UNK H 605 -46.39 -1.60 11.02
N UNK H 606 -45.60 -1.32 12.03
CA UNK H 606 -45.92 -0.31 13.05
C UNK H 606 -46.15 1.05 12.39
N UNK H 607 -45.21 1.37 11.50
CA UNK H 607 -45.24 2.64 10.75
C UNK H 607 -46.55 2.76 9.96
N UNK H 608 -46.86 1.66 9.29
CA UNK H 608 -48.07 1.55 8.46
C UNK H 608 -49.32 1.82 9.31
N UNK H 609 -49.32 1.18 10.46
CA UNK H 609 -50.42 1.29 11.43
C UNK H 609 -50.60 2.75 11.84
N UNK H 610 -49.48 3.37 12.15
CA UNK H 610 -49.44 4.78 12.57
C UNK H 610 -50.04 5.67 11.49
N UNK H 611 -49.62 5.40 10.26
CA UNK H 611 -50.08 6.14 9.08
C UNK H 611 -51.60 6.04 8.96
N UNK H 612 -52.07 4.82 9.11
CA UNK H 612 -53.50 4.49 9.03
C UNK H 612 -54.28 5.31 10.07
N UNK H 613 -53.74 5.30 11.27
CA UNK H 613 -54.32 6.02 12.42
C UNK H 613 -54.45 7.50 12.09
N UNK H 614 -53.36 8.03 11.56
CA UNK H 614 -53.26 9.45 11.17
C UNK H 614 -54.36 9.79 10.16
N UNK H 615 -54.48 8.91 9.18
CA UNK H 615 -55.47 9.04 8.10
C UNK H 615 -56.89 9.10 8.69
N UNK H 616 -57.13 8.18 9.60
CA UNK H 616 -58.41 8.06 10.29
C UNK H 616 -58.74 9.38 11.01
N UNK H 617 -57.74 9.87 11.72
CA UNK H 617 -57.84 11.12 12.48
C UNK H 617 -58.24 12.28 11.55
N UNK H 618 -57.55 12.33 10.44
CA UNK H 618 -57.76 13.35 9.40
C UNK H 618 -59.21 13.31 8.92
N UNK H 619 -59.65 12.10 8.65
CA UNK H 619 -61.02 11.84 8.16
C UNK H 619 -62.03 12.36 9.17
N UNK H 620 -61.78 12.03 10.42
CA UNK H 620 -62.62 12.44 11.54
C UNK H 620 -62.74 13.97 11.60
N UNK H 621 -61.58 14.60 11.48
CA UNK H 621 -61.46 16.06 11.49
C UNK H 621 -62.32 16.67 10.38
N UNK H 622 -62.18 16.09 9.22
CA UNK H 622 -62.91 16.51 8.01
C UNK H 622 -64.42 16.45 8.26
N UNK H 705 -68.74 6.45 0.07
CA UNK H 705 -69.34 5.26 0.69
C UNK H 705 -68.46 4.03 0.42
N UNK H 706 -68.09 3.91 -0.85
CA UNK H 706 -67.25 2.81 -1.33
C UNK H 706 -65.92 2.78 -0.56
N UNK H 707 -65.34 3.96 -0.46
CA UNK H 707 -64.07 4.16 0.24
C UNK H 707 -64.18 3.69 1.69
N UNK H 708 -65.26 4.11 2.31
CA UNK H 708 -65.56 3.77 3.71
C UNK H 708 -65.64 2.25 3.88
N UNK H 709 -66.35 1.64 2.95
CA UNK H 709 -66.54 0.19 2.93
C UNK H 709 -65.18 -0.52 2.86
N UNK H 710 -64.36 -0.02 1.95
CA UNK H 710 -63.00 -0.54 1.73
C UNK H 710 -62.20 -0.48 3.02
N UNK H 711 -62.28 0.66 3.67
CA UNK H 711 -61.57 0.94 4.92
C UNK H 711 -61.99 -0.09 5.98
N UNK H 712 -63.30 -0.27 6.06
CA UNK H 712 -63.92 -1.21 7.00
C UNK H 712 -63.37 -2.62 6.78
N UNK H 713 -63.34 -3.00 5.52
CA UNK H 713 -62.84 -4.31 5.08
C UNK H 713 -61.40 -4.51 5.54
N UNK H 714 -60.61 -3.47 5.30
CA UNK H 714 -59.19 -3.44 5.66
C UNK H 714 -59.02 -3.68 7.16
N UNK H 715 -59.84 -2.95 7.92
CA UNK H 715 -59.84 -3.02 9.38
C UNK H 715 -60.12 -4.45 9.84
N UNK H 716 -61.14 -5.02 9.22
CA UNK H 716 -61.59 -6.39 9.51
C UNK H 716 -60.43 -7.37 9.28
N UNK H 805 -52.90 -3.02 24.33
CA UNK H 805 -53.27 -1.61 24.47
C UNK H 805 -53.43 -0.97 23.09
N UNK H 806 -52.44 -1.25 22.25
CA UNK H 806 -52.40 -0.74 20.87
C UNK H 806 -53.66 -1.19 20.11
N UNK H 807 -53.95 -2.47 20.25
CA UNK H 807 -55.11 -3.10 19.61
C UNK H 807 -56.40 -2.39 20.04
N UNK H 808 -56.49 -2.16 21.34
CA UNK H 808 -57.64 -1.50 21.95
C UNK H 808 -57.83 -0.10 21.33
N UNK H 809 -56.72 0.59 21.25
CA UNK H 809 -56.66 1.96 20.69
C UNK H 809 -57.20 1.95 19.25
N UNK H 810 -56.70 0.99 18.51
CA UNK H 810 -57.08 0.80 17.09
C UNK H 810 -58.59 0.61 16.98
N UNK H 811 -59.09 -0.26 17.84
CA UNK H 811 -60.52 -0.59 17.90
C UNK H 811 -61.34 0.66 18.14
N UNK H 812 -60.88 1.43 19.12
CA UNK H 812 -61.52 2.70 19.52
C UNK H 812 -61.60 3.64 18.32
N UNK H 813 -60.47 3.74 17.63
CA UNK H 813 -60.34 4.60 16.45
C UNK H 813 -61.37 4.20 15.39
N UNK H 814 -61.44 2.90 15.17
CA UNK H 814 -62.35 2.30 14.19
C UNK H 814 -63.80 2.68 14.53
N UNK H 815 -64.11 2.53 15.80
CA UNK H 815 -65.44 2.85 16.35
C UNK H 815 -65.80 4.31 16.06
N UNK H 816 -64.83 5.16 16.34
CA UNK H 816 -64.96 6.61 16.15
C UNK H 816 -65.28 6.91 14.69
N UNK H 817 -64.51 6.26 13.82
CA UNK H 817 -64.64 6.41 12.37
C UNK H 817 -66.06 6.04 11.93
N UNK H 818 -66.50 4.91 12.46
CA UNK H 818 -67.84 4.36 12.17
C UNK H 818 -68.92 5.38 12.57
N UNK H 905 -69.78 -3.18 5.58
CA UNK H 905 -68.76 -3.31 6.60
C UNK H 905 -69.32 -3.91 7.88
N UNK H 906 -70.47 -3.39 8.32
CA UNK H 906 -71.12 -3.86 9.53
C UNK H 906 -71.42 -5.36 9.43
N UNK H 907 -71.99 -5.77 8.31
CA UNK H 907 -72.35 -7.19 8.09
C UNK H 907 -71.10 -8.05 8.22
N UNK H 908 -70.05 -7.60 7.55
CA UNK H 908 -68.75 -8.28 7.54
C UNK H 908 -68.22 -8.44 8.97
N UNK H 909 -68.30 -7.34 9.69
CA UNK H 909 -67.86 -7.27 11.09
C UNK H 909 -68.60 -8.31 11.93
N UNK H 910 -69.91 -8.32 11.74
CA UNK H 910 -70.82 -9.25 12.43
C UNK H 910 -70.39 -10.69 12.17
N UNK H 911 -70.14 -10.96 10.91
CA UNK H 911 -69.73 -12.29 10.44
C UNK H 911 -68.44 -12.72 11.15
N UNK H 912 -67.52 -11.79 11.18
CA UNK H 912 -66.20 -11.99 11.82
C UNK H 912 -66.38 -12.35 13.29
N UNK H 913 -67.24 -11.59 13.93
CA UNK H 913 -67.56 -11.77 15.35
C UNK H 913 -68.10 -13.18 15.60
N UNK H 914 -69.02 -13.56 14.73
CA UNK H 914 -69.67 -14.88 14.78
C UNK H 914 -68.61 -15.98 14.68
N UNK H 915 -67.73 -15.79 13.73
CA UNK H 915 -66.62 -16.74 13.46
C UNK H 915 -65.77 -16.91 14.72
N UNK H 916 -65.45 -15.77 15.30
CA UNK H 916 -64.63 -15.71 16.52
C UNK H 916 -65.29 -16.51 17.65
N UNK H 917 -66.58 -16.27 17.78
CA UNK H 917 -67.41 -16.92 18.80
C UNK H 917 -67.36 -18.44 18.61
N UNK H 918 -67.51 -18.84 17.37
CA UNK H 918 -67.49 -20.26 16.97
C UNK H 918 -66.17 -20.89 17.37
N UNK H 919 -65.11 -20.17 17.06
CA UNK H 919 -63.74 -20.61 17.35
C UNK H 919 -63.57 -20.83 18.85
N UNK H 920 -64.06 -19.85 19.60
CA UNK H 920 -64.01 -19.88 21.08
C UNK H 920 -64.71 -21.13 21.60
N UNK H 921 -65.89 -21.36 21.05
CA UNK H 921 -66.73 -22.50 21.42
C UNK H 921 -65.96 -23.82 21.19
N UNK H 922 -65.35 -23.88 20.03
CA UNK H 922 -64.56 -25.04 19.60
C UNK H 922 -63.44 -25.31 20.61
N UNK H 1005 -61.33 -14.21 21.38
CA UNK H 1005 -61.46 -13.54 20.06
C UNK H 1005 -62.59 -12.50 20.00
N UNK H 1006 -63.83 -12.97 19.83
CA UNK H 1006 -64.99 -12.09 19.69
C UNK H 1006 -65.21 -11.14 20.89
N UNK H 1007 -64.21 -10.98 21.75
CA UNK H 1007 -64.18 -9.85 22.69
C UNK H 1007 -64.12 -8.56 21.90
N UNK H 1008 -63.59 -8.69 20.67
CA UNK H 1008 -63.61 -7.68 19.59
C UNK H 1008 -65.05 -7.37 19.09
N UNK H 1009 -65.67 -8.39 18.52
CA UNK H 1009 -67.12 -8.44 18.26
C UNK H 1009 -67.96 -8.03 19.49
N UNK H 1010 -67.26 -7.48 20.47
CA UNK H 1010 -67.85 -6.86 21.63
C UNK H 1010 -67.51 -5.40 21.57
N UNK H 1011 -66.25 -5.12 21.19
CA UNK H 1011 -65.62 -3.79 21.30
C UNK H 1011 -66.35 -2.77 20.46
N UNK H 1012 -66.26 -2.94 19.15
CA UNK H 1012 -67.01 -2.12 18.23
C UNK H 1012 -68.47 -2.25 18.67
N UNK H 1013 -69.06 -3.42 18.43
CA UNK H 1013 -70.51 -3.56 18.45
C UNK H 1013 -71.25 -3.20 19.75
N UNK H 1014 -70.52 -2.81 20.78
CA UNK H 1014 -71.18 -2.20 21.95
C UNK H 1014 -71.48 -0.75 21.59
N UNK H 1015 -70.55 -0.20 20.81
CA UNK H 1015 -70.61 1.19 20.41
C UNK H 1015 -71.61 1.40 19.29
N UNK H 1016 -72.28 0.33 18.86
CA UNK H 1016 -73.42 0.45 17.96
C UNK H 1016 -74.77 0.25 18.69
N UNK H 1105 -76.05 -12.84 15.96
CA UNK H 1105 -77.47 -12.74 15.67
C UNK H 1105 -78.38 -13.89 16.25
N UNK H 1106 -78.11 -15.12 15.77
CA UNK H 1106 -78.96 -16.32 15.98
C UNK H 1106 -78.28 -17.43 16.78
N UNK H 1107 -77.15 -17.95 16.29
CA UNK H 1107 -76.53 -19.07 16.99
C UNK H 1107 -75.34 -18.73 17.93
N UNK H 1108 -74.38 -17.94 17.44
CA UNK H 1108 -73.12 -17.62 18.18
C UNK H 1108 -73.34 -16.70 19.37
N UNK H 1109 -74.47 -16.01 19.37
CA UNK H 1109 -74.95 -15.36 20.57
C UNK H 1109 -74.81 -16.45 21.60
N UNK H 1110 -75.41 -17.61 21.26
CA UNK H 1110 -75.52 -18.85 22.07
C UNK H 1110 -74.19 -19.53 22.49
N UNK H 1111 -73.41 -19.99 21.48
CA UNK H 1111 -72.19 -20.81 21.70
C UNK H 1111 -70.89 -20.08 22.15
N UNK H 1112 -70.93 -18.76 22.36
CA UNK H 1112 -69.85 -18.05 23.04
C UNK H 1112 -70.40 -17.59 24.37
N UNK H 1113 -71.73 -17.43 24.41
CA UNK H 1113 -72.44 -17.22 25.67
C UNK H 1113 -72.26 -18.43 26.52
N UNK H 1114 -72.06 -19.59 25.86
CA UNK H 1114 -71.90 -20.94 26.47
C UNK H 1114 -70.52 -21.26 27.11
N UNK H 1115 -69.44 -21.24 26.33
CA UNK H 1115 -68.09 -21.42 26.89
C UNK H 1115 -67.96 -20.57 28.14
N UNK H 1116 -68.91 -19.69 28.33
CA UNK H 1116 -68.98 -18.92 29.53
C UNK H 1116 -69.34 -19.89 30.63
N UNK H 1117 -70.40 -20.69 30.35
CA UNK H 1117 -71.29 -21.39 31.35
C UNK H 1117 -70.66 -22.41 32.28
N UNK H 1118 -69.49 -22.89 31.88
CA UNK H 1118 -68.68 -23.87 32.58
C UNK H 1118 -67.30 -23.87 31.94
N UNK H 1205 -87.62 -8.99 18.91
CA UNK H 1205 -87.04 -10.06 19.72
C UNK H 1205 -87.17 -9.72 21.21
N UNK H 1206 -86.03 -9.54 21.90
CA UNK H 1206 -85.92 -8.98 23.31
C UNK H 1206 -85.72 -9.95 24.52
N UNK H 1207 -86.46 -9.75 25.61
CA UNK H 1207 -86.64 -10.75 26.66
C UNK H 1207 -87.26 -12.03 26.06
N UNK H 1208 -86.75 -12.36 24.88
CA UNK H 1208 -86.89 -13.63 24.21
C UNK H 1208 -85.48 -13.90 23.74
N UNK H 1209 -84.55 -13.55 24.63
CA UNK H 1209 -83.15 -14.00 24.64
C UNK H 1209 -82.53 -13.81 26.05
N UNK H 1210 -82.64 -12.62 26.62
CA UNK H 1210 -82.31 -12.41 28.02
C UNK H 1210 -83.34 -13.12 28.91
N UNK H 1211 -84.25 -13.82 28.26
CA UNK H 1211 -85.05 -14.85 28.90
C UNK H 1211 -84.65 -16.19 28.27
N UNK H 1212 -84.35 -16.19 26.96
CA UNK H 1212 -83.63 -17.32 26.38
C UNK H 1212 -82.27 -17.54 27.10
N UNK H 1213 -81.10 -17.30 26.47
CA UNK H 1213 -79.78 -17.54 27.11
C UNK H 1213 -79.56 -16.87 28.48
N UNK H 1214 -80.69 -16.58 29.14
CA UNK H 1214 -80.79 -16.36 30.58
C UNK H 1214 -81.53 -17.57 31.09
N UNK H 1215 -81.88 -18.41 30.13
CA UNK H 1215 -81.98 -19.87 30.29
C UNK H 1215 -80.57 -20.48 30.53
N UNK H 1216 -79.63 -20.21 29.61
CA UNK H 1216 -78.20 -20.57 29.79
C UNK H 1216 -77.48 -19.76 30.88
N UNK H 1217 -78.27 -19.13 31.75
CA UNK H 1217 -77.74 -18.26 32.80
C UNK H 1217 -77.88 -19.02 34.09
N UNK H 1218 -79.12 -19.31 34.43
CA UNK H 1218 -79.44 -20.32 35.42
C UNK H 1218 -79.54 -21.69 34.69
N UNK H 1219 -78.36 -22.35 34.65
CA UNK H 1219 -78.04 -23.57 33.91
C UNK H 1219 -76.53 -23.64 33.88
N UNK H 1220 -75.88 -23.02 34.87
CA UNK H 1220 -74.41 -22.96 35.00
C UNK H 1220 -74.00 -22.57 36.42
N UNK H 1221 -74.93 -21.92 37.12
CA UNK H 1221 -74.70 -21.36 38.46
C UNK H 1221 -75.50 -22.10 39.58
N UNK H 1222 -76.62 -22.69 39.19
CA UNK H 1222 -77.25 -23.71 40.01
C UNK H 1222 -76.81 -25.15 39.52
N UNK H 1223 -75.59 -25.22 38.97
CA UNK H 1223 -75.11 -26.43 38.34
C UNK H 1223 -73.81 -26.89 38.97
N UNK H 1224 -73.42 -26.25 40.09
CA UNK H 1224 -72.22 -26.67 40.83
C UNK H 1224 -72.20 -26.14 42.25
N UNK H 1305 -69.81 -20.03 43.90
CA UNK H 1305 -68.75 -19.54 43.02
C UNK H 1305 -69.09 -19.77 41.56
N UNK H 1306 -68.93 -21.00 41.10
CA UNK H 1306 -69.45 -21.36 39.80
C UNK H 1306 -70.97 -21.48 39.92
N UNK H 1307 -71.42 -21.26 41.16
CA UNK H 1307 -72.77 -20.78 41.40
C UNK H 1307 -72.87 -19.22 41.17
N UNK H 1308 -71.79 -18.52 41.47
CA UNK H 1308 -71.89 -17.13 41.81
C UNK H 1308 -71.01 -16.15 41.03
N UNK H 1309 -69.72 -16.44 40.92
CA UNK H 1309 -68.82 -15.55 40.18
C UNK H 1309 -69.36 -14.91 38.86
N UNK H 1310 -70.03 -15.72 38.02
CA UNK H 1310 -70.62 -15.28 36.76
C UNK H 1310 -72.10 -14.96 36.94
N UNK H 1311 -72.80 -15.75 37.74
CA UNK H 1311 -74.13 -15.36 38.20
C UNK H 1311 -73.96 -13.99 38.83
N UNK H 1312 -72.71 -13.54 38.85
CA UNK H 1312 -72.36 -12.18 39.14
C UNK H 1312 -72.24 -11.35 37.82
N UNK H 1313 -71.17 -11.56 37.05
CA UNK H 1313 -70.96 -10.90 35.73
C UNK H 1313 -72.23 -10.53 34.97
N UNK H 1314 -73.04 -11.51 34.61
CA UNK H 1314 -74.25 -11.28 33.84
C UNK H 1314 -75.45 -10.86 34.74
N UNK H 1315 -75.18 -10.76 36.04
CA UNK H 1315 -76.04 -10.00 36.93
C UNK H 1315 -75.36 -8.66 37.05
N UNK H 1316 -74.02 -8.69 37.12
CA UNK H 1316 -73.20 -7.46 37.21
C UNK H 1316 -73.69 -6.47 36.18
N UNK H 1317 -73.96 -6.96 34.96
CA UNK H 1317 -74.52 -6.15 33.90
C UNK H 1317 -75.94 -5.60 34.23
N UNK H 1318 -76.63 -6.26 35.15
CA UNK H 1318 -77.96 -5.82 35.60
C UNK H 1318 -78.31 -4.38 35.12
N UNK H 1405 -61.77 -18.01 30.55
CA UNK H 1405 -62.97 -18.83 30.69
C UNK H 1405 -64.07 -18.10 31.45
N UNK H 1406 -63.63 -17.16 32.30
CA UNK H 1406 -64.49 -16.08 32.86
C UNK H 1406 -64.22 -14.64 32.25
N UNK H 1407 -62.99 -14.42 31.74
CA UNK H 1407 -62.64 -13.26 30.91
C UNK H 1407 -63.13 -13.49 29.47
N UNK H 1408 -64.28 -14.18 29.41
CA UNK H 1408 -64.99 -14.65 28.20
C UNK H 1408 -66.29 -15.27 28.67
N UNK H 1409 -66.49 -15.26 29.98
CA UNK H 1409 -67.79 -15.36 30.59
C UNK H 1409 -68.20 -13.94 30.56
N UNK H 1410 -67.19 -13.10 30.29
CA UNK H 1410 -67.19 -11.63 30.46
C UNK H 1410 -68.08 -10.85 29.48
N UNK H 1411 -67.58 -10.76 28.26
CA UNK H 1411 -68.24 -10.07 27.18
C UNK H 1411 -69.73 -10.46 27.11
N UNK H 1412 -70.01 -11.71 27.51
CA UNK H 1412 -71.33 -12.32 27.32
C UNK H 1412 -72.25 -11.78 28.37
N UNK H 1413 -71.64 -11.49 29.49
CA UNK H 1413 -72.31 -10.77 30.54
C UNK H 1413 -72.72 -9.38 30.02
N UNK H 1414 -71.91 -8.84 29.12
CA UNK H 1414 -72.17 -7.53 28.58
C UNK H 1414 -73.49 -7.54 27.85
N UNK H 1415 -73.47 -8.04 26.62
CA UNK H 1415 -74.62 -8.06 25.73
C UNK H 1415 -75.89 -8.66 26.32
N UNK H 1416 -75.80 -9.13 27.56
CA UNK H 1416 -77.00 -9.48 28.32
C UNK H 1416 -77.76 -8.18 28.50
N UNK H 1417 -76.99 -7.11 28.51
CA UNK H 1417 -77.47 -5.74 28.51
C UNK H 1417 -77.18 -5.05 27.15
N UNK H 1418 -76.93 -5.83 26.10
CA UNK H 1418 -77.04 -5.31 24.74
C UNK H 1418 -78.50 -5.37 24.31
N UNK H 1419 -78.87 -6.28 23.39
CA UNK H 1419 -80.24 -6.40 22.88
C UNK H 1419 -81.28 -6.32 24.01
N UNK H 1420 -80.77 -6.32 25.22
CA UNK H 1420 -81.59 -6.18 26.38
C UNK H 1420 -81.88 -4.74 26.58
N UNK H 1421 -80.85 -3.89 26.43
CA UNK H 1421 -80.96 -2.41 26.70
C UNK H 1421 -81.47 -1.49 25.56
N UNK H 1422 -81.30 -1.92 24.31
CA UNK H 1422 -81.94 -1.25 23.20
C UNK H 1422 -83.46 -1.25 23.38
N UNK H 1423 -83.91 -0.97 24.60
CA UNK H 1423 -85.31 -0.65 24.91
C UNK H 1423 -85.48 -0.13 26.36
N UNK H 1505 -92.23 -7.80 28.92
CA UNK H 1505 -91.14 -8.49 29.63
C UNK H 1505 -91.21 -8.42 31.20
N UNK H 1506 -92.37 -8.73 31.78
CA UNK H 1506 -92.46 -8.84 33.24
C UNK H 1506 -92.30 -10.32 33.74
N UNK H 1507 -91.72 -11.18 32.90
CA UNK H 1507 -91.36 -12.52 33.32
C UNK H 1507 -89.86 -12.50 33.39
N UNK H 1508 -89.30 -11.64 34.25
CA UNK H 1508 -87.84 -11.52 34.39
C UNK H 1508 -87.28 -11.77 35.81
N UNK H 1509 -87.80 -11.07 36.83
CA UNK H 1509 -87.21 -11.10 38.18
C UNK H 1509 -87.25 -12.50 38.89
N UNK H 1510 -88.28 -13.28 38.54
CA UNK H 1510 -88.31 -14.74 38.70
C UNK H 1510 -87.06 -15.46 38.14
N UNK H 1511 -86.04 -14.66 37.79
CA UNK H 1511 -84.74 -15.13 37.30
C UNK H 1511 -83.71 -14.01 37.48
N UNK H 1512 -84.17 -12.93 38.09
CA UNK H 1512 -83.27 -11.90 38.62
C UNK H 1512 -83.43 -11.83 40.16
N UNK H 1513 -84.64 -11.55 40.62
CA UNK H 1513 -84.93 -11.61 42.06
C UNK H 1513 -84.87 -13.05 42.54
N UNK H 1514 -84.83 -13.97 41.57
CA UNK H 1514 -84.78 -15.44 41.79
C UNK H 1514 -83.41 -15.89 42.26
N UNK H 1515 -82.59 -16.35 41.33
CA UNK H 1515 -81.23 -16.69 41.64
C UNK H 1515 -80.67 -15.67 42.62
N UNK H 1516 -81.54 -14.79 43.12
CA UNK H 1516 -81.19 -13.69 44.06
C UNK H 1516 -81.47 -14.00 45.54
N UNK H 1517 -82.23 -15.07 45.78
CA UNK H 1517 -82.38 -15.68 47.10
C UNK H 1517 -81.21 -16.66 47.29
N UNK H 1518 -80.90 -17.39 46.23
CA UNK H 1518 -79.74 -18.26 46.21
C UNK H 1518 -78.43 -17.56 46.69
N UNK H 1519 -78.54 -16.31 47.17
CA UNK H 1519 -77.44 -15.61 47.87
C UNK H 1519 -77.90 -14.54 48.89
N UNK H 1520 -79.20 -14.48 49.12
CA UNK H 1520 -79.75 -13.55 50.11
C UNK H 1520 -79.62 -14.16 51.47
N UNK H 1521 -79.59 -15.51 51.42
CA UNK H 1521 -79.40 -16.43 52.58
C UNK H 1521 -78.11 -17.24 52.47
N UNK H 1522 -77.86 -17.81 51.30
CA UNK H 1522 -76.61 -18.51 50.98
C UNK H 1522 -75.38 -17.54 50.96
N UNK H 1523 -75.46 -16.50 51.79
CA UNK H 1523 -74.46 -15.45 51.82
C UNK H 1523 -73.02 -15.95 52.02
N UNK H 1605 -65.97 -11.55 50.20
CA UNK H 1605 -65.27 -11.31 48.94
C UNK H 1605 -65.60 -12.40 47.91
N UNK H 1606 -65.91 -13.58 48.42
CA UNK H 1606 -66.70 -14.53 47.70
C UNK H 1606 -68.02 -14.39 48.41
N UNK H 1607 -68.11 -13.26 49.11
CA UNK H 1607 -69.33 -12.73 49.73
C UNK H 1607 -69.62 -11.23 49.33
N UNK H 1608 -68.52 -10.50 49.06
CA UNK H 1608 -68.52 -9.10 48.58
C UNK H 1608 -68.33 -9.07 47.09
N UNK H 1609 -67.75 -10.14 46.53
CA UNK H 1609 -67.86 -10.36 45.09
C UNK H 1609 -69.30 -10.74 44.93
N UNK H 1610 -69.78 -11.59 45.82
CA UNK H 1610 -71.19 -11.90 45.83
C UNK H 1610 -71.93 -10.60 46.14
N UNK H 1611 -71.38 -9.83 47.08
CA UNK H 1611 -71.95 -8.53 47.42
C UNK H 1611 -72.03 -7.54 46.24
N UNK H 1612 -71.17 -7.75 45.23
CA UNK H 1612 -71.32 -7.08 43.96
C UNK H 1612 -72.80 -7.25 43.65
N UNK H 1613 -73.20 -8.52 43.46
CA UNK H 1613 -74.56 -8.88 43.08
C UNK H 1613 -75.56 -8.93 44.24
N UNK H 1614 -75.08 -8.85 45.48
CA UNK H 1614 -75.99 -8.68 46.58
C UNK H 1614 -76.27 -7.17 46.80
N UNK H 1615 -75.27 -6.35 46.50
CA UNK H 1615 -75.44 -4.89 46.42
C UNK H 1615 -75.46 -4.40 44.93
N UNK H 1616 -75.91 -5.30 44.07
CA UNK H 1616 -76.56 -4.93 42.85
C UNK H 1616 -77.99 -5.42 43.07
N UNK H 1617 -78.12 -6.38 43.98
CA UNK H 1617 -79.39 -7.09 44.22
C UNK H 1617 -80.57 -6.16 44.16
N UNK H 1618 -80.35 -4.94 44.67
CA UNK H 1618 -81.32 -3.85 44.54
C UNK H 1618 -81.29 -3.34 43.10
N UNK H 1705 -89.31 -8.53 48.76
CA UNK H 1705 -88.12 -8.73 49.60
C UNK H 1705 -88.23 -8.04 50.97
N UNK H 1706 -89.39 -8.22 51.61
CA UNK H 1706 -89.61 -7.71 52.97
C UNK H 1706 -88.82 -8.51 54.03
N UNK H 1707 -88.70 -9.82 53.79
CA UNK H 1707 -88.00 -10.80 54.67
C UNK H 1707 -86.56 -10.99 54.21
N UNK H 1708 -86.36 -11.11 52.90
CA UNK H 1708 -85.04 -10.98 52.30
C UNK H 1708 -84.36 -9.67 52.74
N UNK H 1709 -85.14 -8.85 53.44
CA UNK H 1709 -84.64 -7.63 54.07
C UNK H 1709 -83.98 -8.00 55.37
N UNK H 1710 -84.79 -8.54 56.28
CA UNK H 1710 -84.34 -9.07 57.61
C UNK H 1710 -83.48 -10.36 57.57
N UNK H 1711 -83.46 -11.07 56.45
CA UNK H 1711 -82.49 -12.11 56.24
C UNK H 1711 -81.05 -11.56 56.23
N UNK H 1712 -80.87 -10.28 55.88
CA UNK H 1712 -79.54 -9.74 55.50
C UNK H 1712 -78.60 -9.29 56.63
N UNK H 1713 -78.93 -8.18 57.30
CA UNK H 1713 -78.05 -7.57 58.34
C UNK H 1713 -77.87 -8.50 59.54
N UNK H 1714 -78.63 -9.62 59.50
CA UNK H 1714 -78.27 -10.87 60.18
C UNK H 1714 -76.83 -11.23 59.79
N UNK H 1715 -76.34 -10.55 58.75
CA UNK H 1715 -74.92 -10.44 58.51
C UNK H 1715 -74.31 -9.14 59.14
N UNK H 1716 -74.83 -7.97 58.76
CA UNK H 1716 -74.21 -6.73 59.20
C UNK H 1716 -75.07 -6.05 60.24
N UNK H 1805 -65.76 -5.59 50.67
CA UNK H 1805 -65.52 -5.73 52.11
C UNK H 1805 -66.14 -4.59 52.90
N UNK H 1806 -65.30 -3.60 53.25
CA UNK H 1806 -65.67 -2.28 53.83
C UNK H 1806 -66.73 -1.51 52.98
N UNK H 1807 -66.58 -1.57 51.66
CA UNK H 1807 -67.56 -1.11 50.66
C UNK H 1807 -69.03 -1.62 50.86
N UNK H 1808 -69.18 -2.89 51.23
CA UNK H 1808 -70.50 -3.54 51.36
C UNK H 1808 -71.43 -2.84 52.34
N UNK H 1809 -70.84 -2.15 53.32
CA UNK H 1809 -71.62 -1.45 54.35
C UNK H 1809 -72.16 -0.26 53.64
N UNK H 1810 -71.23 0.44 52.99
CA UNK H 1810 -71.61 1.54 52.14
C UNK H 1810 -72.81 0.99 51.36
N UNK H 1811 -72.55 -0.03 50.55
CA UNK H 1811 -73.55 -0.54 49.63
C UNK H 1811 -74.78 -1.16 50.31
N UNK H 1812 -74.67 -1.54 51.58
CA UNK H 1812 -75.83 -2.04 52.28
C UNK H 1812 -76.66 -0.80 52.56
N UNK H 1813 -75.97 0.21 53.08
CA UNK H 1813 -76.55 1.50 53.34
C UNK H 1813 -76.86 2.26 52.03
N UNK H 1814 -76.01 2.10 50.99
CA UNK H 1814 -76.37 2.49 49.61
C UNK H 1814 -77.42 1.52 49.02
N UNK H 1815 -77.71 0.44 49.76
CA UNK H 1815 -78.78 -0.53 49.42
C UNK H 1815 -80.04 -0.21 50.21
N UNK H 1816 -79.84 0.33 51.40
CA UNK H 1816 -80.91 1.02 52.07
C UNK H 1816 -80.75 2.54 51.82
N UNK H 1817 -79.99 2.89 50.77
CA UNK H 1817 -80.08 4.24 50.19
C UNK H 1817 -81.43 4.37 49.44
N UNK H 1818 -81.53 3.74 48.25
CA UNK H 1818 -82.73 3.84 47.41
C UNK H 1818 -84.01 3.28 48.05
N UNK H 1819 -84.14 3.44 49.37
CA UNK H 1819 -85.13 2.66 50.16
C UNK H 1819 -86.09 3.53 51.01
N UNK H 1820 -85.53 4.62 51.53
CA UNK H 1820 -86.29 5.60 52.28
C UNK H 1820 -86.66 6.89 51.44
N UNK H 1821 -86.39 6.83 50.13
CA UNK H 1821 -86.83 7.84 49.17
C UNK H 1821 -88.25 7.54 48.60
N UNK H 1905 -91.20 -0.52 59.70
CA UNK H 1905 -89.75 -0.44 59.71
C UNK H 1905 -89.19 0.15 61.00
N UNK H 1906 -89.36 -0.61 62.09
CA UNK H 1906 -88.64 -0.41 63.37
C UNK H 1906 -87.38 -1.34 63.43
N UNK H 1907 -87.44 -2.40 62.63
CA UNK H 1907 -86.33 -3.30 62.41
C UNK H 1907 -85.25 -2.57 61.65
N UNK H 1908 -85.44 -1.27 61.50
CA UNK H 1908 -84.60 -0.49 60.61
C UNK H 1908 -83.62 0.27 61.46
N UNK H 1909 -84.16 0.95 62.47
CA UNK H 1909 -83.34 1.74 63.36
C UNK H 1909 -82.14 0.90 63.68
N UNK H 1910 -82.38 -0.42 63.70
CA UNK H 1910 -81.40 -1.47 64.03
C UNK H 1910 -80.00 -1.25 63.47
N UNK H 1911 -79.91 -0.88 62.19
CA UNK H 1911 -78.59 -0.84 61.54
C UNK H 1911 -77.98 0.51 61.19
N UNK H 1912 -78.82 1.56 61.03
CA UNK H 1912 -78.30 2.94 60.80
C UNK H 1912 -77.81 3.64 62.09
N UNK H 1913 -78.65 3.55 63.13
CA UNK H 1913 -78.23 3.89 64.49
C UNK H 1913 -77.17 2.90 65.05
N UNK H 1914 -76.92 1.81 64.30
CA UNK H 1914 -75.89 0.82 64.63
C UNK H 1914 -74.59 1.12 63.89
N UNK H 1915 -74.74 1.74 62.70
CA UNK H 1915 -73.65 1.86 61.71
C UNK H 1915 -72.95 3.23 61.73
N UNK H 1916 -73.71 4.22 62.15
CA UNK H 1916 -73.21 5.59 62.25
C UNK H 1916 -72.28 5.74 63.45
N UNK H 2005 -71.74 7.68 53.85
CA UNK H 2005 -72.64 8.78 53.54
C UNK H 2005 -74.14 8.48 53.79
N UNK H 2006 -74.43 7.64 54.78
CA UNK H 2006 -75.80 7.36 55.26
C UNK H 2006 -76.51 8.66 55.68
N UNK H 2007 -75.94 9.77 55.20
CA UNK H 2007 -76.55 11.09 55.24
C UNK H 2007 -77.83 11.03 54.43
N UNK H 2008 -77.95 10.02 53.55
CA UNK H 2008 -79.16 9.79 52.75
C UNK H 2008 -80.43 9.52 53.57
N UNK H 2009 -80.66 8.26 53.95
CA UNK H 2009 -81.93 7.88 54.57
C UNK H 2009 -82.26 8.70 55.80
N UNK H 2010 -81.36 9.65 56.13
CA UNK H 2010 -81.56 10.63 57.23
C UNK H 2010 -82.58 11.65 56.75
N UNK H 2011 -82.33 12.08 55.51
CA UNK H 2011 -83.30 12.77 54.69
C UNK H 2011 -84.67 12.06 54.78
N UNK H 2012 -84.63 10.72 54.76
CA UNK H 2012 -85.81 9.90 55.00
C UNK H 2012 -86.19 9.89 56.50
N UNK H 2013 -86.98 10.89 56.87
CA UNK H 2013 -87.32 11.22 58.25
C UNK H 2013 -87.38 12.76 58.29
N UNK H 2014 -86.29 13.38 57.82
CA UNK H 2014 -86.40 14.78 57.40
C UNK H 2014 -87.70 14.73 56.63
N UNK H 2015 -87.68 13.96 55.53
CA UNK H 2015 -88.89 13.51 54.87
C UNK H 2015 -89.71 12.73 55.89
N UNK H 2016 -90.84 13.28 56.34
CA UNK H 2016 -91.69 12.58 57.34
C UNK H 2016 -93.20 12.95 57.35
N UNK H 2105 -92.62 6.28 69.94
CA UNK H 2105 -92.05 5.16 69.21
C UNK H 2105 -90.57 5.36 68.80
N UNK H 2106 -90.25 5.05 67.56
CA UNK H 2106 -89.00 5.53 67.03
C UNK H 2106 -89.26 6.96 66.43
N UNK H 2107 -90.46 7.46 66.72
CA UNK H 2107 -90.75 8.87 66.65
C UNK H 2107 -89.91 9.48 67.74
N UNK H 2108 -88.60 9.24 67.59
CA UNK H 2108 -87.51 9.60 68.51
C UNK H 2108 -86.22 8.90 68.07
N UNK H 2109 -86.33 7.67 67.55
CA UNK H 2109 -85.18 7.03 66.92
C UNK H 2109 -84.91 7.71 65.58
N UNK H 2110 -85.90 8.52 65.20
CA UNK H 2110 -85.81 9.50 64.11
C UNK H 2110 -85.12 10.74 64.64
N UNK H 2111 -85.55 11.18 65.83
CA UNK H 2111 -84.81 12.20 66.57
C UNK H 2111 -83.50 11.57 67.06
N UNK H 2112 -83.42 10.25 66.89
CA UNK H 2112 -82.18 9.48 67.03
C UNK H 2112 -81.55 9.44 65.65
N UNK H 2113 -82.30 10.01 64.69
CA UNK H 2113 -81.72 10.54 63.49
C UNK H 2113 -81.49 12.03 63.75
N UNK H 2114 -82.49 12.71 64.34
CA UNK H 2114 -82.46 14.20 64.48
C UNK H 2114 -81.33 14.65 65.38
N UNK H 2115 -80.81 13.72 66.17
CA UNK H 2115 -79.45 13.81 66.57
C UNK H 2115 -78.63 13.49 65.31
N UNK H 2116 -78.74 12.25 64.83
CA UNK H 2116 -77.84 11.64 63.83
C UNK H 2116 -77.27 12.51 62.72
N UNK H 2117 -78.17 13.11 61.94
CA UNK H 2117 -77.80 14.03 60.86
C UNK H 2117 -77.10 15.27 61.45
N UNK H 2118 -77.57 15.68 62.63
CA UNK H 2118 -76.89 16.67 63.44
C UNK H 2118 -75.40 16.36 63.59
N UNK H 2119 -75.07 15.83 64.76
CA UNK H 2119 -73.72 15.35 65.13
C UNK H 2119 -72.65 15.13 64.05
N UNK H 2120 -73.00 14.48 62.94
CA UNK H 2120 -71.97 14.07 61.98
C UNK H 2120 -71.56 15.15 60.95
N UNK H 2121 -72.51 16.04 60.57
CA UNK H 2121 -72.25 17.14 59.64
C UNK H 2121 -71.56 18.30 60.34
N UNK H 2122 -71.70 18.41 61.65
CA UNK H 2122 -70.91 19.38 62.41
C UNK H 2122 -69.42 19.03 62.38
N UNK H 2123 -69.02 18.34 61.32
CA UNK H 2123 -67.67 17.74 61.17
C UNK H 2123 -67.31 17.48 59.68
N UNK H 2205 -63.74 18.58 51.91
CA UNK H 2205 -65.10 18.15 51.69
C UNK H 2205 -65.99 18.33 52.94
N UNK H 2206 -66.92 17.40 53.12
CA UNK H 2206 -67.64 17.23 54.37
C UNK H 2206 -68.64 18.31 54.66
N UNK H 2207 -68.15 19.43 55.21
CA UNK H 2207 -69.00 20.57 55.63
C UNK H 2207 -70.17 20.93 54.69
N UNK H 2208 -69.86 20.93 53.38
CA UNK H 2208 -70.80 21.18 52.29
C UNK H 2208 -72.25 20.79 52.66
N UNK H 2209 -72.42 19.59 53.22
CA UNK H 2209 -73.73 19.08 53.63
C UNK H 2209 -74.24 19.67 54.95
N UNK H 2210 -73.62 20.78 55.37
CA UNK H 2210 -74.05 21.48 56.59
C UNK H 2210 -75.16 22.49 56.32
N UNK H 2211 -74.82 23.44 55.44
CA UNK H 2211 -75.72 24.48 54.95
C UNK H 2211 -76.48 23.97 53.74
N UNK H 2212 -75.91 22.95 53.09
CA UNK H 2212 -76.69 22.06 52.22
C UNK H 2212 -77.71 21.21 53.01
N UNK H 2213 -77.33 20.72 54.18
CA UNK H 2213 -78.24 19.99 55.04
C UNK H 2213 -79.25 20.96 55.62
N UNK H 2214 -78.77 22.18 55.87
CA UNK H 2214 -79.61 23.22 56.47
C UNK H 2214 -79.27 24.64 55.93
N UNK H 2305 -87.42 34.67 60.24
CA UNK H 2305 -87.97 35.73 61.09
C UNK H 2305 -87.69 35.57 62.60
N UNK H 2306 -88.78 35.39 63.39
CA UNK H 2306 -88.77 35.26 64.87
C UNK H 2306 -88.64 33.78 65.42
N UNK H 2307 -88.62 32.81 64.48
CA UNK H 2307 -87.77 31.67 64.61
C UNK H 2307 -86.64 32.31 65.38
N UNK H 2308 -85.94 33.25 64.71
CA UNK H 2308 -84.87 34.13 65.30
C UNK H 2308 -84.43 33.79 66.73
N UNK H 2309 -85.38 33.99 67.66
CA UNK H 2309 -85.26 33.53 69.04
C UNK H 2309 -85.02 32.03 68.96
N UNK H 2310 -86.09 31.27 68.69
CA UNK H 2310 -86.00 29.82 68.53
C UNK H 2310 -85.18 29.36 67.29
N UNK H 2311 -84.86 30.26 66.37
CA UNK H 2311 -84.11 29.84 65.19
C UNK H 2311 -82.70 29.52 65.62
N UNK H 2312 -82.26 30.23 66.67
CA UNK H 2312 -81.10 29.82 67.48
C UNK H 2312 -81.50 28.70 68.47
N UNK H 2313 -82.48 29.00 69.32
CA UNK H 2313 -82.98 28.05 70.33
C UNK H 2313 -83.60 26.79 69.74
N UNK H 2314 -82.99 26.27 68.67
CA UNK H 2314 -83.48 25.05 68.03
C UNK H 2314 -82.37 24.06 67.77
N UNK H 2315 -81.30 24.51 67.13
CA UNK H 2315 -80.29 23.61 66.67
C UNK H 2315 -78.93 23.97 67.28
N UNK H 2316 -78.82 25.19 67.76
CA UNK H 2316 -77.67 25.54 68.59
C UNK H 2316 -77.82 24.71 69.87
N UNK H 2317 -79.04 24.20 70.06
CA UNK H 2317 -79.36 23.22 71.07
C UNK H 2317 -79.24 21.81 70.43
N UNK H 2318 -77.99 21.37 70.30
CA UNK H 2318 -77.68 20.11 69.67
C UNK H 2318 -76.38 19.52 70.21
N UNK H 2319 -75.34 20.33 70.28
CA UNK H 2319 -74.00 19.86 70.71
C UNK H 2319 -73.14 21.01 71.20
N UNK H 2405 -69.31 18.70 70.12
CA UNK H 2405 -68.95 19.57 69.00
C UNK H 2405 -69.77 20.85 69.08
N UNK H 2406 -69.10 21.99 69.40
CA UNK H 2406 -69.83 23.25 69.70
C UNK H 2406 -69.18 24.59 69.36
N UNK H 2407 -67.95 24.89 69.86
CA UNK H 2407 -67.28 26.19 69.63
C UNK H 2407 -67.68 26.53 68.24
N UNK H 2408 -66.86 26.08 67.28
CA UNK H 2408 -67.23 26.19 65.87
C UNK H 2408 -68.76 26.10 65.68
N UNK H 2409 -69.35 25.00 66.15
CA UNK H 2409 -70.74 24.71 65.86
C UNK H 2409 -71.76 25.76 66.30
N UNK H 2410 -71.49 26.42 67.41
CA UNK H 2410 -72.42 27.41 67.95
C UNK H 2410 -72.51 28.56 66.98
N UNK H 2411 -71.47 28.67 66.15
CA UNK H 2411 -71.25 29.83 65.29
C UNK H 2411 -71.98 29.82 63.91
N UNK H 2412 -71.60 28.90 63.01
CA UNK H 2412 -72.41 28.70 61.80
C UNK H 2412 -73.88 28.37 62.16
N UNK H 2413 -74.23 28.59 63.43
CA UNK H 2413 -75.59 28.70 63.88
C UNK H 2413 -75.94 30.12 63.56
N UNK H 2414 -75.35 31.05 64.31
CA UNK H 2414 -75.50 32.50 64.08
C UNK H 2414 -74.59 33.02 62.94
N UNK H 2415 -74.43 32.21 61.90
CA UNK H 2415 -73.93 32.73 60.66
C UNK H 2415 -75.18 33.29 60.00
N UNK H 2416 -75.25 33.06 58.68
CA UNK H 2416 -76.40 33.36 57.78
C UNK H 2416 -77.53 34.29 58.25
N UNK H 2417 -77.97 34.14 59.49
CA UNK H 2417 -79.01 34.93 60.12
C UNK H 2417 -79.79 35.82 59.17
N UNK H 2505 -83.18 41.67 71.50
CA UNK H 2505 -83.16 40.38 70.83
C UNK H 2505 -82.09 40.35 69.77
N UNK H 2506 -81.06 41.14 69.97
CA UNK H 2506 -79.98 41.19 69.00
C UNK H 2506 -78.65 40.76 69.64
N UNK H 2507 -78.48 41.18 70.89
CA UNK H 2507 -77.35 40.78 71.72
C UNK H 2507 -77.03 39.30 71.55
N UNK H 2508 -78.07 38.53 71.26
CA UNK H 2508 -77.98 37.14 70.88
C UNK H 2508 -76.86 36.91 69.83
N UNK H 2509 -77.06 37.46 68.63
CA UNK H 2509 -76.01 37.46 67.59
C UNK H 2509 -75.18 38.75 67.66
N UNK H 2510 -75.45 39.55 68.70
CA UNK H 2510 -74.69 40.77 68.94
C UNK H 2510 -73.25 40.46 69.28
N UNK H 2511 -73.06 39.41 70.09
CA UNK H 2511 -71.76 39.08 70.71
C UNK H 2511 -71.13 37.89 70.02
N UNK H 2512 -71.52 37.65 68.79
CA UNK H 2512 -71.22 36.38 68.14
C UNK H 2512 -70.02 36.33 67.17
N UNK H 2513 -68.87 36.89 67.53
CA UNK H 2513 -67.74 36.92 66.56
C UNK H 2513 -66.30 36.86 67.12
N UNK H 2514 -66.04 35.87 67.99
CA UNK H 2514 -64.72 35.70 68.61
C UNK H 2514 -63.95 34.59 67.92
N UNK H 2605 -66.41 35.68 59.91
CA UNK H 2605 -66.79 36.96 60.53
C UNK H 2605 -66.82 38.06 59.48
N UNK H 2606 -65.76 38.14 58.68
CA UNK H 2606 -65.70 39.00 57.52
C UNK H 2606 -66.57 38.43 56.38
N UNK H 2607 -66.01 37.59 55.53
CA UNK H 2607 -66.70 37.00 54.34
C UNK H 2607 -68.14 37.42 54.04
N UNK H 2608 -68.83 37.90 55.05
CA UNK H 2608 -70.16 38.39 54.86
C UNK H 2608 -70.23 39.87 55.24
N UNK H 2609 -69.41 40.27 56.22
CA UNK H 2609 -69.25 41.69 56.55
C UNK H 2609 -68.83 42.39 55.28
N UNK H 2610 -67.99 41.71 54.49
CA UNK H 2610 -67.46 42.30 53.25
C UNK H 2610 -68.54 42.54 52.22
N UNK H 2611 -69.75 42.86 52.67
CA UNK H 2611 -70.82 43.05 51.72
C UNK H 2611 -71.42 44.48 51.64
N UNK H 2612 -72.17 44.89 52.66
CA UNK H 2612 -73.11 46.03 52.56
C UNK H 2612 -72.67 47.36 51.82
N UNK H 2613 -71.76 48.13 52.42
CA UNK H 2613 -71.32 49.39 51.87
C UNK H 2613 -70.82 49.25 50.46
N UNK H 2614 -71.74 49.33 49.49
CA UNK H 2614 -71.43 49.61 48.06
C UNK H 2614 -72.65 50.08 47.25
N UNK I 105 -0.87 6.70 62.27
CA UNK I 105 -1.87 7.01 63.37
C UNK I 105 -2.71 8.31 63.17
N UNK I 106 -2.79 9.10 64.24
CA UNK I 106 -3.47 10.40 64.24
C UNK I 106 -2.58 11.49 63.67
N UNK I 107 -1.26 11.24 63.66
CA UNK I 107 -0.25 12.18 63.12
C UNK I 107 -0.73 12.85 61.82
N UNK I 108 -1.18 12.01 60.87
CA UNK I 108 -1.75 12.46 59.60
C UNK I 108 -3.23 12.89 59.70
N UNK I 109 -3.78 12.80 60.91
CA UNK I 109 -5.08 13.38 61.22
C UNK I 109 -4.80 14.68 61.95
N UNK I 110 -3.56 14.81 62.42
CA UNK I 110 -3.07 16.00 63.14
C UNK I 110 -2.80 17.19 62.20
N UNK I 111 -1.97 16.94 61.18
CA UNK I 111 -1.73 17.90 60.09
C UNK I 111 -2.85 17.85 59.05
N UNK I 112 -3.87 17.02 59.30
CA UNK I 112 -5.07 17.02 58.48
C UNK I 112 -6.15 17.83 59.18
N UNK I 113 -6.63 17.38 60.34
CA UNK I 113 -7.70 18.12 61.04
C UNK I 113 -7.30 19.62 61.17
N UNK I 114 -5.99 19.84 61.00
CA UNK I 114 -5.43 21.13 60.69
C UNK I 114 -5.19 21.16 59.18
N UNK I 115 -6.28 21.08 58.42
CA UNK I 115 -6.39 21.59 57.03
C UNK I 115 -7.75 22.30 56.77
N UNK I 116 -8.86 21.65 57.07
CA UNK I 116 -10.12 22.37 57.16
C UNK I 116 -10.09 23.36 58.34
N UNK I 117 -8.90 23.86 58.62
CA UNK I 117 -8.73 25.02 59.46
C UNK I 117 -7.62 25.80 58.81
N UNK I 118 -6.87 25.10 57.96
CA UNK I 118 -6.10 25.77 56.91
C UNK I 118 -7.08 26.42 55.90
N UNK I 119 -7.77 25.61 55.10
CA UNK I 119 -8.57 26.16 54.01
C UNK I 119 -10.11 26.16 54.26
N UNK I 120 -10.50 26.12 55.52
CA UNK I 120 -11.72 26.75 55.85
C UNK I 120 -11.16 28.16 55.96
N UNK I 121 -9.83 28.24 56.12
CA UNK I 121 -9.27 29.50 56.54
C UNK I 121 -9.00 30.48 55.39
N UNK I 122 -8.61 29.99 54.20
CA UNK I 122 -8.30 30.93 53.12
C UNK I 122 -9.45 30.90 52.16
N UNK I 123 -10.61 30.55 52.68
CA UNK I 123 -11.82 31.11 52.13
C UNK I 123 -11.95 32.47 52.83
N UNK I 124 -11.52 32.50 54.09
CA UNK I 124 -11.75 33.68 54.92
C UNK I 124 -11.08 35.00 54.49
N UNK I 125 -10.33 34.99 53.39
CA UNK I 125 -9.82 36.24 52.86
C UNK I 125 -9.87 36.12 51.39
N UNK I 126 -10.75 35.25 50.86
CA UNK I 126 -10.78 35.06 49.42
C UNK I 126 -12.16 35.31 48.76
N UNK I 127 -13.20 35.11 49.56
CA UNK I 127 -14.60 35.15 49.12
C UNK I 127 -15.46 35.60 50.28
N UNK I 205 -6.08 4.83 64.41
CA UNK I 205 -6.44 5.20 63.02
C UNK I 205 -7.98 5.22 62.75
N UNK I 206 -8.73 5.46 63.83
CA UNK I 206 -10.15 5.83 63.73
C UNK I 206 -10.29 7.29 63.22
N UNK I 207 -10.07 8.28 64.10
CA UNK I 207 -10.22 9.69 63.72
C UNK I 207 -9.74 9.94 62.29
N UNK I 208 -8.65 9.27 61.88
CA UNK I 208 -8.25 9.34 60.48
C UNK I 208 -9.49 9.16 59.57
N UNK I 209 -10.12 7.97 59.62
CA UNK I 209 -11.38 7.70 58.90
C UNK I 209 -12.54 7.77 59.89
N UNK I 210 -12.36 8.68 60.85
CA UNK I 210 -13.47 9.42 61.45
C UNK I 210 -13.65 10.65 60.58
N UNK I 211 -12.56 11.42 60.46
CA UNK I 211 -12.40 12.52 59.50
C UNK I 211 -12.31 12.01 58.03
N UNK I 212 -13.06 10.94 57.78
CA UNK I 212 -13.53 10.60 56.45
C UNK I 212 -14.84 9.89 56.68
N UNK I 213 -15.27 9.91 57.92
CA UNK I 213 -16.68 10.09 58.19
C UNK I 213 -16.94 11.61 57.86
N UNK I 214 -15.96 12.44 58.24
CA UNK I 214 -15.80 13.86 57.81
C UNK I 214 -15.59 14.01 56.27
N UNK I 215 -14.34 14.21 55.80
CA UNK I 215 -14.09 14.31 54.35
C UNK I 215 -15.01 13.43 53.52
N UNK I 216 -15.98 12.83 54.19
CA UNK I 216 -17.03 12.11 53.51
C UNK I 216 -18.31 12.84 53.81
N UNK I 217 -18.92 12.58 54.98
CA UNK I 217 -20.25 13.14 55.26
C UNK I 217 -20.33 14.68 55.11
N UNK I 218 -19.21 15.31 54.73
CA UNK I 218 -19.14 16.75 54.42
C UNK I 218 -19.30 17.08 52.91
N UNK I 219 -18.70 16.29 52.03
CA UNK I 219 -19.15 16.31 50.63
C UNK I 219 -20.68 16.17 50.65
N UNK I 220 -21.14 15.42 51.64
CA UNK I 220 -22.50 14.93 51.68
C UNK I 220 -23.50 16.07 51.76
N UNK I 221 -23.27 17.02 52.67
CA UNK I 221 -24.14 18.17 52.84
C UNK I 221 -24.73 18.62 51.47
N UNK I 222 -23.83 18.95 50.55
CA UNK I 222 -24.13 19.19 49.12
C UNK I 222 -23.83 17.94 48.24
N UNK I 223 -24.59 16.86 48.47
CA UNK I 223 -24.49 15.61 47.70
C UNK I 223 -25.81 14.79 47.68
N UNK I 305 11.01 13.25 39.16
CA UNK I 305 10.30 14.11 40.11
C UNK I 305 8.79 14.31 39.76
N UNK I 306 8.41 13.86 38.54
CA UNK I 306 7.01 13.86 38.05
C UNK I 306 6.03 13.07 38.94
N UNK I 307 6.48 11.86 39.34
CA UNK I 307 5.75 10.87 40.16
C UNK I 307 5.64 11.30 41.61
N UNK I 308 6.61 12.10 42.01
CA UNK I 308 6.57 12.87 43.24
C UNK I 308 5.65 14.09 43.13
N UNK I 309 5.00 14.24 41.97
CA UNK I 309 4.22 15.43 41.65
C UNK I 309 2.86 15.08 41.06
N UNK I 310 2.88 14.39 39.93
CA UNK I 310 1.67 13.90 39.30
C UNK I 310 0.72 13.28 40.33
N UNK I 311 1.10 12.11 40.86
CA UNK I 311 0.53 11.52 42.09
C UNK I 311 -0.64 12.31 42.68
N UNK I 312 -0.37 13.53 43.17
CA UNK I 312 -1.37 14.35 43.85
C UNK I 312 -2.42 15.05 42.97
N UNK I 313 -2.35 14.88 41.65
CA UNK I 313 -3.54 15.14 40.82
C UNK I 313 -4.42 13.89 40.80
N UNK I 314 -3.79 12.72 41.02
CA UNK I 314 -4.48 11.41 41.07
C UNK I 314 -4.95 11.09 42.49
N UNK I 315 -4.11 11.43 43.46
CA UNK I 315 -4.47 11.36 44.85
C UNK I 315 -5.57 12.36 45.12
N UNK I 316 -5.70 13.33 44.20
CA UNK I 316 -6.64 14.47 44.25
C UNK I 316 -8.04 14.11 43.74
N UNK I 317 -8.11 13.95 42.42
CA UNK I 317 -9.27 13.41 41.78
C UNK I 317 -9.91 12.40 42.74
N UNK I 318 -9.14 11.35 43.05
CA UNK I 318 -9.50 10.24 43.94
C UNK I 318 -10.79 10.42 44.72
N UNK I 319 -10.91 11.54 45.44
CA UNK I 319 -12.05 11.81 46.31
C UNK I 319 -13.39 11.62 45.61
N UNK I 405 -20.69 22.70 44.46
CA UNK I 405 -19.62 21.88 43.93
C UNK I 405 -18.24 22.37 44.40
N UNK I 406 -18.18 22.92 45.62
CA UNK I 406 -16.88 23.27 46.18
C UNK I 406 -16.70 23.13 47.73
N UNK I 407 -17.56 22.32 48.36
CA UNK I 407 -17.11 21.59 49.57
C UNK I 407 -15.95 20.79 49.00
N UNK I 408 -16.33 19.82 48.16
CA UNK I 408 -15.46 19.15 47.22
C UNK I 408 -14.23 19.94 46.73
N UNK I 409 -14.25 21.25 46.93
CA UNK I 409 -13.08 22.04 46.61
C UNK I 409 -12.25 22.24 47.85
N UNK I 410 -12.98 22.35 48.98
CA UNK I 410 -12.43 22.54 50.34
C UNK I 410 -11.47 21.41 50.68
N UNK I 411 -12.10 20.27 50.97
CA UNK I 411 -11.51 18.95 50.91
C UNK I 411 -10.32 18.92 49.91
N UNK I 412 -10.64 19.11 48.64
CA UNK I 412 -9.61 19.14 47.61
C UNK I 412 -8.26 19.82 48.07
N UNK I 413 -8.34 21.04 48.62
CA UNK I 413 -7.13 21.74 49.05
C UNK I 413 -6.20 20.88 49.90
N UNK I 414 -6.80 19.87 50.58
CA UNK I 414 -6.32 19.22 51.84
C UNK I 414 -5.06 18.33 51.84
N UNK I 415 -5.15 17.14 51.21
CA UNK I 415 -4.08 16.15 51.22
C UNK I 415 -2.83 16.93 50.92
N UNK I 416 -2.67 17.21 49.63
CA UNK I 416 -1.79 18.27 49.10
C UNK I 416 -0.95 19.10 50.09
N UNK I 417 -1.45 19.25 51.34
CA UNK I 417 -0.91 20.25 52.28
C UNK I 417 -0.46 19.71 53.66
N UNK I 419 2.14 16.79 51.49
CA UNK I 419 2.36 16.20 50.13
C UNK I 419 3.63 16.69 49.45
N UNK I 420 4.48 17.27 50.28
CA UNK I 420 5.87 17.50 49.96
C UNK I 420 6.73 17.52 51.23
N UNK I 421 6.05 17.57 52.41
CA UNK I 421 6.71 17.53 53.75
C UNK I 421 7.03 16.10 54.17
N UNK I 422 6.08 15.21 53.84
CA UNK I 422 6.33 13.78 53.72
C UNK I 422 7.66 13.67 53.03
N UNK I 423 7.62 13.73 51.70
CA UNK I 423 8.82 13.78 50.84
C UNK I 423 10.13 14.24 51.49
N UNK I 505 8.47 10.32 52.85
CA UNK I 505 7.21 9.90 52.23
C UNK I 505 6.36 9.02 53.16
N UNK I 506 6.84 8.84 54.38
CA UNK I 506 6.17 8.06 55.43
C UNK I 506 4.65 8.30 55.51
N UNK I 507 4.30 9.33 56.30
CA UNK I 507 2.98 10.01 56.33
C UNK I 507 2.20 10.01 55.01
N UNK I 508 2.85 10.51 53.95
CA UNK I 508 2.26 10.48 52.62
C UNK I 508 1.73 9.08 52.37
N UNK I 509 2.66 8.13 52.10
CA UNK I 509 2.32 6.74 51.75
C UNK I 509 1.31 6.13 52.73
N UNK I 510 1.50 6.41 54.02
CA UNK I 510 0.49 6.11 55.02
C UNK I 510 -0.85 6.85 54.74
N UNK I 511 -0.71 8.13 54.34
CA UNK I 511 -1.83 9.11 54.28
C UNK I 511 -2.51 9.20 52.93
N UNK I 512 -1.83 8.68 51.90
CA UNK I 512 -2.54 8.29 50.70
C UNK I 512 -3.21 6.92 50.99
N UNK I 513 -2.58 6.14 51.88
CA UNK I 513 -3.09 4.82 52.32
C UNK I 513 -4.38 4.94 53.12
N UNK I 514 -4.42 5.90 54.04
CA UNK I 514 -5.63 6.16 54.81
C UNK I 514 -6.83 6.51 53.90
N UNK I 515 -6.67 7.55 53.08
CA UNK I 515 -7.62 7.91 52.05
C UNK I 515 -8.11 6.63 51.41
N UNK I 516 -7.13 5.91 50.87
CA UNK I 516 -7.31 4.57 50.28
C UNK I 516 -8.06 3.66 51.25
N UNK I 517 -7.58 3.60 52.49
CA UNK I 517 -8.29 2.89 53.54
C UNK I 517 -9.75 3.25 53.37
N UNK I 518 -10.03 4.55 53.52
CA UNK I 518 -11.38 5.08 53.57
C UNK I 518 -12.16 4.78 52.30
N UNK I 519 -11.48 4.32 51.26
CA UNK I 519 -12.18 3.96 50.03
C UNK I 519 -13.33 2.96 50.25
N UNK I 520 -13.00 1.68 50.18
CA UNK I 520 -14.01 0.60 50.17
C UNK I 520 -14.97 0.59 51.40
N UNK I 521 -14.54 1.23 52.50
CA UNK I 521 -15.37 1.38 53.69
C UNK I 521 -16.70 2.14 53.45
N UNK I 522 -17.01 2.40 52.17
CA UNK I 522 -18.15 3.24 51.80
C UNK I 522 -18.94 2.65 50.63
N UNK I 523 -18.24 1.99 49.72
CA UNK I 523 -18.88 1.45 48.53
C UNK I 523 -19.84 0.34 48.95
N UNK I 524 -19.53 -0.33 50.07
CA UNK I 524 -20.37 -1.42 50.59
C UNK I 524 -20.97 -1.16 52.00
N UNK I 605 -6.45 2.23 46.65
CA UNK I 605 -5.80 2.63 45.40
C UNK I 605 -5.83 1.48 44.41
N UNK I 606 -6.09 0.27 44.93
CA UNK I 606 -6.42 -0.89 44.11
C UNK I 606 -7.94 -1.00 44.01
N UNK I 607 -8.60 -0.35 44.97
CA UNK I 607 -10.04 -0.02 44.85
C UNK I 607 -10.30 1.33 44.04
N UNK I 608 -9.36 2.28 44.21
CA UNK I 608 -9.33 3.56 43.52
C UNK I 608 -9.03 3.25 42.10
N UNK I 609 -8.04 2.40 41.85
CA UNK I 609 -7.82 1.95 40.50
C UNK I 609 -9.11 1.32 39.94
N UNK I 610 -10.17 1.24 40.75
CA UNK I 610 -11.49 0.77 40.26
C UNK I 610 -12.75 1.22 41.03
N UNK I 611 -13.10 2.50 40.86
CA UNK I 611 -14.50 2.90 40.62
C UNK I 611 -14.41 3.25 39.14
N UNK I 612 -13.31 3.94 38.83
CA UNK I 612 -12.84 4.33 37.49
C UNK I 612 -12.90 3.22 36.42
N UNK I 613 -13.91 2.36 36.53
CA UNK I 613 -14.23 1.38 35.50
C UNK I 613 -15.71 1.43 35.33
N UNK I 614 -16.36 1.88 36.39
CA UNK I 614 -17.81 2.10 36.38
C UNK I 614 -18.18 3.55 35.99
N UNK I 615 -17.21 4.45 36.18
CA UNK I 615 -17.35 5.84 35.76
C UNK I 615 -16.78 6.03 34.32
N UNK I 616 -15.47 6.11 34.16
CA UNK I 616 -14.94 6.14 32.82
C UNK I 616 -15.44 4.95 31.96
N UNK I 617 -16.72 4.57 32.14
CA UNK I 617 -17.31 3.40 31.41
C UNK I 617 -18.85 3.33 31.40
N UNK I 618 -19.49 3.72 32.51
CA UNK I 618 -20.93 4.02 32.47
C UNK I 618 -21.18 5.42 31.83
N UNK I 619 -20.15 5.94 31.14
CA UNK I 619 -20.08 7.32 30.61
C UNK I 619 -19.93 7.30 29.09
N UNK I 705 2.29 20.37 35.60
CA UNK I 705 1.72 21.66 35.94
C UNK I 705 0.22 21.51 35.86
N UNK I 706 -0.17 20.42 35.19
CA UNK I 706 -1.55 19.95 35.04
C UNK I 706 -2.56 20.34 36.12
N UNK I 707 -2.12 20.54 37.35
CA UNK I 707 -3.01 21.03 38.42
C UNK I 707 -2.36 22.14 39.26
N UNK I 708 -1.08 22.39 39.03
CA UNK I 708 -0.48 23.67 39.37
C UNK I 708 -1.17 24.71 38.48
N UNK I 709 -2.15 24.20 37.71
CA UNK I 709 -3.24 24.98 37.12
C UNK I 709 -4.45 24.99 38.06
N UNK I 710 -4.90 23.79 38.46
CA UNK I 710 -6.25 23.53 39.08
C UNK I 710 -6.69 24.24 40.39
N UNK I 711 -5.73 24.63 41.23
CA UNK I 711 -6.02 25.46 42.41
C UNK I 711 -5.96 26.92 41.95
N UNK I 712 -4.89 27.23 41.24
CA UNK I 712 -4.76 28.47 40.51
C UNK I 712 -5.81 28.49 39.36
N UNK I 713 -7.04 28.09 39.71
CA UNK I 713 -8.23 28.18 38.86
C UNK I 713 -9.43 28.01 39.82
N UNK I 714 -9.25 27.12 40.77
CA UNK I 714 -10.27 26.91 41.78
C UNK I 714 -10.38 28.21 42.57
N UNK I 715 -9.23 28.77 42.90
CA UNK I 715 -9.14 30.00 43.69
C UNK I 715 -9.19 31.30 42.85
N UNK I 716 -9.94 31.20 41.72
CA UNK I 716 -10.63 32.34 41.07
C UNK I 716 -12.15 32.16 41.29
N UNK I 717 -12.82 31.50 40.35
CA UNK I 717 -14.28 31.23 40.45
C UNK I 717 -15.03 31.84 41.66
N UNK I 718 -14.64 31.49 42.89
CA UNK I 718 -15.27 32.09 44.07
C UNK I 718 -14.35 33.14 44.74
N UNK I 805 -10.71 12.70 30.77
CA UNK I 805 -10.70 11.31 30.27
C UNK I 805 -9.27 10.70 30.12
N UNK I 806 -8.47 10.97 31.15
CA UNK I 806 -7.28 10.20 31.48
C UNK I 806 -7.01 10.29 33.00
N UNK I 807 -7.88 9.61 33.77
CA UNK I 807 -7.68 9.29 35.19
C UNK I 807 -7.47 7.75 35.41
N UNK I 808 -6.53 7.16 34.66
CA UNK I 808 -6.49 5.70 34.48
C UNK I 808 -5.38 5.25 33.55
N UNK I 809 -4.97 6.12 32.62
CA UNK I 809 -3.67 5.93 32.01
C UNK I 809 -2.75 6.58 33.01
N UNK I 810 -3.39 7.43 33.84
CA UNK I 810 -2.82 8.01 35.06
C UNK I 810 -2.25 6.85 35.84
N UNK I 811 -3.18 5.94 36.16
CA UNK I 811 -2.98 4.62 36.78
C UNK I 811 -2.03 3.71 35.98
N UNK I 812 -2.17 3.69 34.65
CA UNK I 812 -1.23 2.94 33.84
C UNK I 812 0.22 3.38 34.15
N UNK I 813 0.37 4.56 34.75
CA UNK I 813 1.69 5.11 35.06
C UNK I 813 1.94 5.15 36.54
N UNK I 814 0.88 5.26 37.34
CA UNK I 814 1.02 5.13 38.79
C UNK I 814 1.53 3.68 39.13
N UNK I 815 0.92 2.67 38.51
CA UNK I 815 1.49 1.35 38.50
C UNK I 815 2.93 1.47 38.01
N UNK I 816 3.08 2.18 36.88
CA UNK I 816 4.34 2.32 36.19
C UNK I 816 5.27 3.30 36.93
N UNK I 817 4.69 4.07 37.84
CA UNK I 817 5.49 4.92 38.70
C UNK I 817 6.29 3.99 39.56
N UNK I 818 5.71 2.80 39.84
CA UNK I 818 6.27 1.78 40.76
C UNK I 818 7.20 0.75 40.08
N UNK I 819 6.72 0.20 38.96
CA UNK I 819 7.51 -0.65 38.03
C UNK I 819 8.77 0.07 37.57
N UNK I 820 9.16 1.04 38.41
CA UNK I 820 10.26 1.94 38.20
C UNK I 820 10.82 2.28 39.58
N UNK I 821 9.90 2.39 40.56
CA UNK I 821 10.25 2.71 41.95
C UNK I 821 11.26 1.69 42.52
N UNK I 822 10.91 0.41 42.46
CA UNK I 822 11.82 -0.69 42.83
C UNK I 822 12.68 -1.21 41.64
N UNK I 823 12.03 -1.79 40.61
CA UNK I 823 12.67 -2.62 39.58
C UNK I 823 13.73 -1.92 38.70
N UNK I 905 -3.54 2.24 48.05
CA UNK I 905 -3.02 0.88 48.24
C UNK I 905 -2.14 0.48 47.07
N UNK I 906 -2.73 0.53 45.88
CA UNK I 906 -1.99 0.36 44.65
C UNK I 906 -0.59 1.01 44.70
N UNK I 907 -0.51 2.29 44.28
CA UNK I 907 0.75 3.01 44.13
C UNK I 907 1.00 3.94 45.31
N UNK I 908 -0.02 4.13 46.13
CA UNK I 908 0.18 4.68 47.47
C UNK I 908 1.15 3.78 48.31
N UNK I 909 0.70 2.53 48.50
CA UNK I 909 1.36 1.50 49.31
C UNK I 909 2.62 0.98 48.62
N UNK I 910 2.62 0.91 47.30
CA UNK I 910 3.86 0.62 46.65
C UNK I 910 4.94 1.57 47.18
N UNK I 911 4.56 2.83 47.37
CA UNK I 911 5.51 3.91 47.70
C UNK I 911 6.25 3.79 49.06
N UNK I 912 5.52 3.29 50.07
CA UNK I 912 6.09 2.95 51.36
C UNK I 912 7.36 2.12 51.16
N UNK I 913 7.56 1.69 49.90
CA UNK I 913 8.71 0.90 49.48
C UNK I 913 9.69 1.71 48.62
N UNK I 914 9.99 2.93 49.04
CA UNK I 914 10.95 3.76 48.32
C UNK I 914 12.28 3.93 49.06
N UNK I 1005 -17.33 17.96 64.67
CA UNK I 1005 -16.72 17.02 63.71
C UNK I 1005 -17.69 16.57 62.62
N UNK I 1006 -18.96 16.90 62.80
CA UNK I 1006 -19.91 16.87 61.70
C UNK I 1006 -20.64 18.22 61.64
N UNK I 1007 -20.54 18.96 62.74
CA UNK I 1007 -21.06 20.32 62.87
C UNK I 1007 -20.07 21.31 62.28
N UNK I 1008 -18.79 21.30 62.67
CA UNK I 1008 -17.80 21.97 61.82
C UNK I 1008 -17.85 21.41 60.37
N UNK I 1009 -18.62 20.34 60.17
CA UNK I 1009 -18.98 19.99 58.80
C UNK I 1009 -20.16 20.88 58.18
N UNK I 1010 -20.93 21.56 59.04
CA UNK I 1010 -21.75 22.73 58.66
C UNK I 1010 -20.84 23.94 58.41
N UNK I 1011 -20.13 24.42 59.43
CA UNK I 1011 -18.94 25.23 59.14
C UNK I 1011 -18.46 25.01 57.71
N UNK I 1012 -18.18 23.77 57.35
CA UNK I 1012 -17.79 23.48 55.97
C UNK I 1012 -18.72 24.12 54.87
N UNK I 1013 -19.94 23.59 54.74
CA UNK I 1013 -20.80 23.83 53.58
C UNK I 1013 -21.30 25.23 53.58
N UNK I 1014 -22.09 25.62 54.60
CA UNK I 1014 -22.52 27.05 54.74
C UNK I 1014 -21.48 28.01 54.10
N UNK I 1015 -20.28 28.07 54.69
CA UNK I 1015 -19.10 28.61 54.02
C UNK I 1015 -19.06 28.38 52.51
N UNK I 1016 -18.46 27.29 52.02
CA UNK I 1016 -18.24 27.17 50.57
C UNK I 1016 -19.55 27.31 49.85
N UNK I 1017 -20.62 27.47 50.63
CA UNK I 1017 -21.96 27.78 50.09
C UNK I 1017 -22.11 29.30 49.80
N UNK I 1018 -21.78 30.13 50.82
CA UNK I 1018 -21.36 31.55 50.61
C UNK I 1018 -20.43 31.71 49.39
N UNK I 1019 -19.11 31.76 49.61
CA UNK I 1019 -18.18 32.12 48.54
C UNK I 1019 -18.56 31.95 47.04
N UNK I 1020 -19.78 31.48 46.77
CA UNK I 1020 -20.23 31.06 45.41
C UNK I 1020 -20.27 32.17 44.34
N UNK I 1021 -21.05 33.23 44.61
CA UNK I 1021 -21.06 34.45 43.77
C UNK I 1021 -20.26 35.69 44.35
N UNK I 1022 -19.05 35.42 44.87
CA UNK I 1022 -18.15 36.43 45.50
C UNK I 1022 -16.63 36.22 45.17
N UNK I 1105 -14.16 23.89 73.52
CA UNK I 1105 -14.55 23.51 72.18
C UNK I 1105 -15.94 23.99 71.84
N UNK I 1106 -16.95 23.46 72.53
CA UNK I 1106 -18.39 23.75 72.22
C UNK I 1106 -18.86 25.23 72.34
N UNK I 1107 -17.88 26.15 72.37
CA UNK I 1107 -18.09 27.49 71.94
C UNK I 1107 -17.55 27.61 70.51
N UNK I 1108 -16.22 27.63 70.39
CA UNK I 1108 -15.52 27.88 69.12
C UNK I 1108 -16.32 27.52 67.86
N UNK I 1109 -17.30 26.64 68.01
CA UNK I 1109 -18.07 26.14 66.89
C UNK I 1109 -19.50 26.68 67.03
N UNK I 1110 -19.54 27.85 67.67
CA UNK I 1110 -20.53 28.95 67.43
C UNK I 1110 -19.81 30.11 66.65
N UNK I 1111 -19.02 30.93 67.34
CA UNK I 1111 -18.19 31.94 66.70
C UNK I 1111 -17.29 31.35 65.62
N UNK I 1112 -17.91 30.51 64.77
CA UNK I 1112 -17.36 30.08 63.48
C UNK I 1112 -18.60 29.84 62.63
N UNK I 1113 -19.65 29.47 63.36
CA UNK I 1113 -21.00 29.43 62.87
C UNK I 1113 -21.40 30.89 62.72
N UNK I 1114 -21.83 31.49 63.84
CA UNK I 1114 -22.09 32.92 63.88
C UNK I 1114 -21.05 33.63 63.00
N UNK I 1115 -19.82 33.23 62.97
CA UNK I 1115 -19.03 33.86 61.99
C UNK I 1115 -19.16 33.15 60.61
N UNK I 1116 -20.37 33.16 60.03
CA UNK I 1116 -20.65 32.63 58.65
C UNK I 1116 -21.94 33.20 58.02
N UNK I 1117 -22.51 34.12 58.79
CA UNK I 1117 -23.53 35.12 58.40
C UNK I 1117 -22.85 36.43 57.82
N UNK I 1118 -21.61 36.64 58.20
CA UNK I 1118 -20.70 37.53 57.53
C UNK I 1118 -20.57 37.06 56.08
N UNK I 1205 -4.82 27.46 67.43
CA UNK I 1205 -5.72 26.52 68.10
C UNK I 1205 -6.37 27.18 69.31
N UNK I 1206 -5.61 28.05 69.96
CA UNK I 1206 -6.16 29.01 70.94
C UNK I 1206 -6.26 30.39 70.27
N UNK I 1207 -5.44 30.60 69.26
CA UNK I 1207 -5.48 31.82 68.50
C UNK I 1207 -6.39 31.62 67.32
N UNK I 1208 -6.50 30.38 66.83
CA UNK I 1208 -7.17 30.12 65.53
C UNK I 1208 -8.71 30.24 65.52
N UNK I 1209 -9.23 30.81 66.61
CA UNK I 1209 -10.55 31.45 66.59
C UNK I 1209 -10.38 32.94 66.27
N UNK I 1210 -9.36 33.57 66.88
CA UNK I 1210 -9.00 34.99 66.62
C UNK I 1210 -8.93 35.35 65.13
N UNK I 1211 -7.81 35.03 64.50
CA UNK I 1211 -7.66 35.23 63.06
C UNK I 1211 -9.02 35.26 62.40
N UNK I 1212 -9.76 34.17 62.56
CA UNK I 1212 -11.07 33.99 61.96
C UNK I 1212 -12.03 35.16 62.16
N UNK I 1213 -11.99 35.77 63.34
CA UNK I 1213 -12.88 36.88 63.68
C UNK I 1213 -12.40 38.30 63.22
N UNK I 1214 -11.13 38.64 63.45
CA UNK I 1214 -10.55 39.88 62.89
C UNK I 1214 -10.43 39.82 61.35
N UNK I 1215 -11.38 39.10 60.76
CA UNK I 1215 -11.54 39.03 59.33
C UNK I 1215 -12.99 38.75 59.04
N UNK I 1216 -13.79 38.68 60.08
CA UNK I 1216 -15.19 38.42 59.83
C UNK I 1216 -16.03 39.40 60.61
N UNK I 1217 -15.36 40.42 61.13
CA UNK I 1217 -16.02 41.69 61.55
C UNK I 1217 -15.83 42.84 60.49
N UNK I 1218 -14.73 42.79 59.73
CA UNK I 1218 -14.72 43.47 58.45
C UNK I 1218 -15.93 42.98 57.59
N UNK I 1219 -16.34 41.72 57.77
CA UNK I 1219 -17.00 40.97 56.69
C UNK I 1219 -18.52 40.83 56.70
N UNK I 1220 -19.16 41.14 57.82
CA UNK I 1220 -20.60 41.46 57.86
C UNK I 1220 -20.74 42.99 58.07
N UNK I 1221 -19.61 43.69 57.95
CA UNK I 1221 -19.56 45.15 57.93
C UNK I 1221 -18.78 45.70 56.71
N UNK I 1305 -3.05 26.97 77.82
CA UNK I 1305 -3.39 28.20 78.54
C UNK I 1305 -2.35 29.34 78.38
N UNK I 1306 -1.96 29.93 79.51
CA UNK I 1306 -1.03 31.07 79.53
C UNK I 1306 -1.54 32.18 78.62
N UNK I 1307 -0.77 32.46 77.56
CA UNK I 1307 -1.08 33.56 76.63
C UNK I 1307 -2.29 33.20 75.80
N UNK I 1308 -2.33 31.94 75.36
CA UNK I 1308 -3.44 31.42 74.56
C UNK I 1308 -4.76 32.17 74.72
N UNK I 1309 -5.05 32.64 75.93
CA UNK I 1309 -6.39 33.14 76.24
C UNK I 1309 -6.45 34.40 77.08
N UNK I 1310 -5.43 35.23 76.95
CA UNK I 1310 -5.65 36.65 77.10
C UNK I 1310 -6.45 37.01 75.82
N UNK I 1311 -5.95 36.56 74.66
CA UNK I 1311 -6.65 36.70 73.38
C UNK I 1311 -7.95 35.89 73.33
N UNK I 1312 -7.92 34.60 73.62
CA UNK I 1312 -9.19 33.87 73.75
C UNK I 1312 -9.91 34.31 75.03
N UNK I 1313 -9.57 35.55 75.43
CA UNK I 1313 -10.43 36.45 76.21
C UNK I 1313 -10.64 37.64 75.32
N UNK I 1314 -9.54 38.30 74.98
CA UNK I 1314 -9.57 39.40 74.00
C UNK I 1314 -10.40 39.07 72.76
N UNK I 1315 -10.70 37.78 72.60
CA UNK I 1315 -11.57 37.35 71.55
C UNK I 1315 -12.90 37.68 72.11
N UNK I 1316 -13.33 36.90 73.08
CA UNK I 1316 -14.64 37.14 73.64
C UNK I 1316 -14.73 38.55 74.22
N UNK I 1317 -13.59 39.24 74.36
CA UNK I 1317 -13.59 40.58 74.95
C UNK I 1317 -14.24 41.61 74.02
N UNK I 1318 -13.45 42.20 73.09
CA UNK I 1318 -13.93 43.21 72.08
C UNK I 1318 -15.42 43.02 71.74
N UNK I 1319 -15.64 42.17 70.74
CA UNK I 1319 -16.89 41.43 70.55
C UNK I 1319 -17.65 41.23 71.89
N UNK I 1405 -8.80 30.10 81.88
CA UNK I 1405 -7.77 30.48 80.81
C UNK I 1405 -8.24 30.19 79.35
N UNK I 1406 -9.35 29.47 79.30
CA UNK I 1406 -10.21 29.32 78.19
C UNK I 1406 -11.51 29.16 79.05
N UNK I 1407 -11.64 29.95 80.16
CA UNK I 1407 -12.97 30.49 80.57
C UNK I 1407 -13.21 31.16 81.91
N UNK I 1408 -12.14 31.54 82.60
CA UNK I 1408 -12.28 32.54 83.74
C UNK I 1408 -12.28 33.91 83.06
N UNK I 1409 -13.38 34.00 82.27
CA UNK I 1409 -13.39 34.48 80.83
C UNK I 1409 -14.71 34.25 79.99
N UNK I 1410 -15.84 34.63 80.61
CA UNK I 1410 -17.20 34.49 80.06
C UNK I 1410 -18.26 34.33 81.16
N UNK I 1411 -17.95 34.88 82.32
CA UNK I 1411 -19.04 35.12 83.24
C UNK I 1411 -18.58 36.07 84.30
N UNK I 1412 -17.61 36.83 83.81
CA UNK I 1412 -17.83 38.29 83.78
C UNK I 1412 -18.34 38.91 82.24
N UNK I 1413 -17.49 38.82 81.15
CA UNK I 1413 -17.94 38.77 79.73
C UNK I 1413 -19.27 37.98 79.57
N UNK I 1414 -19.91 37.94 80.72
CA UNK I 1414 -21.30 37.95 80.92
C UNK I 1414 -21.50 38.18 82.39
N UNK I 1415 -20.58 38.88 82.98
CA UNK I 1415 -20.86 39.53 84.25
C UNK I 1415 -21.06 40.99 83.81
N UNK I 1416 -22.38 41.38 83.79
CA UNK I 1416 -23.04 42.28 82.77
C UNK I 1416 -23.14 41.74 81.29
N UNK I 1417 -24.24 41.06 80.96
CA UNK I 1417 -24.57 40.85 79.47
C UNK I 1417 -25.98 41.44 78.84
N UNK I 1418 -27.07 41.32 79.60
CA UNK I 1418 -27.94 42.43 79.72
C UNK I 1418 -27.21 43.64 80.53
N UNK I 1419 -26.08 44.06 79.99
CA UNK I 1419 -25.52 45.34 80.28
C UNK I 1419 -24.58 45.71 79.10
N UNK I 1420 -25.22 45.42 77.94
CA UNK I 1420 -25.88 46.57 77.17
C UNK I 1420 -27.36 46.93 77.74
N UNK I 1421 -28.38 46.17 77.34
CA UNK I 1421 -29.69 46.40 77.94
C UNK I 1421 -29.56 47.00 79.33
N UNK I 1505 -20.34 36.15 95.42
CA UNK I 1505 -21.27 35.49 94.47
C UNK I 1505 -22.72 35.13 94.98
N UNK I 1506 -23.07 35.48 96.21
CA UNK I 1506 -24.42 35.20 96.73
C UNK I 1506 -25.51 36.13 96.15
N UNK I 1507 -25.27 37.45 96.30
CA UNK I 1507 -26.09 38.55 95.72
C UNK I 1507 -25.84 38.62 94.21
N UNK I 1508 -24.58 38.48 93.80
CA UNK I 1508 -24.26 38.07 92.44
C UNK I 1508 -25.00 36.77 91.94
N UNK I 1509 -26.08 36.41 92.65
CA UNK I 1509 -26.96 35.31 92.27
C UNK I 1509 -28.26 35.55 92.97
N UNK I 1510 -28.19 36.41 94.00
CA UNK I 1510 -29.34 37.10 94.57
C UNK I 1510 -29.88 38.19 93.61
N UNK I 1511 -29.03 38.50 92.60
CA UNK I 1511 -29.23 39.51 91.52
C UNK I 1511 -29.71 38.85 90.26
N UNK I 1512 -29.07 37.75 89.85
CA UNK I 1512 -29.58 36.91 88.76
C UNK I 1512 -30.97 36.43 89.15
N UNK I 1513 -31.37 36.93 90.33
CA UNK I 1513 -32.63 36.66 91.02
C UNK I 1513 -33.54 37.90 91.03
N UNK I 1514 -32.94 39.07 90.81
CA UNK I 1514 -33.70 40.29 90.48
C UNK I 1514 -33.68 40.52 88.97
N UNK I 1515 -32.52 40.27 88.34
CA UNK I 1515 -32.33 40.27 86.88
C UNK I 1515 -33.37 39.35 86.17
N UNK I 1516 -32.99 38.21 85.58
CA UNK I 1516 -33.94 37.45 84.74
C UNK I 1516 -35.27 37.15 85.42
N UNK I 1517 -35.53 37.90 86.47
CA UNK I 1517 -36.89 38.21 86.90
C UNK I 1517 -37.10 39.73 86.95
N UNK I 1518 -37.04 40.33 85.77
CA UNK I 1518 -37.67 41.61 85.51
C UNK I 1518 -38.59 41.33 84.31
N UNK I 1519 -38.45 40.10 83.79
CA UNK I 1519 -39.16 39.64 82.61
C UNK I 1519 -40.51 38.93 82.87
N UNK I 1520 -40.97 38.90 84.14
CA UNK I 1520 -42.20 38.13 84.48
C UNK I 1520 -43.27 38.67 85.45
N UNK I 1521 -43.03 39.83 86.08
CA UNK I 1521 -44.07 40.49 86.93
C UNK I 1521 -45.27 41.05 86.12
N UNK I 1605 -30.09 29.67 81.27
CA UNK I 1605 -28.78 30.26 80.96
C UNK I 1605 -27.87 29.81 79.73
N UNK I 1606 -28.12 28.62 79.09
CA UNK I 1606 -27.33 28.05 77.85
C UNK I 1606 -28.00 26.95 77.00
N UNK I 1607 -29.14 26.54 77.53
CA UNK I 1607 -29.92 25.55 76.85
C UNK I 1607 -30.56 26.37 75.73
N UNK I 1608 -31.28 27.41 76.21
CA UNK I 1608 -32.34 28.11 75.50
C UNK I 1608 -31.78 28.99 74.44
N UNK I 1609 -30.54 29.48 74.61
CA UNK I 1609 -29.84 30.24 73.53
C UNK I 1609 -29.82 29.57 72.13
N UNK I 1610 -30.60 28.49 71.96
CA UNK I 1610 -31.21 28.04 70.68
C UNK I 1610 -32.47 27.18 70.99
N UNK I 1611 -32.41 26.52 72.15
CA UNK I 1611 -33.58 25.88 72.71
C UNK I 1611 -34.77 26.84 72.62
N UNK I 1612 -34.96 27.62 73.69
CA UNK I 1612 -36.09 28.56 73.85
C UNK I 1612 -35.98 29.93 73.13
N UNK I 1613 -34.82 30.19 72.52
CA UNK I 1613 -34.76 31.18 71.48
C UNK I 1613 -36.02 30.82 70.67
N UNK I 1614 -36.02 29.67 69.98
CA UNK I 1614 -37.23 29.24 69.27
C UNK I 1614 -38.53 29.16 70.13
N UNK I 1615 -38.66 30.07 71.11
CA UNK I 1615 -39.96 30.41 71.73
C UNK I 1615 -40.17 31.93 71.58
N UNK I 1616 -39.17 32.51 70.91
CA UNK I 1616 -39.32 33.70 70.10
C UNK I 1616 -38.75 33.36 68.71
N UNK I 1617 -38.61 32.06 68.33
CA UNK I 1617 -37.80 31.67 67.10
C UNK I 1617 -38.40 30.69 66.06
N UNK I 1618 -39.42 30.02 66.50
CA UNK I 1618 -40.46 29.77 65.58
C UNK I 1618 -41.60 29.87 66.59
N UNK I 1619 -41.35 30.79 67.54
CA UNK I 1619 -42.42 31.77 67.92
C UNK I 1619 -42.06 33.19 67.35
N UNK I 1620 -40.87 33.31 66.77
CA UNK I 1620 -40.69 34.27 65.65
C UNK I 1620 -41.51 33.79 64.44
N UNK I 1621 -42.80 33.57 64.62
CA UNK I 1621 -43.57 33.26 63.44
C UNK I 1621 -45.04 33.05 63.74
N UNK I 1622 -45.42 33.69 64.87
CA UNK I 1622 -46.83 33.65 65.32
C UNK I 1622 -47.96 33.59 64.25
N UNK I 1623 -47.77 34.20 63.07
CA UNK I 1623 -48.92 34.53 62.19
C UNK I 1623 -48.90 34.02 60.73
N UNK I 1705 -41.45 16.59 65.68
CA UNK I 1705 -40.17 17.03 66.23
C UNK I 1705 -40.24 17.93 67.50
N UNK I 1706 -39.81 19.17 67.38
CA UNK I 1706 -39.34 19.99 68.53
C UNK I 1706 -40.31 20.44 69.68
N UNK I 1707 -41.50 19.83 69.80
CA UNK I 1707 -42.50 20.22 70.83
C UNK I 1707 -42.13 19.97 72.29
N UNK I 1708 -41.27 18.97 72.47
CA UNK I 1708 -40.90 18.44 73.79
C UNK I 1708 -39.86 19.34 74.39
N UNK I 1709 -38.67 19.31 73.81
CA UNK I 1709 -37.68 20.33 74.15
C UNK I 1709 -38.38 21.65 74.53
N UNK I 1710 -39.39 22.02 73.73
CA UNK I 1710 -40.08 23.32 73.84
C UNK I 1710 -40.91 23.40 75.09
N UNK I 1711 -41.36 22.23 75.55
CA UNK I 1711 -41.96 22.10 76.89
C UNK I 1711 -40.92 21.64 77.91
N UNK I 1712 -39.65 21.56 77.49
CA UNK I 1712 -38.61 21.34 78.45
C UNK I 1712 -38.71 22.45 79.49
N UNK I 1713 -38.46 23.69 79.00
CA UNK I 1713 -38.38 24.92 79.84
C UNK I 1713 -39.77 25.46 80.26
N UNK I 1714 -40.68 25.34 79.30
CA UNK I 1714 -42.07 25.44 79.62
C UNK I 1714 -42.16 24.71 80.94
N UNK I 1715 -41.44 23.54 80.97
CA UNK I 1715 -41.64 22.32 81.86
C UNK I 1715 -40.86 22.29 83.16
N UNK I 1716 -39.55 22.49 83.06
CA UNK I 1716 -38.71 22.56 84.25
C UNK I 1716 -39.17 23.35 85.52
N UNK I 1717 -38.25 24.16 86.05
CA UNK I 1717 -38.48 25.07 87.18
C UNK I 1717 -39.84 25.80 87.24
N UNK J 105 -12.08 40.71 12.98
CA UNK J 105 -10.85 39.94 12.57
C UNK J 105 -11.06 38.41 12.33
N UNK J 106 -12.08 37.85 12.99
CA UNK J 106 -12.46 36.46 12.83
C UNK J 106 -12.92 36.28 11.38
N UNK J 107 -14.21 36.53 11.16
CA UNK J 107 -14.87 36.53 9.85
C UNK J 107 -13.99 36.41 8.57
N UNK J 108 -12.96 37.24 8.47
CA UNK J 108 -12.08 37.19 7.28
C UNK J 108 -10.99 36.13 7.50
N UNK J 109 -10.79 35.74 8.76
CA UNK J 109 -9.97 34.58 9.06
C UNK J 109 -10.90 33.40 8.83
N UNK J 110 -12.12 33.53 9.35
CA UNK J 110 -13.12 32.50 9.15
C UNK J 110 -13.24 32.26 7.66
N UNK J 111 -13.18 33.36 6.90
CA UNK J 111 -13.16 33.30 5.43
C UNK J 111 -12.00 32.42 5.02
N UNK J 112 -10.93 32.48 5.82
CA UNK J 112 -9.75 31.67 5.62
C UNK J 112 -9.97 30.23 6.08
N UNK J 113 -10.75 30.08 7.16
CA UNK J 113 -11.14 28.75 7.70
C UNK J 113 -12.03 27.95 6.77
N UNK J 114 -13.32 27.96 7.07
CA UNK J 114 -14.31 27.17 6.34
C UNK J 114 -14.16 27.25 4.80
N UNK J 115 -13.01 27.74 4.38
CA UNK J 115 -12.69 27.79 2.99
C UNK J 115 -11.81 26.59 2.82
N UNK J 116 -10.70 26.58 3.53
CA UNK J 116 -9.68 25.54 3.40
C UNK J 116 -10.15 24.11 3.78
N UNK J 117 -11.17 24.07 4.64
CA UNK J 117 -12.04 22.91 4.75
C UNK J 117 -12.68 22.69 3.36
N UNK J 118 -13.75 23.44 3.05
CA UNK J 118 -14.46 23.30 1.76
C UNK J 118 -13.46 23.17 0.64
N UNK J 119 -12.21 23.49 0.97
CA UNK J 119 -11.13 23.36 0.01
C UNK J 119 -10.61 21.94 -0.01
N UNK J 120 -10.32 21.41 1.19
CA UNK J 120 -9.69 20.09 1.36
C UNK J 120 -10.33 18.98 0.52
N UNK J 121 -11.66 18.97 0.47
CA UNK J 121 -12.44 18.04 -0.37
C UNK J 121 -11.99 18.00 -1.83
N UNK J 122 -11.91 19.18 -2.45
CA UNK J 122 -11.72 19.34 -3.91
C UNK J 122 -10.42 18.74 -4.48
N UNK J 123 -9.55 18.30 -3.56
CA UNK J 123 -8.38 17.47 -3.88
C UNK J 123 -8.84 16.07 -4.31
N UNK J 124 -9.85 15.58 -3.59
CA UNK J 124 -10.62 14.37 -3.89
C UNK J 124 -10.16 13.61 -5.12
N UNK J 205 -19.73 38.85 6.65
CA UNK J 205 -20.84 38.02 6.16
C UNK J 205 -20.68 37.66 4.66
N UNK J 206 -20.57 38.70 3.82
CA UNK J 206 -19.84 38.56 2.56
C UNK J 206 -18.34 38.63 2.94
N UNK J 207 -18.07 38.55 4.25
CA UNK J 207 -16.78 38.10 4.79
C UNK J 207 -16.68 36.54 4.71
N UNK J 208 -17.87 35.92 4.71
CA UNK J 208 -18.07 34.49 4.49
C UNK J 208 -18.47 34.27 3.04
N UNK J 209 -19.70 34.70 2.74
CA UNK J 209 -20.26 34.67 1.38
C UNK J 209 -19.27 35.16 0.26
N UNK J 210 -18.41 36.15 0.60
CA UNK J 210 -17.38 36.71 -0.31
C UNK J 210 -16.66 35.60 -1.02
N UNK J 211 -16.06 34.72 -0.21
CA UNK J 211 -15.27 33.60 -0.73
C UNK J 211 -16.14 32.40 -1.10
N UNK J 212 -17.35 32.31 -0.53
CA UNK J 212 -18.29 31.29 -0.98
C UNK J 212 -18.40 31.33 -2.51
N UNK J 213 -18.82 32.49 -3.02
CA UNK J 213 -18.99 32.73 -4.47
C UNK J 213 -17.70 32.70 -5.31
N UNK J 214 -16.54 33.10 -4.78
CA UNK J 214 -15.30 32.90 -5.51
C UNK J 214 -15.28 31.48 -6.12
N UNK J 215 -15.77 30.52 -5.29
CA UNK J 215 -15.63 29.05 -5.44
C UNK J 215 -16.61 28.44 -6.41
N UNK J 216 -17.75 29.11 -6.56
CA UNK J 216 -18.66 28.86 -7.70
C UNK J 216 -17.99 29.16 -9.04
N UNK J 217 -16.94 29.99 -9.00
CA UNK J 217 -16.26 30.34 -10.24
C UNK J 217 -14.71 30.47 -10.26
N UNK J 218 -14.02 29.70 -9.41
CA UNK J 218 -12.54 29.48 -9.60
C UNK J 218 -12.14 28.44 -10.71
N UNK J 219 -13.08 27.52 -10.97
CA UNK J 219 -12.80 26.20 -11.54
C UNK J 219 -13.26 25.94 -12.99
N UNK J 220 -14.43 26.49 -13.38
CA UNK J 220 -15.04 26.31 -14.73
C UNK J 220 -14.73 27.40 -15.77
N UNK J 305 -3.84 35.80 28.83
CA UNK J 305 -3.44 34.39 28.74
C UNK J 305 -1.90 34.20 28.62
N UNK J 306 -1.39 34.21 27.39
CA UNK J 306 -0.09 33.64 27.04
C UNK J 306 1.14 33.93 27.95
N UNK J 307 0.89 34.16 29.24
CA UNK J 307 1.95 34.19 30.28
C UNK J 307 1.85 32.90 31.07
N UNK J 308 0.72 32.23 30.83
CA UNK J 308 0.38 30.98 31.52
C UNK J 308 0.81 29.73 30.74
N UNK J 309 -0.03 29.38 29.76
CA UNK J 309 0.14 28.16 28.99
C UNK J 309 1.51 28.00 28.27
N UNK J 310 2.24 29.09 28.04
CA UNK J 310 3.58 28.96 27.46
C UNK J 310 4.72 29.58 28.32
N UNK J 311 4.31 30.18 29.44
CA UNK J 311 5.29 30.47 30.48
C UNK J 311 5.45 29.18 31.29
N UNK J 312 4.40 28.36 31.21
CA UNK J 312 4.40 26.98 31.72
C UNK J 312 5.05 26.03 30.71
N UNK J 313 4.45 25.87 29.55
CA UNK J 313 5.05 25.11 28.48
C UNK J 313 6.53 24.71 28.62
N UNK J 314 7.35 25.51 29.29
CA UNK J 314 8.77 25.14 29.48
C UNK J 314 8.96 24.07 30.54
N UNK J 315 8.25 24.26 31.67
CA UNK J 315 8.03 23.26 32.73
C UNK J 315 7.55 21.90 32.20
N UNK J 316 6.24 21.63 32.29
CA UNK J 316 5.65 20.39 31.81
C UNK J 316 6.22 19.95 30.47
N UNK J 317 7.51 20.22 30.27
CA UNK J 317 8.21 19.79 29.08
C UNK J 317 9.62 19.33 29.44
N UNK J 318 10.25 20.09 30.32
CA UNK J 318 11.50 19.67 30.95
C UNK J 318 11.22 18.50 31.87
N UNK J 319 9.97 18.37 32.34
CA UNK J 319 9.46 17.12 32.94
C UNK J 319 9.65 15.84 32.10
N UNK J 320 8.89 15.73 31.01
CA UNK J 320 9.05 14.67 30.00
C UNK J 320 10.50 14.58 29.49
N UNK J 321 11.33 15.48 29.97
CA UNK J 321 12.74 15.46 29.70
C UNK J 321 13.48 15.03 30.97
N UNK J 322 12.82 15.23 32.12
CA UNK J 322 13.40 15.00 33.42
C UNK J 322 13.28 13.55 33.84
N UNK J 323 12.31 12.80 33.29
CA UNK J 323 12.14 11.34 33.58
C UNK J 323 13.04 10.40 32.75
N UNK J 324 13.09 10.58 31.43
CA UNK J 324 14.02 9.82 30.59
C UNK J 324 15.49 10.26 30.68
N UNK J 405 -0.70 35.26 37.12
CA UNK J 405 -0.39 36.16 38.24
C UNK J 405 0.98 35.92 38.86
N UNK J 406 1.09 36.23 40.16
CA UNK J 406 2.17 35.71 41.03
C UNK J 406 2.01 34.20 41.37
N UNK J 407 0.78 33.68 41.17
CA UNK J 407 0.52 32.24 41.10
C UNK J 407 1.49 31.59 40.11
N UNK J 408 1.47 32.03 38.85
CA UNK J 408 2.49 31.60 37.91
C UNK J 408 3.83 32.32 38.12
N UNK J 409 3.84 33.27 39.04
CA UNK J 409 5.10 33.81 39.56
C UNK J 409 5.55 32.93 40.71
N UNK J 410 4.80 31.84 40.92
CA UNK J 410 5.23 30.69 41.70
C UNK J 410 5.52 29.54 40.73
N UNK J 411 4.48 29.14 39.98
CA UNK J 411 4.53 28.06 38.96
C UNK J 411 5.85 27.92 38.21
N UNK J 412 6.12 28.84 37.29
CA UNK J 412 7.37 28.77 36.59
C UNK J 412 8.52 29.24 37.47
N UNK J 413 8.20 29.73 38.69
CA UNK J 413 9.22 29.99 39.75
C UNK J 413 9.86 28.68 40.18
N UNK J 414 8.99 27.74 40.52
CA UNK J 414 9.35 26.33 40.79
C UNK J 414 10.09 25.72 39.61
N UNK J 415 9.31 25.32 38.59
CA UNK J 415 9.75 24.51 37.43
C UNK J 415 11.24 24.52 36.94
N UNK J 416 12.14 25.00 37.81
CA UNK J 416 13.56 25.10 37.49
C UNK J 416 14.44 25.03 38.75
N UNK J 417 13.82 25.25 39.91
CA UNK J 417 14.43 24.94 41.20
C UNK J 417 13.65 23.72 41.60
N UNK J 418 13.77 22.70 40.75
CA UNK J 418 12.96 21.49 40.82
C UNK J 418 13.87 20.28 40.55
N UNK J 419 14.59 20.37 39.43
CA UNK J 419 15.59 19.40 39.08
C UNK J 419 16.88 19.86 39.73
N UNK J 505 9.65 37.36 44.89
CA UNK J 505 8.93 37.75 46.12
C UNK J 505 9.05 36.86 47.41
N UNK J 506 8.01 36.91 48.24
CA UNK J 506 7.81 35.99 49.36
C UNK J 506 7.18 34.73 48.80
N UNK J 507 6.52 34.87 47.66
CA UNK J 507 6.28 33.74 46.80
C UNK J 507 7.67 33.04 46.71
N UNK J 508 8.57 33.73 46.01
CA UNK J 508 9.98 33.34 45.95
C UNK J 508 10.63 33.53 47.33
N UNK J 509 9.93 33.07 48.37
CA UNK J 509 10.44 32.98 49.76
C UNK J 509 10.02 31.70 50.46
N UNK J 510 8.86 31.69 51.13
CA UNK J 510 8.42 30.49 51.89
C UNK J 510 8.75 29.14 51.20
N UNK J 511 8.19 28.88 50.02
CA UNK J 511 8.46 27.64 49.31
C UNK J 511 9.63 27.81 48.35
N UNK J 512 10.61 28.60 48.77
CA UNK J 512 11.83 28.81 47.99
C UNK J 512 13.07 28.65 48.88
N UNK J 513 12.92 29.11 50.14
CA UNK J 513 13.88 28.84 51.19
C UNK J 513 13.43 27.55 51.82
N UNK J 514 12.16 27.46 52.26
CA UNK J 514 11.60 26.14 52.68
C UNK J 514 11.43 25.13 51.53
N UNK J 515 12.16 25.36 50.43
CA UNK J 515 12.36 24.43 49.28
C UNK J 515 13.86 24.13 49.13
N UNK J 516 14.61 24.47 50.19
CA UNK J 516 16.03 24.21 50.38
C UNK J 516 16.25 24.29 51.87
N UNK J 517 15.18 24.64 52.58
CA UNK J 517 14.93 24.21 53.97
C UNK J 517 13.77 23.19 53.90
N UNK J 518 13.74 22.49 52.75
CA UNK J 518 13.24 21.12 52.61
C UNK J 518 14.20 20.39 51.66
N UNK J 519 15.44 20.17 52.14
CA UNK J 519 16.52 19.53 51.33
C UNK J 519 16.98 18.18 51.90
N UNK J 605 10.44 43.39 53.18
CA UNK J 605 9.58 42.79 54.22
C UNK J 605 9.91 41.32 54.64
N UNK J 606 10.79 40.66 53.86
CA UNK J 606 11.01 39.17 53.84
C UNK J 606 11.65 38.44 55.07
N UNK J 607 12.96 38.58 55.27
CA UNK J 607 13.65 38.02 56.41
C UNK J 607 12.89 38.15 57.73
N UNK J 608 12.00 39.13 57.85
CA UNK J 608 11.21 39.31 59.10
C UNK J 608 9.67 39.40 58.94
N UNK J 609 9.17 38.99 57.79
CA UNK J 609 7.85 38.33 57.69
C UNK J 609 7.99 36.96 56.94
N UNK J 610 9.22 36.43 57.03
CA UNK J 610 9.51 34.99 57.03
C UNK J 610 9.41 34.50 58.46
N UNK J 611 10.23 35.10 59.35
CA UNK J 611 10.19 34.84 60.80
C UNK J 611 8.78 35.00 61.37
N UNK J 612 7.85 35.44 60.52
CA UNK J 612 6.45 35.65 60.89
C UNK J 612 5.57 34.46 60.54
N UNK J 613 6.17 33.51 59.82
CA UNK J 613 5.61 32.16 59.58
C UNK J 613 6.29 31.12 60.47
N UNK J 614 7.62 31.23 60.59
CA UNK J 614 8.38 30.52 61.59
C UNK J 614 7.68 30.71 62.94
N UNK J 615 6.49 31.30 62.87
CA UNK J 615 5.68 31.63 64.04
C UNK J 615 4.17 31.46 63.79
N UNK J 616 3.82 31.15 62.54
CA UNK J 616 2.46 30.73 62.15
C UNK J 616 2.29 29.23 62.45
N UNK J 617 3.24 28.44 61.96
CA UNK J 617 3.60 27.16 62.56
C UNK J 617 4.49 27.44 63.81
N UNK J 618 3.89 28.06 64.84
CA UNK J 618 4.57 28.37 66.11
C UNK J 618 3.59 28.77 67.23
N UNK J 705 10.71 55.06 53.08
CA UNK J 705 11.69 54.00 52.95
C UNK J 705 12.19 53.61 54.33
N UNK J 706 11.56 54.19 55.34
CA UNK J 706 11.97 53.96 56.72
C UNK J 706 10.98 53.03 57.49
N UNK J 707 9.99 52.51 56.77
CA UNK J 707 9.01 51.58 57.35
C UNK J 707 9.58 50.21 57.65
N UNK J 708 10.83 49.95 57.26
CA UNK J 708 11.52 48.69 57.56
C UNK J 708 11.48 48.29 59.05
N UNK J 709 12.44 48.80 59.84
CA UNK J 709 12.65 48.25 61.20
C UNK J 709 11.42 48.25 62.11
N UNK J 710 10.40 49.07 61.79
CA UNK J 710 9.15 49.10 62.61
C UNK J 710 8.34 47.82 62.41
N UNK J 711 8.25 47.39 61.15
CA UNK J 711 7.79 46.06 60.81
C UNK J 711 8.69 45.04 61.53
N UNK J 712 9.99 45.33 61.54
CA UNK J 712 10.94 44.48 62.23
C UNK J 712 10.85 44.61 63.76
N UNK J 713 10.62 45.80 64.30
CA UNK J 713 10.63 46.02 65.77
C UNK J 713 9.49 45.36 66.58
N UNK J 714 8.82 44.39 65.97
CA UNK J 714 7.96 43.45 66.68
C UNK J 714 7.83 42.21 65.82
N UNK J 715 8.89 41.94 65.07
CA UNK J 715 9.20 40.60 64.60
C UNK J 715 10.38 40.09 65.47
N UNK J 716 10.95 41.00 66.24
CA UNK J 716 11.93 40.64 67.23
C UNK J 716 11.31 40.96 68.57
N UNK J 805 -0.69 24.94 17.79
CA UNK J 805 0.70 25.21 18.15
C UNK J 805 0.76 25.29 19.68
N UNK J 806 -0.31 25.84 20.27
CA UNK J 806 -0.60 25.52 21.64
C UNK J 806 -0.74 24.01 21.60
N UNK J 807 -1.52 23.53 20.63
CA UNK J 807 -1.80 22.10 20.41
C UNK J 807 -0.64 21.15 20.69
N UNK J 808 0.39 21.11 19.82
CA UNK J 808 1.55 20.25 20.07
C UNK J 808 2.18 20.49 21.48
N UNK J 809 1.31 20.87 22.41
CA UNK J 809 1.58 20.95 23.84
C UNK J 809 0.34 20.44 24.61
N UNK J 810 -0.86 20.86 24.21
CA UNK J 810 -2.08 20.18 24.64
C UNK J 810 -2.01 18.61 24.34
N UNK J 811 -1.66 18.28 23.10
CA UNK J 811 -1.31 16.93 22.71
C UNK J 811 0.21 16.79 22.78
N UNK J 812 0.77 17.31 23.87
CA UNK J 812 2.21 17.15 24.18
C UNK J 812 2.55 16.41 25.47
N UNK J 813 1.71 16.56 26.49
CA UNK J 813 1.72 15.64 27.62
C UNK J 813 0.68 14.47 27.44
N UNK J 814 0.75 13.89 26.25
CA UNK J 814 0.19 12.60 25.99
C UNK J 814 1.37 11.61 26.19
N UNK J 815 2.54 11.97 25.65
CA UNK J 815 3.79 11.25 25.94
C UNK J 815 4.11 11.33 27.41
N UNK J 905 -7.95 27.33 16.27
CA UNK J 905 -6.89 26.35 16.49
C UNK J 905 -7.10 25.59 17.80
N UNK J 906 -7.82 26.21 18.73
CA UNK J 906 -8.24 25.58 20.00
C UNK J 906 -8.82 24.14 19.90
N UNK J 907 -10.09 23.95 20.29
CA UNK J 907 -10.75 22.63 20.34
C UNK J 907 -10.29 21.68 19.23
N UNK J 908 -9.21 22.05 18.58
CA UNK J 908 -8.49 21.08 17.81
C UNK J 908 -7.31 20.62 18.69
N UNK J 909 -6.76 21.56 19.46
CA UNK J 909 -5.63 21.31 20.41
C UNK J 909 -5.88 20.25 21.54
N UNK J 910 -6.49 20.67 22.66
CA UNK J 910 -6.97 19.77 23.70
C UNK J 910 -8.09 18.85 23.16
N UNK J 911 -7.78 18.23 22.02
CA UNK J 911 -8.71 17.38 21.33
C UNK J 911 -8.04 16.06 20.89
N UNK J 912 -6.90 16.12 20.17
CA UNK J 912 -6.23 14.89 19.71
C UNK J 912 -6.26 13.91 20.86
N UNK J 913 -5.57 14.27 21.94
CA UNK J 913 -5.61 13.59 23.24
C UNK J 913 -7.05 13.51 23.76
N UNK J 914 -7.93 13.22 22.82
CA UNK J 914 -9.27 12.77 23.07
C UNK J 914 -9.38 11.55 22.17
N UNK J 915 -9.25 11.74 20.87
CA UNK J 915 -9.09 10.63 19.89
C UNK J 915 -7.81 9.78 20.15
N UNK J 916 -7.07 10.14 21.21
CA UNK J 916 -5.90 9.40 21.64
C UNK J 916 -5.93 9.07 23.17
N UNK J 917 -6.74 9.77 23.96
CA UNK J 917 -6.88 9.40 25.36
C UNK J 917 -8.30 8.90 25.66
N UNK J 918 -9.02 8.53 24.61
CA UNK J 918 -10.21 7.68 24.70
C UNK J 918 -9.94 6.55 23.73
N UNK J 919 -8.80 6.63 23.08
CA UNK J 919 -8.21 5.47 22.48
C UNK J 919 -7.34 4.87 23.57
N UNK J 920 -6.56 5.70 24.28
CA UNK J 920 -5.62 5.24 25.33
C UNK J 920 -6.28 4.73 26.66
N UNK J 921 -7.60 4.53 26.58
CA UNK J 921 -8.39 3.74 27.51
C UNK J 921 -9.44 2.98 26.69
N UNK J 922 -8.95 2.45 25.58
CA UNK J 922 -9.49 1.22 24.99
C UNK J 922 -8.64 0.02 25.50
N UNK J 923 -7.31 0.25 25.59
CA UNK J 923 -6.36 -0.72 26.17
C UNK J 923 -6.30 -0.61 27.71
N UNK J 1005 -18.56 28.37 13.45
CA UNK J 1005 -17.50 27.56 12.83
C UNK J 1005 -16.79 26.60 13.82
N UNK J 1006 -17.37 26.49 15.02
CA UNK J 1006 -16.90 25.57 16.07
C UNK J 1006 -17.88 24.39 16.30
N UNK J 1007 -18.95 24.36 15.51
CA UNK J 1007 -19.89 23.23 15.55
C UNK J 1007 -19.21 22.03 14.88
N UNK J 1008 -18.37 22.29 13.90
CA UNK J 1008 -17.67 21.20 13.24
C UNK J 1008 -16.51 20.72 14.11
N UNK J 1009 -16.70 20.89 15.43
CA UNK J 1009 -15.85 20.31 16.46
C UNK J 1009 -16.57 19.14 17.11
N UNK J 1010 -17.54 19.44 17.97
CA UNK J 1010 -18.31 18.40 18.66
C UNK J 1010 -18.70 17.21 17.74
N UNK J 1011 -19.82 17.27 17.02
CA UNK J 1011 -20.30 16.09 16.28
C UNK J 1011 -19.28 15.49 15.29
N UNK J 1012 -18.01 15.87 15.52
CA UNK J 1012 -16.85 15.10 15.02
C UNK J 1012 -16.36 14.07 16.05
N UNK J 1013 -16.79 14.22 17.31
CA UNK J 1013 -16.77 13.15 18.30
C UNK J 1013 -17.53 11.93 17.76
N UNK J 1014 -18.84 12.08 17.60
CA UNK J 1014 -19.67 11.04 16.99
C UNK J 1014 -19.01 10.09 15.90
N UNK J 1015 -17.84 10.43 15.35
CA UNK J 1015 -17.27 9.58 14.27
C UNK J 1015 -15.74 9.47 14.15
N UNK J 1016 -15.05 9.58 15.28
CA UNK J 1016 -13.63 9.18 15.43
C UNK J 1016 -13.41 8.62 16.82
N UNK J 1017 -14.47 8.72 17.63
CA UNK J 1017 -14.79 7.77 18.69
C UNK J 1017 -15.60 6.61 18.04
N UNK J 1018 -16.85 6.89 17.67
CA UNK J 1018 -17.67 5.97 16.84
C UNK J 1018 -17.20 5.90 15.40
N UNK J 1019 -15.95 5.51 15.24
CA UNK J 1019 -15.36 5.18 13.94
C UNK J 1019 -14.98 3.69 13.91
N UNK J 1020 -15.17 3.04 15.07
CA UNK J 1020 -15.22 1.56 15.26
C UNK J 1020 -16.64 0.96 15.59
N UNK J 1105 -14.64 6.94 -3.18
CA UNK J 1105 -15.92 7.15 -2.50
C UNK J 1105 -15.77 7.14 -0.98
N UNK J 1106 -14.53 6.98 -0.53
CA UNK J 1106 -14.18 7.26 0.86
C UNK J 1106 -14.56 8.72 1.17
N UNK J 1107 -14.36 9.59 0.16
CA UNK J 1107 -14.45 11.06 0.30
C UNK J 1107 -15.86 11.63 0.08
N UNK J 1108 -16.86 11.06 0.73
CA UNK J 1108 -18.22 11.63 0.72
C UNK J 1108 -18.65 11.89 2.15
N UNK J 1109 -17.67 11.97 3.03
CA UNK J 1109 -17.82 12.66 4.30
C UNK J 1109 -17.09 13.97 4.08
N UNK J 1110 -16.03 13.87 3.27
CA UNK J 1110 -15.43 15.05 2.67
C UNK J 1110 -16.61 15.90 2.15
N UNK J 1111 -17.27 15.42 1.08
CA UNK J 1111 -18.53 15.97 0.58
C UNK J 1111 -19.50 16.34 1.71
N UNK J 1112 -19.50 15.59 2.81
CA UNK J 1112 -20.47 15.83 3.87
C UNK J 1112 -19.99 16.90 4.83
N UNK J 1113 -19.35 16.50 5.93
CA UNK J 1113 -19.07 17.40 7.08
C UNK J 1113 -18.20 18.62 6.79
N UNK J 1114 -17.32 18.54 5.79
CA UNK J 1114 -16.64 19.76 5.29
C UNK J 1114 -17.68 20.86 4.96
N UNK J 1115 -18.70 20.47 4.18
CA UNK J 1115 -19.90 21.25 4.02
C UNK J 1115 -20.35 21.74 5.38
N UNK J 1116 -20.80 20.82 6.23
CA UNK J 1116 -21.27 21.23 7.57
C UNK J 1116 -20.22 22.03 8.36
N UNK J 1117 -19.03 22.20 7.76
CA UNK J 1117 -18.00 23.11 8.29
C UNK J 1117 -18.01 24.45 7.52
N UNK J 1118 -19.17 24.77 6.97
CA UNK J 1118 -19.49 26.08 6.42
C UNK J 1118 -20.96 26.24 6.79
N UNK J 1119 -21.28 25.73 7.98
CA UNK J 1119 -22.65 25.68 8.50
C UNK J 1119 -22.59 25.75 9.99
N UNK J 1120 -21.36 25.71 10.50
CA UNK J 1120 -21.14 25.81 11.92
C UNK J 1120 -21.61 27.18 12.43
N UNK J 1205 -11.24 7.82 10.83
CA UNK J 1205 -9.84 7.41 10.94
C UNK J 1205 -9.03 8.11 9.86
N UNK J 1206 -9.26 7.72 8.61
CA UNK J 1206 -8.82 8.55 7.49
C UNK J 1206 -9.97 9.52 7.25
N UNK J 1207 -11.13 9.24 7.86
CA UNK J 1207 -12.15 10.26 8.01
C UNK J 1207 -11.75 11.10 9.20
N UNK J 1208 -10.48 11.00 9.57
CA UNK J 1208 -9.91 11.80 10.63
C UNK J 1208 -8.48 12.18 10.30
N UNK J 1209 -8.12 12.02 9.04
CA UNK J 1209 -7.07 12.85 8.45
C UNK J 1209 -7.81 13.99 7.67
N UNK J 1210 -8.67 13.59 6.72
CA UNK J 1210 -9.74 14.47 6.29
C UNK J 1210 -10.40 15.16 7.52
N UNK J 1211 -9.57 15.36 8.56
CA UNK J 1211 -9.96 16.05 9.76
C UNK J 1211 -8.73 16.59 10.42
N UNK J 1212 -7.56 16.22 9.96
CA UNK J 1212 -6.36 16.78 10.56
C UNK J 1212 -5.96 18.00 9.77
N UNK J 1213 -6.24 17.92 8.47
CA UNK J 1213 -6.10 19.04 7.50
C UNK J 1213 -7.01 20.25 7.85
N UNK J 1214 -8.27 19.97 8.23
CA UNK J 1214 -9.08 20.87 9.02
C UNK J 1214 -8.12 21.34 10.10
N UNK J 1215 -7.73 20.43 10.98
CA UNK J 1215 -6.82 20.81 12.07
C UNK J 1215 -5.50 21.36 11.50
N UNK J 1216 -5.39 21.39 10.18
CA UNK J 1216 -4.27 22.07 9.55
C UNK J 1216 -4.53 23.57 9.44
N UNK J 1217 -5.80 23.97 9.44
CA UNK J 1217 -6.12 25.43 9.29
C UNK J 1217 -5.69 26.28 10.51
N UNK J 1305 -0.66 1.78 16.04
CA UNK J 1305 -1.92 2.07 15.37
C UNK J 1305 -2.67 3.05 16.26
N UNK J 1306 -3.64 2.62 17.04
CA UNK J 1306 -4.40 3.59 17.85
C UNK J 1306 -3.60 4.77 18.47
N UNK J 1307 -2.27 4.69 18.50
CA UNK J 1307 -1.46 5.89 18.78
C UNK J 1307 -0.20 5.96 17.91
N UNK J 1308 -0.08 5.04 16.94
CA UNK J 1308 0.77 5.31 15.78
C UNK J 1308 -0.08 6.06 14.71
N UNK J 1309 -1.39 6.11 14.99
CA UNK J 1309 -2.30 7.06 14.42
C UNK J 1309 -1.69 8.38 14.79
N UNK J 1310 -1.94 8.84 16.00
CA UNK J 1310 -1.27 10.05 16.44
C UNK J 1310 0.28 9.93 16.45
N UNK J 1311 0.82 8.88 15.84
CA UNK J 1311 2.24 8.86 15.61
C UNK J 1311 2.37 9.38 14.20
N UNK J 1312 1.31 9.10 13.43
CA UNK J 1312 1.16 9.59 12.07
C UNK J 1312 1.23 11.12 12.10
N UNK J 1313 0.44 11.72 13.00
CA UNK J 1313 0.44 13.18 13.18
C UNK J 1313 1.83 13.78 13.25
N UNK J 1314 2.44 13.86 14.43
CA UNK J 1314 3.79 14.45 14.58
C UNK J 1314 4.84 13.93 13.58
N UNK J 1315 4.33 13.39 12.48
CA UNK J 1315 5.11 13.14 11.28
C UNK J 1315 4.33 13.74 10.09
N UNK J 1316 3.39 14.62 10.43
CA UNK J 1316 2.55 15.30 9.43
C UNK J 1316 2.29 16.79 9.82
N UNK J 1317 3.27 17.34 10.55
CA UNK J 1317 3.39 18.76 10.78
C UNK J 1317 4.87 18.96 10.80
N UNK J 1318 5.55 18.07 11.51
CA UNK J 1318 6.98 18.20 11.75
C UNK J 1318 7.87 17.77 10.54
N UNK J 1319 7.23 17.63 9.37
CA UNK J 1319 7.92 17.81 8.07
C UNK J 1319 7.40 19.06 7.30
N UNK J 1320 6.23 19.56 7.69
CA UNK J 1320 5.82 20.90 7.31
C UNK J 1320 6.65 21.88 8.16
N UNK J 1321 5.99 22.53 9.11
CA UNK J 1321 6.58 23.60 9.91
C UNK J 1321 8.09 23.62 9.77
N UNK J 1322 8.70 22.44 9.95
CA UNK J 1322 10.16 22.28 10.16
C UNK J 1322 11.08 22.61 8.95
N UNK J 1405 12.16 9.81 19.82
CA UNK J 1405 10.91 9.48 19.12
C UNK J 1405 9.74 10.13 19.81
N UNK J 1406 9.85 10.21 21.13
CA UNK J 1406 9.01 11.09 21.89
C UNK J 1406 9.79 12.38 22.22
N UNK J 1407 11.11 12.27 22.35
CA UNK J 1407 11.93 13.49 22.52
C UNK J 1407 11.70 14.37 21.30
N UNK J 1408 11.88 13.79 20.12
CA UNK J 1408 11.48 14.41 18.88
C UNK J 1408 10.17 15.17 19.06
N UNK J 1409 9.08 14.45 19.20
CA UNK J 1409 7.79 15.07 19.30
C UNK J 1409 7.72 16.07 20.45
N UNK J 1410 8.87 16.65 20.82
CA UNK J 1410 8.96 17.80 21.74
C UNK J 1410 10.38 18.29 21.94
N UNK J 1411 11.22 18.04 20.97
CA UNK J 1411 12.47 18.77 20.83
C UNK J 1411 12.05 19.75 19.79
N UNK J 1412 11.60 19.21 18.64
CA UNK J 1412 10.91 19.97 17.56
C UNK J 1412 9.74 20.84 18.08
N UNK J 1413 8.67 20.22 18.58
CA UNK J 1413 7.60 20.98 19.29
C UNK J 1413 8.14 21.91 20.39
N UNK J 1414 9.45 22.16 20.33
CA UNK J 1414 10.14 23.14 21.13
C UNK J 1414 11.45 23.55 20.46
N UNK J 1415 11.68 23.11 19.22
CA UNK J 1415 12.79 23.67 18.45
C UNK J 1415 12.28 24.96 17.80
N UNK J 1416 11.16 24.87 17.09
CA UNK J 1416 10.35 26.04 16.73
C UNK J 1416 9.81 26.64 18.02
N UNK J 1417 10.57 26.44 19.11
CA UNK J 1417 10.59 27.33 20.26
C UNK J 1417 11.86 28.19 20.14
N UNK J 1418 12.80 27.73 19.31
CA UNK J 1418 13.90 28.59 18.85
C UNK J 1418 13.33 29.82 18.13
N UNK J 1419 12.11 29.67 17.62
CA UNK J 1419 11.57 30.53 16.57
C UNK J 1419 10.05 30.54 16.51
N UNK J 1420 9.41 30.82 17.64
CA UNK J 1420 7.97 31.13 17.64
C UNK J 1420 7.78 32.60 18.03
N UNK J 1421 8.91 33.15 18.49
CA UNK J 1421 9.02 34.49 19.05
C UNK J 1421 10.36 35.09 18.62
N UNK J 1422 11.16 34.32 17.86
CA UNK J 1422 12.31 34.92 17.24
C UNK J 1422 11.69 36.08 16.45
N UNK J 1423 10.61 35.79 15.71
CA UNK J 1423 9.86 36.82 14.97
C UNK J 1423 8.56 37.23 15.68
N UNK J 1505 20.88 25.67 27.49
CA UNK J 1505 20.72 26.97 26.84
C UNK J 1505 19.32 27.59 27.04
N UNK J 1506 18.29 26.95 26.46
CA UNK J 1506 16.94 27.51 26.31
C UNK J 1506 16.34 28.20 27.52
N UNK J 1507 17.08 28.18 28.63
CA UNK J 1507 16.72 28.91 29.86
C UNK J 1507 16.74 30.42 29.62
N UNK J 1508 17.72 30.85 28.82
CA UNK J 1508 17.72 32.17 28.18
C UNK J 1508 16.28 32.56 27.84
N UNK J 1509 15.53 31.63 27.24
CA UNK J 1509 14.09 31.80 27.00
C UNK J 1509 13.17 31.37 28.18
N UNK J 1510 13.69 31.43 29.40
CA UNK J 1510 12.87 31.11 30.58
C UNK J 1510 12.87 32.23 31.59
N UNK J 1511 13.95 33.02 31.58
CA UNK J 1511 13.89 34.40 32.07
C UNK J 1511 13.24 35.26 30.94
N UNK J 1512 13.76 35.07 29.72
CA UNK J 1512 13.15 35.59 28.50
C UNK J 1512 11.75 35.02 28.28
N UNK J 1513 11.13 34.64 29.38
CA UNK J 1513 9.76 34.24 29.36
C UNK J 1513 9.05 34.90 30.54
N UNK J 1514 9.77 35.79 31.24
CA UNK J 1514 9.18 36.59 32.34
C UNK J 1514 8.57 37.90 31.81
N UNK J 1605 20.82 27.28 35.63
CA UNK J 1605 20.01 28.48 35.43
C UNK J 1605 20.24 29.48 36.55
N UNK J 1606 21.38 29.39 37.20
CA UNK J 1606 21.67 30.27 38.32
C UNK J 1606 21.43 31.70 37.90
N UNK J 1607 22.24 32.14 36.94
CA UNK J 1607 22.17 33.47 36.31
C UNK J 1607 20.88 33.66 35.52
N UNK J 1608 20.50 32.66 34.73
CA UNK J 1608 19.13 32.61 34.23
C UNK J 1608 18.12 32.62 35.41
N UNK J 1609 18.62 32.99 36.60
CA UNK J 1609 17.79 33.45 37.71
C UNK J 1609 18.54 34.46 38.63
N UNK J 1610 19.73 34.87 38.18
CA UNK J 1610 20.45 36.08 38.71
C UNK J 1610 19.66 37.36 38.33
N UNK J 1611 19.44 37.48 37.03
CA UNK J 1611 18.48 38.41 36.44
C UNK J 1611 17.08 37.77 36.43
N UNK J 1612 16.45 37.73 37.60
CA UNK J 1612 15.14 37.10 37.76
C UNK J 1612 14.31 37.78 38.85
N UNK J 1613 14.96 38.27 39.90
CA UNK J 1613 14.39 39.37 40.67
C UNK J 1613 14.29 40.47 39.61
N UNK J 1614 15.22 40.40 38.64
CA UNK J 1614 15.33 41.29 37.48
C UNK J 1614 14.85 40.59 36.24
N UNK J 1705 21.35 25.05 47.34
CA UNK J 1705 22.09 26.18 46.72
C UNK J 1705 21.16 27.28 46.17
N UNK J 1706 19.88 27.21 46.54
CA UNK J 1706 18.91 28.25 46.17
C UNK J 1706 19.18 29.52 47.02
N UNK J 1707 19.18 29.36 48.35
CA UNK J 1707 19.56 30.41 49.26
C UNK J 1707 21.03 30.72 49.09
N UNK J 1708 21.62 30.24 48.02
CA UNK J 1708 22.85 30.84 47.56
C UNK J 1708 22.42 31.79 46.48
N UNK J 1709 21.81 31.22 45.44
CA UNK J 1709 21.20 31.96 44.35
C UNK J 1709 20.57 33.23 44.89
N UNK J 1710 19.50 33.10 45.66
CA UNK J 1710 18.78 34.28 46.16
C UNK J 1710 19.44 35.03 47.36
N UNK J 1711 20.60 34.56 47.78
CA UNK J 1711 21.44 35.33 48.65
C UNK J 1711 22.78 35.32 47.97
N UNK J 1712 22.69 35.43 46.63
CA UNK J 1712 23.77 35.96 45.79
C UNK J 1712 23.14 36.74 44.60
N UNK J 1713 21.86 37.07 44.79
CA UNK J 1713 21.11 37.96 43.93
C UNK J 1713 20.43 38.83 44.92
N UNK J 1714 21.18 39.13 45.98
CA UNK J 1714 20.82 40.03 47.09
C UNK J 1714 21.93 40.08 48.12
N UNK J 1805 18.15 27.81 56.56
CA UNK J 1805 18.14 28.57 57.83
C UNK J 1805 19.53 28.87 58.44
N UNK J 1806 19.49 29.44 59.65
CA UNK J 1806 20.69 29.83 60.43
C UNK J 1806 21.81 30.56 59.69
N UNK J 1807 22.65 29.80 59.01
CA UNK J 1807 23.71 30.39 58.22
C UNK J 1807 23.06 31.10 57.05
N UNK J 1808 21.76 31.36 57.22
CA UNK J 1808 20.97 32.24 56.38
C UNK J 1808 20.29 33.28 57.25
N UNK J 1809 19.64 32.83 58.32
CA UNK J 1809 18.93 33.72 59.25
C UNK J 1809 19.39 35.21 59.27
N UNK J 1810 20.65 35.49 59.65
CA UNK J 1810 21.13 36.87 59.70
C UNK J 1810 22.05 37.25 58.51
N UNK J 1811 21.45 37.22 57.34
CA UNK J 1811 22.08 37.78 56.15
C UNK J 1811 21.12 38.82 55.49
N UNK J 1812 19.87 38.84 55.96
CA UNK J 1812 18.93 39.97 55.78
C UNK J 1812 18.51 40.55 57.15
N UNK J 1813 19.51 40.59 58.02
CA UNK J 1813 19.66 41.58 59.05
C UNK J 1813 21.14 41.92 58.98
N UNK J 1814 21.77 41.51 57.87
CA UNK J 1814 22.97 42.18 57.33
C UNK J 1814 22.52 43.22 56.26
N UNK J 1815 22.21 42.74 55.05
CA UNK J 1815 21.50 43.56 54.06
C UNK J 1815 20.65 44.59 54.81
N UNK J 1816 19.48 44.16 55.24
CA UNK J 1816 18.54 45.06 55.87
C UNK J 1816 18.92 45.48 57.29
N UNK J 1817 20.21 45.59 57.60
CA UNK J 1817 20.60 46.09 58.92
C UNK J 1817 21.39 47.40 58.78
N UNK J 1818 22.24 47.44 57.75
CA UNK J 1818 22.89 48.66 57.36
C UNK J 1818 21.73 49.65 57.10
N UNK J 1819 20.91 49.37 56.06
CA UNK J 1819 19.62 50.04 55.74
C UNK J 1819 18.69 50.28 56.95
N UNK J 1820 19.27 50.30 58.14
CA UNK J 1820 18.61 50.57 59.39
C UNK J 1820 18.79 52.04 59.78
N UNK J 1821 20.04 52.51 59.68
CA UNK J 1821 20.35 53.94 59.72
C UNK J 1821 20.11 54.52 58.30
N UNK J 1822 19.97 53.65 57.31
CA UNK J 1822 19.78 54.11 55.95
C UNK J 1822 18.30 54.14 55.52
N UNK J 1823 17.41 54.01 56.50
CA UNK J 1823 15.96 53.93 56.27
C UNK J 1823 15.41 55.22 55.65
N UNK J 1905 19.48 31.74 69.91
CA UNK J 1905 18.77 32.94 69.41
C UNK J 1905 19.04 34.25 70.25
N UNK J 1906 20.30 34.43 70.61
CA UNK J 1906 20.72 35.56 71.43
C UNK J 1906 20.97 36.81 70.58
N UNK J 1907 21.85 36.70 69.59
CA UNK J 1907 22.06 37.78 68.60
C UNK J 1907 20.82 38.09 67.70
N UNK J 1908 19.73 37.37 67.95
CA UNK J 1908 18.40 37.83 67.62
C UNK J 1908 18.08 38.94 68.61
N UNK J 1909 19.02 39.10 69.55
CA UNK J 1909 19.15 40.30 70.36
C UNK J 1909 20.53 40.97 70.20
N UNK J 1910 21.12 40.89 69.00
CA UNK J 1910 22.24 41.77 68.59
C UNK J 1910 21.70 42.78 67.62
N UNK J 1911 21.31 42.32 66.41
CA UNK J 1911 20.57 43.13 65.39
C UNK J 1911 19.19 43.53 65.92
N UNK J 1912 19.06 43.56 67.25
CA UNK J 1912 17.94 44.15 67.94
C UNK J 1912 18.50 45.19 68.92
N UNK J 1913 19.83 45.24 68.99
CA UNK J 1913 20.58 46.33 69.64
C UNK J 1913 21.46 47.06 68.62
N UNK J 1914 21.73 46.42 67.49
CA UNK J 1914 22.35 47.08 66.35
C UNK J 1914 21.29 47.47 65.29
N UNK J 1915 20.01 47.47 65.72
CA UNK J 1915 18.92 48.07 64.94
C UNK J 1915 17.93 48.73 65.90
N UNK J 1916 18.49 49.43 66.89
CA UNK J 1916 17.79 50.49 67.64
C UNK J 1916 18.78 51.46 68.33
N UNK J 1917 19.79 51.86 67.56
CA UNK J 1917 20.60 53.05 67.83
C UNK J 1917 21.08 53.51 66.46
N UNK J 1918 20.67 52.72 65.46
CA UNK J 1918 20.53 53.15 64.06
C UNK J 1918 19.14 53.76 63.96
N UNK J 1919 18.45 53.78 65.12
CA UNK J 1919 17.10 54.31 65.30
C UNK J 1919 17.16 55.78 65.76
N UNK J 1920 16.79 56.04 67.02
CA UNK J 1920 16.86 57.39 67.59
C UNK J 1920 17.91 58.30 66.92
N UNK J 1921 18.92 57.65 66.31
CA UNK J 1921 20.11 58.27 65.68
C UNK J 1921 19.91 59.63 65.00
N UNK J 1922 19.44 59.57 63.75
CA UNK J 1922 18.99 60.76 63.05
C UNK J 1922 17.83 61.52 63.75
N UNK J 1923 17.03 60.83 64.58
CA UNK J 1923 15.98 61.48 65.38
C UNK J 1923 16.65 62.32 66.46
N UNK J 1924 17.75 62.95 66.03
CA UNK J 1924 18.53 63.94 66.77
C UNK J 1924 19.17 64.92 65.77
N UNK J 1925 19.53 64.41 64.59
CA UNK J 1925 20.12 65.22 63.50
C UNK J 1925 19.56 64.77 62.13
N UNK J 2005 8.29 61.35 56.89
CA UNK J 2005 7.74 60.66 58.07
C UNK J 2005 6.29 60.23 57.87
N UNK J 2006 6.03 59.70 56.67
CA UNK J 2006 4.82 58.91 56.41
C UNK J 2006 5.00 57.40 56.83
N UNK J 2007 5.83 57.18 57.86
CA UNK J 2007 5.91 55.88 58.51
C UNK J 2007 4.57 55.62 59.19
N UNK J 2008 4.14 56.58 60.00
CA UNK J 2008 2.81 56.55 60.62
C UNK J 2008 1.67 56.78 59.60
N UNK J 2009 1.96 56.56 58.32
CA UNK J 2009 0.91 56.20 57.35
C UNK J 2009 0.68 54.68 57.45
N UNK J 2010 1.75 53.92 57.16
CA UNK J 2010 1.82 52.47 57.41
C UNK J 2010 1.48 52.18 58.87
N UNK J 2011 2.53 52.06 59.69
CA UNK J 2011 2.41 51.66 61.09
C UNK J 2011 1.25 52.33 61.82
N UNK J 2012 0.26 52.83 61.08
CA UNK J 2012 -0.91 53.51 61.67
C UNK J 2012 -2.26 53.36 60.90
N UNK J 2013 -2.16 53.15 59.60
CA UNK J 2013 -3.37 52.80 58.88
C UNK J 2013 -3.62 51.33 59.14
N UNK J 2014 -2.51 50.56 59.12
CA UNK J 2014 -2.54 49.08 59.19
C UNK J 2014 -2.59 48.56 60.61
N UNK J 2015 -2.66 49.46 61.59
CA UNK J 2015 -2.94 49.10 62.97
C UNK J 2015 -4.36 49.55 63.34
N UNK J 2016 -5.24 49.58 62.33
CA UNK J 2016 -6.58 50.21 62.44
C UNK J 2016 -7.80 49.27 62.21
N UNK J 2017 -7.66 48.26 61.33
CA UNK J 2017 -8.52 47.05 61.32
C UNK J 2017 -8.30 46.38 62.65
N UNK J 2018 -7.02 46.31 63.07
CA UNK J 2018 -6.61 45.75 64.35
C UNK J 2018 -7.08 46.57 65.55
N UNK J 2105 -18.60 50.84 84.51
CA UNK J 2105 -18.10 50.11 83.34
C UNK J 2105 -16.60 50.43 83.02
N UNK J 2106 -15.82 50.56 84.11
CA UNK J 2106 -14.41 51.05 84.15
C UNK J 2106 -13.41 50.39 83.18
N UNK J 2107 -13.54 49.08 83.00
CA UNK J 2107 -12.84 48.38 81.93
C UNK J 2107 -12.89 49.17 80.62
N UNK J 2108 -14.07 49.79 80.37
CA UNK J 2108 -14.34 50.50 79.12
C UNK J 2108 -13.30 51.57 78.77
N UNK J 2109 -13.02 52.47 79.73
CA UNK J 2109 -11.91 53.46 79.66
C UNK J 2109 -10.49 52.84 79.79
N UNK J 2110 -10.31 51.71 79.11
CA UNK J 2110 -9.02 51.01 78.91
C UNK J 2110 -9.00 50.55 77.43
N UNK J 2111 -10.07 50.98 76.75
CA UNK J 2111 -10.31 50.80 75.30
C UNK J 2111 -11.07 52.01 74.68
N UNK J 2112 -11.96 52.62 75.47
CA UNK J 2112 -12.52 53.92 75.14
C UNK J 2112 -11.32 54.85 75.18
N UNK J 2113 -10.97 55.37 76.37
CA UNK J 2113 -9.78 56.24 76.48
C UNK J 2113 -8.53 55.69 75.75
N UNK J 2114 -8.76 54.73 74.85
CA UNK J 2114 -7.74 54.21 73.97
C UNK J 2114 -8.19 54.28 72.51
N UNK J 2115 -9.50 54.49 72.27
CA UNK J 2115 -9.94 55.05 70.97
C UNK J 2115 -9.26 56.40 70.92
N UNK J 2116 -9.32 57.10 72.07
CA UNK J 2116 -8.68 58.41 72.29
C UNK J 2116 -7.15 58.42 72.07
N UNK J 2117 -6.51 57.28 72.33
CA UNK J 2117 -5.04 57.19 72.40
C UNK J 2117 -4.34 57.34 71.06
N UNK J 2118 -4.88 56.68 70.04
CA UNK J 2118 -4.36 56.88 68.70
C UNK J 2118 -4.95 58.17 68.09
N UNK J 2119 -6.02 58.69 68.72
CA UNK J 2119 -6.51 60.00 68.39
C UNK J 2119 -5.32 60.90 68.69
N UNK J 2120 -4.84 60.95 69.94
CA UNK J 2120 -3.65 61.75 70.29
C UNK J 2120 -2.41 61.50 69.39
N UNK J 2121 -2.50 60.48 68.54
CA UNK J 2121 -1.49 60.24 67.52
C UNK J 2121 -2.03 60.58 66.09
N UNK J 2122 -3.34 60.39 65.88
CA UNK J 2122 -4.04 61.01 64.74
C UNK J 2122 -3.88 62.53 64.90
N UNK J 2123 -3.81 62.97 66.15
CA UNK J 2123 -3.52 64.35 66.47
C UNK J 2123 -2.06 64.70 66.20
N UNK J 2124 -1.14 63.76 66.39
CA UNK J 2124 0.30 64.09 66.29
C UNK J 2124 1.04 63.28 65.24
N UNK J 2125 0.25 62.56 64.45
CA UNK J 2125 0.73 62.08 63.17
C UNK J 2125 0.33 63.19 62.19
N UNK J 2126 -0.73 63.90 62.60
CA UNK J 2126 -1.27 65.02 61.84
C UNK J 2126 -0.46 66.28 62.09
N UNK J 2127 0.34 66.26 63.13
CA UNK J 2127 1.13 67.42 63.51
C UNK J 2127 2.29 67.67 62.53
N UNK J 2128 3.17 66.68 62.37
CA UNK J 2128 4.37 66.85 61.55
C UNK J 2128 4.09 66.92 60.02
N UNK J 2129 2.88 67.39 59.68
CA UNK J 2129 2.37 67.39 58.32
C UNK J 2129 3.11 68.32 57.35
N UNK J 2205 -1.72 76.99 72.75
CA UNK J 2205 -1.14 76.09 71.74
C UNK J 2205 0.35 75.95 71.97
N UNK J 2206 0.94 76.96 72.60
CA UNK J 2206 2.33 76.84 73.10
C UNK J 2206 2.28 76.05 74.39
N UNK J 2207 1.10 75.53 74.65
CA UNK J 2207 0.88 74.49 75.65
C UNK J 2207 0.13 73.34 74.93
N UNK J 2208 -1.20 73.29 75.07
CA UNK J 2208 -2.05 72.40 74.26
C UNK J 2208 -1.22 71.51 73.34
N UNK J 2209 -0.81 71.98 72.17
CA UNK J 2209 -0.02 71.16 71.26
C UNK J 2209 1.35 70.77 71.85
N UNK J 2210 1.43 70.74 73.18
CA UNK J 2210 2.65 70.33 73.90
C UNK J 2210 2.38 69.96 75.37
N UNK J 2211 1.11 69.90 75.72
CA UNK J 2211 0.66 69.20 76.92
C UNK J 2211 -0.21 68.07 76.43
N UNK J 2212 -0.75 68.20 75.24
CA UNK J 2212 -1.23 67.04 74.54
C UNK J 2212 0.04 66.47 74.02
N UNK J 2213 0.92 66.20 74.98
CA UNK J 2213 2.19 65.51 74.80
C UNK J 2213 2.70 65.08 76.17
N UNK J 2214 2.63 65.99 77.14
CA UNK J 2214 3.01 65.75 78.55
C UNK J 2214 1.96 64.92 79.33
N UNK J 2215 0.94 64.48 78.61
CA UNK J 2215 -0.01 63.53 79.14
C UNK J 2215 -0.30 62.49 78.07
N UNK J 2216 0.12 62.74 76.85
CA UNK J 2216 -0.07 61.69 75.83
C UNK J 2216 1.05 60.62 75.88
N UNK J 2217 2.26 61.04 75.54
CA UNK J 2217 3.47 60.23 75.75
C UNK J 2217 3.58 59.65 77.18
N UNK J 2218 2.45 59.65 77.89
CA UNK J 2218 2.39 59.35 79.31
C UNK J 2218 1.02 58.80 79.71
N UNK J 2219 0.13 58.64 78.73
CA UNK J 2219 -1.16 58.08 79.03
C UNK J 2219 -1.18 56.64 78.54
N UNK J 2305 9.87 74.34 70.71
CA UNK J 2305 10.71 75.06 69.76
C UNK J 2305 10.37 74.78 68.28
N UNK J 2306 11.13 73.93 67.58
CA UNK J 2306 10.86 73.75 66.14
C UNK J 2306 9.42 73.33 65.92
N UNK J 2307 8.63 73.29 66.99
CA UNK J 2307 7.18 73.14 66.93
C UNK J 2307 6.42 74.09 67.89
N UNK J 2308 7.17 74.84 68.69
CA UNK J 2308 6.65 76.04 69.41
C UNK J 2308 7.32 77.31 68.85
N UNK J 2309 7.61 77.25 67.55
CA UNK J 2309 8.24 78.34 66.79
C UNK J 2309 7.77 78.20 65.31
N UNK J 2310 8.38 77.25 64.56
CA UNK J 2310 7.90 76.85 63.25
C UNK J 2310 6.39 76.60 63.25
N UNK J 2311 5.72 76.83 64.38
CA UNK J 2311 4.27 76.68 64.46
C UNK J 2311 3.55 77.93 64.99
N UNK J 2312 4.34 78.87 65.47
CA UNK J 2312 3.80 80.13 66.00
C UNK J 2312 3.59 81.29 64.98
N UNK J 2313 3.75 80.99 63.67
CA UNK J 2313 3.64 82.02 62.59
C UNK J 2313 2.83 81.66 61.32
N UNK J 2314 3.12 80.53 60.64
CA UNK J 2314 2.47 80.19 59.35
C UNK J 2314 0.97 80.05 59.47
N UNK J 2315 0.48 80.55 60.59
CA UNK J 2315 -0.90 80.89 60.79
C UNK J 2315 -0.95 82.13 61.71
N UNK J 2405 8.30 48.79 67.68
CA UNK J 2405 7.38 49.84 67.19
C UNK J 2405 6.04 49.86 67.94
N UNK J 2406 6.02 49.19 69.09
CA UNK J 2406 5.04 49.42 70.16
C UNK J 2406 5.75 50.20 71.26
N UNK J 2407 7.05 50.43 70.98
CA UNK J 2407 7.86 51.36 71.73
C UNK J 2407 8.86 52.15 70.83
N UNK J 2408 8.77 51.98 69.52
CA UNK J 2408 9.52 52.86 68.62
C UNK J 2408 8.64 54.07 68.24
N UNK J 2409 7.47 53.83 67.64
CA UNK J 2409 6.59 54.95 67.35
C UNK J 2409 6.67 55.87 68.58
N UNK J 2410 6.45 55.30 69.76
CA UNK J 2410 6.46 55.97 71.08
C UNK J 2410 6.89 57.46 71.17
N UNK J 2411 7.43 57.86 72.32
CA UNK J 2411 8.06 59.17 72.56
C UNK J 2411 8.89 59.68 71.39
N UNK J 2412 9.24 58.80 70.46
CA UNK J 2412 9.84 59.26 69.22
C UNK J 2412 9.05 60.48 68.62
N UNK J 2413 7.79 60.64 69.05
CA UNK J 2413 7.00 61.86 68.90
C UNK J 2413 7.09 62.63 70.20
N UNK J 2414 8.33 63.04 70.51
CA UNK J 2414 8.64 64.11 71.47
C UNK J 2414 10.13 64.52 71.48
N UNK J 2415 10.84 64.34 70.36
CA UNK J 2415 12.08 65.13 70.06
C UNK J 2415 11.81 66.64 70.11
N UNK J 2416 10.61 66.99 69.58
CA UNK J 2416 9.82 68.21 69.82
C UNK J 2416 9.98 68.80 71.21
N UNK J 2505 -11.11 65.26 73.64
CA UNK J 2505 -11.01 66.72 73.58
C UNK J 2505 -9.58 67.22 73.29
N UNK J 2506 -8.60 66.41 73.75
CA UNK J 2506 -7.16 66.68 73.61
C UNK J 2506 -6.60 66.21 72.24
N UNK J 2507 -7.54 65.85 71.38
CA UNK J 2507 -7.37 65.77 69.92
C UNK J 2507 -8.78 65.94 69.27
N UNK J 2508 -9.69 66.48 70.08
CA UNK J 2508 -10.76 67.34 69.60
C UNK J 2508 -10.09 68.71 69.52
N UNK J 2509 -8.91 68.81 70.16
CA UNK J 2509 -7.99 69.88 69.90
C UNK J 2509 -7.43 69.74 68.50
N UNK J 2510 -6.16 69.36 68.34
CA UNK J 2510 -5.56 69.17 67.01
C UNK J 2510 -6.51 68.44 66.04
N UNK J 2511 -7.80 68.55 66.37
CA UNK J 2511 -8.92 68.09 65.54
C UNK J 2511 -9.03 68.92 64.31
N UNK J 2512 -9.69 70.07 64.51
CA UNK J 2512 -9.77 71.16 63.53
C UNK J 2512 -8.43 71.91 63.29
N UNK J 2513 -7.52 71.94 64.27
CA UNK J 2513 -6.19 72.50 64.09
C UNK J 2513 -5.55 72.08 62.75
N UNK J 2514 -4.47 71.30 62.74
CA UNK J 2514 -3.78 70.89 61.47
C UNK J 2514 -4.71 70.55 60.28
N UNK J 2515 -5.97 71.01 60.37
CA UNK J 2515 -7.01 70.91 59.33
C UNK J 2515 -7.43 72.32 58.78
N UNK J 2516 -8.03 73.15 59.64
CA UNK J 2516 -8.10 74.61 59.44
C UNK J 2516 -6.68 75.22 59.52
N UNK J 2517 -5.73 74.43 59.04
CA UNK J 2517 -4.34 74.78 58.83
C UNK J 2517 -3.89 73.93 57.64
N UNK J 2518 -4.60 72.81 57.44
CA UNK J 2518 -4.47 72.01 56.20
C UNK J 2518 -5.10 72.81 55.08
N UNK J 2519 -6.09 73.62 55.49
CA UNK J 2519 -6.74 74.61 54.63
C UNK J 2519 -5.72 75.55 53.99
N UNK J 2520 -4.69 75.94 54.74
CA UNK J 2520 -3.60 76.84 54.28
C UNK J 2520 -3.22 76.70 52.81
N UNK J 2521 -2.11 76.04 52.51
CA UNK J 2521 -1.74 75.75 51.12
C UNK J 2521 -2.93 75.29 50.22
N UNK J 2605 -10.90 77.13 78.11
CA UNK J 2605 -9.51 77.38 77.76
C UNK J 2605 -9.15 76.79 76.40
N UNK J 2606 -10.19 76.27 75.73
CA UNK J 2606 -10.17 76.02 74.29
C UNK J 2606 -11.42 76.72 73.77
N UNK J 2607 -11.74 77.81 74.49
CA UNK J 2607 -12.62 78.92 74.07
C UNK J 2607 -11.95 80.25 74.46
N UNK J 2608 -10.83 80.58 73.79
CA UNK J 2608 -9.99 81.78 74.05
C UNK J 2608 -8.90 82.23 73.04
N UNK J 2609 -8.86 81.66 71.82
CA UNK J 2609 -7.92 82.09 70.72
C UNK J 2609 -7.96 81.34 69.36
N UNK J 2610 -9.10 80.72 69.04
CA UNK J 2610 -9.25 80.01 67.77
C UNK J 2610 -10.42 80.62 66.99
N UNK J 2611 -11.44 81.01 67.76
CA UNK J 2611 -12.40 82.03 67.35
C UNK J 2611 -11.71 83.36 67.68
N UNK J 2612 -10.39 83.35 67.42
CA UNK J 2612 -9.50 84.52 67.22
C UNK J 2612 -8.36 84.11 66.24
N UNK J 2613 -8.25 82.79 66.01
CA UNK J 2613 -7.52 82.22 64.86
C UNK J 2613 -8.50 82.33 63.70
N UNK J 2614 -9.69 82.76 64.12
CA UNK J 2614 -10.67 83.55 63.36
C UNK J 2614 -10.99 84.87 64.14
N UNK J 2615 -10.02 85.79 64.11
CA UNK J 2615 -10.10 87.22 64.58
C UNK J 2615 -8.85 88.17 64.37
N UNK J 2616 -7.62 87.71 64.64
CA UNK J 2616 -6.43 88.48 64.22
C UNK J 2616 -6.01 87.98 62.84
N UNK J 2617 -6.97 87.28 62.22
CA UNK J 2617 -7.15 87.29 60.78
C UNK J 2617 -8.53 87.92 60.47
N UNK J 2618 -8.96 88.83 61.36
CA UNK J 2618 -9.93 89.89 61.02
C UNK J 2618 -9.17 91.18 60.68
N UNK J 2619 -7.87 91.16 60.95
CA UNK J 2619 -6.93 91.97 60.23
C UNK J 2619 -6.61 91.28 58.88
N UNK J 2620 -6.35 89.96 58.89
CA UNK J 2620 -5.61 89.29 57.78
C UNK J 2620 -6.39 88.45 56.73
N UNK J 2621 -7.70 88.36 56.89
CA UNK J 2621 -8.52 87.94 55.76
C UNK J 2621 -8.89 89.24 55.10
N UNK J 2622 -9.42 90.16 55.93
CA UNK J 2622 -9.96 91.44 55.52
C UNK J 2622 -8.98 92.61 55.73
N UNK K 105 -51.51 39.68 63.36
CA UNK K 105 -52.89 40.22 63.14
C UNK K 105 -53.92 39.67 64.15
N UNK K 106 -54.37 40.54 65.06
CA UNK K 106 -55.29 40.13 66.13
C UNK K 106 -56.32 41.20 66.59
N UNK K 107 -55.81 42.41 66.90
CA UNK K 107 -56.64 43.62 67.11
C UNK K 107 -57.27 43.97 65.77
N UNK K 108 -56.52 43.68 64.71
CA UNK K 108 -57.06 43.57 63.38
C UNK K 108 -58.55 43.23 63.49
N UNK K 109 -58.83 41.93 63.51
CA UNK K 109 -60.20 41.42 63.77
C UNK K 109 -60.82 41.64 65.19
N UNK K 110 -60.02 42.13 66.15
CA UNK K 110 -60.48 42.56 67.48
C UNK K 110 -61.03 43.96 67.37
N UNK K 111 -60.45 44.70 66.43
CA UNK K 111 -60.96 46.00 65.97
C UNK K 111 -61.83 45.81 64.72
N UNK K 112 -61.67 44.66 64.05
CA UNK K 112 -62.56 44.28 62.93
C UNK K 112 -64.06 44.09 63.30
N UNK K 113 -64.42 42.99 63.98
CA UNK K 113 -65.83 42.65 64.10
C UNK K 113 -66.56 42.82 65.46
N UNK K 114 -66.00 43.65 66.33
CA UNK K 114 -66.79 44.23 67.42
C UNK K 114 -66.86 45.77 67.19
N UNK K 115 -66.17 46.16 66.12
CA UNK K 115 -66.17 47.53 65.56
C UNK K 115 -67.10 47.68 64.33
N UNK K 116 -67.04 46.71 63.39
CA UNK K 116 -68.14 46.54 62.44
C UNK K 116 -69.36 46.13 63.27
N UNK K 117 -69.27 46.37 64.57
CA UNK K 117 -70.40 46.32 65.44
C UNK K 117 -70.60 47.74 65.99
N UNK K 118 -70.28 48.71 65.14
CA UNK K 118 -70.76 50.12 65.25
C UNK K 118 -71.56 50.51 63.98
N UNK K 119 -71.38 49.70 62.94
CA UNK K 119 -72.15 49.75 61.71
C UNK K 119 -73.48 49.04 61.86
N UNK K 120 -74.04 49.03 63.08
CA UNK K 120 -75.34 48.39 63.30
C UNK K 120 -76.09 48.80 64.60
N UNK K 205 -66.61 61.68 59.29
CA UNK K 205 -65.87 61.33 58.10
C UNK K 205 -66.71 60.46 57.22
N UNK K 206 -68.02 60.56 57.43
CA UNK K 206 -69.05 59.84 56.65
C UNK K 206 -68.68 58.50 55.92
N UNK K 207 -68.97 58.41 54.62
CA UNK K 207 -68.88 57.14 53.90
C UNK K 207 -67.44 56.57 53.71
N UNK K 208 -66.62 56.81 54.73
CA UNK K 208 -65.30 56.16 54.85
C UNK K 208 -65.03 55.75 56.33
N UNK K 209 -65.74 56.37 57.25
CA UNK K 209 -65.89 55.77 58.56
C UNK K 209 -66.77 54.52 58.33
N UNK K 210 -66.82 54.09 57.07
CA UNK K 210 -67.43 52.81 56.69
C UNK K 210 -66.50 51.93 55.82
N UNK K 211 -66.23 52.29 54.57
CA UNK K 211 -65.35 51.47 53.75
C UNK K 211 -64.04 51.09 54.49
N UNK K 212 -63.67 51.93 55.46
CA UNK K 212 -62.67 51.55 56.49
C UNK K 212 -62.92 50.10 57.00
N UNK K 213 -63.85 49.92 57.93
CA UNK K 213 -64.39 48.60 58.21
C UNK K 213 -64.08 47.65 57.07
N UNK K 214 -64.94 47.61 56.07
CA UNK K 214 -64.79 46.67 54.93
C UNK K 214 -63.39 46.57 54.27
N UNK K 215 -62.53 47.56 54.52
CA UNK K 215 -61.11 47.49 54.11
C UNK K 215 -60.23 46.73 55.15
N UNK K 216 -60.57 46.93 56.42
CA UNK K 216 -59.99 46.17 57.51
C UNK K 216 -60.51 44.73 57.44
N UNK K 217 -61.84 44.57 57.44
CA UNK K 217 -62.48 43.27 57.28
C UNK K 217 -61.73 42.43 56.28
N UNK K 218 -61.66 42.89 55.04
CA UNK K 218 -61.02 42.10 53.99
C UNK K 218 -59.49 41.92 54.10
N UNK K 219 -58.86 42.74 54.94
CA UNK K 219 -57.41 42.64 55.16
C UNK K 219 -57.18 41.49 56.09
N UNK K 220 -58.15 41.36 57.01
CA UNK K 220 -58.18 40.28 57.98
C UNK K 220 -58.94 39.09 57.41
N UNK K 221 -59.43 39.18 56.17
CA UNK K 221 -59.93 38.00 55.51
C UNK K 221 -58.72 37.10 55.43
N UNK K 222 -58.11 36.99 54.25
CA UNK K 222 -56.93 36.17 54.11
C UNK K 222 -56.05 36.15 55.40
N UNK K 223 -56.39 36.94 56.40
CA UNK K 223 -55.71 36.85 57.70
C UNK K 223 -55.99 35.51 58.37
N UNK K 224 -57.27 35.13 58.41
CA UNK K 224 -57.73 33.82 58.94
C UNK K 224 -57.21 32.74 58.01
N UNK K 225 -57.38 32.96 56.71
CA UNK K 225 -56.79 32.09 55.73
C UNK K 225 -55.25 32.09 55.90
N UNK K 226 -54.83 31.89 57.15
CA UNK K 226 -53.41 31.80 57.49
C UNK K 226 -53.13 31.40 58.94
N UNK K 227 -53.69 30.25 59.32
CA UNK K 227 -53.19 29.37 60.42
C UNK K 227 -53.03 27.95 59.90
N UNK K 305 -45.80 43.49 58.81
CA UNK K 305 -45.82 44.50 57.75
C UNK K 305 -46.92 45.54 58.03
N UNK K 306 -47.78 45.78 57.02
CA UNK K 306 -49.04 46.55 57.08
C UNK K 306 -49.48 47.15 58.44
N UNK K 307 -48.70 46.96 59.52
CA UNK K 307 -49.03 47.45 60.87
C UNK K 307 -49.49 48.91 60.87
N UNK K 308 -48.67 49.76 60.24
CA UNK K 308 -49.08 51.08 59.86
C UNK K 308 -50.58 50.98 59.84
N UNK K 309 -51.06 50.15 58.92
CA UNK K 309 -52.47 50.02 58.53
C UNK K 309 -53.44 49.80 59.69
N UNK K 310 -53.03 50.09 60.91
CA UNK K 310 -53.97 50.10 62.01
C UNK K 310 -53.66 51.21 62.99
N UNK K 311 -52.43 51.71 62.90
CA UNK K 311 -52.01 52.84 63.72
C UNK K 311 -52.35 54.08 62.93
N UNK K 312 -52.46 53.95 61.60
CA UNK K 312 -53.18 54.92 60.75
C UNK K 312 -54.70 54.76 60.95
N UNK K 313 -55.18 53.52 60.78
CA UNK K 313 -56.60 53.18 60.93
C UNK K 313 -57.16 53.26 62.37
N UNK K 314 -56.28 53.21 63.37
CA UNK K 314 -56.71 53.15 64.76
C UNK K 314 -57.72 54.27 65.03
N UNK K 315 -57.16 55.48 65.11
CA UNK K 315 -57.85 56.74 65.39
C UNK K 315 -58.53 57.49 64.17
N UNK K 316 -58.10 57.23 62.93
CA UNK K 316 -58.79 57.72 61.72
C UNK K 316 -60.27 57.46 61.88
N UNK K 317 -60.58 56.41 62.64
CA UNK K 317 -61.89 56.19 63.24
C UNK K 317 -61.89 56.58 64.75
N UNK K 318 -60.77 56.26 65.41
CA UNK K 318 -60.64 56.37 66.88
C UNK K 318 -60.23 57.76 67.40
N UNK K 319 -60.91 58.79 66.89
CA UNK K 319 -60.89 60.15 67.48
C UNK K 319 -62.07 61.01 66.97
N UNK K 320 -63.23 60.38 66.82
CA UNK K 320 -64.38 61.05 66.24
C UNK K 320 -65.67 60.31 66.58
N UNK K 405 -61.16 67.27 53.05
CA UNK K 405 -60.58 66.34 52.06
C UNK K 405 -59.22 66.79 51.48
N UNK K 406 -58.41 67.32 52.40
CA UNK K 406 -57.01 67.64 52.15
C UNK K 406 -56.12 66.42 52.44
N UNK K 407 -56.33 65.85 53.63
CA UNK K 407 -55.71 64.61 54.11
C UNK K 407 -56.41 63.45 53.42
N UNK K 408 -57.70 63.32 53.72
CA UNK K 408 -58.53 62.24 53.16
C UNK K 408 -58.31 62.03 51.66
N UNK K 409 -57.05 62.09 51.25
CA UNK K 409 -56.65 62.26 49.88
C UNK K 409 -55.37 61.53 49.65
N UNK K 410 -54.57 61.49 50.72
CA UNK K 410 -53.34 60.64 50.82
C UNK K 410 -53.55 59.54 51.83
N UNK K 411 -54.48 59.75 52.76
CA UNK K 411 -55.03 58.69 53.60
C UNK K 411 -55.15 57.43 52.72
N UNK K 412 -55.91 57.58 51.64
CA UNK K 412 -55.92 56.64 50.55
C UNK K 412 -54.49 56.25 50.19
N UNK K 413 -53.69 57.21 49.77
CA UNK K 413 -52.43 56.96 49.07
C UNK K 413 -51.68 55.69 49.44
N UNK K 414 -51.62 55.42 50.75
CA UNK K 414 -51.02 54.18 51.25
C UNK K 414 -52.06 52.99 51.28
N UNK K 415 -52.28 52.38 50.12
CA UNK K 415 -53.35 51.44 49.95
C UNK K 415 -53.16 50.85 48.58
N UNK K 505 -52.20 76.49 45.98
CA UNK K 505 -52.40 76.21 47.40
C UNK K 505 -53.80 75.62 47.66
N UNK K 506 -54.25 74.81 46.71
CA UNK K 506 -55.37 73.89 46.92
C UNK K 506 -55.19 72.57 46.11
N UNK K 507 -53.93 72.26 45.77
CA UNK K 507 -53.57 71.06 45.00
C UNK K 507 -52.05 70.67 45.03
N UNK K 508 -51.19 71.58 45.45
CA UNK K 508 -49.81 71.21 45.64
C UNK K 508 -49.65 71.08 47.12
N UNK K 509 -50.81 71.00 47.76
CA UNK K 509 -50.96 70.41 49.10
C UNK K 509 -51.40 68.96 48.87
N UNK K 510 -52.49 68.75 48.11
CA UNK K 510 -52.87 67.42 47.63
C UNK K 510 -51.74 66.88 46.78
N UNK K 511 -50.54 67.27 47.20
CA UNK K 511 -49.25 66.87 46.68
C UNK K 511 -48.15 67.25 47.68
N UNK K 512 -48.56 67.96 48.72
CA UNK K 512 -47.66 68.28 49.82
C UNK K 512 -47.64 67.08 50.72
N UNK K 513 -48.83 66.47 50.87
CA UNK K 513 -49.08 65.22 51.64
C UNK K 513 -48.65 64.02 50.82
N UNK K 514 -49.01 63.98 49.54
CA UNK K 514 -48.38 63.06 48.59
C UNK K 514 -46.85 63.28 48.48
N UNK K 515 -46.37 64.36 49.11
CA UNK K 515 -44.95 64.62 49.18
C UNK K 515 -44.38 63.71 50.24
N UNK K 516 -45.29 63.27 51.12
CA UNK K 516 -45.02 62.42 52.31
C UNK K 516 -45.23 60.91 52.03
N UNK K 605 -33.87 65.17 70.18
CA UNK K 605 -33.81 66.38 69.37
C UNK K 605 -33.22 66.13 67.97
N UNK K 606 -31.98 65.63 67.92
CA UNK K 606 -31.31 65.20 66.68
C UNK K 606 -32.11 65.51 65.44
N UNK K 607 -32.08 64.63 64.43
CA UNK K 607 -32.91 64.80 63.20
C UNK K 607 -34.41 64.52 63.44
N UNK K 608 -34.87 64.90 64.63
CA UNK K 608 -36.15 64.49 65.15
C UNK K 608 -37.06 65.69 65.26
N UNK K 609 -36.49 66.82 65.70
CA UNK K 609 -37.08 68.14 65.53
C UNK K 609 -37.15 68.42 64.00
N UNK K 610 -36.00 68.30 63.32
CA UNK K 610 -35.94 68.39 61.85
C UNK K 610 -37.26 68.01 61.17
N UNK K 611 -37.29 66.93 60.38
CA UNK K 611 -38.50 66.49 59.68
C UNK K 611 -39.80 67.09 60.26
N UNK K 612 -39.83 67.18 61.60
CA UNK K 612 -40.95 67.78 62.35
C UNK K 612 -41.19 69.25 62.00
N UNK K 613 -40.14 70.06 62.20
CA UNK K 613 -40.14 71.48 61.81
C UNK K 613 -40.63 71.61 60.36
N UNK K 614 -39.83 71.11 59.43
CA UNK K 614 -40.26 71.05 58.05
C UNK K 614 -41.66 70.37 57.86
N UNK K 615 -42.16 69.67 58.89
CA UNK K 615 -43.42 68.88 58.82
C UNK K 615 -44.81 69.63 58.95
N UNK K 616 -44.97 70.44 60.01
CA UNK K 616 -46.13 71.33 60.11
C UNK K 616 -45.99 72.37 59.02
N UNK K 617 -44.85 72.32 58.32
CA UNK K 617 -44.45 73.31 57.32
C UNK K 617 -45.46 73.39 56.20
N UNK K 618 -45.75 72.24 55.58
CA UNK K 618 -46.88 72.16 54.66
C UNK K 618 -48.10 72.90 55.24
N UNK K 619 -48.47 72.60 56.47
CA UNK K 619 -49.58 73.28 57.12
C UNK K 619 -49.13 74.43 58.06
N UNK K 705 -30.28 44.12 63.70
CA UNK K 705 -30.48 45.12 64.78
C UNK K 705 -31.51 46.26 64.44
N UNK K 706 -31.15 47.07 63.44
CA UNK K 706 -31.85 48.32 63.02
C UNK K 706 -33.42 48.32 62.97
N UNK K 707 -33.96 47.61 61.93
CA UNK K 707 -35.33 47.75 61.39
C UNK K 707 -36.48 47.79 62.41
N UNK K 708 -36.11 47.81 63.68
CA UNK K 708 -37.03 47.89 64.80
C UNK K 708 -37.58 49.29 64.74
N UNK K 709 -36.64 50.21 64.50
CA UNK K 709 -36.85 51.68 64.56
C UNK K 709 -37.13 52.28 63.18
N UNK K 710 -36.35 51.84 62.17
CA UNK K 710 -36.45 52.29 60.76
C UNK K 710 -37.88 52.29 60.11
N UNK K 711 -38.88 52.42 60.99
CA UNK K 711 -40.24 52.91 60.71
C UNK K 711 -41.13 52.94 62.00
N UNK K 712 -40.49 53.16 63.15
CA UNK K 712 -41.16 53.69 64.34
C UNK K 712 -40.36 54.91 64.84
N UNK K 713 -39.32 55.22 64.06
CA UNK K 713 -38.93 56.62 63.78
C UNK K 713 -40.08 57.38 63.03
N UNK K 714 -40.33 56.92 61.81
CA UNK K 714 -41.54 57.14 61.01
C UNK K 714 -42.88 57.04 61.72
N UNK K 715 -43.83 56.65 60.89
CA UNK K 715 -45.18 56.18 61.23
C UNK K 715 -45.97 56.73 62.43
N UNK K 716 -45.29 57.13 63.52
CA UNK K 716 -45.96 58.00 64.47
C UNK K 716 -46.42 59.10 63.51
N UNK K 717 -45.45 59.67 62.79
CA UNK K 717 -45.69 60.48 61.62
C UNK K 717 -46.79 59.93 60.68
N UNK K 718 -47.02 58.63 60.63
CA UNK K 718 -48.01 58.12 59.69
C UNK K 718 -49.38 58.33 60.28
N UNK K 719 -49.49 58.04 61.56
CA UNK K 719 -50.65 58.46 62.29
C UNK K 719 -50.54 59.97 62.28
N UNK K 720 -49.36 60.51 62.65
CA UNK K 720 -49.18 61.93 62.64
C UNK K 720 -49.51 62.45 61.26
N UNK K 721 -49.77 61.52 60.31
CA UNK K 721 -50.39 61.84 59.00
C UNK K 721 -51.91 62.00 59.16
N UNK K 722 -52.71 60.93 59.11
CA UNK K 722 -54.15 61.09 59.27
C UNK K 722 -54.48 61.62 60.65
N UNK K 723 -53.44 62.11 61.32
CA UNK K 723 -53.53 62.69 62.67
C UNK K 723 -54.18 64.03 62.56
N UNK K 724 -53.70 64.77 61.55
CA UNK K 724 -54.21 66.10 61.19
C UNK K 724 -55.38 65.92 60.21
N UNK K 725 -56.50 65.53 60.80
CA UNK K 725 -57.74 65.28 60.06
C UNK K 725 -58.91 64.95 61.00
N UNK K 726 -58.97 65.68 62.12
CA UNK K 726 -60.19 65.78 62.96
C UNK K 726 -60.08 66.87 64.06
N UNK K 805 -37.82 64.78 45.25
CA UNK K 805 -37.01 65.49 46.24
C UNK K 805 -37.73 65.58 47.59
N UNK K 806 -38.75 64.75 47.76
CA UNK K 806 -39.38 64.49 49.07
C UNK K 806 -38.71 63.32 49.86
N UNK K 807 -38.33 62.26 49.13
CA UNK K 807 -37.70 61.07 49.68
C UNK K 807 -36.40 61.34 50.49
N UNK K 808 -35.31 61.66 49.80
CA UNK K 808 -34.00 61.80 50.47
C UNK K 808 -34.16 62.47 51.82
N UNK K 809 -34.85 63.59 51.84
CA UNK K 809 -35.24 64.27 53.08
C UNK K 809 -36.17 63.43 53.98
N UNK K 810 -37.22 62.85 53.40
CA UNK K 810 -38.07 61.89 54.11
C UNK K 810 -37.17 60.88 54.79
N UNK K 811 -36.16 60.41 54.03
CA UNK K 811 -35.10 59.57 54.58
C UNK K 811 -34.22 60.37 55.56
N UNK K 812 -33.48 61.34 55.04
CA UNK K 812 -32.62 62.20 55.88
C UNK K 812 -33.17 62.51 57.30
N UNK K 813 -34.45 62.83 57.38
CA UNK K 813 -35.07 63.14 58.68
C UNK K 813 -35.64 61.90 59.38
N UNK K 814 -35.48 60.75 58.72
CA UNK K 814 -35.88 59.45 59.28
C UNK K 814 -35.08 58.93 60.52
N UNK K 815 -34.37 59.84 61.24
CA UNK K 815 -33.56 59.46 62.40
C UNK K 815 -34.32 59.63 63.70
N UNK K 905 -20.11 58.48 71.84
CA UNK K 905 -19.71 57.62 70.72
C UNK K 905 -20.90 57.27 69.79
N UNK K 906 -21.58 56.13 70.01
CA UNK K 906 -22.85 55.91 69.32
C UNK K 906 -23.81 57.00 69.79
N UNK K 907 -23.30 57.90 70.64
CA UNK K 907 -23.86 59.26 70.75
C UNK K 907 -23.72 59.93 69.37
N UNK K 908 -22.55 60.53 69.11
CA UNK K 908 -22.24 61.19 67.82
C UNK K 908 -23.52 61.58 67.12
N UNK K 909 -23.74 60.99 65.94
CA UNK K 909 -24.84 61.38 65.05
C UNK K 909 -26.20 61.78 65.66
N UNK K 910 -26.32 61.81 66.99
CA UNK K 910 -27.43 62.53 67.58
C UNK K 910 -26.98 63.83 68.27
N UNK K 911 -25.73 64.24 67.96
CA UNK K 911 -25.31 65.66 67.87
C UNK K 911 -25.43 66.14 66.39
N UNK K 912 -24.47 65.74 65.57
CA UNK K 912 -24.40 66.18 64.19
C UNK K 912 -25.65 65.84 63.38
N UNK K 913 -26.83 66.30 63.81
CA UNK K 913 -28.07 66.02 63.04
C UNK K 913 -28.79 67.29 62.52
N UNK K 914 -29.41 68.01 63.46
CA UNK K 914 -29.64 69.45 63.38
C UNK K 914 -28.30 70.18 63.14
N UNK K 915 -27.64 69.76 62.07
CA UNK K 915 -26.51 70.44 61.52
C UNK K 915 -27.05 70.74 60.13
N UNK K 916 -27.08 69.71 59.30
CA UNK K 916 -27.84 69.79 58.07
C UNK K 916 -29.12 70.57 58.37
N UNK K 917 -29.68 70.44 59.57
CA UNK K 917 -30.98 71.05 59.85
C UNK K 917 -30.86 72.53 59.68
N UNK K 918 -30.18 73.24 60.58
CA UNK K 918 -29.90 74.66 60.36
C UNK K 918 -28.91 74.91 59.19
N UNK K 919 -29.15 74.22 58.06
CA UNK K 919 -28.31 74.20 56.84
C UNK K 919 -28.98 73.56 55.62
N UNK K 920 -30.27 73.31 55.74
CA UNK K 920 -31.18 73.02 54.62
C UNK K 920 -32.56 73.27 55.20
N UNK K 921 -32.52 73.65 56.48
CA UNK K 921 -33.29 74.73 57.01
C UNK K 921 -32.12 75.72 57.26
N UNK K 922 -31.24 75.78 56.25
CA UNK K 922 -30.39 76.97 55.87
C UNK K 922 -29.99 77.07 54.32
N UNK K 923 -30.94 76.62 53.50
CA UNK K 923 -30.89 76.88 52.10
C UNK K 923 -32.08 76.40 51.32
N UNK K 924 -33.27 76.81 51.79
CA UNK K 924 -34.44 76.99 50.87
C UNK K 924 -35.60 77.85 51.43
N UNK K 1005 -27.31 85.78 44.40
CA UNK K 1005 -27.69 84.54 45.14
C UNK K 1005 -26.97 84.39 46.51
N UNK K 1006 -25.62 84.54 46.45
CA UNK K 1006 -24.64 84.44 47.56
C UNK K 1006 -25.11 85.03 48.89
N UNK K 1007 -26.38 85.36 48.97
CA UNK K 1007 -26.93 85.77 50.22
C UNK K 1007 -26.44 84.72 51.23
N UNK K 1008 -26.43 83.47 50.74
CA UNK K 1008 -26.36 82.16 51.49
C UNK K 1008 -24.93 81.61 51.83
N UNK K 1009 -24.16 81.27 50.80
CA UNK K 1009 -22.72 81.04 50.99
C UNK K 1009 -22.05 81.71 52.24
N UNK K 1010 -22.28 82.98 52.57
CA UNK K 1010 -21.54 83.54 53.72
C UNK K 1010 -22.35 83.41 54.99
N UNK K 1011 -23.53 82.84 54.81
CA UNK K 1011 -24.20 82.16 55.90
C UNK K 1011 -23.50 80.82 55.99
N UNK K 1012 -23.34 80.17 54.82
CA UNK K 1012 -22.55 78.94 54.69
C UNK K 1012 -21.03 79.13 55.05
N UNK K 1013 -20.15 79.38 54.07
CA UNK K 1013 -18.70 79.48 54.32
C UNK K 1013 -18.32 80.39 55.53
N UNK K 1014 -19.26 80.46 56.46
CA UNK K 1014 -18.99 80.63 57.87
C UNK K 1014 -20.25 80.09 58.56
N UNK K 1015 -20.61 78.87 58.14
CA UNK K 1015 -21.48 77.87 58.84
C UNK K 1015 -20.62 76.86 59.63
N UNK K 1016 -19.62 76.32 58.92
CA UNK K 1016 -18.32 76.01 59.46
C UNK K 1016 -17.71 77.24 60.18
N UNK K 1105 -19.80 81.34 42.71
CA UNK K 1105 -19.77 80.62 43.98
C UNK K 1105 -19.53 79.11 43.77
N UNK K 1106 -18.67 78.77 42.80
CA UNK K 1106 -18.26 77.37 42.57
C UNK K 1106 -16.89 77.09 43.22
N UNK K 1107 -16.82 77.49 44.49
CA UNK K 1107 -15.73 77.23 45.44
C UNK K 1107 -16.24 77.75 46.77
N UNK K 1108 -17.56 77.92 46.82
CA UNK K 1108 -18.34 77.88 48.05
C UNK K 1108 -18.95 76.48 48.00
N UNK K 1109 -18.39 75.69 47.08
CA UNK K 1109 -18.20 74.26 47.29
C UNK K 1109 -16.97 74.17 48.24
N UNK K 1110 -15.79 73.98 47.65
CA UNK K 1110 -14.60 73.75 48.46
C UNK K 1110 -14.46 74.56 49.76
N UNK K 1111 -15.58 74.93 50.40
CA UNK K 1111 -15.58 75.29 51.82
C UNK K 1111 -16.93 75.12 52.50
N UNK K 1112 -17.67 74.10 52.05
CA UNK K 1112 -18.53 73.27 52.95
C UNK K 1112 -18.02 71.78 53.04
N UNK K 1113 -17.75 71.19 51.87
CA UNK K 1113 -16.81 70.09 51.75
C UNK K 1113 -15.59 70.46 52.55
N UNK K 1114 -15.72 70.34 53.88
CA UNK K 1114 -14.57 70.37 54.82
C UNK K 1114 -14.89 69.87 56.29
N UNK K 1205 -26.08 60.91 53.48
CA UNK K 1205 -26.64 62.18 53.97
C UNK K 1205 -26.20 63.47 53.19
N UNK K 1206 -25.18 64.21 53.70
CA UNK K 1206 -24.67 65.42 53.01
C UNK K 1206 -24.21 65.06 51.62
N UNK K 1207 -25.13 64.40 50.92
CA UNK K 1207 -25.04 64.13 49.50
C UNK K 1207 -26.38 64.49 48.80
N UNK K 1208 -27.23 65.18 49.56
CA UNK K 1208 -28.26 66.08 49.05
C UNK K 1208 -28.46 67.19 50.09
N UNK K 1209 -27.31 67.70 50.53
CA UNK K 1209 -27.19 68.84 51.44
C UNK K 1209 -25.78 69.30 51.16
N UNK K 1210 -25.38 69.07 49.91
CA UNK K 1210 -24.23 69.70 49.28
C UNK K 1210 -24.41 69.46 47.77
N UNK K 1211 -25.66 69.13 47.42
CA UNK K 1211 -26.27 69.58 46.14
C UNK K 1211 -27.14 70.84 46.46
N UNK K 1212 -28.44 70.62 46.74
CA UNK K 1212 -29.30 71.60 47.38
C UNK K 1212 -28.70 72.14 48.70
N UNK K 1213 -27.42 72.52 48.62
CA UNK K 1213 -26.80 73.44 49.58
C UNK K 1213 -25.76 74.42 48.97
N UNK K 1214 -25.60 74.32 47.65
CA UNK K 1214 -25.14 75.44 46.78
C UNK K 1214 -25.84 75.46 45.38
N UNK K 1215 -26.79 74.54 45.16
CA UNK K 1215 -27.89 74.80 44.25
C UNK K 1215 -28.62 75.69 45.19
N UNK K 1216 -27.94 76.81 45.44
CA UNK K 1216 -28.43 77.96 46.20
C UNK K 1216 -27.69 79.29 45.80
N UNK K 1217 -26.37 79.31 45.88
CA UNK K 1217 -25.57 80.44 45.39
C UNK K 1217 -25.15 80.17 43.96
N UNK K 1218 -26.06 79.49 43.27
CA UNK K 1218 -26.06 79.29 41.81
C UNK K 1218 -27.38 78.60 41.38
N UNK L 105 -32.34 10.34 -15.57
CA UNK L 105 -32.90 11.45 -16.40
C UNK L 105 -33.79 12.39 -15.57
N UNK L 106 -35.01 12.63 -16.06
CA UNK L 106 -35.93 13.72 -15.63
C UNK L 106 -35.46 14.85 -14.64
N UNK L 107 -35.63 14.63 -13.34
CA UNK L 107 -35.47 15.64 -12.27
C UNK L 107 -34.15 16.50 -12.16
N UNK L 108 -33.38 16.54 -13.25
CA UNK L 108 -32.05 17.12 -13.21
C UNK L 108 -31.75 17.83 -14.50
N UNK L 109 -32.59 17.53 -15.49
CA UNK L 109 -32.60 18.25 -16.76
C UNK L 109 -33.29 19.63 -16.53
N UNK L 110 -33.68 19.83 -15.27
CA UNK L 110 -34.35 21.02 -14.80
C UNK L 110 -33.84 21.32 -13.39
N UNK L 111 -32.53 21.25 -13.23
CA UNK L 111 -31.90 21.40 -11.92
C UNK L 111 -30.61 22.14 -12.11
N UNK L 112 -29.74 21.54 -12.91
CA UNK L 112 -28.60 22.27 -13.40
C UNK L 112 -29.12 23.55 -14.13
N UNK L 113 -29.81 23.32 -15.25
CA UNK L 113 -30.66 24.32 -15.90
C UNK L 113 -31.75 24.88 -14.97
N UNK L 114 -31.43 24.98 -13.69
CA UNK L 114 -32.29 25.64 -12.72
C UNK L 114 -31.44 26.10 -11.57
N UNK L 115 -30.15 26.30 -11.86
CA UNK L 115 -29.36 27.37 -11.23
C UNK L 115 -28.70 28.25 -12.31
N UNK L 116 -28.73 27.77 -13.56
CA UNK L 116 -28.69 28.64 -14.72
C UNK L 116 -30.04 29.38 -14.66
N UNK L 117 -31.10 28.83 -15.26
CA UNK L 117 -32.42 29.47 -15.15
C UNK L 117 -32.68 29.94 -13.72
N UNK L 118 -31.61 30.40 -13.08
CA UNK L 118 -31.63 31.05 -11.79
C UNK L 118 -30.61 32.24 -11.78
N UNK L 119 -29.36 31.97 -11.40
CA UNK L 119 -28.33 33.00 -11.45
C UNK L 119 -28.00 33.37 -12.91
N UNK L 120 -28.62 32.64 -13.83
CA UNK L 120 -28.84 33.17 -15.16
C UNK L 120 -30.34 33.43 -15.34
N UNK L 121 -30.85 34.20 -14.37
CA UNK L 121 -31.96 35.16 -14.56
C UNK L 121 -31.51 36.57 -14.07
N UNK L 205 -39.85 34.50 -0.43
CA UNK L 205 -39.38 33.93 -1.69
C UNK L 205 -37.91 33.53 -1.66
N UNK L 206 -37.23 33.85 -0.56
CA UNK L 206 -35.77 33.72 -0.43
C UNK L 206 -35.21 32.33 -0.79
N UNK L 207 -34.08 31.99 -0.14
CA UNK L 207 -33.50 30.62 -0.03
C UNK L 207 -33.96 29.61 -1.07
N UNK L 208 -35.15 29.09 -0.82
CA UNK L 208 -35.83 28.09 -1.64
C UNK L 208 -35.68 28.28 -3.15
N UNK L 209 -34.47 28.59 -3.59
CA UNK L 209 -34.14 28.73 -4.98
C UNK L 209 -32.77 28.07 -5.20
N UNK L 210 -31.77 28.49 -4.41
CA UNK L 210 -30.50 27.74 -4.27
C UNK L 210 -30.57 26.90 -2.97
N UNK L 211 -31.81 26.40 -2.75
CA UNK L 211 -32.24 25.36 -1.79
C UNK L 211 -33.60 24.81 -2.31
N UNK L 212 -33.68 24.69 -3.63
CA UNK L 212 -34.81 24.10 -4.34
C UNK L 212 -34.25 23.56 -5.67
N UNK L 213 -32.93 23.55 -5.73
CA UNK L 213 -32.21 22.61 -6.58
C UNK L 213 -31.30 21.79 -5.63
N UNK L 214 -31.43 22.02 -4.32
CA UNK L 214 -31.08 21.00 -3.36
C UNK L 214 -32.04 19.89 -3.78
N UNK L 215 -33.35 20.18 -3.66
CA UNK L 215 -34.39 19.30 -4.19
C UNK L 215 -33.84 18.66 -5.44
N UNK L 216 -33.72 19.44 -6.47
CA UNK L 216 -33.18 18.85 -7.68
C UNK L 216 -31.64 18.71 -7.63
N UNK L 217 -31.18 17.78 -6.76
CA UNK L 217 -29.77 17.30 -6.69
C UNK L 217 -29.54 16.08 -5.78
N UNK L 218 -29.98 16.21 -4.52
CA UNK L 218 -29.79 15.23 -3.43
C UNK L 218 -30.21 13.80 -3.76
N UNK L 219 -31.51 13.58 -3.87
CA UNK L 219 -32.06 12.28 -4.30
C UNK L 219 -31.65 11.75 -5.71
N UNK L 220 -30.58 12.27 -6.31
CA UNK L 220 -30.25 11.93 -7.71
C UNK L 220 -28.78 11.56 -7.98
N UNK L 221 -27.92 11.94 -7.03
CA UNK L 221 -26.60 11.31 -6.88
C UNK L 221 -26.79 9.85 -6.49
N UNK L 222 -27.62 9.68 -5.45
CA UNK L 222 -28.06 8.40 -4.94
C UNK L 222 -29.10 7.70 -5.86
N UNK L 223 -28.95 7.91 -7.17
CA UNK L 223 -29.71 7.17 -8.17
C UNK L 223 -28.75 6.76 -9.30
N UNK L 224 -27.87 7.68 -9.71
CA UNK L 224 -26.75 7.29 -10.59
C UNK L 224 -25.66 6.61 -9.74
N UNK L 225 -26.01 6.36 -8.48
CA UNK L 225 -25.41 5.28 -7.73
C UNK L 225 -25.98 4.02 -8.39
N UNK L 226 -27.23 3.67 -8.02
CA UNK L 226 -27.95 2.50 -8.55
C UNK L 226 -28.02 2.49 -10.08
N UNK L 227 -26.99 3.09 -10.67
CA UNK L 227 -26.82 3.17 -12.11
C UNK L 227 -25.35 2.99 -12.45
N UNK L 228 -24.48 3.39 -11.51
CA UNK L 228 -23.05 3.25 -11.68
C UNK L 228 -22.74 1.79 -11.40
N UNK L 229 -23.35 1.32 -10.31
CA UNK L 229 -23.41 -0.10 -9.88
C UNK L 229 -24.45 -0.90 -10.68
N UNK L 230 -24.79 -0.44 -11.87
CA UNK L 230 -25.79 -1.11 -12.69
C UNK L 230 -25.22 -2.35 -13.37
N UNK L 231 -23.97 -2.21 -13.84
CA UNK L 231 -23.19 -3.35 -14.39
C UNK L 231 -22.47 -4.28 -13.33
N UNK L 305 -40.17 20.58 -21.47
CA UNK L 305 -39.81 21.96 -21.14
C UNK L 305 -40.96 22.93 -20.76
N UNK L 306 -42.10 22.42 -20.27
CA UNK L 306 -43.25 23.31 -19.92
C UNK L 306 -43.06 24.07 -18.59
N UNK L 307 -41.80 24.21 -18.20
CA UNK L 307 -41.42 25.37 -17.44
C UNK L 307 -40.46 26.13 -18.35
N UNK L 308 -39.57 25.41 -19.04
CA UNK L 308 -38.68 26.03 -20.04
C UNK L 308 -39.44 26.75 -21.20
N UNK L 309 -40.78 26.69 -21.15
CA UNK L 309 -41.62 27.72 -21.74
C UNK L 309 -41.43 28.94 -20.83
N UNK L 310 -42.05 28.93 -19.65
CA UNK L 310 -41.94 30.08 -18.75
C UNK L 310 -40.51 30.39 -18.30
N UNK L 311 -39.58 30.36 -19.26
CA UNK L 311 -38.15 30.37 -19.00
C UNK L 311 -37.32 31.27 -19.91
N UNK L 312 -37.16 30.87 -21.19
CA UNK L 312 -36.27 31.60 -22.17
C UNK L 312 -36.77 33.03 -22.47
N UNK L 313 -37.99 33.10 -23.03
CA UNK L 313 -38.69 34.36 -23.25
C UNK L 313 -38.85 35.18 -21.98
N UNK L 314 -38.91 34.53 -20.82
CA UNK L 314 -38.86 35.27 -19.55
C UNK L 314 -37.57 36.11 -19.45
N UNK L 315 -36.83 36.18 -20.57
CA UNK L 315 -35.80 37.21 -20.84
C UNK L 315 -35.53 37.58 -22.36
N UNK L 316 -36.44 37.19 -23.24
CA UNK L 316 -36.43 37.66 -24.65
C UNK L 316 -37.24 38.95 -24.75
N UNK L 317 -38.18 39.11 -23.83
CA UNK L 317 -38.73 40.41 -23.53
C UNK L 317 -37.77 41.20 -22.60
N UNK L 318 -36.54 40.72 -22.41
CA UNK L 318 -35.65 41.47 -21.55
C UNK L 318 -34.27 41.82 -22.14
N UNK L 319 -34.21 41.91 -23.46
CA UNK L 319 -33.19 42.78 -24.08
C UNK L 319 -33.88 44.11 -24.36
N UNK L 320 -35.20 44.01 -24.54
CA UNK L 320 -36.09 45.15 -24.39
C UNK L 320 -36.09 45.50 -22.90
N UNK L 321 -34.92 45.91 -22.40
CA UNK L 321 -34.71 46.11 -20.96
C UNK L 321 -33.56 47.06 -20.55
N UNK L 322 -32.53 47.11 -21.38
CA UNK L 322 -31.44 48.09 -21.23
C UNK L 322 -30.57 48.06 -22.46
N UNK L 323 -31.17 47.57 -23.54
CA UNK L 323 -30.70 47.82 -24.89
C UNK L 323 -31.97 48.08 -25.70
N UNK L 324 -32.96 48.61 -24.98
CA UNK L 324 -34.05 49.38 -25.56
C UNK L 324 -33.83 50.83 -25.07
N UNK L 325 -32.96 50.99 -24.08
CA UNK L 325 -32.63 52.31 -23.54
C UNK L 325 -31.25 52.78 -24.00
N UNK M 105 -52.83 42.15 125.75
CA UNK M 105 -52.92 42.83 127.09
C UNK M 105 -52.84 41.87 128.29
N UNK M 106 -53.97 41.60 128.93
CA UNK M 106 -54.03 40.61 130.02
C UNK M 106 -54.06 39.18 129.47
N UNK M 107 -53.71 39.04 128.19
CA UNK M 107 -53.31 37.77 127.62
C UNK M 107 -51.86 37.89 127.18
N UNK M 108 -51.28 39.06 127.53
CA UNK M 108 -49.90 39.46 127.16
C UNK M 108 -49.11 40.01 128.35
N UNK M 109 -49.77 40.71 129.27
CA UNK M 109 -49.15 41.02 130.55
C UNK M 109 -48.65 39.68 131.04
N UNK M 110 -49.44 38.66 130.65
CA UNK M 110 -49.30 37.23 131.00
C UNK M 110 -48.14 36.50 130.29
N UNK M 111 -48.22 36.36 128.97
CA UNK M 111 -47.14 35.73 128.22
C UNK M 111 -45.79 36.45 128.42
N UNK M 112 -45.84 37.70 128.87
CA UNK M 112 -44.65 38.40 129.39
C UNK M 112 -43.92 37.48 130.38
N UNK M 113 -44.73 36.85 131.22
CA UNK M 113 -44.26 35.90 132.21
C UNK M 113 -44.02 34.48 131.62
N UNK M 114 -44.25 34.34 130.32
CA UNK M 114 -43.66 33.23 129.62
C UNK M 114 -42.24 33.68 129.24
N UNK M 115 -42.11 34.97 128.93
CA UNK M 115 -40.88 35.53 128.36
C UNK M 115 -39.59 35.31 129.17
N UNK M 116 -39.57 35.86 130.38
CA UNK M 116 -38.37 35.85 131.23
C UNK M 116 -37.90 34.44 131.45
N UNK M 117 -38.90 33.57 131.70
CA UNK M 117 -38.75 32.17 132.14
C UNK M 117 -38.66 31.15 130.99
N UNK M 118 -37.46 31.09 130.39
CA UNK M 118 -37.09 30.15 129.32
C UNK M 118 -35.74 30.62 128.80
N UNK M 119 -35.37 31.81 129.24
CA UNK M 119 -34.03 32.30 129.12
C UNK M 119 -33.65 32.51 130.58
N UNK M 120 -34.61 32.18 131.44
CA UNK M 120 -34.36 31.93 132.87
C UNK M 120 -33.83 30.51 132.96
N UNK M 121 -34.74 29.56 132.73
CA UNK M 121 -34.39 28.17 132.49
C UNK M 121 -33.23 28.08 131.45
N UNK M 122 -32.43 29.14 131.33
CA UNK M 122 -31.39 29.23 130.29
C UNK M 122 -30.06 29.63 130.87
N UNK M 123 -30.07 30.18 132.08
CA UNK M 123 -28.85 30.16 132.88
C UNK M 123 -29.02 28.95 133.82
N UNK M 124 -30.18 28.87 134.50
CA UNK M 124 -30.62 27.65 135.21
C UNK M 124 -30.82 26.43 134.24
N UNK M 125 -29.99 26.41 133.20
CA UNK M 125 -29.84 25.37 132.19
C UNK M 125 -28.71 25.84 131.30
N UNK M 126 -27.86 26.66 131.91
CA UNK M 126 -26.54 26.94 131.35
C UNK M 126 -25.68 25.72 131.63
N UNK M 127 -26.31 24.73 132.29
CA UNK M 127 -25.73 23.44 132.77
C UNK M 127 -25.89 22.28 131.79
N UNK M 205 -17.32 5.47 108.40
CA UNK M 205 -17.68 6.74 109.10
C UNK M 205 -18.71 7.62 108.38
N UNK M 206 -18.53 7.82 107.07
CA UNK M 206 -19.51 8.49 106.20
C UNK M 206 -20.97 7.93 106.23
N UNK M 207 -21.45 7.67 107.47
CA UNK M 207 -22.87 7.43 107.80
C UNK M 207 -23.08 7.84 109.26
N UNK M 208 -21.99 8.36 109.82
CA UNK M 208 -21.92 8.99 111.16
C UNK M 208 -22.18 10.50 111.12
N UNK M 209 -21.25 11.23 110.48
CA UNK M 209 -21.52 12.60 110.04
C UNK M 209 -22.95 12.59 109.44
N UNK M 210 -23.10 11.86 108.34
CA UNK M 210 -24.34 11.83 107.60
C UNK M 210 -25.63 11.89 108.43
N UNK M 211 -25.65 11.35 109.64
CA UNK M 211 -26.93 11.24 110.35
C UNK M 211 -27.21 12.40 111.30
N UNK M 212 -26.18 12.82 112.03
CA UNK M 212 -26.21 14.11 112.70
C UNK M 212 -25.74 15.08 111.62
N UNK M 213 -26.63 15.30 110.64
CA UNK M 213 -26.36 15.94 109.32
C UNK M 213 -27.46 15.56 108.32
N UNK M 214 -28.17 14.48 108.62
CA UNK M 214 -29.46 14.19 108.00
C UNK M 214 -30.41 15.16 108.69
N UNK M 215 -30.02 15.53 109.90
CA UNK M 215 -30.48 16.74 110.51
C UNK M 215 -29.32 17.77 110.52
N UNK M 216 -28.80 18.04 109.33
CA UNK M 216 -28.17 19.32 108.98
C UNK M 216 -28.93 19.85 107.73
N UNK M 217 -30.11 19.25 107.55
CA UNK M 217 -31.13 19.72 106.64
C UNK M 217 -32.46 19.59 107.38
N UNK M 218 -32.43 19.79 108.70
CA UNK M 218 -33.62 19.49 109.54
C UNK M 218 -33.75 20.19 110.91
N UNK M 219 -32.64 20.59 111.53
CA UNK M 219 -32.78 21.40 112.73
C UNK M 219 -33.18 22.80 112.23
N UNK M 220 -33.30 22.86 110.91
CA UNK M 220 -33.35 24.10 110.15
C UNK M 220 -34.67 24.24 109.47
N UNK M 221 -35.47 23.18 109.49
CA UNK M 221 -36.86 23.39 109.28
C UNK M 221 -37.34 24.08 110.57
N UNK M 222 -36.37 24.44 111.42
CA UNK M 222 -36.65 25.15 112.67
C UNK M 222 -35.64 26.26 112.99
N UNK M 223 -35.16 26.90 111.92
CA UNK M 223 -34.72 28.32 111.89
C UNK M 223 -35.77 29.01 111.02
N UNK M 224 -35.96 28.46 109.82
CA UNK M 224 -36.97 28.91 108.83
C UNK M 224 -38.47 28.79 109.24
N UNK M 225 -38.86 27.68 109.88
CA UNK M 225 -40.17 27.61 110.53
C UNK M 225 -40.04 28.17 111.96
N UNK M 226 -38.88 28.77 112.22
CA UNK M 226 -38.66 29.41 113.50
C UNK M 226 -39.08 30.90 113.50
N UNK M 227 -38.73 31.66 112.44
CA UNK M 227 -38.89 33.13 112.47
C UNK M 227 -40.19 33.66 111.84
N UNK M 228 -40.72 32.87 110.91
CA UNK M 228 -41.96 33.22 110.22
C UNK M 228 -43.04 33.81 111.16
N UNK M 305 -30.74 0.83 104.84
CA UNK M 305 -31.55 1.97 105.32
C UNK M 305 -31.43 3.27 104.47
N UNK M 306 -30.29 3.43 103.79
CA UNK M 306 -30.09 4.46 102.79
C UNK M 306 -31.44 4.79 102.16
N UNK M 307 -31.83 4.06 101.11
CA UNK M 307 -33.06 4.39 100.33
C UNK M 307 -34.40 4.25 101.09
N UNK M 308 -34.40 4.48 102.40
CA UNK M 308 -35.63 4.56 103.15
C UNK M 308 -35.67 5.87 103.95
N UNK M 309 -34.49 6.47 104.11
CA UNK M 309 -34.31 7.77 104.75
C UNK M 309 -33.82 8.75 103.69
N UNK M 310 -33.30 8.22 102.59
CA UNK M 310 -33.14 9.03 101.40
C UNK M 310 -34.57 9.51 101.12
N UNK M 311 -35.43 8.64 100.58
CA UNK M 311 -36.80 9.04 100.30
C UNK M 311 -37.52 9.56 101.56
N UNK M 312 -36.75 10.23 102.42
CA UNK M 312 -37.23 10.90 103.63
C UNK M 312 -36.37 12.12 103.96
N UNK M 313 -35.41 12.39 103.08
CA UNK M 313 -34.86 13.74 102.86
C UNK M 313 -35.91 14.39 101.95
N UNK M 314 -36.34 13.60 100.96
CA UNK M 314 -37.48 13.94 100.12
C UNK M 314 -38.67 14.32 100.98
N UNK M 315 -38.90 13.55 102.03
CA UNK M 315 -40.02 13.83 102.92
C UNK M 315 -39.73 14.96 103.88
N UNK M 316 -38.79 15.83 103.51
CA UNK M 316 -38.48 17.07 104.24
C UNK M 316 -38.84 18.31 103.42
N UNK M 317 -38.00 18.60 102.42
CA UNK M 317 -38.11 19.79 101.59
C UNK M 317 -39.49 19.89 100.95
N UNK M 319 -41.38 18.16 101.63
CA UNK M 319 -42.50 18.36 102.53
C UNK M 319 -42.65 19.83 102.99
N UNK M 320 -41.58 20.47 103.49
CA UNK M 320 -41.62 21.93 103.82
C UNK M 320 -42.41 22.61 102.73
N UNK M 321 -42.09 22.18 101.51
CA UNK M 321 -42.88 22.38 100.31
C UNK M 321 -44.37 22.58 100.53
N UNK M 322 -45.01 21.61 101.16
CA UNK M 322 -46.42 21.80 101.48
C UNK M 322 -46.56 22.54 102.81
N UNK M 323 -45.50 22.49 103.61
CA UNK M 323 -45.53 23.08 104.93
C UNK M 323 -45.65 24.60 104.89
N UNK M 324 -44.64 25.25 104.25
CA UNK M 324 -44.43 26.73 104.13
C UNK M 324 -45.67 27.60 103.90
N UNK M 325 -46.13 27.69 102.63
CA UNK M 325 -47.31 28.49 102.22
C UNK M 325 -48.47 28.44 103.21
N UNK M 405 -35.26 30.80 103.55
CA UNK M 405 -36.47 30.00 103.41
C UNK M 405 -36.78 29.68 101.96
N UNK M 406 -35.80 29.89 101.08
CA UNK M 406 -35.83 29.41 99.69
C UNK M 406 -34.40 29.32 99.15
N UNK M 407 -33.46 29.73 100.02
CA UNK M 407 -32.05 29.30 99.96
C UNK M 407 -31.99 28.02 100.81
N UNK M 408 -32.83 27.95 101.85
CA UNK M 408 -33.19 26.65 102.49
C UNK M 408 -33.95 25.71 101.49
N UNK M 409 -33.32 25.52 100.33
CA UNK M 409 -33.85 24.84 99.13
C UNK M 409 -32.81 25.14 98.06
N UNK M 410 -31.74 25.79 98.53
CA UNK M 410 -30.49 26.00 97.80
C UNK M 410 -29.36 25.58 98.76
N UNK M 411 -29.49 26.02 100.01
CA UNK M 411 -28.62 25.58 101.09
C UNK M 411 -28.81 24.08 101.24
N UNK M 412 -30.05 23.63 100.95
CA UNK M 412 -30.34 22.20 100.78
C UNK M 412 -29.88 21.67 99.41
N UNK M 413 -29.47 22.58 98.52
CA UNK M 413 -29.28 22.27 97.11
C UNK M 413 -27.85 22.33 96.53
N UNK M 414 -26.87 22.75 97.33
CA UNK M 414 -25.45 22.37 97.07
C UNK M 414 -25.22 21.11 97.90
N UNK M 415 -25.97 21.06 99.00
CA UNK M 415 -26.20 19.85 99.78
C UNK M 415 -26.82 18.78 98.87
N UNK M 416 -28.09 18.90 98.50
CA UNK M 416 -28.74 17.81 97.78
C UNK M 416 -28.09 17.37 96.46
N UNK M 417 -26.83 17.74 96.27
CA UNK M 417 -25.95 17.08 95.29
C UNK M 417 -24.64 16.82 96.01
N UNK M 418 -24.77 16.85 97.32
CA UNK M 418 -23.87 16.14 98.21
C UNK M 418 -24.65 14.93 98.76
N UNK M 419 -25.81 15.21 99.38
CA UNK M 419 -26.78 14.16 99.73
C UNK M 419 -27.22 13.42 98.49
N UNK M 420 -26.19 13.14 97.68
CA UNK M 420 -26.28 12.59 96.34
C UNK M 420 -24.84 12.37 95.83
N UNK M 421 -23.88 13.04 96.46
CA UNK M 421 -22.47 12.92 96.10
C UNK M 421 -21.96 11.62 96.67
N UNK M 422 -22.07 11.50 98.00
CA UNK M 422 -21.74 10.29 98.82
C UNK M 422 -22.47 9.02 98.31
N UNK M 423 -23.80 9.12 98.17
CA UNK M 423 -24.56 8.16 97.41
C UNK M 423 -23.79 7.77 96.14
N UNK M 505 -22.84 7.84 90.99
CA UNK M 505 -23.92 8.05 90.02
C UNK M 505 -25.32 7.76 90.60
N UNK M 506 -26.17 7.19 89.73
CA UNK M 506 -27.66 7.08 89.85
C UNK M 506 -28.39 7.40 91.18
N UNK M 507 -27.76 8.24 92.01
CA UNK M 507 -28.25 8.58 93.35
C UNK M 507 -28.32 10.08 93.54
N UNK M 508 -27.33 10.78 92.93
CA UNK M 508 -27.16 12.27 92.91
C UNK M 508 -28.44 13.03 92.58
N UNK M 509 -29.10 12.63 91.49
CA UNK M 509 -30.43 13.13 91.13
C UNK M 509 -31.53 12.05 91.22
N UNK M 510 -31.20 10.88 91.79
CA UNK M 510 -32.14 9.77 91.97
C UNK M 510 -33.31 10.21 92.86
N UNK M 511 -33.05 11.30 93.60
CA UNK M 511 -34.03 12.00 94.42
C UNK M 511 -34.61 13.17 93.62
N UNK M 512 -33.74 13.81 92.85
CA UNK M 512 -34.23 14.79 91.92
C UNK M 512 -35.41 14.11 91.19
N UNK M 513 -35.25 12.81 90.88
CA UNK M 513 -36.22 12.06 90.10
C UNK M 513 -37.61 12.23 90.70
N UNK M 514 -37.66 12.94 91.83
CA UNK M 514 -38.91 13.34 92.41
C UNK M 514 -38.79 14.70 93.09
N UNK M 515 -37.64 15.38 92.93
CA UNK M 515 -37.52 16.80 93.28
C UNK M 515 -38.41 17.58 92.31
N UNK M 516 -38.35 17.17 91.04
CA UNK M 516 -39.26 17.56 89.98
C UNK M 516 -40.68 17.92 90.43
N UNK M 605 -41.46 19.45 92.93
CA UNK M 605 -42.39 20.02 93.90
C UNK M 605 -42.89 21.44 93.52
N UNK M 606 -41.91 22.33 93.33
CA UNK M 606 -42.01 23.80 93.23
C UNK M 606 -43.17 24.41 92.42
N UNK M 607 -43.42 23.83 91.26
CA UNK M 607 -44.59 24.20 90.44
C UNK M 607 -45.87 24.26 91.26
N UNK M 608 -46.17 23.20 92.00
CA UNK M 608 -47.39 23.12 92.80
C UNK M 608 -47.54 24.36 93.70
N UNK M 609 -46.53 25.24 93.70
CA UNK M 609 -46.61 26.51 94.40
C UNK M 609 -46.36 27.73 93.48
N UNK M 610 -45.41 27.61 92.57
CA UNK M 610 -45.25 28.68 91.58
C UNK M 610 -46.53 28.86 90.72
N UNK M 611 -47.49 27.94 90.84
CA UNK M 611 -48.80 28.06 90.21
C UNK M 611 -49.84 28.47 91.25
N UNK M 612 -49.43 28.58 92.52
CA UNK M 612 -50.25 29.20 93.57
C UNK M 612 -49.70 30.61 93.78
N UNK M 613 -48.80 30.99 92.86
CA UNK M 613 -48.50 32.39 92.56
C UNK M 613 -49.53 32.84 91.50
N UNK M 614 -49.59 32.19 90.35
CA UNK M 614 -50.49 32.65 89.33
C UNK M 614 -51.93 32.28 89.69
N UNK M 615 -52.29 32.56 90.93
CA UNK M 615 -53.55 32.11 91.46
C UNK M 615 -54.55 33.22 91.60
N UNK M 705 -56.45 28.37 82.58
CA UNK M 705 -55.25 28.29 81.73
C UNK M 705 -54.71 26.85 81.59
N UNK M 706 -54.05 26.57 80.47
CA UNK M 706 -53.12 25.47 80.33
C UNK M 706 -51.79 26.04 80.81
N UNK M 707 -51.90 27.20 81.48
CA UNK M 707 -50.84 27.74 82.31
C UNK M 707 -51.07 27.15 83.74
N UNK M 708 -52.14 26.35 83.84
CA UNK M 708 -52.33 25.45 84.96
C UNK M 708 -51.97 24.05 84.46
N UNK M 709 -52.90 23.34 83.87
CA UNK M 709 -52.67 21.94 83.51
C UNK M 709 -51.54 21.74 82.48
N UNK M 710 -50.34 22.10 82.91
CA UNK M 710 -49.06 21.72 82.28
C UNK M 710 -48.01 21.86 83.37
N UNK M 711 -48.40 22.60 84.39
CA UNK M 711 -47.87 22.43 85.71
C UNK M 711 -48.81 21.41 86.35
N UNK M 712 -49.85 21.02 85.61
CA UNK M 712 -50.75 19.89 85.97
C UNK M 712 -50.80 18.83 84.86
N UNK M 713 -49.63 18.68 84.25
CA UNK M 713 -49.25 17.52 83.48
C UNK M 713 -47.74 17.50 83.80
N UNK M 714 -47.45 18.13 84.93
CA UNK M 714 -46.27 17.91 85.72
C UNK M 714 -46.88 17.75 87.11
N UNK M 715 -48.08 17.22 87.07
CA UNK M 715 -48.73 16.61 88.20
C UNK M 715 -49.02 15.16 87.74
N UNK M 716 -49.90 14.96 86.77
CA UNK M 716 -49.96 13.69 86.04
C UNK M 716 -48.71 13.56 85.16
N UNK M 717 -47.57 13.87 85.79
CA UNK M 717 -46.25 13.35 85.42
C UNK M 717 -45.35 13.43 86.66
N UNK M 718 -45.91 13.93 87.76
CA UNK M 718 -45.47 13.52 89.10
C UNK M 718 -46.37 12.33 89.49
N UNK M 719 -47.09 11.82 88.47
CA UNK M 719 -47.61 10.46 88.40
C UNK M 719 -46.78 9.63 87.37
N UNK M 720 -46.64 10.13 86.16
CA UNK M 720 -45.99 9.37 85.11
C UNK M 720 -44.48 9.23 85.25
N UNK M 721 -43.85 10.13 86.00
CA UNK M 721 -42.43 9.93 86.38
C UNK M 721 -42.40 9.15 87.68
N UNK M 722 -43.28 9.53 88.60
CA UNK M 722 -43.43 8.90 89.92
C UNK M 722 -43.67 7.40 89.77
N UNK M 723 -44.41 7.00 88.75
CA UNK M 723 -44.57 5.59 88.37
C UNK M 723 -43.29 5.06 87.75
N UNK M 805 -39.79 0.14 99.00
CA UNK M 805 -40.29 1.14 99.95
C UNK M 805 -40.46 2.55 99.33
N UNK M 806 -39.66 2.80 98.30
CA UNK M 806 -39.71 4.04 97.49
C UNK M 806 -40.44 3.86 96.13
N UNK M 807 -41.73 3.50 96.21
CA UNK M 807 -42.62 3.33 95.06
C UNK M 807 -44.08 3.62 95.44
N UNK M 808 -44.42 3.33 96.71
CA UNK M 808 -45.71 3.72 97.31
C UNK M 808 -45.55 5.09 97.96
N UNK M 809 -44.33 5.36 98.45
CA UNK M 809 -43.98 6.67 98.97
C UNK M 809 -44.26 7.77 97.94
N UNK M 810 -43.86 7.51 96.68
CA UNK M 810 -44.24 8.30 95.48
C UNK M 810 -45.75 8.33 95.25
N UNK M 811 -46.32 7.18 94.94
CA UNK M 811 -47.75 7.07 94.66
C UNK M 811 -48.66 8.27 95.04
N UNK M 812 -48.34 8.96 96.14
CA UNK M 812 -49.17 10.08 96.66
C UNK M 812 -48.75 11.51 96.22
N UNK M 813 -47.55 11.62 95.66
CA UNK M 813 -47.26 12.73 94.78
C UNK M 813 -48.33 12.65 93.66
N UNK M 814 -48.26 11.61 92.84
CA UNK M 814 -49.29 11.30 91.83
C UNK M 814 -50.72 11.45 92.37
N UNK M 815 -50.95 10.98 93.59
CA UNK M 815 -52.30 11.01 94.15
C UNK M 815 -52.76 12.47 94.33
N UNK M 816 -51.79 13.39 94.32
CA UNK M 816 -52.07 14.83 94.32
C UNK M 816 -52.43 15.40 92.92
N UNK M 817 -52.33 14.53 91.90
CA UNK M 817 -52.80 14.89 90.58
C UNK M 817 -54.17 14.27 90.25
N UNK M 818 -54.14 13.16 89.51
CA UNK M 818 -55.24 12.67 88.70
C UNK M 818 -56.63 13.07 89.17
N UNK M 905 -44.54 8.52 105.17
CA UNK M 905 -45.59 8.45 104.18
C UNK M 905 -46.89 7.91 104.80
N UNK M 906 -47.06 8.19 106.08
CA UNK M 906 -48.32 7.89 106.72
C UNK M 906 -48.88 9.14 107.32
N UNK M 907 -47.98 10.03 107.79
CA UNK M 907 -48.34 11.39 108.25
C UNK M 907 -49.01 12.21 107.11
N UNK M 908 -48.21 12.55 106.09
CA UNK M 908 -48.69 12.99 104.79
C UNK M 908 -50.06 12.40 104.37
N UNK M 909 -50.29 11.14 104.73
CA UNK M 909 -51.49 10.42 104.25
C UNK M 909 -52.74 10.48 105.16
N UNK M 910 -52.75 11.47 106.05
CA UNK M 910 -54.01 11.91 106.66
C UNK M 910 -54.53 13.14 105.89
N UNK M 911 -53.65 14.16 105.84
CA UNK M 911 -53.91 15.44 105.21
C UNK M 911 -54.00 15.26 103.69
N UNK M 912 -54.27 14.03 103.25
CA UNK M 912 -54.29 13.72 101.83
C UNK M 912 -55.70 13.41 101.26
N UNK M 913 -56.65 13.16 102.16
CA UNK M 913 -58.08 13.17 101.80
C UNK M 913 -58.67 14.46 102.35
N UNK M 914 -57.95 15.06 103.31
CA UNK M 914 -58.05 16.49 103.56
C UNK M 914 -57.59 17.19 102.27
N UNK M 915 -57.63 16.43 101.17
CA UNK M 915 -57.44 16.91 99.82
C UNK M 915 -58.46 16.17 98.91
N UNK M 916 -59.24 15.25 99.51
CA UNK M 916 -60.21 14.41 98.80
C UNK M 916 -61.55 14.27 99.55
N UNK M 917 -61.55 14.61 100.83
CA UNK M 917 -62.76 15.13 101.45
C UNK M 917 -62.98 16.45 100.69
N UNK M 918 -61.84 17.07 100.37
CA UNK M 918 -61.74 18.18 99.41
C UNK M 918 -61.65 17.65 97.98
N UNK M 919 -62.73 17.01 97.56
CA UNK M 919 -62.90 16.44 96.21
C UNK M 919 -64.36 16.51 95.75
N UNK M 920 -65.31 16.49 96.70
CA UNK M 920 -66.74 16.49 96.39
C UNK M 920 -67.58 17.18 97.48
N UNK M 921 -66.96 18.13 98.20
CA UNK M 921 -67.69 18.94 99.21
C UNK M 921 -67.17 20.38 99.37
N UNK M 922 -66.53 20.88 98.32
CA UNK M 922 -66.20 22.30 98.17
C UNK M 922 -67.46 23.09 97.81
N UNK M 1005 -54.58 24.97 106.10
CA UNK M 1005 -53.99 23.82 106.76
C UNK M 1005 -54.83 23.48 107.99
N UNK M 1006 -54.33 23.88 109.17
CA UNK M 1006 -55.15 23.88 110.38
C UNK M 1006 -56.17 24.98 110.18
N UNK M 1007 -56.08 25.57 108.96
CA UNK M 1007 -56.72 26.83 108.55
C UNK M 1007 -57.85 26.70 107.51
N UNK M 1008 -57.52 26.18 106.33
CA UNK M 1008 -58.48 26.09 105.25
C UNK M 1008 -59.91 25.73 105.66
N UNK M 1009 -60.10 25.08 106.78
CA UNK M 1009 -61.22 24.15 106.90
C UNK M 1009 -62.52 24.63 107.55
N UNK M 1010 -62.41 25.33 108.67
CA UNK M 1010 -63.60 25.91 109.28
C UNK M 1010 -64.25 27.05 108.40
N UNK M 1011 -63.40 27.81 107.68
CA UNK M 1011 -63.88 28.75 106.66
C UNK M 1011 -64.89 28.03 105.75
N UNK M 1012 -64.44 26.95 105.10
CA UNK M 1012 -65.32 26.05 104.33
C UNK M 1012 -66.27 25.24 105.23
N UNK M 1013 -65.88 25.05 106.50
CA UNK M 1013 -66.71 24.31 107.45
C UNK M 1013 -68.12 24.89 107.61
N UNK M 1014 -68.17 26.17 108.01
CA UNK M 1014 -69.41 26.99 108.00
C UNK M 1014 -69.73 27.72 106.63
N UNK M 1015 -68.76 27.77 105.70
CA UNK M 1015 -69.04 28.02 104.29
C UNK M 1015 -69.96 26.91 103.79
N UNK M 1016 -70.68 26.35 104.77
CA UNK M 1016 -71.75 25.35 104.64
C UNK M 1016 -72.73 25.61 105.79
N UNK M 1017 -72.39 26.59 106.64
CA UNK M 1017 -73.34 27.31 107.49
C UNK M 1017 -73.85 28.60 106.80
N UNK M 1018 -73.28 28.86 105.60
CA UNK M 1018 -73.72 29.92 104.65
C UNK M 1018 -75.05 29.51 104.03
N UNK M 1019 -74.94 28.67 102.99
CA UNK M 1019 -76.09 27.97 102.44
C UNK M 1019 -76.59 26.86 103.41
N UNK M 1020 -76.44 27.14 104.70
CA UNK M 1020 -77.18 26.43 105.73
C UNK M 1020 -78.35 27.30 106.20
N UNK M 1021 -78.03 28.40 106.90
CA UNK M 1021 -79.01 29.21 107.63
C UNK M 1021 -80.10 29.78 106.73
N UNK M 1105 -73.61 6.34 108.66
CA UNK M 1105 -72.80 7.41 109.22
C UNK M 1105 -71.40 7.56 108.54
N UNK M 1106 -71.38 7.68 107.19
CA UNK M 1106 -70.13 7.97 106.41
C UNK M 1106 -69.75 9.47 106.15
N UNK M 1107 -70.70 10.24 105.61
CA UNK M 1107 -70.46 11.59 105.00
C UNK M 1107 -69.99 12.77 105.92
N UNK M 1108 -69.61 12.42 107.15
CA UNK M 1108 -68.96 13.37 108.08
C UNK M 1108 -67.74 12.74 108.74
N UNK M 1109 -67.43 11.50 108.34
CA UNK M 1109 -66.48 10.65 109.10
C UNK M 1109 -65.05 10.60 108.54
N UNK M 1110 -64.91 10.87 107.25
CA UNK M 1110 -63.57 10.97 106.65
C UNK M 1110 -63.01 12.40 106.73
N UNK M 1111 -63.81 13.31 107.33
CA UNK M 1111 -63.50 14.76 107.32
C UNK M 1111 -63.10 15.38 108.65
N UNK M 1112 -63.72 14.97 109.74
CA UNK M 1112 -63.28 15.47 111.08
C UNK M 1112 -61.82 15.11 111.46
N UNK M 1113 -61.33 13.98 110.92
CA UNK M 1113 -59.95 13.49 111.07
C UNK M 1113 -59.03 14.43 110.33
N UNK M 1114 -59.45 14.81 109.12
CA UNK M 1114 -58.80 15.89 108.38
C UNK M 1114 -58.72 17.08 109.34
N UNK M 1115 -59.89 17.40 109.90
CA UNK M 1115 -60.04 18.49 110.85
C UNK M 1115 -59.49 18.12 112.23
N UNK M 1116 -58.69 17.05 112.27
CA UNK M 1116 -57.88 16.66 113.45
C UNK M 1116 -56.41 16.50 113.06
N UNK M 1117 -56.15 16.45 111.75
CA UNK M 1117 -54.82 16.25 111.21
C UNK M 1117 -54.48 17.37 110.23
N UNK M 1118 -53.93 18.46 110.78
CA UNK M 1118 -53.64 19.72 110.08
C UNK M 1118 -52.99 20.67 111.07
N UNK M 1205 -30.77 19.92 118.64
CA UNK M 1205 -31.29 18.87 119.52
C UNK M 1205 -32.84 18.95 119.72
N UNK M 1206 -33.39 18.30 120.75
CA UNK M 1206 -34.83 17.99 120.82
C UNK M 1206 -35.58 18.48 122.06
N UNK M 1207 -35.01 19.50 122.71
CA UNK M 1207 -35.78 20.42 123.58
C UNK M 1207 -36.45 21.49 122.70
N UNK M 1208 -35.68 21.92 121.69
CA UNK M 1208 -36.20 22.61 120.52
C UNK M 1208 -37.40 21.85 119.89
N UNK M 1209 -37.12 20.85 119.06
CA UNK M 1209 -38.15 20.10 118.31
C UNK M 1209 -39.52 20.16 118.93
N UNK M 1210 -39.57 20.10 120.26
CA UNK M 1210 -40.82 20.30 120.95
C UNK M 1210 -41.42 21.64 120.50
N UNK M 1211 -40.79 22.72 120.98
CA UNK M 1211 -41.07 24.14 120.70
C UNK M 1211 -41.32 24.43 119.21
N UNK M 1212 -40.26 24.55 118.39
CA UNK M 1212 -40.47 24.84 116.98
C UNK M 1212 -41.85 24.32 116.53
N UNK M 1213 -42.01 22.99 116.44
CA UNK M 1213 -43.24 22.36 115.88
C UNK M 1213 -44.50 22.34 116.79
N UNK M 1214 -44.38 22.95 117.97
CA UNK M 1214 -45.44 22.94 118.97
C UNK M 1214 -46.12 24.31 119.04
N UNK M 1215 -45.30 25.34 118.80
CA UNK M 1215 -45.71 26.76 118.71
C UNK M 1215 -46.44 26.86 117.40
N UNK M 1216 -45.73 26.49 116.33
CA UNK M 1216 -46.34 26.23 115.03
C UNK M 1216 -47.45 25.16 115.08
N UNK M 1305 -27.43 26.61 123.11
CA UNK M 1305 -26.92 27.33 121.95
C UNK M 1305 -28.07 27.80 121.04
N UNK M 1306 -27.77 27.91 119.73
CA UNK M 1306 -28.76 28.28 118.73
C UNK M 1306 -30.17 27.83 119.12
N UNK M 1307 -30.43 26.55 118.88
CA UNK M 1307 -31.75 25.93 119.05
C UNK M 1307 -32.37 26.11 120.43
N UNK M 1308 -31.49 26.26 121.43
CA UNK M 1308 -31.89 26.40 122.84
C UNK M 1308 -32.81 27.59 123.00
N UNK M 1309 -32.27 28.79 122.79
CA UNK M 1309 -33.02 30.07 122.85
C UNK M 1309 -33.87 30.38 121.58
N UNK M 1310 -33.31 30.12 120.39
CA UNK M 1310 -34.05 30.24 119.13
C UNK M 1310 -35.41 29.53 119.22
N UNK M 1311 -35.85 29.30 120.46
CA UNK M 1311 -37.13 28.75 120.76
C UNK M 1311 -38.01 29.82 121.41
N UNK M 1312 -37.49 30.49 122.44
CA UNK M 1312 -38.14 31.65 123.02
C UNK M 1312 -37.57 32.89 122.33
N UNK M 1313 -36.36 32.76 121.77
CA UNK M 1313 -35.85 33.76 120.84
C UNK M 1313 -36.64 33.53 119.57
N UNK M 1314 -37.94 33.31 119.76
CA UNK M 1314 -38.95 33.21 118.71
C UNK M 1314 -40.30 32.92 119.35
N UNK M 1315 -40.31 32.83 120.67
CA UNK M 1315 -41.55 32.57 121.39
C UNK M 1315 -42.18 33.87 121.83
N UNK M 1316 -41.37 34.94 121.82
CA UNK M 1316 -41.67 36.19 122.53
C UNK M 1316 -42.29 37.30 121.69
N UNK M 1405 -72.19 19.52 80.05
CA UNK M 1405 -73.47 19.97 79.51
C UNK M 1405 -73.31 21.06 78.44
N UNK M 1406 -72.37 20.85 77.49
CA UNK M 1406 -72.18 21.75 76.34
C UNK M 1406 -73.24 21.60 75.22
N UNK M 1407 -74.50 21.54 75.66
CA UNK M 1407 -75.68 21.80 74.86
C UNK M 1407 -76.96 21.78 75.73
N UNK M 1408 -76.87 22.29 76.97
CA UNK M 1408 -78.06 22.44 77.88
C UNK M 1408 -77.98 23.60 78.87
N UNK M 1409 -76.77 23.95 79.28
CA UNK M 1409 -76.48 25.29 79.76
C UNK M 1409 -76.02 26.20 78.58
N UNK M 1410 -76.37 25.79 77.34
CA UNK M 1410 -76.35 26.59 76.10
C UNK M 1410 -77.71 26.42 75.38
N UNK M 1411 -78.79 26.37 76.18
CA UNK M 1411 -80.11 25.92 75.75
C UNK M 1411 -81.23 26.07 76.84
N UNK M 1412 -80.84 26.26 78.09
CA UNK M 1412 -81.76 26.78 79.11
C UNK M 1412 -81.87 28.31 78.90
N UNK M 1413 -80.71 28.90 78.56
CA UNK M 1413 -80.57 30.31 78.22
C UNK M 1413 -81.53 30.74 77.09
N UNK M 1414 -81.61 29.94 76.02
CA UNK M 1414 -82.69 30.14 75.05
C UNK M 1414 -84.07 29.86 75.71
N UNK M 1415 -84.07 29.01 76.74
CA UNK M 1415 -85.30 28.31 77.15
C UNK M 1415 -86.16 29.01 78.19
N UNK M 1416 -85.55 29.78 79.07
CA UNK M 1416 -86.33 30.69 79.96
C UNK M 1416 -86.31 32.14 79.44
N UNK M 1417 -85.36 32.36 78.52
CA UNK M 1417 -85.32 33.54 77.69
C UNK M 1417 -86.60 33.54 76.83
N UNK M 1418 -86.78 32.49 76.05
CA UNK M 1418 -87.95 32.40 75.25
C UNK M 1418 -89.13 33.02 76.01
N UNK M 1419 -89.23 32.72 77.32
CA UNK M 1419 -90.36 33.12 78.17
C UNK M 1419 -90.30 34.59 78.60
N UNK M 1420 -89.29 35.30 78.07
CA UNK M 1420 -89.11 36.73 78.31
C UNK M 1420 -89.83 37.52 77.20
N UNK M 1421 -89.53 37.25 75.93
CA UNK M 1421 -90.17 37.99 74.81
C UNK M 1421 -91.69 37.78 74.73
N UNK M 1422 -92.30 37.24 75.79
CA UNK M 1422 -93.73 37.16 75.92
C UNK M 1422 -94.06 37.77 77.25
N UNK M 1423 -93.01 38.18 77.93
CA UNK M 1423 -93.09 39.05 79.09
C UNK M 1423 -92.77 40.41 78.54
N UNK M 1424 -92.46 40.37 77.24
CA UNK M 1424 -92.45 41.52 76.33
C UNK M 1424 -93.70 41.50 75.38
N UNK M 1425 -93.88 40.38 74.64
CA UNK M 1425 -94.98 40.18 73.65
C UNK M 1425 -96.41 40.18 74.21
N UNK M 1426 -96.62 41.02 75.22
CA UNK M 1426 -97.88 41.18 75.90
C UNK M 1426 -97.74 42.38 76.84
N UNK M 1427 -96.51 42.93 76.91
CA UNK M 1427 -96.27 44.23 77.55
C UNK M 1427 -96.82 45.25 76.56
N UNK M 1428 -96.50 44.95 75.29
CA UNK M 1428 -97.00 45.64 74.10
C UNK M 1428 -98.41 46.22 74.29
N UNK M 1429 -99.40 45.32 74.39
CA UNK M 1429 -100.81 45.70 74.35
C UNK M 1429 -101.28 46.82 75.30
N UNK M 1430 -100.46 47.21 76.28
CA UNK M 1430 -101.06 47.84 77.47
C UNK M 1430 -100.48 49.11 78.04
N UNK M 1431 -99.16 49.30 77.90
CA UNK M 1431 -98.36 50.29 78.69
C UNK M 1431 -99.15 51.22 79.62
N UNK M 1505 -23.30 36.88 109.95
CA UNK M 1505 -23.53 37.97 110.88
C UNK M 1505 -22.29 38.82 111.05
N UNK M 1506 -21.79 39.32 109.92
CA UNK M 1506 -20.76 40.36 109.87
C UNK M 1506 -21.41 41.71 109.53
N UNK M 1507 -22.57 41.95 110.14
CA UNK M 1507 -23.54 42.98 109.81
C UNK M 1507 -24.80 42.68 110.62
N UNK M 1508 -25.13 41.38 110.71
CA UNK M 1508 -26.42 40.90 111.23
C UNK M 1508 -26.52 40.96 112.74
N UNK M 1509 -25.38 40.82 113.40
CA UNK M 1509 -25.29 41.39 114.71
C UNK M 1509 -24.28 42.56 114.62
N UNK M 1510 -24.64 43.43 113.67
CA UNK M 1510 -24.50 44.90 113.78
C UNK M 1510 -25.96 45.34 113.90
N UNK M 1511 -26.73 44.92 112.91
CA UNK M 1511 -28.14 45.19 112.78
C UNK M 1511 -29.06 44.77 113.96
N UNK M 1512 -28.66 45.14 115.18
CA UNK M 1512 -29.61 45.19 116.29
C UNK M 1512 -29.00 45.91 117.49
N UNK M 1513 -27.71 46.27 117.38
CA UNK M 1513 -27.07 47.31 118.24
C UNK M 1513 -27.88 48.59 118.13
N UNK M 1514 -28.18 48.91 116.87
CA UNK M 1514 -29.30 49.73 116.38
C UNK M 1514 -30.55 49.71 117.28
N UNK M 1515 -31.53 48.87 116.93
CA UNK M 1515 -32.85 48.78 117.62
C UNK M 1515 -32.82 48.42 119.12
N UNK M 1516 -31.66 47.93 119.57
CA UNK M 1516 -31.39 47.61 120.98
C UNK M 1516 -30.86 48.84 121.70
N UNK M 1517 -29.93 49.55 121.05
CA UNK M 1517 -29.55 50.90 121.51
C UNK M 1517 -30.66 51.93 121.20
N UNK M 1518 -31.10 51.99 119.93
CA UNK M 1518 -32.25 52.83 119.55
C UNK M 1518 -33.33 52.79 120.64
N UNK M 1519 -33.67 51.60 121.09
CA UNK M 1519 -34.69 51.48 122.09
C UNK M 1519 -34.15 51.88 123.44
N UNK M 1520 -32.81 51.80 123.54
CA UNK M 1520 -32.06 52.18 124.75
C UNK M 1520 -31.67 53.63 124.64
N UNK M 1521 -32.05 54.23 123.51
CA UNK M 1521 -32.00 55.67 123.24
C UNK M 1521 -33.40 56.22 123.42
N UNK M 1522 -34.26 55.92 122.44
CA UNK M 1522 -35.64 56.41 122.34
C UNK M 1522 -36.42 56.68 123.63
N UNK M 1523 -35.88 56.24 124.75
CA UNK M 1523 -36.51 56.46 126.06
C UNK M 1523 -35.71 57.50 126.84
N UNK M 1524 -34.95 58.30 126.08
CA UNK M 1524 -34.60 59.68 126.45
C UNK M 1524 -35.55 60.67 125.71
N UNK M 1525 -35.56 60.53 124.38
CA UNK M 1525 -36.33 61.35 123.47
C UNK M 1525 -37.83 61.41 123.76
N UNK M 1526 -38.27 60.69 124.80
CA UNK M 1526 -39.68 60.68 125.17
C UNK M 1526 -39.90 60.90 126.65
N UNK M 1527 -39.04 60.28 127.46
CA UNK M 1527 -39.26 60.22 128.92
C UNK M 1527 -39.16 61.63 129.47
N UNK M 1528 -38.54 62.47 128.63
CA UNK M 1528 -38.39 63.91 128.91
C UNK M 1528 -39.74 64.64 128.95
N UNK M 1529 -40.78 63.98 128.44
CA UNK M 1529 -42.11 64.58 128.34
C UNK M 1529 -42.96 64.29 129.57
N UNK M 1530 -42.28 64.02 130.70
CA UNK M 1530 -42.89 63.58 131.99
C UNK M 1530 -43.80 64.62 132.63
N UNK M 1905 -59.97 33.85 95.05
CA UNK M 1905 -59.98 34.24 93.65
C UNK M 1905 -61.32 33.92 92.98
N UNK M 1906 -61.24 33.36 91.77
CA UNK M 1906 -62.40 33.07 90.94
C UNK M 1906 -63.53 32.34 91.67
N UNK M 1907 -63.42 31.01 91.75
CA UNK M 1907 -64.38 30.16 92.49
C UNK M 1907 -64.42 30.50 93.98
N UNK M 1908 -65.33 31.42 94.27
CA UNK M 1908 -65.48 32.16 95.53
C UNK M 1908 -66.02 33.53 95.06
N UNK M 1909 -65.14 34.38 94.48
CA UNK M 1909 -65.62 35.54 93.72
C UNK M 1909 -66.71 34.99 92.81
N UNK M 1910 -66.68 33.66 92.63
CA UNK M 1910 -67.67 32.91 91.90
C UNK M 1910 -68.54 32.06 92.83
N UNK M 1911 -67.89 31.43 93.81
CA UNK M 1911 -68.60 30.54 94.69
C UNK M 1911 -69.56 31.30 95.60
N UNK M 1912 -69.16 32.47 96.06
CA UNK M 1912 -70.03 33.22 96.94
C UNK M 1912 -71.45 33.27 96.33
N UNK M 1913 -71.51 33.27 94.99
CA UNK M 1913 -72.75 33.27 94.23
C UNK M 1913 -73.56 32.16 94.83
N UNK M 1914 -73.04 30.94 94.74
CA UNK M 1914 -73.75 29.70 95.09
C UNK M 1914 -74.55 29.90 96.38
N UNK M 1915 -73.95 30.59 97.33
CA UNK M 1915 -74.68 31.05 98.48
C UNK M 1915 -75.69 32.13 98.06
N UNK M 1916 -75.18 33.34 97.80
CA UNK M 1916 -76.03 34.51 97.59
C UNK M 1916 -76.63 34.66 96.18
N UNK M 1917 -76.71 33.56 95.42
CA UNK M 1917 -77.69 33.44 94.34
C UNK M 1917 -78.98 33.13 95.05
N UNK M 1918 -78.82 32.37 96.15
CA UNK M 1918 -79.84 31.48 96.76
C UNK M 1918 -81.17 32.05 97.27
N UNK M 1919 -81.08 32.85 98.33
CA UNK M 1919 -82.26 33.45 98.96
C UNK M 1919 -82.45 34.93 98.57
N UNK M 1920 -82.98 35.09 97.37
CA UNK M 1920 -83.32 36.38 96.76
C UNK M 1920 -84.84 36.62 96.70
N UNK M 2005 -78.46 29.28 87.94
CA UNK M 2005 -77.52 29.99 88.79
C UNK M 2005 -76.14 29.34 88.69
N UNK M 2006 -76.01 28.20 89.36
CA UNK M 2006 -74.88 27.31 89.14
C UNK M 2006 -74.60 27.44 87.64
N UNK M 2007 -75.71 27.62 86.92
CA UNK M 2007 -75.71 27.81 85.50
C UNK M 2007 -74.35 28.44 85.12
N UNK M 2008 -74.30 29.76 85.12
CA UNK M 2008 -73.11 30.50 84.70
C UNK M 2008 -71.94 29.88 85.36
N UNK M 2009 -72.12 29.58 86.66
CA UNK M 2009 -71.06 29.09 87.58
C UNK M 2009 -70.45 27.79 87.07
N UNK M 2010 -71.29 27.02 86.42
CA UNK M 2010 -70.84 25.94 85.61
C UNK M 2010 -69.98 26.48 84.45
N UNK M 2105 -72.86 44.28 90.53
CA UNK M 2105 -72.91 43.58 91.82
C UNK M 2105 -74.14 42.64 92.06
N UNK M 2106 -75.10 42.61 91.12
CA UNK M 2106 -76.09 41.53 91.07
C UNK M 2106 -76.33 41.12 89.63
N UNK M 2107 -75.23 40.98 88.89
CA UNK M 2107 -75.28 40.37 87.59
C UNK M 2107 -73.93 40.39 86.86
N UNK M 2108 -73.11 41.40 87.10
CA UNK M 2108 -71.79 41.44 86.45
C UNK M 2108 -71.11 40.13 86.81
N UNK M 2109 -71.35 39.76 88.06
CA UNK M 2109 -70.93 38.52 88.71
C UNK M 2109 -71.25 37.26 87.89
N UNK M 2110 -72.48 37.20 87.36
CA UNK M 2110 -72.86 36.17 86.40
C UNK M 2110 -71.77 35.96 85.35
N UNK M 2111 -70.78 36.84 85.36
CA UNK M 2111 -69.65 36.75 84.44
C UNK M 2111 -68.36 36.62 85.21
N UNK M 2112 -68.41 36.96 86.50
CA UNK M 2112 -67.25 36.82 87.39
C UNK M 2112 -66.93 35.36 87.58
N UNK M 2113 -67.95 34.52 87.36
CA UNK M 2113 -67.87 33.05 87.53
C UNK M 2113 -67.08 32.33 86.43
N UNK M 2114 -67.68 32.11 85.24
CA UNK M 2114 -66.92 31.63 84.06
C UNK M 2114 -65.63 32.46 83.91
N UNK M 2115 -65.64 33.60 84.58
CA UNK M 2115 -64.47 34.42 84.80
C UNK M 2115 -64.05 34.20 86.23
N UNK M 2205 -84.85 45.41 81.06
CA UNK M 2205 -85.06 45.14 79.64
C UNK M 2205 -83.75 44.89 78.89
N UNK M 2206 -82.65 45.55 79.29
CA UNK M 2206 -81.39 45.48 78.52
C UNK M 2206 -80.11 45.65 79.32
N UNK M 2207 -80.22 45.47 80.64
CA UNK M 2207 -79.08 45.04 81.48
C UNK M 2207 -79.02 43.50 81.41
N UNK M 2208 -80.10 42.87 81.90
CA UNK M 2208 -80.16 41.41 82.03
C UNK M 2208 -79.52 40.80 80.84
N UNK M 2209 -79.87 41.27 79.66
CA UNK M 2209 -79.32 40.73 78.42
C UNK M 2209 -77.80 40.99 78.24
N UNK M 2210 -77.33 42.10 78.82
CA UNK M 2210 -75.92 42.49 78.77
C UNK M 2210 -75.10 41.59 79.67
N UNK M 2211 -75.71 41.25 80.82
CA UNK M 2211 -75.14 40.33 81.82
C UNK M 2211 -75.63 38.85 81.68
N UNK M 2212 -76.06 38.47 80.48
CA UNK M 2212 -76.47 37.10 80.21
C UNK M 2212 -75.80 36.66 78.92
N UNK M 2213 -76.13 37.31 77.81
CA UNK M 2213 -75.41 37.03 76.54
C UNK M 2213 -73.98 37.56 76.70
N UNK M 2214 -73.70 37.98 77.94
CA UNK M 2214 -72.35 38.20 78.43
C UNK M 2214 -71.60 36.85 78.50
N UNK M 2215 -72.33 35.82 78.89
CA UNK M 2215 -71.87 34.45 78.79
C UNK M 2215 -72.07 34.01 77.36
N UNK M 2216 -73.27 34.25 76.83
CA UNK M 2216 -73.69 33.66 75.55
C UNK M 2216 -72.54 32.88 74.85
N UNK M 2217 -71.66 33.55 74.16
CA UNK M 2217 -70.59 32.82 73.56
C UNK M 2217 -69.35 32.99 74.35
N UNK M 2218 -69.50 33.29 75.63
CA UNK M 2218 -68.34 33.34 76.55
C UNK M 2218 -68.25 32.04 77.42
N UNK M 2219 -69.40 31.67 78.01
CA UNK M 2219 -69.69 30.31 78.45
C UNK M 2219 -69.40 29.33 77.28
N UNK M 2220 -70.40 29.11 76.42
CA UNK M 2220 -70.23 28.27 75.23
C UNK M 2220 -68.96 28.65 74.47
N UNK M 2221 -67.90 28.93 75.22
CA UNK M 2221 -66.63 29.33 74.65
C UNK M 2221 -65.46 28.62 75.33
N UNK M 2222 -65.43 28.65 76.66
CA UNK M 2222 -64.44 27.88 77.40
C UNK M 2222 -64.71 26.42 77.10
N UNK M 2223 -65.91 26.16 76.58
CA UNK M 2223 -66.38 24.84 76.09
C UNK M 2223 -65.50 24.35 74.99
N UNK M 2305 3.15 40.53 135.57
CA UNK M 2305 3.47 40.05 136.94
C UNK M 2305 2.30 40.13 137.96
N UNK M 2306 1.12 40.47 137.45
CA UNK M 2306 -0.17 40.06 137.99
C UNK M 2306 -0.79 39.31 136.80
N UNK M 2307 0.07 39.18 135.78
CA UNK M 2307 -0.05 38.22 134.69
C UNK M 2307 0.84 36.97 134.94
N UNK M 2308 1.52 36.96 136.09
CA UNK M 2308 2.34 35.83 136.54
C UNK M 2308 1.90 35.17 137.88
N UNK M 2309 1.52 35.96 138.87
CA UNK M 2309 1.14 35.40 140.18
C UNK M 2309 -0.24 34.79 140.14
N UNK M 2310 -0.75 34.55 138.93
CA UNK M 2310 -1.91 33.69 138.75
C UNK M 2310 -1.66 32.93 137.46
N UNK M 2311 -0.37 32.68 137.24
CA UNK M 2311 0.07 31.67 136.28
C UNK M 2311 0.75 30.59 137.13
N UNK M 2312 1.77 31.00 137.89
CA UNK M 2312 2.44 30.11 138.86
C UNK M 2312 1.70 30.04 140.23
N UNK M 2313 0.38 30.24 140.19
CA UNK M 2313 -0.50 30.04 141.37
C UNK M 2313 -1.78 29.34 140.92
N UNK M 2314 -1.79 28.96 139.65
CA UNK M 2314 -2.81 28.08 139.10
C UNK M 2314 -2.09 27.16 138.09
N UNK M 2315 -0.76 27.28 138.08
CA UNK M 2315 0.09 26.26 137.45
C UNK M 2315 0.14 25.04 138.39
N UNK M 2316 0.31 25.34 139.69
CA UNK M 2316 0.24 24.36 140.77
C UNK M 2316 -1.20 23.86 140.99
N UNK M 2317 -2.19 24.65 140.59
CA UNK M 2317 -3.61 24.25 140.71
C UNK M 2317 -4.09 23.37 139.55
N UNK M 2318 -3.22 23.16 138.58
CA UNK M 2318 -3.34 22.00 137.69
C UNK M 2318 -2.31 20.93 138.16
N UNK M 2319 -1.86 21.07 139.42
CA UNK M 2319 -1.10 20.07 140.18
C UNK M 2319 -1.77 19.79 141.53
N UNK M 2320 -1.48 20.62 142.54
CA UNK M 2320 -1.99 20.44 143.92
C UNK M 2320 -3.43 19.88 144.09
N UNK M 2321 -4.15 19.76 142.97
CA UNK M 2321 -5.33 18.92 142.85
C UNK M 2321 -5.11 18.09 141.58
N UNK M 2322 -4.60 16.87 141.74
CA UNK M 2322 -4.28 15.98 140.60
C UNK M 2322 -4.41 14.49 140.88
N UNK M 2405 8.26 42.33 134.99
CA UNK M 2405 6.87 42.28 134.49
C UNK M 2405 6.78 42.41 132.94
N UNK M 2406 7.89 42.13 132.25
CA UNK M 2406 7.99 42.32 130.81
C UNK M 2406 8.70 41.16 130.08
N UNK M 2407 10.04 41.14 130.10
CA UNK M 2407 10.80 39.93 129.73
C UNK M 2407 11.16 39.13 131.02
N UNK M 2408 10.31 39.35 132.03
CA UNK M 2408 9.95 38.45 133.12
C UNK M 2408 8.38 38.47 133.22
N UNK M 2409 7.74 38.29 132.04
CA UNK M 2409 6.26 38.28 131.79
C UNK M 2409 5.88 38.48 130.29
N UNK M 2410 6.78 38.07 129.39
CA UNK M 2410 6.53 37.88 127.94
C UNK M 2410 7.59 36.93 127.32
N UNK M 2411 8.57 36.54 128.15
CA UNK M 2411 9.33 35.28 128.02
C UNK M 2411 8.70 34.29 128.99
N UNK M 2412 8.24 34.81 130.14
CA UNK M 2412 7.32 34.09 130.99
C UNK M 2412 6.16 33.60 130.15
N UNK M 2413 5.85 34.37 129.09
CA UNK M 2413 4.84 33.98 128.08
C UNK M 2413 5.48 33.11 126.99
N UNK M 2414 6.74 32.73 127.21
CA UNK M 2414 7.42 31.68 126.44
C UNK M 2414 7.61 30.41 127.29
N UNK M 2415 6.95 30.41 128.45
CA UNK M 2415 6.57 29.18 129.12
C UNK M 2415 5.35 28.60 128.39
N UNK M 2416 4.25 29.34 128.39
CA UNK M 2416 2.99 28.92 127.72
C UNK M 2416 3.00 29.13 126.20
N UNK M 2417 4.19 29.18 125.62
CA UNK M 2417 4.42 29.52 124.20
C UNK M 2417 4.15 28.39 123.20
N UNK M 2418 5.21 27.67 122.82
CA UNK M 2418 5.11 26.35 122.20
C UNK M 2418 5.10 25.18 123.27
N UNK M 2419 4.98 25.57 124.54
CA UNK M 2419 4.46 24.66 125.53
C UNK M 2419 3.04 24.41 125.04
N UNK M 2420 2.11 25.20 125.56
CA UNK M 2420 0.70 25.14 125.21
C UNK M 2420 0.50 25.10 123.70
N UNK M 2505 -7.75 19.06 123.33
CA UNK M 2505 -7.50 20.18 124.24
C UNK M 2505 -8.69 21.15 124.42
N UNK M 2506 -8.79 21.76 125.60
CA UNK M 2506 -9.90 22.68 125.89
C UNK M 2506 -9.89 23.23 127.32
N UNK M 2507 -8.73 23.18 127.96
CA UNK M 2507 -8.55 23.72 129.32
C UNK M 2507 -7.18 24.40 129.50
N UNK M 2508 -6.18 23.90 128.80
CA UNK M 2508 -4.96 24.61 128.65
C UNK M 2508 -4.98 25.30 127.27
N UNK M 2509 -5.50 24.58 126.25
CA UNK M 2509 -5.60 25.07 124.85
C UNK M 2509 -6.62 26.20 124.76
N UNK M 2510 -7.83 25.97 125.27
CA UNK M 2510 -8.73 27.06 125.53
C UNK M 2510 -8.43 27.68 126.91
N UNK M 2511 -7.15 27.67 127.28
CA UNK M 2511 -6.58 28.54 128.31
C UNK M 2511 -5.48 29.44 127.68
N UNK M 2512 -4.98 29.00 126.53
CA UNK M 2512 -4.36 29.92 125.60
C UNK M 2512 -5.51 30.88 125.32
N UNK M 2513 -6.71 30.32 125.11
CA UNK M 2513 -7.96 31.11 124.99
C UNK M 2513 -8.31 31.88 126.28
N UNK M 2514 -7.27 32.12 127.08
CA UNK M 2514 -7.25 33.22 128.00
C UNK M 2514 -5.86 33.88 127.98
N UNK M 2515 -4.84 33.18 127.44
CA UNK M 2515 -3.40 33.55 127.62
C UNK M 2515 -2.59 34.12 126.39
N UNK M 2516 -2.37 33.34 125.34
CA UNK M 2516 -2.03 33.98 124.08
C UNK M 2516 -3.38 34.51 123.63
N UNK M 2517 -4.07 35.08 124.63
CA UNK M 2517 -5.30 35.88 124.56
C UNK M 2517 -5.34 36.79 125.83
N UNK M 2518 -4.13 37.21 126.23
CA UNK M 2518 -3.89 38.15 127.32
C UNK M 2518 -2.55 38.82 127.00
N UNK M 2519 -1.58 38.03 126.53
CA UNK M 2519 -0.46 38.60 125.83
C UNK M 2519 -1.10 39.40 124.67
N UNK M 2520 -1.72 38.66 123.76
CA UNK M 2520 -2.51 39.24 122.67
C UNK M 2520 -3.74 39.98 123.21
N UNK M 2605 6.19 41.40 105.10
CA UNK M 2605 4.76 41.64 105.27
C UNK M 2605 4.35 41.75 106.73
N UNK M 2606 5.38 41.69 107.59
CA UNK M 2606 5.32 41.36 109.03
C UNK M 2606 4.02 41.60 109.79
N UNK M 2607 3.30 42.68 109.44
CA UNK M 2607 2.13 43.07 110.21
C UNK M 2607 0.78 42.82 109.54
N UNK M 2608 0.80 42.45 108.26
CA UNK M 2608 -0.43 41.96 107.58
C UNK M 2608 -0.55 40.46 107.80
N UNK M 2609 0.61 39.86 108.12
CA UNK M 2609 0.79 38.44 108.46
C UNK M 2609 0.06 38.12 109.76
N UNK M 2610 0.31 38.92 110.78
CA UNK M 2610 -0.47 38.84 112.02
C UNK M 2610 -1.98 38.96 111.75
N UNK M 2611 -2.31 39.33 110.53
CA UNK M 2611 -3.71 39.44 110.09
C UNK M 2611 -4.12 38.14 109.40
N UNK M 2612 -3.22 37.15 109.49
CA UNK M 2612 -3.55 35.71 109.30
C UNK M 2612 -3.75 34.98 110.66
N UNK M 2613 -2.91 35.33 111.64
CA UNK M 2613 -2.79 34.61 112.93
C UNK M 2613 -3.98 34.67 113.92
N UNK M 2614 -4.84 35.68 113.79
CA UNK M 2614 -5.95 35.85 114.76
C UNK M 2614 -7.29 35.35 114.16
N UNK M 2615 -7.15 34.78 112.96
CA UNK M 2615 -8.21 34.06 112.28
C UNK M 2615 -7.62 32.69 112.06
N UNK M 2616 -6.83 32.27 113.04
CA UNK M 2616 -6.33 30.92 113.15
C UNK M 2616 -6.26 30.59 114.67
N UNK M 2617 -5.74 31.51 115.47
CA UNK M 2617 -5.93 31.45 116.92
C UNK M 2617 -7.43 31.56 117.22
N UNK M 2618 -8.23 31.10 116.26
CA UNK M 2618 -9.68 31.23 116.24
C UNK M 2618 -10.15 30.18 115.30
N UNK M 2619 -9.29 29.84 114.35
CA UNK M 2619 -9.40 28.54 113.71
C UNK M 2619 -8.63 27.54 114.62
N UNK M 2620 -8.60 27.88 115.91
CA UNK M 2620 -8.26 26.97 117.00
C UNK M 2620 -9.35 27.05 118.09
N UNK M 2621 -9.14 27.88 119.11
CA UNK M 2621 -10.06 28.03 120.27
C UNK M 2621 -11.49 28.56 120.00
N UNK M 2622 -11.87 28.56 118.72
CA UNK M 2622 -13.27 28.69 118.30
C UNK M 2622 -13.65 27.32 117.75
N UNK M 2623 -12.58 26.53 117.59
CA UNK M 2623 -12.64 25.07 117.67
C UNK M 2623 -12.30 24.67 119.12
N UNK M 2624 -13.28 24.83 120.05
CA UNK M 2624 -13.11 24.59 121.51
C UNK M 2624 -14.31 25.09 122.33
N UNK M 2625 -15.45 25.30 121.66
CA UNK M 2625 -16.71 25.79 122.27
C UNK M 2625 -17.80 26.10 121.25
N UNK M 2626 -17.45 26.03 119.97
CA UNK M 2626 -18.35 25.53 118.95
C UNK M 2626 -17.77 24.14 118.63
N UNK M 2627 -17.03 23.61 119.63
CA UNK M 2627 -16.47 22.26 119.63
C UNK M 2627 -16.62 21.66 121.05
N UNK M 2628 -16.24 22.39 122.10
CA UNK M 2628 -16.61 21.97 123.47
C UNK M 2628 -18.10 22.26 123.69
N UNK M 2629 -18.82 22.35 122.55
CA UNK M 2629 -20.28 22.34 122.45
C UNK M 2629 -20.66 21.81 121.06
N UNK M 2630 -19.75 20.99 120.52
CA UNK M 2630 -20.07 19.94 119.54
C UNK M 2630 -19.26 18.67 119.85
N UNK M 2705 -22.16 21.54 109.37
CA UNK M 2705 -21.42 22.77 109.73
C UNK M 2705 -19.90 22.70 109.47
N UNK M 2706 -19.57 22.16 108.29
CA UNK M 2706 -18.25 22.31 107.62
C UNK M 2706 -18.39 23.38 106.58
N UNK M 2707 -19.66 23.74 106.33
CA UNK M 2707 -20.11 24.97 105.69
C UNK M 2707 -19.38 26.19 106.29
N UNK M 2708 -19.82 26.61 107.48
CA UNK M 2708 -19.16 27.71 108.19
C UNK M 2708 -17.62 27.63 108.12
N UNK M 2709 -17.07 26.42 107.98
CA UNK M 2709 -15.61 26.21 107.95
C UNK M 2709 -14.95 27.20 106.98
N UNK M 2710 -15.66 27.42 105.87
CA UNK M 2710 -15.39 28.53 104.98
C UNK M 2710 -16.66 29.43 104.98
N UNK M 2711 -16.63 30.42 105.89
CA UNK M 2711 -17.63 31.53 106.00
C UNK M 2711 -17.02 32.63 106.90
N UNK M 2712 -15.72 32.43 107.18
CA UNK M 2712 -14.86 33.33 107.92
C UNK M 2712 -13.44 32.87 107.63
N UNK M 2713 -13.33 31.91 106.72
CA UNK M 2713 -12.02 31.32 106.37
C UNK M 2713 -11.73 31.21 104.86
N UNK M 2714 -12.77 31.43 104.03
CA UNK M 2714 -12.66 31.56 102.55
C UNK M 2714 -12.51 33.04 102.17
N UNK M 2715 -13.49 33.86 102.57
CA UNK M 2715 -13.28 35.28 102.77
C UNK M 2715 -12.22 35.45 103.87
N UNK M 2716 -11.03 34.86 103.58
CA UNK M 2716 -9.79 34.81 104.42
C UNK M 2716 -8.66 34.17 103.57
N UNK M 2717 -8.95 33.97 102.28
CA UNK M 2717 -7.94 33.66 101.26
C UNK M 2717 -7.49 34.96 100.58
N UNK M 2718 -7.98 36.07 101.12
CA UNK M 2718 -7.53 37.43 100.76
C UNK M 2718 -6.87 38.14 101.96
N UNK M 2719 -7.63 38.33 103.05
CA UNK M 2719 -7.07 38.91 104.29
C UNK M 2719 -7.09 37.97 105.52
N UNK M 2805 12.03 15.43 89.74
CA UNK M 2805 12.21 15.00 91.14
C UNK M 2805 11.04 15.45 92.02
N UNK M 2806 10.34 16.48 91.56
CA UNK M 2806 8.97 16.76 92.00
C UNK M 2806 8.21 17.25 90.79
N UNK M 2807 8.92 17.31 89.67
CA UNK M 2807 8.29 17.31 88.37
C UNK M 2807 8.22 15.85 87.86
N UNK M 2808 7.58 15.02 88.69
CA UNK M 2808 7.05 13.70 88.33
C UNK M 2808 5.67 13.62 88.97
N UNK M 2809 5.32 14.71 89.67
CA UNK M 2809 4.08 14.81 90.44
C UNK M 2809 3.32 16.14 90.32
N UNK M 2810 3.97 17.17 89.74
CA UNK M 2810 3.36 18.52 89.49
C UNK M 2810 2.75 18.60 88.08
N UNK M 2811 3.50 18.09 87.10
CA UNK M 2811 2.94 17.75 85.79
C UNK M 2811 2.25 16.39 85.83
N UNK M 2812 1.76 16.02 87.04
CA UNK M 2812 1.14 14.70 87.36
C UNK M 2812 0.16 14.63 88.57
N UNK M 2813 0.14 15.67 89.42
CA UNK M 2813 -1.04 15.93 90.31
C UNK M 2813 -2.00 16.90 89.58
N UNK M 2814 -1.44 17.54 88.55
CA UNK M 2814 -2.17 18.32 87.55
C UNK M 2814 -2.62 17.41 86.41
N UNK M 2815 -1.68 16.99 85.56
CA UNK M 2815 -2.04 16.26 84.34
C UNK M 2815 -3.11 15.20 84.59
N UNK M 2816 -3.40 14.95 85.87
CA UNK M 2816 -4.37 13.95 86.28
C UNK M 2816 -5.51 14.59 87.08
N UNK M 2817 -5.24 15.79 87.61
CA UNK M 2817 -6.30 16.68 88.18
C UNK M 2817 -7.14 17.26 87.04
N UNK M 2818 -6.47 17.49 85.90
CA UNK M 2818 -7.06 18.03 84.68
C UNK M 2818 -8.44 17.46 84.50
N UNK M 2819 -8.53 16.13 84.41
CA UNK M 2819 -9.81 15.43 84.24
C UNK M 2819 -10.67 15.54 85.48
N UNK M 2820 -10.13 16.14 86.53
CA UNK M 2820 -10.93 16.40 87.72
C UNK M 2820 -12.18 17.22 87.37
N UNK M 2821 -11.98 18.22 86.50
CA UNK M 2821 -13.02 19.15 86.06
C UNK M 2821 -13.93 18.44 85.08
N UNK M 2822 -13.41 17.43 84.39
CA UNK M 2822 -14.25 16.53 83.61
C UNK M 2822 -15.04 15.59 84.51
N UNK M 2905 1.79 9.32 100.50
CA UNK M 2905 1.67 10.38 101.48
C UNK M 2905 2.51 10.09 102.72
N UNK M 2906 3.72 9.59 102.50
CA UNK M 2906 4.62 9.26 103.59
C UNK M 2906 5.72 10.30 103.67
N UNK M 2907 6.40 10.49 102.54
CA UNK M 2907 7.56 11.39 102.39
C UNK M 2907 7.27 12.76 101.72
N UNK M 2908 6.83 12.71 100.44
CA UNK M 2908 6.28 13.89 99.72
C UNK M 2908 4.93 14.33 100.32
N UNK M 2909 4.88 14.30 101.65
CA UNK M 2909 4.29 15.37 102.39
C UNK M 2909 5.50 16.32 102.44
N UNK M 2910 6.51 16.01 103.25
CA UNK M 2910 7.66 16.93 103.44
C UNK M 2910 8.67 17.05 102.24
N UNK M 2911 8.10 17.26 101.05
CA UNK M 2911 8.84 17.66 99.82
C UNK M 2911 8.19 18.89 99.20
N UNK M 2912 7.25 19.46 99.96
CA UNK M 2912 6.58 20.73 99.68
C UNK M 2912 6.05 21.26 101.02
N UNK M 2913 6.32 20.47 102.08
CA UNK M 2913 6.46 20.99 103.45
C UNK M 2913 7.97 21.29 103.74
N UNK M 2914 8.73 21.48 102.65
CA UNK M 2914 10.07 22.07 102.67
C UNK M 2914 10.23 23.15 101.60
N UNK M 2915 9.27 24.08 101.56
CA UNK M 2915 9.23 25.19 100.55
C UNK M 2915 9.09 26.62 101.11
N UNK M 2916 7.92 26.95 101.68
CA UNK M 2916 7.67 28.29 102.24
C UNK M 2916 8.81 28.84 103.09
N UNK M 3005 6.98 9.95 82.07
CA UNK M 3005 6.37 8.67 82.48
C UNK M 3005 5.21 8.86 83.45
N UNK M 3006 5.31 9.89 84.32
CA UNK M 3006 4.19 10.31 85.23
C UNK M 3006 3.07 11.11 84.51
N UNK M 3007 3.24 11.28 83.19
CA UNK M 3007 2.32 11.99 82.31
C UNK M 3007 1.69 11.16 81.18
N UNK M 3008 2.47 10.73 80.17
CA UNK M 3008 1.90 9.87 79.09
C UNK M 3008 1.41 8.55 79.69
N UNK M 3009 1.18 8.62 81.01
CA UNK M 3009 0.61 7.54 81.79
C UNK M 3009 -0.91 7.48 81.58
N UNK M 3010 -1.62 8.45 82.16
CA UNK M 3010 -3.11 8.40 82.31
C UNK M 3010 -4.01 8.92 81.13
N UNK M 3011 -4.05 8.13 80.06
CA UNK M 3011 -5.04 8.26 79.00
C UNK M 3011 -5.29 6.87 78.44
N UNK M 3012 -4.46 5.94 78.93
CA UNK M 3012 -4.33 4.58 78.38
C UNK M 3012 -3.62 3.60 79.39
N UNK M 3013 -3.82 3.88 80.68
CA UNK M 3013 -3.26 3.10 81.79
C UNK M 3013 -4.18 3.15 83.02
N UNK M 3105 -2.76 31.30 92.53
CA UNK M 3105 -1.69 30.41 92.05
C UNK M 3105 -2.18 29.01 91.58
N UNK M 3106 -1.73 28.59 90.41
CA UNK M 3106 -2.16 27.30 89.85
C UNK M 3106 -0.96 26.67 89.16
N UNK M 3107 -0.75 26.98 87.88
CA UNK M 3107 0.50 26.63 87.22
C UNK M 3107 1.70 27.34 87.95
N UNK M 3108 1.35 28.15 88.94
CA UNK M 3108 2.28 29.05 89.60
C UNK M 3108 3.54 28.30 90.04
N UNK M 3109 3.28 27.38 90.98
CA UNK M 3109 4.27 26.53 91.64
C UNK M 3109 4.69 25.33 90.75
N UNK M 3110 3.89 25.06 89.71
CA UNK M 3110 4.29 24.16 88.62
C UNK M 3110 5.51 24.76 87.95
N UNK M 3111 5.85 25.98 88.42
CA UNK M 3111 7.03 26.76 88.03
C UNK M 3111 8.05 26.95 89.18
N UNK M 3112 7.57 27.04 90.43
CA UNK M 3112 8.42 27.07 91.65
C UNK M 3112 9.13 25.74 91.89
N UNK M 3113 8.71 24.71 91.14
CA UNK M 3113 9.11 23.29 91.27
C UNK M 3113 10.18 22.79 90.27
N UNK M 3114 9.83 22.79 88.98
CA UNK M 3114 10.77 22.41 87.94
C UNK M 3114 11.64 23.63 87.44
N UNK M 3205 -33.91 48.97 108.81
CA UNK M 3205 -34.09 50.21 109.58
C UNK M 3205 -32.88 51.21 109.54
N UNK M 3206 -32.26 51.33 108.36
CA UNK M 3206 -31.17 52.31 108.15
C UNK M 3206 -31.75 53.75 108.16
N UNK M 3207 -32.82 53.97 107.39
CA UNK M 3207 -33.54 55.27 107.34
C UNK M 3207 -34.24 55.60 108.66
N UNK M 3208 -33.68 55.13 109.79
CA UNK M 3208 -34.38 55.19 111.06
C UNK M 3208 -33.66 56.13 112.04
N UNK M 3209 -32.83 55.62 112.94
CA UNK M 3209 -31.86 56.48 113.63
C UNK M 3209 -30.93 57.08 112.55
N UNK M 3210 -31.42 56.96 111.31
CA UNK M 3210 -30.98 57.79 110.21
C UNK M 3210 -32.11 58.77 109.84
N UNK M 3211 -33.33 58.29 109.85
CA UNK M 3211 -34.48 59.20 109.79
C UNK M 3211 -34.53 59.96 111.11
N UNK M 3212 -33.50 59.77 111.93
CA UNK M 3212 -33.36 60.48 113.21
C UNK M 3212 -31.90 60.73 113.41
N UNK M 3213 -31.18 60.56 112.32
CA UNK M 3213 -29.97 61.33 112.07
C UNK M 3213 -30.42 62.36 111.03
N UNK M 3214 -31.74 62.48 110.98
CA UNK M 3214 -32.47 63.60 110.41
C UNK M 3214 -32.81 64.49 111.58
N UNK M 3215 -33.12 63.86 112.71
CA UNK M 3215 -33.45 64.58 113.93
C UNK M 3215 -32.34 64.39 114.98
N UNK M 3216 -31.16 63.97 114.53
CA UNK M 3216 -29.96 64.15 115.30
C UNK M 3216 -29.80 65.66 115.43
N UNK M 3217 -30.05 66.36 114.30
CA UNK M 3217 -30.21 67.83 114.22
C UNK M 3217 -31.61 68.26 114.64
N UNK M 3305 -27.37 73.86 107.62
CA UNK M 3305 -28.74 73.63 108.04
C UNK M 3305 -29.37 72.46 107.25
N UNK M 3306 -30.61 72.10 107.62
CA UNK M 3306 -31.38 71.00 107.01
C UNK M 3306 -31.17 70.88 105.50
N UNK M 3307 -30.52 71.93 104.95
CA UNK M 3307 -30.25 72.08 103.52
C UNK M 3307 -29.29 71.04 103.06
N UNK M 3308 -28.28 70.76 103.90
CA UNK M 3308 -27.38 69.59 103.73
C UNK M 3308 -27.89 68.32 104.46
N UNK M 3309 -28.34 68.49 105.70
CA UNK M 3309 -29.00 67.44 106.47
C UNK M 3309 -30.15 66.81 105.67
N UNK M 3310 -30.16 67.14 104.37
CA UNK M 3310 -31.08 66.60 103.41
C UNK M 3310 -30.33 65.75 102.37
N UNK M 3311 -29.01 65.91 102.31
CA UNK M 3311 -28.15 64.97 101.54
C UNK M 3311 -27.86 63.63 102.30
N UNK M 3312 -27.38 63.78 103.54
CA UNK M 3312 -27.43 62.74 104.53
C UNK M 3312 -28.88 62.71 104.99
N UNK M 3313 -29.78 62.26 104.10
CA UNK M 3313 -31.22 62.12 104.40
C UNK M 3313 -31.98 61.28 103.33
N UNK M 3314 -31.34 61.04 102.19
CA UNK M 3314 -31.75 59.96 101.25
C UNK M 3314 -30.54 59.06 101.13
N UNK M 3315 -29.62 59.29 102.08
CA UNK M 3315 -28.40 58.50 102.33
C UNK M 3315 -28.61 57.31 103.33
N UNK M 3316 -29.66 57.45 104.14
CA UNK M 3316 -30.18 56.39 105.03
C UNK M 3316 -31.13 55.41 104.30
N UNK M 3317 -30.77 55.00 103.07
CA UNK M 3317 -31.53 54.01 102.27
C UNK M 3317 -30.95 53.81 100.85
N UNK M 3413 -31.23 76.30 96.22
CA UNK M 3413 -31.08 76.15 97.68
C UNK M 3413 -30.94 74.68 98.12
N UNK M 3414 -31.72 73.80 97.50
CA UNK M 3414 -31.78 72.41 97.90
C UNK M 3414 -31.15 71.49 96.87
N UNK M 3415 -31.79 71.32 95.71
CA UNK M 3415 -31.17 70.57 94.63
C UNK M 3415 -29.75 71.07 94.48
N UNK M 3416 -29.48 72.09 95.28
CA UNK M 3416 -28.18 72.72 95.40
C UNK M 3416 -27.24 71.66 95.93
N UNK M 3417 -27.79 70.91 96.92
CA UNK M 3417 -27.12 69.91 97.80
C UNK M 3417 -26.37 68.82 97.07
N UNK M 3418 -27.01 68.26 96.03
CA UNK M 3418 -26.37 67.36 95.06
C UNK M 3418 -25.09 67.92 94.40
N UNK M 3419 -24.92 69.24 94.48
CA UNK M 3419 -23.76 69.93 93.91
C UNK M 3419 -22.82 70.60 94.94
N UNK M 3420 -23.26 70.74 96.19
CA UNK M 3420 -22.46 71.34 97.28
C UNK M 3420 -21.67 70.35 98.18
N UNK M 3421 -22.17 69.09 98.26
CA UNK M 3421 -21.54 67.97 99.03
C UNK M 3421 -21.08 66.86 98.08
N UNK M 3422 -21.80 66.66 96.98
CA UNK M 3422 -21.21 66.02 95.80
C UNK M 3422 -20.11 66.94 95.35
N UNK M 3423 -20.05 68.09 96.03
CA UNK M 3423 -18.93 69.00 95.99
C UNK M 3423 -18.74 69.49 97.41
N UNK M 3424 -18.43 68.51 98.27
CA UNK M 3424 -17.77 68.70 99.58
C UNK M 3424 -16.55 67.78 99.62
N UNK M 3425 -16.65 66.66 98.91
CA UNK M 3425 -15.63 65.62 98.97
C UNK M 3425 -14.67 65.63 97.78
N UNK M 3505 -20.38 75.62 87.84
CA UNK M 3505 -20.18 75.90 89.26
C UNK M 3505 -20.86 77.23 89.78
N UNK M 3506 -21.40 78.00 88.85
CA UNK M 3506 -22.01 79.33 89.10
C UNK M 3506 -22.97 79.65 87.96
N UNK M 3507 -22.40 79.74 86.75
CA UNK M 3507 -23.17 79.72 85.53
C UNK M 3507 -24.56 79.08 85.72
N UNK M 3508 -24.56 77.83 86.22
CA UNK M 3508 -25.75 76.94 86.28
C UNK M 3508 -26.71 77.01 87.50
N UNK M 3509 -26.49 77.97 88.40
CA UNK M 3509 -27.52 78.43 89.33
C UNK M 3509 -28.43 79.42 88.60
N UNK M 3510 -27.87 80.08 87.59
CA UNK M 3510 -28.64 80.90 86.67
C UNK M 3510 -29.44 79.92 85.81
N UNK M 3511 -28.73 79.32 84.85
CA UNK M 3511 -29.33 78.42 83.87
C UNK M 3511 -30.32 77.47 84.51
N UNK M 3512 -30.22 77.37 85.84
CA UNK M 3512 -31.09 76.52 86.64
C UNK M 3512 -32.47 77.15 86.84
N UNK M 3513 -32.48 78.45 87.18
CA UNK M 3513 -33.74 79.14 87.50
C UNK M 3513 -34.42 79.63 86.24
N UNK M 3514 -33.72 79.46 85.12
CA UNK M 3514 -34.21 79.98 83.87
C UNK M 3514 -35.47 79.30 83.37
N UNK M 3515 -35.27 78.32 82.49
CA UNK M 3515 -36.32 77.62 81.72
C UNK M 3515 -37.50 77.02 82.52
N UNK M 3516 -37.52 77.32 83.81
CA UNK M 3516 -38.65 77.05 84.66
C UNK M 3516 -39.52 78.29 84.70
N UNK M 3517 -38.86 79.44 84.92
CA UNK M 3517 -39.49 80.77 84.88
C UNK M 3517 -40.00 81.21 83.45
N UNK M 3518 -39.26 80.79 82.41
CA UNK M 3518 -39.69 80.86 80.99
C UNK M 3518 -40.92 79.99 80.72
N UNK M 3605 -45.31 79.66 72.61
CA UNK M 3605 -44.02 79.12 72.18
C UNK M 3605 -42.83 79.91 72.71
N UNK M 3606 -42.17 80.59 71.78
CA UNK M 3606 -40.72 80.93 71.86
C UNK M 3606 -40.11 81.61 73.10
N UNK M 3607 -40.77 81.56 74.25
CA UNK M 3607 -40.10 81.87 75.51
C UNK M 3607 -39.28 80.64 75.95
N UNK M 3608 -38.68 79.95 74.96
CA UNK M 3608 -38.18 78.57 75.13
C UNK M 3608 -36.91 78.18 74.32
N UNK M 3609 -36.54 79.00 73.33
CA UNK M 3609 -35.31 78.75 72.52
C UNK M 3609 -34.04 79.39 73.13
N UNK M 3610 -34.20 79.95 74.34
CA UNK M 3610 -33.10 80.28 75.26
C UNK M 3610 -33.21 79.34 76.43
N UNK M 3611 -34.12 78.37 76.25
CA UNK M 3611 -34.30 77.16 77.08
C UNK M 3611 -33.69 75.92 76.40
N UNK M 3612 -33.89 75.83 75.08
CA UNK M 3612 -33.23 74.83 74.22
C UNK M 3612 -31.70 74.93 74.12
N UNK M 3613 -31.18 75.39 72.98
CA UNK M 3613 -29.74 75.47 72.73
C UNK M 3613 -28.92 76.46 73.61
N UNK M 3614 -29.54 77.02 74.65
CA UNK M 3614 -28.81 77.78 75.67
C UNK M 3614 -27.89 76.79 76.40
N UNK M 3615 -28.44 75.58 76.65
CA UNK M 3615 -27.76 74.41 77.27
C UNK M 3615 -26.73 73.75 76.37
N UNK M 3616 -27.04 73.60 75.09
CA UNK M 3616 -26.04 73.16 74.09
C UNK M 3616 -24.85 74.10 73.98
N UNK M 3617 -24.73 74.95 75.01
CA UNK M 3617 -23.49 75.63 75.39
C UNK M 3617 -23.47 75.96 76.92
N UNK M 3618 -24.06 75.03 77.70
CA UNK M 3618 -23.76 74.73 79.14
C UNK M 3618 -23.37 73.25 79.20
N UNK M 3619 -22.70 72.84 78.10
CA UNK M 3619 -22.62 71.46 77.63
C UNK M 3619 -21.64 71.36 76.48
N UNK M 3620 -21.67 72.35 75.59
CA UNK M 3620 -20.62 72.50 74.57
C UNK M 3620 -19.62 73.48 75.11
N UNK M 3621 -20.00 74.05 76.26
CA UNK M 3621 -19.05 74.63 77.23
C UNK M 3621 -18.35 73.49 78.05
N UNK M 3622 -18.84 72.27 77.79
CA UNK M 3622 -18.44 71.05 78.45
C UNK M 3622 -18.27 69.94 77.40
N UNK N 800 -48.85 68.60 73.06
CA UNK N 800 -49.61 69.44 74.04
C UNK N 800 -48.67 70.06 75.09
N UNK N 801 -48.28 71.32 74.90
CA UNK N 801 -47.57 72.08 75.96
C UNK N 801 -48.44 73.25 76.41
N UNK N 802 -48.90 73.19 77.66
CA UNK N 802 -49.84 74.16 78.22
C UNK N 802 -49.76 74.32 79.73
N UNK N 803 -50.84 74.78 80.33
CA UNK N 803 -50.79 75.16 81.73
C UNK N 803 -52.11 75.01 82.40
N UNK N 804 -52.06 75.19 83.70
CA UNK N 804 -53.12 74.75 84.55
C UNK N 804 -54.22 75.77 84.58
N UNK N 805 -55.35 75.45 83.94
CA UNK N 805 -56.55 76.27 84.06
C UNK N 805 -56.76 76.65 85.52
N UNK N 806 -55.95 76.00 86.38
CA UNK N 806 -55.99 76.15 87.85
C UNK N 806 -55.32 77.44 88.34
N UNK N 807 -55.69 77.78 89.58
CA UNK N 807 -55.33 79.05 90.22
C UNK N 807 -53.86 79.43 90.20
N UNK N 808 -53.03 78.63 89.54
CA UNK N 808 -51.62 78.95 89.47
C UNK N 808 -50.99 78.54 88.14
N UNK N 809 -51.76 78.74 87.05
CA UNK N 809 -51.36 78.41 85.66
C UNK N 809 -49.99 77.71 85.52
N UNK N 810 -49.98 76.43 85.94
CA UNK N 810 -48.80 75.58 86.00
C UNK N 810 -48.68 74.83 84.68
N UNK N 811 -47.44 74.62 84.23
CA UNK N 811 -47.14 74.37 82.79
C UNK N 811 -46.63 72.99 82.39
N UNK N 812 -47.42 72.29 81.57
CA UNK N 812 -47.11 70.98 81.02
C UNK N 812 -45.90 70.97 80.08
N UNK N 813 -44.77 71.45 80.62
CA UNK N 813 -43.56 71.74 79.84
C UNK N 813 -42.90 70.50 79.24
N UNK N 814 -43.75 69.56 78.81
CA UNK N 814 -43.33 68.28 78.23
C UNK N 814 -41.84 67.95 78.46
N UNK N 815 -41.08 67.76 77.38
CA UNK N 815 -39.65 67.43 77.43
C UNK N 815 -39.35 66.09 78.15
N UNK N 829 -43.74 63.64 81.01
CA UNK N 829 -42.38 64.14 81.23
C UNK N 829 -42.26 65.15 82.37
N UNK N 830 -41.40 66.17 82.20
CA UNK N 830 -41.25 67.28 83.17
C UNK N 830 -42.31 68.38 83.03
N UNK N 831 -42.71 68.95 84.16
CA UNK N 831 -43.81 69.89 84.24
C UNK N 831 -43.61 70.93 85.35
N UNK N 832 -43.49 72.21 84.93
CA UNK N 832 -43.25 73.37 85.80
C UNK N 832 -44.51 73.98 86.40
N UNK N 833 -44.47 74.30 87.69
CA UNK N 833 -45.63 74.86 88.41
C UNK N 833 -45.22 76.01 89.31
N UNK N 834 -46.17 76.91 89.57
CA UNK N 834 -45.81 78.21 90.14
C UNK N 834 -46.55 78.49 91.43
N UNK N 835 -45.80 78.44 92.53
CA UNK N 835 -46.27 78.86 93.86
C UNK N 835 -46.61 77.76 94.85
N UNK N 836 -45.59 76.99 95.19
CA UNK N 836 -45.74 75.85 96.09
C UNK N 836 -44.37 75.24 96.45
N UNK N 837 -43.88 75.56 97.66
CA UNK N 837 -42.71 74.90 98.20
C UNK N 837 -43.04 73.44 98.20
N UNK N 838 -42.08 72.64 97.72
CA UNK N 838 -42.25 71.17 97.67
C UNK N 838 -41.83 70.40 98.96
N UNK N 839 -40.55 70.45 99.33
CA UNK N 839 -40.16 70.02 100.65
C UNK N 839 -41.20 70.43 101.77
N UNK N 840 -42.46 70.39 101.40
CA UNK N 840 -43.58 70.41 102.32
C UNK N 840 -44.72 69.76 101.52
N UNK N 841 -44.29 69.21 100.37
CA UNK N 841 -45.04 68.32 99.51
C UNK N 841 -44.25 66.99 99.30
N UNK N 842 -42.96 67.09 98.95
CA UNK N 842 -42.07 65.92 98.72
C UNK N 842 -41.73 65.20 100.03
N UNK N 843 -41.73 65.96 101.13
CA UNK N 843 -41.75 65.37 102.43
C UNK N 843 -43.05 64.60 102.50
N UNK N 844 -44.13 65.27 102.88
CA UNK N 844 -45.46 64.64 102.98
C UNK N 844 -45.53 63.12 102.61
N UNK N 845 -45.43 62.80 101.32
CA UNK N 845 -45.52 61.43 100.87
C UNK N 845 -44.15 60.80 100.81
N UNK N 846 -43.28 61.11 101.77
CA UNK N 846 -41.96 60.44 101.85
C UNK N 846 -42.08 58.96 102.28
N UNK N 847 -42.80 58.76 103.40
CA UNK N 847 -43.07 57.44 104.00
C UNK N 847 -44.44 56.88 103.65
N UNK N 848 -45.17 57.55 102.77
CA UNK N 848 -46.30 56.92 102.13
C UNK N 848 -45.73 56.04 101.01
N UNK N 849 -44.69 55.31 101.40
CA UNK N 849 -44.02 54.26 100.63
C UNK N 849 -43.04 53.55 101.57
N UNK N 850 -42.72 54.22 102.66
CA UNK N 850 -41.95 53.61 103.74
C UNK N 850 -42.97 52.97 104.67
N UNK N 851 -44.21 52.89 104.20
CA UNK N 851 -45.16 51.95 104.75
C UNK N 851 -45.53 50.94 103.64
N UNK N 852 -44.92 51.10 102.48
CA UNK N 852 -45.03 50.07 101.43
C UNK N 852 -44.10 48.91 101.77
N UNK N 853 -42.96 49.26 102.40
CA UNK N 853 -41.93 48.33 102.85
C UNK N 853 -41.97 48.22 104.38
N UNK N 854 -42.98 48.83 104.98
CA UNK N 854 -43.34 48.50 106.33
C UNK N 854 -44.72 47.88 106.14
N UNK N 855 -45.04 47.65 104.86
CA UNK N 855 -46.15 46.79 104.47
C UNK N 855 -45.62 45.48 103.86
N UNK N 856 -44.54 45.55 103.05
CA UNK N 856 -43.90 44.33 102.56
C UNK N 856 -42.99 43.72 103.66
N UNK N 857 -42.78 44.45 104.74
CA UNK N 857 -42.26 43.85 105.96
C UNK N 857 -43.45 43.68 106.88
N UNK N 858 -44.58 43.41 106.21
CA UNK N 858 -45.77 42.80 106.78
C UNK N 858 -46.76 42.55 105.65
N UNK N 859 -46.28 41.80 104.65
CA UNK N 859 -46.98 41.48 103.38
C UNK N 859 -48.46 41.78 103.16
N UNK N 860 -48.75 42.44 102.04
CA UNK N 860 -50.13 42.67 101.58
C UNK N 860 -50.23 43.38 100.20
N UNK N 861 -49.33 42.95 99.29
CA UNK N 861 -49.06 43.53 97.96
C UNK N 861 -49.90 44.75 97.60
N UNK N 862 -49.42 45.94 97.99
CA UNK N 862 -50.11 47.26 97.81
C UNK N 862 -49.17 48.48 97.93
N UNK N 863 -48.27 48.65 96.96
CA UNK N 863 -47.38 49.82 96.89
C UNK N 863 -48.13 51.05 96.37
N UNK N 864 -48.55 51.95 97.25
CA UNK N 864 -49.36 53.17 96.87
C UNK N 864 -48.58 54.43 96.33
N UNK N 865 -48.95 54.91 95.13
CA UNK N 865 -48.05 55.80 94.36
C UNK N 865 -48.43 57.29 94.09
N UNK N 866 -47.93 58.20 94.93
CA UNK N 866 -47.59 59.56 94.54
C UNK N 866 -46.23 59.39 93.89
N UNK N 867 -45.53 60.46 93.50
CA UNK N 867 -44.16 60.36 92.88
C UNK N 867 -43.37 61.63 92.52
N UNK N 868 -42.18 61.36 91.93
CA UNK N 868 -41.12 62.31 91.42
C UNK N 868 -41.32 63.86 91.53
N UNK N 869 -40.55 64.52 92.41
CA UNK N 869 -40.99 65.78 92.95
C UNK N 869 -40.07 66.30 94.08
N UNK N 870 -38.86 66.65 93.69
CA UNK N 870 -38.07 67.65 94.43
C UNK N 870 -38.82 69.04 94.69
N UNK N 871 -38.58 69.67 95.86
CA UNK N 871 -38.74 71.08 95.76
C UNK N 871 -37.53 71.56 94.92
N UNK N 872 -37.78 72.46 94.00
CA UNK N 872 -36.78 72.83 93.02
C UNK N 872 -36.06 74.07 93.52
N UNK N 873 -36.87 75.14 93.61
CA UNK N 873 -36.43 76.52 93.81
C UNK N 873 -37.62 77.29 94.36
N UNK N 874 -37.30 78.38 95.07
CA UNK N 874 -38.27 79.01 95.97
C UNK N 874 -39.70 78.73 95.44
N UNK N 875 -40.57 78.29 96.30
CA UNK N 875 -41.83 77.71 95.83
C UNK N 875 -41.76 77.12 94.36
N UNK N 876 -41.26 75.87 94.15
CA UNK N 876 -40.98 75.42 92.76
C UNK N 876 -40.92 73.97 92.16
N UNK N 877 -41.87 73.62 91.29
CA UNK N 877 -41.42 73.25 89.93
C UNK N 877 -41.30 71.86 89.34
N UNK N 878 -40.55 70.98 90.00
CA UNK N 878 -40.29 69.62 89.45
C UNK N 878 -41.42 68.57 89.63
N UNK N 879 -41.73 67.84 88.55
CA UNK N 879 -42.98 67.05 88.46
C UNK N 879 -43.14 66.15 87.20
N UNK N 880 -43.75 64.97 87.32
CA UNK N 880 -43.99 64.17 86.11
C UNK N 880 -45.44 63.67 85.93
N UNK N 881 -46.37 64.29 86.66
CA UNK N 881 -47.81 63.99 86.58
C UNK N 881 -48.14 62.74 85.74
N UNK N 882 -48.72 61.75 86.43
CA UNK N 882 -48.70 60.29 86.05
C UNK N 882 -49.66 59.77 84.97
N UNK N 883 -49.04 59.18 83.97
CA UNK N 883 -49.63 59.02 82.63
C UNK N 883 -51.11 58.54 82.56
N UNK N 884 -51.92 59.21 81.70
CA UNK N 884 -53.34 58.90 81.47
C UNK N 884 -54.29 59.17 82.68
N UNK N 885 -53.81 60.01 83.60
CA UNK N 885 -54.61 60.36 84.80
C UNK N 885 -55.84 61.12 84.40
N UNK N 886 -57.04 60.67 84.80
CA UNK N 886 -58.10 61.64 85.04
C UNK N 886 -57.79 62.36 86.37
N UNK N 887 -58.86 62.72 87.08
CA UNK N 887 -58.80 63.09 88.48
C UNK N 887 -60.05 62.43 88.99
N UNK N 888 -60.11 62.28 90.32
CA UNK N 888 -61.29 61.90 91.06
C UNK N 888 -62.29 62.93 90.68
N UNK N 889 -61.87 64.20 90.77
CA UNK N 889 -62.67 65.36 90.39
C UNK N 889 -62.43 65.96 88.95
N UNK N 890 -62.24 65.08 87.94
CA UNK N 890 -62.38 65.48 86.52
C UNK N 890 -63.54 64.72 85.86
N UNK N 891 -63.25 63.52 85.36
CA UNK N 891 -64.22 62.43 85.09
C UNK N 891 -65.67 62.84 84.80
N UNK N 892 -66.39 63.17 85.87
CA UNK N 892 -67.74 63.65 85.77
C UNK N 892 -67.70 65.13 85.35
N UNK N 893 -67.02 65.36 84.22
CA UNK N 893 -67.08 66.65 83.54
C UNK N 893 -68.16 66.58 82.45
N UNK N 894 -67.92 65.71 81.45
CA UNK N 894 -68.87 65.43 80.35
C UNK N 894 -70.32 65.28 80.82
N UNK N 895 -70.61 64.23 81.61
CA UNK N 895 -71.98 63.69 81.78
C UNK N 895 -72.83 64.08 83.03
N UNK N 896 -72.34 65.01 83.84
CA UNK N 896 -73.11 65.51 85.01
C UNK N 896 -73.89 66.84 84.81
N UNK N 897 -74.47 67.32 85.92
CA UNK N 897 -75.02 68.66 86.03
C UNK N 897 -73.98 69.51 86.74
N UNK N 906 -72.14 55.53 87.50
CA UNK N 906 -71.68 56.79 88.11
C UNK N 906 -70.14 56.93 87.99
N UNK N 907 -69.44 57.21 89.09
CA UNK N 907 -67.96 57.16 89.12
C UNK N 907 -67.42 55.73 88.84
N UNK N 908 -68.25 55.01 88.07
CA UNK N 908 -68.01 53.69 87.53
C UNK N 908 -68.11 53.79 86.00
N UNK N 909 -69.15 54.51 85.58
CA UNK N 909 -69.50 54.68 84.17
C UNK N 909 -68.29 54.47 83.27
N UNK N 910 -67.15 55.04 83.65
CA UNK N 910 -66.03 55.17 82.72
C UNK N 910 -64.79 54.29 82.98
N UNK N 911 -65.07 53.02 83.29
CA UNK N 911 -64.17 51.94 82.88
C UNK N 911 -65.11 50.88 82.31
N UNK N 912 -66.40 51.02 82.64
CA UNK N 912 -67.46 50.25 82.00
C UNK N 912 -67.37 50.40 80.48
N UNK N 913 -67.37 51.64 79.97
CA UNK N 913 -67.28 51.96 78.53
C UNK N 913 -65.92 52.59 78.14
N UNK N 914 -65.46 53.51 78.99
CA UNK N 914 -64.12 54.09 78.88
C UNK N 914 -62.96 53.11 79.22
N UNK N 915 -63.34 51.87 79.60
CA UNK N 915 -62.45 50.67 79.64
C UNK N 915 -63.11 49.32 79.18
N UNK N 916 -62.41 48.63 78.27
CA UNK N 916 -62.99 47.59 77.38
C UNK N 916 -63.21 46.16 77.94
N UNK N 917 -62.64 45.92 79.13
CA UNK N 917 -62.50 44.57 79.72
C UNK N 917 -63.84 43.83 79.92
N UNK N 918 -63.95 42.64 79.32
CA UNK N 918 -65.12 41.81 79.53
C UNK N 918 -65.35 41.79 81.03
N UNK N 919 -64.25 41.94 81.79
CA UNK N 919 -64.25 41.99 83.24
C UNK N 919 -63.07 42.75 83.83
N UNK N 920 -61.86 42.45 83.32
CA UNK N 920 -60.56 42.89 83.90
C UNK N 920 -60.52 44.30 84.46
N UNK N 921 -61.31 45.19 83.86
CA UNK N 921 -61.47 46.59 84.31
C UNK N 921 -61.61 46.66 85.81
N UNK N 922 -62.05 45.52 86.38
CA UNK N 922 -62.24 45.28 87.83
C UNK N 922 -60.97 44.71 88.53
N UNK N 923 -60.01 44.28 87.72
CA UNK N 923 -58.61 44.11 88.12
C UNK N 923 -58.08 45.43 88.65
N UNK N 924 -59.02 46.27 89.09
CA UNK N 924 -58.85 47.73 89.23
C UNK N 924 -60.06 48.31 89.96
N UNK N 925 -61.13 47.51 89.98
CA UNK N 925 -62.07 47.51 91.10
C UNK N 925 -61.39 46.65 92.20
N UNK N 926 -60.27 46.03 91.80
CA UNK N 926 -59.20 45.64 92.71
C UNK N 926 -58.13 46.73 92.71
N UNK N 927 -58.60 47.98 92.93
CA UNK N 927 -57.84 49.27 92.80
C UNK N 927 -58.81 50.43 93.10
N UNK N 928 -60.03 50.31 92.57
CA UNK N 928 -61.19 51.15 92.90
C UNK N 928 -61.66 50.92 94.34
N UNK N 929 -61.03 49.96 95.00
CA UNK N 929 -61.20 49.75 96.44
C UNK N 929 -59.87 49.28 97.00
N UNK N 930 -59.10 48.54 96.18
CA UNK N 930 -57.91 47.84 96.64
C UNK N 930 -56.67 48.74 96.77
N UNK N 931 -56.41 49.55 95.74
CA UNK N 931 -55.52 50.70 95.85
C UNK N 931 -56.23 51.78 96.69
N UNK N 932 -57.49 52.06 96.30
CA UNK N 932 -58.33 53.16 96.81
C UNK N 932 -58.74 53.02 98.27
N UNK N 933 -57.89 52.36 99.07
CA UNK N 933 -57.97 52.43 100.54
C UNK N 933 -56.55 52.39 101.18
N UNK N 934 -55.55 52.32 100.28
CA UNK N 934 -54.18 52.73 100.59
C UNK N 934 -54.16 54.23 100.39
N UNK N 935 -55.21 54.72 99.74
CA UNK N 935 -55.62 56.13 99.77
C UNK N 935 -56.30 56.37 101.13
N UNK N 936 -57.50 55.78 101.29
CA UNK N 936 -58.53 56.21 102.26
C UNK N 936 -58.32 55.98 103.78
N UNK N 937 -57.07 55.76 104.18
CA UNK N 937 -56.67 55.81 105.60
C UNK N 937 -55.35 56.59 105.74
N UNK N 938 -54.75 56.95 104.60
CA UNK N 938 -53.44 57.62 104.47
C UNK N 938 -53.22 59.02 105.16
N UNK N 939 -54.25 59.62 105.73
CA UNK N 939 -54.08 60.89 106.43
C UNK N 939 -54.41 60.73 107.88
N UNK N 940 -55.03 59.58 108.17
CA UNK N 940 -55.23 59.09 109.54
C UNK N 940 -53.97 58.31 110.07
N UNK N 941 -53.09 57.90 109.16
CA UNK N 941 -51.70 57.59 109.51
C UNK N 941 -51.03 58.92 109.76
N UNK N 942 -50.28 59.40 108.79
CA UNK N 942 -49.78 60.79 108.81
C UNK N 942 -50.64 61.72 107.93
N UNK N 988 -66.34 60.20 100.59
CA UNK N 988 -67.20 60.53 99.43
C UNK N 988 -68.24 59.45 99.12
N UNK N 989 -69.46 59.91 98.83
CA UNK N 989 -70.63 59.03 98.54
C UNK N 989 -70.35 57.95 97.48
N UNK N 990 -70.29 58.35 96.21
CA UNK N 990 -69.99 57.41 95.13
C UNK N 990 -68.49 57.07 95.02
N UNK N 991 -67.76 57.32 96.12
CA UNK N 991 -66.56 56.54 96.48
C UNK N 991 -67.03 55.35 97.36
N UNK N 992 -67.86 54.49 96.76
CA UNK N 992 -68.64 53.44 97.44
C UNK N 992 -69.82 52.87 96.60
N UNK N 993 -69.83 53.14 95.29
CA UNK N 993 -70.93 52.68 94.44
C UNK N 993 -70.46 51.60 93.47
N UNK N 994 -69.17 51.26 93.56
CA UNK N 994 -68.61 50.10 92.85
C UNK N 994 -68.86 48.84 93.66
N UNK N 995 -68.76 48.97 94.99
CA UNK N 995 -69.14 47.90 95.92
C UNK N 995 -70.65 47.82 96.19
N UNK N 1006 -67.51 48.18 100.71
CA UNK N 1006 -68.68 47.84 101.55
C UNK N 1006 -68.18 47.45 102.90
N UNK N 1007 -67.26 46.48 102.88
CA UNK N 1007 -66.38 46.05 104.00
C UNK N 1007 -65.13 45.24 103.56
N UNK N 1008 -65.10 44.75 102.31
CA UNK N 1008 -63.96 43.98 101.81
C UNK N 1008 -62.79 44.92 101.61
N UNK N 1009 -63.08 46.21 101.76
CA UNK N 1009 -62.03 47.23 101.84
C UNK N 1009 -61.42 47.23 103.23
N UNK N 1010 -62.29 47.16 104.24
CA UNK N 1010 -61.90 47.05 105.66
C UNK N 1010 -60.86 45.98 105.83
N UNK N 1011 -61.01 44.96 104.98
CA UNK N 1011 -60.08 43.84 104.84
C UNK N 1011 -58.64 44.32 104.51
N UNK N 1012 -58.44 44.75 103.24
CA UNK N 1012 -57.19 45.33 102.70
C UNK N 1012 -56.59 46.50 103.53
N UNK N 1013 -57.44 47.11 104.34
CA UNK N 1013 -57.07 48.26 105.14
C UNK N 1013 -56.40 47.85 106.43
N UNK N 1014 -57.19 47.36 107.38
CA UNK N 1014 -56.72 46.96 108.76
C UNK N 1014 -55.74 45.72 108.86
N UNK N 1015 -54.84 45.64 107.88
CA UNK N 1015 -53.77 44.64 107.77
C UNK N 1015 -52.47 45.40 107.54
N UNK N 1016 -52.51 46.32 106.58
CA UNK N 1016 -51.45 47.34 106.36
C UNK N 1016 -51.70 48.59 107.23
N UNK N 1017 -52.98 48.95 107.32
CA UNK N 1017 -53.43 49.78 108.40
C UNK N 1017 -52.82 49.15 109.67
N UNK N 1018 -53.16 47.88 109.92
CA UNK N 1018 -52.66 47.17 111.09
C UNK N 1018 -51.16 47.36 111.24
N UNK N 1019 -50.45 47.01 110.15
CA UNK N 1019 -48.98 47.04 110.11
C UNK N 1019 -48.38 48.43 110.28
N UNK N 1020 -49.19 49.48 110.12
CA UNK N 1020 -48.79 50.91 110.24
C UNK N 1020 -48.24 51.26 111.62
N UNK N 1021 -49.09 51.08 112.64
CA UNK N 1021 -48.76 51.35 114.04
C UNK N 1021 -47.62 50.44 114.48
N UNK N 1022 -47.61 49.24 113.88
CA UNK N 1022 -46.58 48.20 114.03
C UNK N 1022 -45.20 48.64 113.54
N UNK N 1023 -45.18 49.73 112.77
CA UNK N 1023 -44.00 50.58 112.61
C UNK N 1023 -44.36 51.87 113.35
N UNK N 1024 -44.01 51.92 114.63
CA UNK N 1024 -44.35 53.08 115.45
C UNK N 1024 -43.28 54.19 115.30
N UNK N 1025 -42.42 54.35 116.33
CA UNK N 1025 -41.37 55.37 116.33
C UNK N 1025 -40.35 55.23 115.23
N UNK N 1026 -40.86 55.09 114.00
CA UNK N 1026 -40.16 55.31 112.72
C UNK N 1026 -41.11 56.07 111.74
N UNK N 1027 -42.40 55.76 111.82
CA UNK N 1027 -43.47 56.62 111.30
C UNK N 1027 -43.91 57.49 112.46
N UNK N 1028 -43.17 57.35 113.56
CA UNK N 1028 -43.19 58.31 114.66
C UNK N 1028 -41.81 58.96 114.74
N UNK N 1029 -40.96 58.61 113.78
CA UNK N 1029 -39.83 59.47 113.41
C UNK N 1029 -40.38 60.52 112.44
N UNK N 1030 -40.36 60.20 111.15
CA UNK N 1030 -41.01 61.01 110.14
C UNK N 1030 -42.06 61.85 110.83
N UNK N 1031 -43.10 61.19 111.34
CA UNK N 1031 -44.21 61.89 111.98
C UNK N 1031 -43.90 63.35 112.22
N UNK N 1032 -43.01 63.62 113.16
CA UNK N 1032 -42.94 64.96 113.77
C UNK N 1032 -41.78 65.78 113.29
N UNK N 1033 -41.05 65.22 112.32
CA UNK N 1033 -40.16 66.03 111.53
C UNK N 1033 -41.07 66.96 110.74
N UNK N 1034 -41.67 66.41 109.67
CA UNK N 1034 -42.59 67.11 108.75
C UNK N 1034 -43.78 67.92 109.35
N UNK N 1035 -43.62 68.44 110.57
CA UNK N 1035 -44.52 69.46 111.13
C UNK N 1035 -43.79 70.37 112.11
N UNK N 1036 -42.48 70.45 111.92
CA UNK N 1036 -41.62 71.49 112.49
C UNK N 1036 -40.16 71.33 112.08
N UNK N 1037 -39.86 70.22 111.42
CA UNK N 1037 -38.60 70.03 110.66
C UNK N 1037 -38.92 69.88 109.16
N UNK N 1038 -40.19 70.18 108.87
CA UNK N 1038 -40.78 70.20 107.54
C UNK N 1038 -42.07 71.00 107.62
N UNK N 1039 -42.02 72.17 108.29
CA UNK N 1039 -43.09 73.20 108.25
C UNK N 1039 -42.64 74.62 108.67
N UNK N 1040 -42.64 75.54 107.68
CA UNK N 1040 -42.36 76.98 107.86
C UNK N 1040 -43.55 77.93 107.54
N UNK N 1041 -44.41 78.11 108.56
CA UNK N 1041 -45.49 79.13 108.64
C UNK N 1041 -46.63 79.23 107.59
N UNK N 1042 -47.80 79.41 108.15
CA UNK N 1042 -49.10 79.05 107.54
C UNK N 1042 -49.35 79.12 106.05
N UNK N 1043 -49.60 80.33 105.57
CA UNK N 1043 -50.85 80.51 104.82
C UNK N 1043 -50.85 80.84 103.33
N UNK N 1044 -52.04 80.63 102.74
CA UNK N 1044 -52.19 80.85 101.32
C UNK N 1044 -53.42 80.20 100.76
N UNK N 1047 -49.06 69.77 119.11
CA UNK N 1047 -48.91 69.78 117.65
C UNK N 1047 -48.54 68.39 117.05
N UNK N 1048 -47.48 67.77 117.56
CA UNK N 1048 -47.11 66.40 117.12
C UNK N 1048 -48.09 65.32 117.63
N UNK N 1049 -48.41 65.40 118.91
CA UNK N 1049 -49.43 64.59 119.59
C UNK N 1049 -50.75 64.50 118.80
N UNK N 1050 -50.63 64.79 117.50
CA UNK N 1050 -51.63 64.44 116.50
C UNK N 1050 -51.41 62.99 116.08
N UNK N 1051 -50.14 62.64 115.95
CA UNK N 1051 -49.71 61.30 115.60
C UNK N 1051 -49.86 60.26 116.74
N UNK N 1052 -50.24 60.73 117.92
CA UNK N 1052 -50.84 59.87 118.93
C UNK N 1052 -52.21 59.42 118.42
N UNK N 1053 -52.92 60.42 117.85
CA UNK N 1053 -54.34 60.38 117.43
C UNK N 1053 -54.91 59.12 116.69
N UNK N 1054 -54.71 59.03 115.36
CA UNK N 1054 -55.47 58.06 114.57
C UNK N 1054 -54.81 56.73 114.63
N UNK N 1055 -53.53 56.75 114.99
CA UNK N 1055 -52.81 55.53 115.36
C UNK N 1055 -53.71 54.55 116.12
N UNK N 1056 -54.29 55.05 117.20
CA UNK N 1056 -54.77 54.24 118.30
C UNK N 1056 -53.52 53.44 118.78
N UNK N 1057 -52.49 54.20 119.12
CA UNK N 1057 -51.23 53.63 119.60
C UNK N 1057 -51.44 52.94 120.95
N UNK N 1058 -50.85 51.73 121.07
CA UNK N 1058 -50.96 50.85 122.24
C UNK N 1058 -52.33 50.23 122.42
N UNK N 1059 -53.26 50.59 121.53
CA UNK N 1059 -54.63 50.11 121.58
C UNK N 1059 -54.71 48.64 121.17
N UNK N 1060 -55.69 47.94 121.75
CA UNK N 1060 -55.92 46.52 121.53
C UNK N 1060 -56.01 46.26 120.04
N UNK N 1061 -55.88 45.02 119.59
CA UNK N 1061 -55.71 44.74 118.14
C UNK N 1061 -56.91 45.07 117.16
N UNK N 1062 -58.08 45.37 117.73
CA UNK N 1062 -59.16 45.98 116.97
C UNK N 1062 -59.66 47.27 117.68
N UNK N 1063 -59.01 47.60 118.78
CA UNK N 1063 -59.07 48.95 119.35
C UNK N 1063 -58.08 49.79 118.54
N UNK N 1064 -57.58 49.16 117.49
CA UNK N 1064 -56.85 49.84 116.45
C UNK N 1064 -57.67 49.65 115.17
N UNK N 1065 -57.70 48.44 114.62
CA UNK N 1065 -58.20 48.23 113.23
C UNK N 1065 -59.69 48.26 113.05
N UNK N 1066 -60.45 48.24 114.13
CA UNK N 1066 -61.90 48.36 114.09
C UNK N 1066 -62.33 49.74 114.62
N UNK N 1067 -61.40 50.69 114.47
CA UNK N 1067 -61.66 52.14 114.43
C UNK N 1067 -61.93 52.51 112.97
N UNK N 1068 -60.99 52.15 112.08
CA UNK N 1068 -61.19 52.30 110.64
C UNK N 1068 -62.34 51.41 110.20
N UNK N 1069 -62.63 50.37 110.97
CA UNK N 1069 -63.73 49.48 110.64
C UNK N 1069 -64.97 50.19 111.09
N UNK N 1070 -64.75 51.22 111.91
CA UNK N 1070 -65.72 52.29 112.09
C UNK N 1070 -65.52 53.32 110.95
N UNK N 1071 -64.30 53.84 110.83
CA UNK N 1071 -64.02 54.97 109.93
C UNK N 1071 -64.79 54.82 108.65
N UNK N 1072 -64.87 53.61 108.13
CA UNK N 1072 -65.64 53.38 106.92
C UNK N 1072 -67.13 53.30 107.20
N UNK N 1073 -67.50 53.48 108.46
CA UNK N 1073 -68.91 53.83 108.80
C UNK N 1073 -69.12 55.35 108.69
N UNK N 1074 -68.48 56.08 109.62
CA UNK N 1074 -68.39 57.55 109.56
C UNK N 1074 -68.34 57.95 108.09
N UNK N 1075 -67.41 57.34 107.35
CA UNK N 1075 -67.34 57.50 105.93
C UNK N 1075 -68.32 56.63 105.13
N UNK N 1076 -69.59 56.66 105.51
CA UNK N 1076 -70.67 56.43 104.54
C UNK N 1076 -72.06 56.96 104.95
N UNK N 1077 -72.11 57.92 105.89
CA UNK N 1077 -73.34 58.72 106.19
C UNK N 1077 -73.22 59.93 107.17
N UNK N 1078 -72.52 60.96 106.71
CA UNK N 1078 -72.71 62.30 107.26
C UNK N 1078 -73.62 63.01 106.26
N UNK N 1079 -73.37 62.67 105.01
CA UNK N 1079 -73.93 63.27 103.82
C UNK N 1079 -72.70 63.63 102.99
N UNK N 1080 -72.96 64.11 101.78
CA UNK N 1080 -71.95 64.84 100.99
C UNK N 1080 -71.71 66.30 101.54
N UNK N 1081 -71.02 66.37 102.69
CA UNK N 1081 -70.67 67.64 103.33
C UNK N 1081 -69.14 67.76 103.47
N UNK N 1082 -68.43 67.26 102.44
CA UNK N 1082 -66.94 67.22 102.39
C UNK N 1082 -66.26 67.22 100.96
N UNK N 1083 -67.09 67.36 99.92
CA UNK N 1083 -66.63 67.61 98.56
C UNK N 1083 -67.51 68.73 97.92
N UNK N 1084 -68.82 68.68 98.19
CA UNK N 1084 -69.71 69.77 97.86
C UNK N 1084 -70.21 70.54 99.12
N UNK N 1085 -69.29 70.91 100.01
CA UNK N 1085 -69.58 71.88 101.08
C UNK N 1085 -68.33 72.64 101.49
N UNK N 1086 -67.23 72.34 100.81
CA UNK N 1086 -66.12 73.29 100.76
C UNK N 1086 -66.50 74.28 99.66
N UNK N 1087 -66.67 73.74 98.43
CA UNK N 1087 -67.24 74.47 97.28
C UNK N 1087 -68.77 74.52 97.42
N UNK N 1088 -69.21 75.17 98.48
CA UNK N 1088 -70.60 75.53 98.74
C UNK N 1088 -70.63 76.39 99.99
#